data_7CZE
#
_entry.id   7CZE
#
_cell.length_a   94.464
_cell.length_b   113.806
_cell.length_c   119.654
_cell.angle_alpha   90.030
_cell.angle_beta   90.167
_cell.angle_gamma   89.888
#
_symmetry.space_group_name_H-M   'P 1'
#
loop_
_entity.id
_entity.type
_entity.pdbx_description
1 polymer 'Envelope glycoprotein H'
2 polymer 'Envelope glycoprotein L'
3 polymer 'Ephrin type-A receptor 2'
4 non-polymer 2-acetamido-2-deoxy-beta-D-glucopyranose
#
loop_
_entity_poly.entity_id
_entity_poly.type
_entity_poly.pdbx_seq_one_letter_code
_entity_poly.pdbx_strand_id
1 'polypeptide(L)'
;ASLSEVKLHLDIEGHASHYTIPWTELMAKVPGLSPEALWREANVTEDLASMLNRYKLIYKTSGTLGIALAEPVDIPAVSE
GSMQVDASKVHPGVISGLNSPACMLSAPLEKQLFYYIGTMLPNTRPHSYVFYQLRCHLSYVALSINGDKFQYTGAMTSKF
LMGTYKRVTEKGDEHVLSLVFGKTKDLPDLRGPFSYPSLTSAQSGDYSLVIVTTFVHYANFHNYFVPNLKDMFSRAVTMT
AASYARYVLQKLVLLEMKGGCREPELDTETLTTMFEVSVAFFKVGHAVGETGNGCVDLRWLAKSFFELTVLKDIIGICYG
ATVKGMQSYGLERLAAMLMATVKMEELGHLTTEKQEYALRLATVGYPKAGVYSGLIGGATSVLLSAYNRHPLFQPLHTVM
RETLFIGSHVVLRELRLNVTTQGPNLALYQLLSTALCSALEIGEVLRGLALGTESGLFSPCYLSLRFDLTRDKLLSMAPQ
EATLDQAAVSNAVDGFLGRLSLEREDRDAWHLPAYKCVDRLDKVLMIIPLINVTFIISSDREVRGSALYEASTTYLSSSL
FLSPVIMNKCSQGAVAGEPRQIPKIQNFTRTQKSCIFCGFALLSYDEKEGLETTTYITSQEVQNSILSSNYFDFDNLHVH
YLLLTTNGTVMEIAGLYEERAH
;
A,C,E,G
2 'polypeptide(L)'
;WAYPCCHVTQLRAQHLLALENISDIYLVSNQTCDGFSLASLNSPKNGSNQLVISRCANGLNVVSFFISILKRSSSALTGH
LRELLTTLETLYGSFSVEDLFGANLNRYAWHRGG
;
B,D,F,H
3 'polypeptide(L)'
;GKEVVLLDFAAAGGELGWLTHPYGKGWDLMQNIMNDMPIYMYSVCNVMSGDQDNWLRTNWVYRGEAERIFIELKFTVRDC
NSFPGGASSCKETFNLYYAESDLDYGTNFQKRLFTKIDTIAPDEITVSSDFEARHVKLNVEERSVGPLTRKGFYLAFQDI
GACVALLSVRVYYKKHHHHHHHH
;
I,J,K,L
#
# COMPACT_ATOMS: atom_id res chain seq x y z
N LEU A 3 74.59 -3.17 -30.16
CA LEU A 3 74.07 -3.55 -31.49
C LEU A 3 74.90 -2.86 -32.56
N SER A 4 74.21 -2.33 -33.59
CA SER A 4 74.79 -1.60 -34.75
C SER A 4 73.65 -1.07 -35.62
N GLU A 5 73.75 -1.35 -36.93
CA GLU A 5 72.83 -0.99 -38.04
C GLU A 5 73.16 -1.95 -39.20
N VAL A 6 72.20 -2.29 -40.06
CA VAL A 6 72.45 -3.29 -41.09
C VAL A 6 71.81 -2.82 -42.40
N LYS A 7 72.57 -2.95 -43.47
CA LYS A 7 72.15 -2.61 -44.82
C LYS A 7 71.80 -3.91 -45.55
N LEU A 8 70.65 -3.91 -46.22
CA LEU A 8 70.16 -5.09 -46.90
C LEU A 8 70.26 -4.81 -48.39
N HIS A 9 71.16 -5.54 -49.06
CA HIS A 9 71.31 -5.45 -50.50
C HIS A 9 70.56 -6.64 -51.10
N LEU A 10 69.55 -6.38 -51.91
CA LEU A 10 68.71 -7.46 -52.42
C LEU A 10 68.50 -7.29 -53.92
N ASP A 11 68.77 -8.36 -54.66
CA ASP A 11 68.63 -8.36 -56.11
C ASP A 11 67.18 -8.73 -56.43
N ILE A 12 66.45 -7.77 -56.98
CA ILE A 12 65.04 -7.93 -57.32
C ILE A 12 64.77 -7.12 -58.58
N GLU A 13 64.19 -7.76 -59.60
CA GLU A 13 64.03 -7.21 -60.96
C GLU A 13 65.33 -7.24 -61.74
N GLY A 14 66.31 -8.03 -61.29
CA GLY A 14 67.57 -8.18 -61.96
C GLY A 14 68.73 -7.40 -61.36
N HIS A 15 68.49 -6.31 -60.63
CA HIS A 15 69.66 -5.58 -60.13
C HIS A 15 69.38 -4.89 -58.80
N ALA A 16 70.48 -4.64 -58.09
CA ALA A 16 70.53 -4.24 -56.68
C ALA A 16 69.56 -3.12 -56.31
N SER A 17 68.91 -3.30 -55.14
CA SER A 17 68.20 -2.26 -54.42
C SER A 17 68.55 -2.43 -52.94
N HIS A 18 69.08 -1.38 -52.30
CA HIS A 18 69.55 -1.55 -50.92
C HIS A 18 68.73 -0.67 -49.98
N TYR A 19 68.43 -1.19 -48.78
CA TYR A 19 67.76 -0.43 -47.74
C TYR A 19 68.59 -0.54 -46.46
N THR A 20 68.35 0.35 -45.49
CA THR A 20 69.09 0.34 -44.23
C THR A 20 68.15 0.16 -43.05
N ILE A 21 68.49 -0.77 -42.16
CA ILE A 21 67.76 -1.06 -40.93
C ILE A 21 68.50 -0.41 -39.77
N PRO A 22 67.99 0.68 -39.19
CA PRO A 22 68.63 1.19 -37.97
C PRO A 22 68.14 0.43 -36.74
N TRP A 23 69.06 -0.25 -36.06
CA TRP A 23 68.68 -0.95 -34.83
C TRP A 23 68.48 0.04 -33.69
N THR A 24 69.53 0.80 -33.38
CA THR A 24 69.52 1.79 -32.31
C THR A 24 68.23 2.61 -32.33
N GLU A 25 67.95 3.24 -33.47
CA GLU A 25 66.76 4.07 -33.61
C GLU A 25 65.48 3.28 -33.35
N LEU A 26 65.23 2.24 -34.17
CA LEU A 26 64.06 1.37 -33.97
C LEU A 26 63.96 0.84 -32.54
N MET A 27 65.08 0.41 -31.96
CA MET A 27 65.06 -0.34 -30.71
C MET A 27 64.67 0.53 -29.52
N ALA A 28 64.79 1.85 -29.66
CA ALA A 28 64.45 2.80 -28.60
C ALA A 28 63.01 3.27 -28.71
N LYS A 29 62.49 3.36 -29.93
CA LYS A 29 61.11 3.78 -30.15
C LYS A 29 60.14 2.70 -29.69
N VAL A 30 60.49 1.42 -29.90
CA VAL A 30 59.63 0.34 -29.41
C VAL A 30 60.43 -0.57 -28.48
N PRO A 31 60.59 -0.18 -27.21
CA PRO A 31 61.18 -1.09 -26.23
C PRO A 31 60.34 -2.36 -26.06
N GLY A 32 61.03 -3.49 -25.95
CA GLY A 32 60.42 -4.81 -25.97
C GLY A 32 60.75 -5.57 -27.23
N LEU A 33 61.30 -4.90 -28.22
CA LEU A 33 61.90 -5.54 -29.39
C LEU A 33 63.25 -6.13 -28.98
N SER A 34 63.46 -7.40 -29.30
CA SER A 34 64.74 -8.06 -29.03
C SER A 34 65.17 -8.81 -30.28
N PRO A 35 65.72 -8.10 -31.27
CA PRO A 35 66.14 -8.77 -32.51
C PRO A 35 67.12 -9.91 -32.32
N GLU A 36 67.98 -9.86 -31.29
CA GLU A 36 68.93 -10.95 -31.11
C GLU A 36 68.22 -12.21 -30.62
N ALA A 37 67.11 -12.05 -29.90
CA ALA A 37 66.28 -13.18 -29.52
C ALA A 37 65.45 -13.70 -30.70
N LEU A 38 65.02 -12.81 -31.58
CA LEU A 38 64.34 -13.23 -32.81
C LEU A 38 65.32 -13.87 -33.77
N TRP A 39 66.49 -13.23 -33.96
CA TRP A 39 67.56 -13.80 -34.77
C TRP A 39 67.91 -15.21 -34.31
N ARG A 40 67.75 -15.49 -33.01
CA ARG A 40 67.98 -16.84 -32.52
C ARG A 40 66.83 -17.75 -32.93
N GLU A 41 65.59 -17.30 -32.70
CA GLU A 41 64.41 -18.10 -33.01
C GLU A 41 64.39 -18.50 -34.48
N ALA A 42 64.94 -17.65 -35.36
CA ALA A 42 65.11 -18.00 -36.76
C ALA A 42 66.46 -18.69 -36.92
N ASN A 43 66.42 -19.98 -37.24
CA ASN A 43 67.63 -20.80 -37.35
C ASN A 43 68.27 -20.43 -38.68
N VAL A 44 69.00 -19.31 -38.68
CA VAL A 44 69.44 -18.73 -39.96
C VAL A 44 70.42 -19.64 -40.69
N THR A 45 71.23 -20.41 -39.96
CA THR A 45 72.04 -21.46 -40.58
C THR A 45 71.31 -22.80 -40.58
N GLU A 46 70.10 -22.86 -41.11
CA GLU A 46 69.36 -24.11 -41.22
C GLU A 46 69.61 -24.68 -42.61
N ASP A 47 70.23 -25.84 -42.69
CA ASP A 47 70.40 -26.49 -43.99
C ASP A 47 69.03 -26.82 -44.57
N LEU A 48 68.88 -26.55 -45.87
CA LEU A 48 67.59 -26.75 -46.54
C LEU A 48 67.03 -28.14 -46.32
N ALA A 49 67.88 -29.13 -46.06
CA ALA A 49 67.38 -30.45 -45.68
C ALA A 49 66.59 -30.38 -44.38
N SER A 50 67.21 -29.85 -43.31
CA SER A 50 66.53 -29.75 -42.03
C SER A 50 65.30 -28.85 -42.10
N MET A 51 65.32 -27.83 -42.96
CA MET A 51 64.18 -26.92 -43.03
C MET A 51 63.01 -27.58 -43.74
N LEU A 52 63.28 -28.37 -44.76
CA LEU A 52 62.19 -28.97 -45.52
C LEU A 52 61.58 -30.13 -44.75
N ASN A 53 62.37 -30.81 -43.91
CA ASN A 53 61.82 -31.87 -43.06
C ASN A 53 60.82 -31.31 -42.05
N ARG A 54 61.15 -30.17 -41.44
CA ARG A 54 60.30 -29.55 -40.44
C ARG A 54 59.11 -28.83 -41.08
N TYR A 55 59.23 -28.46 -42.35
CA TYR A 55 58.07 -27.90 -43.05
C TYR A 55 57.07 -28.98 -43.40
N LYS A 56 57.52 -30.22 -43.56
CA LYS A 56 56.62 -31.33 -43.83
C LYS A 56 56.13 -32.01 -42.56
N LEU A 57 56.42 -31.42 -41.40
CA LEU A 57 55.87 -31.90 -40.15
C LEU A 57 54.53 -31.26 -39.83
N ILE A 58 54.25 -30.10 -40.43
CA ILE A 58 53.05 -29.33 -40.12
C ILE A 58 51.96 -29.68 -41.13
N TYR A 59 50.76 -29.93 -40.62
CA TYR A 59 49.61 -30.25 -41.46
C TYR A 59 49.29 -29.12 -42.41
N LYS A 60 49.11 -29.46 -43.68
CA LYS A 60 48.69 -28.49 -44.69
C LYS A 60 47.22 -28.71 -45.04
N THR A 61 46.53 -27.64 -45.39
CA THR A 61 45.11 -27.70 -45.69
C THR A 61 44.88 -27.96 -47.18
N SER A 62 43.73 -28.58 -47.46
CA SER A 62 43.44 -29.05 -48.82
C SER A 62 43.38 -27.90 -49.83
N GLY A 63 42.83 -26.77 -49.44
CA GLY A 63 42.18 -25.91 -50.43
C GLY A 63 41.06 -25.11 -49.79
N THR A 64 39.87 -25.15 -50.40
CA THR A 64 38.67 -24.50 -49.85
C THR A 64 38.87 -23.00 -49.67
N LEU A 65 39.14 -22.33 -50.79
CA LEU A 65 39.35 -20.89 -50.81
C LEU A 65 38.01 -20.17 -50.69
N GLY A 66 38.04 -18.85 -50.81
CA GLY A 66 37.02 -17.95 -50.29
C GLY A 66 35.55 -18.22 -50.57
N ILE A 67 34.72 -17.89 -49.59
CA ILE A 67 33.27 -17.96 -49.66
C ILE A 67 32.72 -16.61 -49.22
N ALA A 68 31.71 -16.11 -49.93
CA ALA A 68 31.19 -14.76 -49.72
C ALA A 68 30.39 -14.71 -48.42
N LEU A 69 31.02 -14.19 -47.36
CA LEU A 69 30.38 -13.98 -46.07
C LEU A 69 30.31 -12.49 -45.76
N ALA A 70 29.15 -12.04 -45.28
CA ALA A 70 28.90 -10.63 -45.02
C ALA A 70 29.17 -10.31 -43.55
N GLU A 71 30.04 -9.34 -43.31
CA GLU A 71 30.23 -8.87 -41.95
C GLU A 71 28.95 -8.19 -41.49
N PRO A 72 28.52 -8.42 -40.25
CA PRO A 72 27.31 -7.79 -39.73
C PRO A 72 27.60 -6.36 -39.28
N VAL A 73 26.56 -5.69 -38.77
CA VAL A 73 26.74 -4.34 -38.26
C VAL A 73 26.57 -4.42 -36.75
N ASP A 74 27.69 -4.55 -36.03
CA ASP A 74 27.59 -4.86 -34.61
C ASP A 74 27.56 -3.61 -33.73
N ILE A 75 28.57 -2.77 -33.82
CA ILE A 75 28.61 -1.51 -33.06
C ILE A 75 28.03 -0.39 -33.92
N PRO A 76 27.09 0.39 -33.40
CA PRO A 76 26.52 1.49 -34.19
C PRO A 76 27.38 2.74 -34.08
N ALA A 77 27.12 3.68 -35.00
CA ALA A 77 27.77 4.98 -34.95
C ALA A 77 27.33 5.71 -33.69
N VAL A 78 28.21 6.60 -33.20
CA VAL A 78 27.92 7.29 -31.95
C VAL A 78 26.56 7.97 -32.03
N SER A 79 25.81 7.88 -30.93
CA SER A 79 24.50 8.49 -30.84
C SER A 79 24.60 10.01 -30.95
N GLU A 80 23.48 10.63 -31.31
CA GLU A 80 23.43 12.07 -31.58
C GLU A 80 23.77 12.86 -30.32
N GLY A 81 24.90 13.56 -30.33
CA GLY A 81 25.32 14.35 -29.19
C GLY A 81 25.46 13.56 -27.89
N SER A 82 26.42 12.64 -27.86
CA SER A 82 26.56 11.71 -26.74
C SER A 82 27.70 12.13 -25.84
N MET A 83 27.59 11.78 -24.56
CA MET A 83 28.67 12.01 -23.60
C MET A 83 29.72 10.93 -23.79
N GLN A 84 30.87 11.30 -24.35
CA GLN A 84 31.97 10.36 -24.52
C GLN A 84 32.71 10.18 -23.21
N VAL A 85 32.72 8.96 -22.69
CA VAL A 85 33.23 8.64 -21.36
C VAL A 85 34.61 8.00 -21.49
N ASP A 86 35.58 8.55 -20.77
CA ASP A 86 36.92 7.98 -20.72
C ASP A 86 36.94 6.92 -19.61
N ALA A 87 37.09 5.65 -20.01
CA ALA A 87 37.02 4.53 -19.07
C ALA A 87 38.02 4.65 -17.93
N SER A 88 39.09 5.42 -18.09
CA SER A 88 40.05 5.63 -17.01
C SER A 88 39.52 6.64 -16.00
N LYS A 89 39.05 7.79 -16.49
CA LYS A 89 38.56 8.88 -15.66
C LYS A 89 37.03 8.78 -15.62
N VAL A 90 36.52 8.02 -14.67
CA VAL A 90 35.08 7.80 -14.53
C VAL A 90 34.61 8.68 -13.38
N HIS A 91 34.12 9.89 -13.72
CA HIS A 91 33.67 10.92 -12.80
C HIS A 91 32.19 10.75 -12.47
N PRO A 92 31.76 11.05 -11.25
CA PRO A 92 30.34 10.98 -10.94
C PRO A 92 29.59 12.14 -11.59
N GLY A 93 28.31 11.89 -11.90
CA GLY A 93 27.49 12.84 -12.61
C GLY A 93 27.71 12.92 -14.11
N VAL A 94 28.76 12.26 -14.64
CA VAL A 94 29.02 12.25 -16.08
C VAL A 94 27.76 11.90 -16.87
N ILE A 95 26.99 10.92 -16.40
CA ILE A 95 25.73 10.56 -17.02
C ILE A 95 24.63 10.75 -16.00
N SER A 96 23.58 11.46 -16.41
CA SER A 96 22.47 11.76 -15.51
C SER A 96 21.51 10.58 -15.40
N GLY A 97 20.94 10.16 -16.53
CA GLY A 97 19.86 9.19 -16.54
C GLY A 97 20.14 8.04 -17.49
N LEU A 98 19.22 7.07 -17.47
CA LEU A 98 19.26 6.01 -18.47
C LEU A 98 19.00 6.59 -19.86
N ASN A 99 17.95 7.40 -19.97
CA ASN A 99 17.52 7.90 -21.27
C ASN A 99 18.57 8.78 -21.94
N SER A 100 19.53 9.30 -21.19
CA SER A 100 20.56 10.17 -21.76
C SER A 100 21.52 9.38 -22.65
N PRO A 101 21.83 9.85 -23.85
CA PRO A 101 22.76 9.12 -24.72
C PRO A 101 24.15 9.07 -24.10
N ALA A 102 24.87 7.99 -24.39
CA ALA A 102 26.17 7.78 -23.78
C ALA A 102 26.93 6.72 -24.56
N CYS A 103 28.21 7.01 -24.83
CA CYS A 103 29.13 6.05 -25.39
C CYS A 103 30.44 6.13 -24.61
N MET A 104 31.19 5.03 -24.63
CA MET A 104 32.41 4.90 -23.86
C MET A 104 33.60 4.87 -24.81
N LEU A 105 34.54 5.83 -24.65
CA LEU A 105 35.73 5.92 -25.50
C LEU A 105 36.45 4.58 -25.61
N SER A 106 36.58 4.10 -26.84
CA SER A 106 37.14 2.78 -27.09
C SER A 106 38.67 2.72 -26.97
N ALA A 107 39.35 3.86 -26.99
CA ALA A 107 40.80 3.86 -26.78
C ALA A 107 41.18 3.36 -25.39
N PRO A 108 40.68 3.92 -24.28
CA PRO A 108 41.09 3.45 -22.95
C PRO A 108 40.27 2.28 -22.43
N LEU A 109 39.20 1.91 -23.13
CA LEU A 109 38.43 0.72 -22.75
C LEU A 109 39.21 -0.56 -23.08
N GLU A 110 39.72 -0.66 -24.32
CA GLU A 110 40.56 -1.78 -24.68
C GLU A 110 41.76 -1.94 -23.77
N LYS A 111 42.31 -0.83 -23.28
CA LYS A 111 43.43 -0.91 -22.33
C LYS A 111 43.06 -1.68 -21.08
N GLN A 112 41.78 -1.64 -20.68
CA GLN A 112 41.29 -2.31 -19.47
C GLN A 112 40.90 -3.76 -19.74
N LEU A 113 40.33 -4.02 -20.92
CA LEU A 113 40.00 -5.38 -21.32
C LEU A 113 41.26 -6.21 -21.49
N PHE A 114 42.28 -5.62 -22.12
CA PHE A 114 43.52 -6.27 -22.47
C PHE A 114 44.68 -5.87 -21.55
N TYR A 115 44.38 -5.64 -20.27
CA TYR A 115 45.38 -5.18 -19.31
C TYR A 115 46.51 -6.19 -19.14
N TYR A 116 46.20 -7.48 -19.19
CA TYR A 116 47.21 -8.53 -18.99
C TYR A 116 48.36 -8.32 -19.98
N ILE A 117 49.55 -8.82 -19.64
CA ILE A 117 50.58 -9.12 -20.63
C ILE A 117 51.09 -10.52 -20.34
N GLY A 118 51.06 -11.38 -21.35
CA GLY A 118 51.53 -12.75 -21.20
C GLY A 118 52.02 -13.28 -22.52
N THR A 119 52.32 -14.57 -22.61
CA THR A 119 52.83 -15.13 -23.86
C THR A 119 51.65 -15.66 -24.66
N MET A 120 51.53 -15.17 -25.89
CA MET A 120 50.51 -15.56 -26.85
C MET A 120 50.98 -16.72 -27.72
N LEU A 121 52.27 -16.72 -28.07
CA LEU A 121 52.89 -17.79 -28.86
C LEU A 121 54.04 -18.41 -28.06
N PRO A 122 53.86 -19.61 -27.51
CA PRO A 122 54.90 -20.22 -26.67
C PRO A 122 56.08 -20.73 -27.49
N ASN A 123 57.06 -21.32 -26.81
CA ASN A 123 58.13 -22.06 -27.49
C ASN A 123 57.96 -23.56 -27.35
N THR A 124 56.71 -24.02 -27.18
CA THR A 124 56.36 -25.42 -27.16
C THR A 124 56.34 -26.00 -28.58
N ARG A 125 56.49 -27.33 -28.65
CA ARG A 125 56.82 -28.06 -29.89
C ARG A 125 56.04 -27.65 -31.13
N PRO A 126 54.71 -27.50 -31.12
CA PRO A 126 54.00 -27.25 -32.38
C PRO A 126 54.15 -25.82 -32.88
N HIS A 127 54.45 -24.87 -32.00
CA HIS A 127 54.48 -23.47 -32.37
C HIS A 127 55.89 -22.97 -32.65
N SER A 128 56.89 -23.58 -32.02
CA SER A 128 58.28 -23.23 -32.28
C SER A 128 58.66 -23.44 -33.73
N TYR A 129 57.91 -24.26 -34.46
CA TYR A 129 58.22 -24.54 -35.85
C TYR A 129 57.60 -23.52 -36.79
N VAL A 130 56.40 -23.02 -36.46
CA VAL A 130 55.60 -22.24 -37.38
C VAL A 130 55.66 -20.74 -37.08
N PHE A 131 55.58 -20.36 -35.80
CA PHE A 131 55.42 -18.97 -35.40
C PHE A 131 56.69 -18.43 -34.77
N TYR A 132 56.93 -17.13 -34.94
CA TYR A 132 57.89 -16.45 -34.10
C TYR A 132 57.27 -16.19 -32.75
N GLN A 133 57.98 -16.60 -31.71
CA GLN A 133 57.53 -16.45 -30.31
C GLN A 133 56.90 -15.07 -30.15
N LEU A 134 55.89 -14.97 -29.30
CA LEU A 134 55.22 -13.71 -29.04
C LEU A 134 54.95 -13.51 -27.55
N ARG A 135 54.86 -12.23 -27.15
CA ARG A 135 54.49 -11.81 -25.81
C ARG A 135 53.79 -10.46 -25.92
N CYS A 136 52.52 -10.39 -25.48
CA CYS A 136 51.71 -9.21 -25.76
C CYS A 136 50.56 -9.11 -24.78
N HIS A 137 49.88 -7.96 -24.80
CA HIS A 137 48.64 -7.78 -24.09
C HIS A 137 47.58 -8.74 -24.64
N LEU A 138 46.95 -9.52 -23.75
CA LEU A 138 46.01 -10.53 -24.22
C LEU A 138 45.00 -10.85 -23.13
N SER A 139 44.00 -11.65 -23.53
CA SER A 139 42.97 -12.22 -22.68
C SER A 139 42.84 -13.70 -23.02
N TYR A 140 42.59 -14.54 -22.03
CA TYR A 140 42.42 -15.96 -22.31
C TYR A 140 41.32 -16.58 -21.48
N VAL A 141 40.53 -17.42 -22.14
CA VAL A 141 39.74 -18.40 -21.43
C VAL A 141 40.56 -19.68 -21.41
N ALA A 142 40.53 -20.38 -20.28
CA ALA A 142 41.31 -21.60 -20.10
C ALA A 142 40.48 -22.57 -19.28
N LEU A 143 40.42 -23.83 -19.71
CA LEU A 143 39.70 -24.81 -18.94
C LEU A 143 40.41 -26.16 -19.00
N SER A 144 40.01 -27.05 -18.10
CA SER A 144 40.60 -28.37 -17.96
C SER A 144 39.49 -29.40 -17.76
N ILE A 145 39.51 -30.47 -18.55
CA ILE A 145 38.58 -31.57 -18.36
C ILE A 145 39.36 -32.87 -18.25
N ASN A 146 38.63 -33.94 -17.93
CA ASN A 146 39.17 -35.31 -17.88
C ASN A 146 40.36 -35.41 -16.92
N GLY A 147 40.28 -34.66 -15.81
CA GLY A 147 41.23 -34.79 -14.72
C GLY A 147 42.57 -34.16 -15.03
N ASP A 148 42.54 -32.89 -15.42
CA ASP A 148 43.73 -32.13 -15.81
C ASP A 148 44.62 -32.94 -16.74
N LYS A 149 44.01 -33.54 -17.77
CA LYS A 149 44.79 -34.16 -18.84
C LYS A 149 44.57 -33.51 -20.19
N PHE A 150 43.32 -33.27 -20.57
CA PHE A 150 43.00 -32.52 -21.79
C PHE A 150 42.69 -31.08 -21.42
N GLN A 151 43.42 -30.15 -22.04
CA GLN A 151 43.41 -28.75 -21.67
C GLN A 151 43.07 -27.90 -22.88
N TYR A 152 42.35 -26.81 -22.65
CA TYR A 152 42.09 -25.85 -23.71
C TYR A 152 42.39 -24.44 -23.21
N THR A 153 42.98 -23.64 -24.10
CA THR A 153 43.27 -22.24 -23.80
C THR A 153 42.91 -21.41 -25.03
N GLY A 154 41.84 -20.64 -24.93
CA GLY A 154 41.55 -19.66 -25.96
C GLY A 154 42.15 -18.32 -25.59
N ALA A 155 43.29 -18.00 -26.19
CA ALA A 155 44.05 -16.79 -25.89
C ALA A 155 43.85 -15.79 -27.02
N MET A 156 43.53 -14.56 -26.68
CA MET A 156 43.10 -13.59 -27.69
C MET A 156 43.68 -12.21 -27.41
N THR A 157 43.87 -11.46 -28.49
CA THR A 157 44.11 -10.03 -28.46
C THR A 157 42.95 -9.36 -29.20
N SER A 158 43.02 -8.04 -29.33
CA SER A 158 42.01 -7.34 -30.11
C SER A 158 42.06 -7.68 -31.59
N LYS A 159 43.05 -8.44 -32.06
CA LYS A 159 43.32 -8.62 -33.48
C LYS A 159 43.13 -10.06 -33.96
N PHE A 160 43.46 -11.06 -33.16
CA PHE A 160 43.29 -12.45 -33.59
C PHE A 160 43.19 -13.35 -32.36
N LEU A 161 42.50 -14.47 -32.55
CA LEU A 161 42.27 -15.46 -31.51
C LEU A 161 43.01 -16.75 -31.84
N MET A 162 43.58 -17.37 -30.81
CA MET A 162 44.24 -18.68 -30.95
C MET A 162 43.76 -19.63 -29.86
N GLY A 163 42.88 -20.56 -30.21
CA GLY A 163 42.54 -21.66 -29.32
C GLY A 163 43.48 -22.82 -29.55
N THR A 164 43.99 -23.40 -28.45
CA THR A 164 45.03 -24.42 -28.50
C THR A 164 44.58 -25.62 -27.68
N TYR A 165 44.33 -26.75 -28.34
CA TYR A 165 43.92 -27.96 -27.65
C TYR A 165 45.16 -28.76 -27.25
N LYS A 166 45.12 -29.38 -26.07
CA LYS A 166 46.24 -30.24 -25.66
C LYS A 166 45.75 -31.42 -24.85
N ARG A 167 46.29 -32.61 -25.17
CA ARG A 167 45.91 -33.86 -24.53
C ARG A 167 47.16 -34.62 -24.10
N VAL A 168 47.04 -35.35 -22.99
CA VAL A 168 48.14 -36.13 -22.43
C VAL A 168 47.68 -37.58 -22.36
N THR A 169 48.58 -38.51 -22.71
CA THR A 169 48.20 -39.88 -23.07
C THR A 169 48.60 -40.91 -22.01
N GLU A 170 48.59 -40.51 -20.74
CA GLU A 170 48.94 -41.36 -19.60
C GLU A 170 50.39 -41.77 -19.63
N LYS A 171 51.18 -41.28 -20.59
CA LYS A 171 52.56 -41.73 -20.79
C LYS A 171 53.54 -40.60 -21.06
N GLY A 172 53.11 -39.33 -20.98
CA GLY A 172 53.98 -38.20 -21.21
C GLY A 172 53.69 -37.40 -22.48
N ASP A 173 53.25 -38.08 -23.55
CA ASP A 173 53.09 -37.40 -24.83
C ASP A 173 52.02 -36.31 -24.75
N GLU A 174 52.13 -35.32 -25.64
CA GLU A 174 51.19 -34.20 -25.68
C GLU A 174 50.80 -33.96 -27.13
N HIS A 175 49.54 -34.21 -27.48
CA HIS A 175 49.04 -33.95 -28.82
C HIS A 175 48.39 -32.57 -28.83
N VAL A 176 48.91 -31.67 -29.66
CA VAL A 176 48.54 -30.26 -29.61
C VAL A 176 48.02 -29.84 -30.97
N LEU A 177 46.90 -29.10 -30.96
CA LEU A 177 46.25 -28.58 -32.15
C LEU A 177 45.79 -27.17 -31.81
N SER A 178 46.02 -26.22 -32.72
CA SER A 178 45.61 -24.84 -32.47
C SER A 178 44.85 -24.26 -33.66
N LEU A 179 43.75 -23.59 -33.37
CA LEU A 179 42.96 -22.84 -34.34
C LEU A 179 43.24 -21.36 -34.19
N VAL A 180 43.39 -20.67 -35.32
CA VAL A 180 43.71 -19.25 -35.32
C VAL A 180 42.64 -18.54 -36.15
N PHE A 181 41.93 -17.61 -35.51
CA PHE A 181 40.85 -16.86 -36.14
C PHE A 181 41.11 -15.37 -36.01
N GLY A 182 40.90 -14.65 -37.09
CA GLY A 182 41.12 -13.21 -37.09
C GLY A 182 41.31 -12.71 -38.50
N LYS A 183 41.46 -11.40 -38.62
CA LYS A 183 41.80 -10.79 -39.90
C LYS A 183 43.15 -11.29 -40.40
N THR A 184 43.17 -11.67 -41.69
CA THR A 184 44.37 -12.25 -42.32
C THR A 184 45.61 -11.39 -42.09
N LYS A 185 45.54 -10.10 -42.42
CA LYS A 185 46.67 -9.21 -42.23
C LYS A 185 47.06 -9.07 -40.76
N ASP A 186 46.15 -9.42 -39.85
CA ASP A 186 46.41 -9.31 -38.42
C ASP A 186 46.80 -10.64 -37.79
N LEU A 187 47.12 -11.64 -38.59
CA LEU A 187 47.57 -12.91 -38.06
C LEU A 187 49.04 -12.84 -37.64
N PRO A 188 49.47 -13.65 -36.68
CA PRO A 188 50.84 -13.56 -36.18
C PRO A 188 51.87 -13.98 -37.22
N ASP A 189 53.09 -13.49 -37.01
CA ASP A 189 54.18 -13.65 -37.96
C ASP A 189 54.59 -15.11 -38.07
N LEU A 190 54.55 -15.65 -39.29
CA LEU A 190 55.09 -16.98 -39.55
C LEU A 190 56.62 -16.93 -39.64
N ARG A 191 57.24 -18.07 -39.37
CA ARG A 191 58.67 -18.11 -39.12
C ARG A 191 59.48 -18.79 -40.21
N GLY A 192 59.12 -20.01 -40.57
CA GLY A 192 59.93 -20.76 -41.50
C GLY A 192 59.61 -20.38 -42.92
N PRO A 193 59.61 -21.38 -43.81
CA PRO A 193 59.08 -21.17 -45.15
C PRO A 193 57.56 -21.05 -45.19
N PHE A 194 56.90 -21.05 -44.03
CA PHE A 194 55.45 -21.22 -43.98
C PHE A 194 54.72 -20.02 -44.55
N SER A 195 53.57 -20.32 -45.17
CA SER A 195 52.62 -19.34 -45.66
C SER A 195 51.25 -19.65 -45.10
N TYR A 196 50.42 -18.63 -44.92
CA TYR A 196 49.08 -18.88 -44.39
C TYR A 196 48.14 -19.59 -45.35
N PRO A 197 48.20 -19.35 -46.67
CA PRO A 197 47.30 -20.10 -47.56
C PRO A 197 47.45 -21.61 -47.44
N SER A 198 48.65 -22.10 -47.12
CA SER A 198 48.82 -23.53 -46.93
C SER A 198 48.18 -24.01 -45.65
N LEU A 199 48.00 -23.11 -44.67
CA LEU A 199 47.50 -23.47 -43.36
C LEU A 199 46.07 -22.96 -43.10
N THR A 200 45.43 -22.37 -44.10
CA THR A 200 44.08 -21.81 -43.96
C THR A 200 43.02 -22.88 -44.20
N SER A 201 42.09 -23.04 -43.26
CA SER A 201 40.98 -23.97 -43.41
C SER A 201 39.71 -23.30 -43.90
N ALA A 202 39.63 -21.97 -43.84
CA ALA A 202 38.48 -21.23 -44.34
C ALA A 202 38.85 -19.76 -44.41
N GLN A 203 38.29 -19.06 -45.39
CA GLN A 203 38.61 -17.65 -45.54
C GLN A 203 37.48 -16.91 -46.25
N SER A 204 37.26 -15.66 -45.83
CA SER A 204 36.21 -14.82 -46.38
C SER A 204 36.54 -13.36 -46.13
N GLY A 205 36.81 -12.60 -47.18
CA GLY A 205 36.73 -11.16 -47.06
C GLY A 205 37.42 -10.54 -45.86
N ASP A 206 38.73 -10.71 -45.81
CA ASP A 206 39.71 -10.36 -44.78
C ASP A 206 39.67 -11.19 -43.51
N TYR A 207 38.78 -12.18 -43.38
CA TYR A 207 38.85 -13.11 -42.26
C TYR A 207 39.38 -14.47 -42.71
N SER A 208 39.97 -15.21 -41.77
CA SER A 208 40.48 -16.55 -42.04
C SER A 208 40.47 -17.37 -40.76
N LEU A 209 40.36 -18.68 -40.94
CA LEU A 209 40.54 -19.64 -39.85
C LEU A 209 41.75 -20.50 -40.21
N VAL A 210 42.79 -20.43 -39.40
CA VAL A 210 44.04 -21.14 -39.63
C VAL A 210 44.14 -22.29 -38.64
N ILE A 211 44.56 -23.46 -39.14
CA ILE A 211 44.85 -24.61 -38.30
C ILE A 211 46.35 -24.84 -38.29
N VAL A 212 46.89 -25.09 -37.10
CA VAL A 212 48.30 -25.33 -36.89
C VAL A 212 48.45 -26.59 -36.05
N THR A 213 48.99 -27.64 -36.64
CA THR A 213 49.25 -28.88 -35.93
C THR A 213 50.16 -29.76 -36.78
N THR A 214 50.69 -30.80 -36.14
CA THR A 214 51.45 -31.82 -36.83
C THR A 214 50.51 -32.70 -37.65
N PHE A 215 51.01 -33.22 -38.78
CA PHE A 215 50.28 -34.30 -39.45
C PHE A 215 49.97 -35.44 -38.49
N VAL A 216 50.94 -35.79 -37.63
CA VAL A 216 50.73 -36.83 -36.62
C VAL A 216 49.60 -36.43 -35.68
N HIS A 217 49.74 -35.28 -35.04
CA HIS A 217 48.71 -34.81 -34.11
C HIS A 217 47.36 -34.65 -34.80
N TYR A 218 47.36 -34.24 -36.07
CA TYR A 218 46.10 -34.17 -36.81
C TYR A 218 45.43 -35.54 -36.86
N ALA A 219 46.23 -36.60 -36.98
CA ALA A 219 45.68 -37.95 -37.01
C ALA A 219 45.05 -38.32 -35.67
N ASN A 220 45.77 -38.05 -34.58
CA ASN A 220 45.26 -38.31 -33.23
C ASN A 220 43.88 -37.69 -33.02
N PHE A 221 43.75 -36.38 -33.30
CA PHE A 221 42.49 -35.70 -33.01
C PHE A 221 41.35 -36.17 -33.88
N HIS A 222 41.63 -36.52 -35.14
CA HIS A 222 40.57 -36.91 -36.06
C HIS A 222 39.76 -38.11 -35.53
N ASN A 223 40.32 -38.86 -34.58
CA ASN A 223 39.60 -39.98 -33.97
C ASN A 223 38.41 -39.52 -33.13
N TYR A 224 38.47 -38.33 -32.52
CA TYR A 224 37.37 -37.85 -31.70
C TYR A 224 37.03 -36.39 -31.93
N PHE A 225 37.61 -35.74 -32.94
CA PHE A 225 37.36 -34.32 -33.14
C PHE A 225 37.40 -34.06 -34.65
N VAL A 226 36.22 -34.03 -35.26
CA VAL A 226 36.06 -33.73 -36.69
C VAL A 226 35.19 -32.49 -36.79
N PRO A 227 35.77 -31.30 -36.65
CA PRO A 227 34.95 -30.08 -36.60
C PRO A 227 34.38 -29.76 -37.97
N ASN A 228 33.27 -29.03 -37.97
CA ASN A 228 32.79 -28.40 -39.20
C ASN A 228 33.34 -26.97 -39.25
N LEU A 229 34.65 -26.90 -39.52
CA LEU A 229 35.39 -25.64 -39.55
C LEU A 229 34.82 -24.63 -40.53
N LYS A 230 34.07 -25.08 -41.54
CA LYS A 230 33.42 -24.14 -42.44
C LYS A 230 32.29 -23.40 -41.73
N ASP A 231 31.41 -24.13 -41.03
CA ASP A 231 30.35 -23.50 -40.27
C ASP A 231 30.88 -22.69 -39.11
N MET A 232 31.90 -23.23 -38.41
CA MET A 232 32.51 -22.50 -37.30
C MET A 232 33.08 -21.16 -37.78
N PHE A 233 33.62 -21.14 -39.01
CA PHE A 233 34.05 -19.87 -39.59
C PHE A 233 32.86 -19.01 -40.02
N SER A 234 31.86 -19.62 -40.66
CA SER A 234 30.68 -18.88 -41.11
C SER A 234 29.82 -18.42 -39.94
N ARG A 235 29.78 -19.20 -38.86
CA ARG A 235 29.09 -18.76 -37.66
C ARG A 235 29.84 -17.63 -36.96
N ALA A 236 31.17 -17.64 -37.04
CA ALA A 236 31.98 -16.68 -36.29
C ALA A 236 32.08 -15.35 -37.01
N VAL A 237 31.96 -15.35 -38.33
CA VAL A 237 32.05 -14.11 -39.09
C VAL A 237 30.71 -13.41 -39.19
N THR A 238 29.66 -14.16 -39.53
CA THR A 238 28.39 -13.56 -39.92
C THR A 238 27.55 -13.06 -38.75
N MET A 239 27.76 -13.57 -37.54
CA MET A 239 26.96 -13.19 -36.38
C MET A 239 27.53 -11.96 -35.69
N THR A 240 26.67 -11.29 -34.93
CA THR A 240 27.12 -10.16 -34.10
C THR A 240 27.62 -10.68 -32.75
N ALA A 241 28.47 -9.88 -32.11
CA ALA A 241 29.13 -10.33 -30.88
C ALA A 241 28.12 -10.74 -29.83
N ALA A 242 27.04 -9.97 -29.66
CA ALA A 242 26.07 -10.29 -28.62
C ALA A 242 25.26 -11.53 -28.97
N SER A 243 24.73 -11.59 -30.19
CA SER A 243 23.95 -12.74 -30.63
C SER A 243 24.74 -14.03 -30.50
N TYR A 244 25.98 -14.03 -30.99
CA TYR A 244 26.86 -15.19 -30.89
C TYR A 244 27.10 -15.58 -29.44
N ALA A 245 27.29 -14.60 -28.56
CA ALA A 245 27.48 -14.89 -27.14
C ALA A 245 26.28 -15.62 -26.57
N ARG A 246 25.07 -15.12 -26.87
CA ARG A 246 23.86 -15.83 -26.45
C ARG A 246 23.80 -17.22 -27.05
N TYR A 247 24.21 -17.37 -28.31
CA TYR A 247 24.21 -18.68 -28.95
C TYR A 247 24.98 -19.70 -28.13
N VAL A 248 26.18 -19.33 -27.68
CA VAL A 248 27.02 -20.27 -26.94
C VAL A 248 26.40 -20.57 -25.58
N LEU A 249 26.02 -19.52 -24.84
CA LEU A 249 25.55 -19.75 -23.47
C LEU A 249 24.26 -20.56 -23.43
N GLN A 250 23.44 -20.54 -24.50
CA GLN A 250 22.27 -21.40 -24.52
C GLN A 250 22.66 -22.86 -24.61
N LYS A 251 23.59 -23.18 -25.52
CA LYS A 251 24.08 -24.54 -25.61
C LYS A 251 24.54 -25.04 -24.24
N LEU A 252 25.39 -24.26 -23.57
CA LEU A 252 25.90 -24.68 -22.27
C LEU A 252 24.80 -24.72 -21.20
N VAL A 253 23.86 -23.78 -21.23
CA VAL A 253 22.80 -23.78 -20.21
C VAL A 253 21.87 -24.97 -20.42
N LEU A 254 21.49 -25.25 -21.66
CA LEU A 254 20.66 -26.41 -21.92
C LEU A 254 21.42 -27.70 -21.64
N LEU A 255 22.68 -27.77 -22.08
CA LEU A 255 23.53 -28.92 -21.78
C LEU A 255 23.60 -29.18 -20.28
N GLU A 256 23.80 -28.11 -19.50
CA GLU A 256 24.00 -28.26 -18.06
C GLU A 256 22.78 -28.84 -17.35
N MET A 257 21.58 -28.55 -17.84
CA MET A 257 20.37 -29.13 -17.26
C MET A 257 20.29 -30.64 -17.49
N LYS A 258 20.98 -31.13 -18.51
CA LYS A 258 21.20 -32.56 -18.75
C LYS A 258 22.46 -32.98 -17.97
N GLY A 259 22.93 -34.19 -18.21
CA GLY A 259 24.12 -34.66 -17.53
C GLY A 259 25.38 -34.35 -18.31
N GLY A 260 25.32 -33.32 -19.16
CA GLY A 260 26.39 -33.00 -20.09
C GLY A 260 27.62 -32.32 -19.50
N CYS A 261 27.55 -31.87 -18.25
CA CYS A 261 28.69 -31.19 -17.63
C CYS A 261 29.18 -31.82 -16.34
N ARG A 262 28.48 -32.81 -15.77
CA ARG A 262 29.04 -33.45 -14.59
C ARG A 262 30.24 -34.29 -14.97
N GLU A 263 30.27 -34.81 -16.20
CA GLU A 263 31.40 -35.60 -16.70
C GLU A 263 31.50 -35.45 -18.22
N PRO A 264 32.07 -34.35 -18.69
CA PRO A 264 32.07 -34.05 -20.12
C PRO A 264 32.99 -34.97 -20.91
N GLU A 265 32.60 -35.23 -22.16
CA GLU A 265 33.24 -36.22 -23.01
C GLU A 265 34.24 -35.56 -23.95
N LEU A 266 35.10 -36.39 -24.54
CA LEU A 266 36.01 -35.94 -25.62
C LEU A 266 35.41 -36.23 -26.99
N ASP A 267 34.30 -35.58 -27.30
CA ASP A 267 33.68 -35.71 -28.60
C ASP A 267 33.91 -34.45 -29.42
N THR A 268 33.36 -34.44 -30.63
CA THR A 268 33.51 -33.27 -31.48
C THR A 268 32.79 -32.06 -30.90
N GLU A 269 31.56 -32.27 -30.42
CA GLU A 269 30.71 -31.15 -29.99
C GLU A 269 31.34 -30.37 -28.83
N THR A 270 31.66 -31.07 -27.74
CA THR A 270 32.19 -30.38 -26.56
C THR A 270 33.47 -29.63 -26.88
N LEU A 271 34.36 -30.23 -27.68
CA LEU A 271 35.57 -29.53 -28.07
C LEU A 271 35.25 -28.34 -28.98
N THR A 272 34.28 -28.49 -29.87
CA THR A 272 33.89 -27.37 -30.74
C THR A 272 33.43 -26.19 -29.89
N THR A 273 32.46 -26.42 -29.01
CA THR A 273 31.93 -25.37 -28.15
C THR A 273 33.03 -24.69 -27.34
N MET A 274 34.07 -25.43 -26.94
CA MET A 274 35.22 -24.80 -26.29
C MET A 274 35.79 -23.68 -27.14
N PHE A 275 35.95 -23.93 -28.45
CA PHE A 275 36.39 -22.87 -29.34
C PHE A 275 35.33 -21.79 -29.47
N GLU A 276 34.06 -22.19 -29.55
CA GLU A 276 32.98 -21.22 -29.65
C GLU A 276 32.94 -20.31 -28.43
N VAL A 277 33.23 -20.87 -27.25
CA VAL A 277 33.30 -20.06 -26.04
C VAL A 277 34.32 -18.94 -26.19
N SER A 278 35.52 -19.27 -26.69
CA SER A 278 36.56 -18.27 -26.83
C SER A 278 36.20 -17.19 -27.84
N VAL A 279 35.64 -17.59 -28.98
CA VAL A 279 35.25 -16.63 -30.01
C VAL A 279 34.31 -15.58 -29.44
N ALA A 280 33.33 -16.03 -28.64
CA ALA A 280 32.34 -15.12 -28.07
C ALA A 280 33.01 -14.00 -27.29
N PHE A 281 34.07 -14.31 -26.54
CA PHE A 281 34.83 -13.25 -25.88
C PHE A 281 35.67 -12.48 -26.89
N PHE A 282 36.15 -13.15 -27.94
CA PHE A 282 36.99 -12.47 -28.91
C PHE A 282 36.19 -11.44 -29.70
N LYS A 283 35.02 -11.83 -30.20
CA LYS A 283 34.25 -10.92 -31.05
C LYS A 283 33.95 -9.61 -30.35
N VAL A 284 33.66 -9.64 -29.05
CA VAL A 284 33.40 -8.41 -28.31
C VAL A 284 34.66 -7.56 -28.23
N GLY A 285 35.73 -8.12 -27.66
CA GLY A 285 36.98 -7.39 -27.62
C GLY A 285 37.50 -7.03 -29.01
N HIS A 286 37.13 -7.82 -30.02
CA HIS A 286 37.53 -7.51 -31.38
C HIS A 286 36.79 -6.28 -31.91
N ALA A 287 35.45 -6.30 -31.83
CA ALA A 287 34.66 -5.18 -32.32
C ALA A 287 35.02 -3.88 -31.61
N VAL A 288 35.40 -3.96 -30.34
CA VAL A 288 35.84 -2.75 -29.63
C VAL A 288 37.19 -2.28 -30.15
N GLY A 289 38.18 -3.16 -30.15
CA GLY A 289 39.49 -2.79 -30.68
C GLY A 289 39.45 -2.40 -32.15
N GLU A 290 38.54 -3.00 -32.92
CA GLU A 290 38.49 -2.81 -34.37
C GLU A 290 37.76 -1.53 -34.76
N THR A 291 37.27 -0.75 -33.79
CA THR A 291 36.74 0.57 -34.08
C THR A 291 37.80 1.65 -34.00
N GLY A 292 39.05 1.27 -33.71
CA GLY A 292 40.12 2.24 -33.64
C GLY A 292 39.92 3.18 -32.46
N ASN A 293 40.42 4.40 -32.61
CA ASN A 293 40.13 5.45 -31.64
C ASN A 293 38.72 5.96 -31.96
N GLY A 294 37.78 5.67 -31.07
CA GLY A 294 36.41 6.07 -31.29
C GLY A 294 35.60 6.07 -30.00
N CYS A 295 34.35 5.63 -30.10
CA CYS A 295 33.49 5.62 -28.92
C CYS A 295 32.37 4.62 -29.18
N VAL A 296 32.05 3.81 -28.18
CA VAL A 296 31.16 2.66 -28.34
C VAL A 296 29.88 2.92 -27.56
N ASP A 297 28.74 2.79 -28.25
CA ASP A 297 27.44 3.08 -27.64
C ASP A 297 27.25 2.27 -26.37
N LEU A 298 26.97 2.97 -25.27
CA LEU A 298 26.82 2.32 -23.97
C LEU A 298 25.74 1.23 -23.99
N ARG A 299 24.69 1.43 -24.78
CA ARG A 299 23.64 0.43 -24.86
C ARG A 299 24.17 -0.85 -25.50
N TRP A 300 25.00 -0.70 -26.54
CA TRP A 300 25.65 -1.87 -27.11
C TRP A 300 26.53 -2.55 -26.07
N LEU A 301 27.30 -1.77 -25.32
CA LEU A 301 28.12 -2.34 -24.26
C LEU A 301 27.26 -3.00 -23.20
N ALA A 302 26.12 -2.37 -22.86
CA ALA A 302 25.23 -2.95 -21.86
C ALA A 302 24.78 -4.35 -22.24
N LYS A 303 24.60 -4.61 -23.54
CA LYS A 303 24.11 -5.91 -23.99
C LYS A 303 25.25 -6.89 -24.19
N SER A 304 26.29 -6.50 -24.94
CA SER A 304 27.37 -7.43 -25.25
C SER A 304 28.04 -7.93 -23.98
N PHE A 305 28.30 -7.05 -23.01
CA PHE A 305 28.98 -7.50 -21.80
C PHE A 305 28.04 -8.17 -20.81
N PHE A 306 26.75 -7.86 -20.85
CA PHE A 306 25.78 -8.68 -20.14
C PHE A 306 25.91 -10.14 -20.56
N GLU A 307 25.92 -10.37 -21.87
CA GLU A 307 26.01 -11.73 -22.38
C GLU A 307 27.32 -12.40 -21.97
N LEU A 308 28.40 -11.62 -21.88
CA LEU A 308 29.67 -12.19 -21.45
C LEU A 308 29.64 -12.54 -19.97
N THR A 309 28.96 -11.71 -19.17
CA THR A 309 28.86 -12.01 -17.74
C THR A 309 28.12 -13.30 -17.52
N VAL A 310 27.01 -13.50 -18.25
CA VAL A 310 26.26 -14.74 -18.07
C VAL A 310 27.02 -15.91 -18.69
N LEU A 311 27.69 -15.67 -19.81
CA LEU A 311 28.49 -16.73 -20.41
C LEU A 311 29.64 -17.13 -19.51
N LYS A 312 30.36 -16.15 -18.96
CA LYS A 312 31.45 -16.42 -18.03
C LYS A 312 30.98 -17.31 -16.89
N ASP A 313 29.79 -17.01 -16.35
CA ASP A 313 29.25 -17.72 -15.21
C ASP A 313 29.01 -19.19 -15.54
N ILE A 314 28.28 -19.45 -16.64
CA ILE A 314 27.91 -20.82 -16.97
C ILE A 314 29.13 -21.66 -17.35
N ILE A 315 30.17 -21.04 -17.94
CA ILE A 315 31.36 -21.82 -18.28
C ILE A 315 32.09 -22.26 -17.01
N GLY A 316 31.94 -21.51 -15.93
CA GLY A 316 32.59 -21.84 -14.68
C GLY A 316 31.88 -22.97 -13.95
N ILE A 317 30.56 -22.86 -13.81
CA ILE A 317 29.80 -23.93 -13.15
C ILE A 317 29.62 -25.16 -14.04
N CYS A 318 30.12 -25.14 -15.28
CA CYS A 318 29.92 -26.28 -16.15
C CYS A 318 31.23 -27.00 -16.47
N TYR A 319 32.24 -26.29 -16.95
CA TYR A 319 33.57 -26.86 -17.14
C TYR A 319 34.54 -26.61 -15.99
N GLY A 320 34.35 -25.54 -15.21
CA GLY A 320 35.37 -25.11 -14.28
C GLY A 320 36.40 -24.16 -14.88
N ALA A 321 35.98 -23.37 -15.87
CA ALA A 321 36.87 -22.56 -16.69
C ALA A 321 37.27 -21.26 -16.00
N THR A 322 38.44 -20.75 -16.39
CA THR A 322 38.98 -19.49 -15.93
C THR A 322 39.00 -18.51 -17.09
N VAL A 323 38.62 -17.26 -16.82
CA VAL A 323 38.70 -16.18 -17.80
C VAL A 323 39.51 -15.03 -17.20
N LYS A 324 40.62 -14.70 -17.85
CA LYS A 324 41.45 -13.57 -17.46
C LYS A 324 41.28 -12.48 -18.52
N GLY A 325 40.74 -11.33 -18.11
CA GLY A 325 40.55 -10.23 -19.05
C GLY A 325 39.14 -10.15 -19.57
N MET A 326 38.95 -9.21 -20.51
CA MET A 326 37.63 -8.85 -21.05
C MET A 326 36.71 -8.29 -19.97
N GLN A 327 37.28 -7.64 -18.96
CA GLN A 327 36.52 -7.00 -17.90
C GLN A 327 37.12 -5.62 -17.67
N SER A 328 36.27 -4.60 -17.58
CA SER A 328 36.76 -3.22 -17.48
C SER A 328 36.07 -2.55 -16.30
N TYR A 329 36.88 -2.16 -15.29
CA TYR A 329 36.37 -1.50 -14.10
C TYR A 329 35.69 -0.18 -14.45
N GLY A 330 36.15 0.48 -15.50
CA GLY A 330 35.47 1.69 -15.96
C GLY A 330 34.01 1.44 -16.31
N LEU A 331 33.73 0.33 -16.98
CA LEU A 331 32.34 0.02 -17.33
C LEU A 331 31.54 -0.38 -16.09
N GLU A 332 32.17 -1.10 -15.15
CA GLU A 332 31.45 -1.48 -13.95
C GLU A 332 31.13 -0.26 -13.09
N ARG A 333 32.04 0.72 -13.02
CA ARG A 333 31.73 1.94 -12.28
C ARG A 333 30.67 2.75 -13.00
N LEU A 334 30.79 2.85 -14.32
CA LEU A 334 29.82 3.59 -15.12
C LEU A 334 28.42 2.99 -14.97
N ALA A 335 28.31 1.66 -14.98
CA ALA A 335 27.00 1.02 -14.87
C ALA A 335 26.41 1.22 -13.48
N ALA A 336 27.22 1.04 -12.44
CA ALA A 336 26.74 1.24 -11.08
C ALA A 336 26.22 2.66 -10.86
N MET A 337 26.88 3.64 -11.49
CA MET A 337 26.38 5.02 -11.46
C MET A 337 24.94 5.11 -11.94
N LEU A 338 24.63 4.43 -13.06
CA LEU A 338 23.28 4.52 -13.61
C LEU A 338 22.27 3.76 -12.77
N MET A 339 22.72 2.87 -11.90
CA MET A 339 21.80 2.16 -11.03
C MET A 339 21.43 2.98 -9.79
N ALA A 340 22.23 3.98 -9.45
CA ALA A 340 21.81 5.00 -8.49
C ALA A 340 20.92 6.07 -9.12
N THR A 341 20.76 6.06 -10.45
CA THR A 341 19.79 6.94 -11.09
C THR A 341 18.37 6.40 -11.03
N VAL A 342 18.22 5.09 -10.90
CA VAL A 342 16.95 4.42 -11.15
C VAL A 342 16.28 4.14 -9.83
N LYS A 343 14.97 4.35 -9.77
CA LYS A 343 14.17 3.96 -8.61
C LYS A 343 13.78 2.51 -8.86
N MET A 344 14.44 1.60 -8.14
CA MET A 344 14.21 0.17 -8.34
C MET A 344 12.78 -0.22 -7.99
N GLU A 345 12.13 0.54 -7.10
CA GLU A 345 10.74 0.29 -6.75
C GLU A 345 9.83 0.42 -7.97
N GLU A 346 10.23 1.21 -8.96
CA GLU A 346 9.40 1.52 -10.11
C GLU A 346 10.19 1.36 -11.39
N LEU A 347 10.99 0.30 -11.50
CA LEU A 347 11.64 0.01 -12.77
C LEU A 347 10.65 -0.57 -13.77
N GLY A 348 9.71 -1.38 -13.31
CA GLY A 348 8.68 -1.92 -14.19
C GLY A 348 7.77 -0.88 -14.83
N HIS A 349 7.85 0.37 -14.41
CA HIS A 349 7.07 1.43 -15.03
C HIS A 349 7.72 2.00 -16.28
N LEU A 350 8.91 1.55 -16.65
CA LEU A 350 9.59 2.06 -17.84
C LEU A 350 9.28 1.18 -19.04
N THR A 351 9.60 1.68 -20.24
CA THR A 351 9.43 0.87 -21.43
C THR A 351 10.32 -0.35 -21.38
N THR A 352 9.80 -1.45 -21.92
CA THR A 352 10.49 -2.76 -21.78
C THR A 352 11.78 -2.84 -22.58
N GLU A 353 12.36 -1.70 -22.93
CA GLU A 353 13.66 -1.70 -23.63
C GLU A 353 14.64 -1.09 -22.66
N LYS A 354 14.18 -0.08 -21.93
CA LYS A 354 14.99 0.59 -20.88
C LYS A 354 14.88 -0.23 -19.60
N GLN A 355 13.87 -1.09 -19.54
CA GLN A 355 13.77 -2.06 -18.44
C GLN A 355 14.95 -3.02 -18.64
N GLU A 356 15.16 -3.45 -19.88
CA GLU A 356 16.22 -4.42 -20.25
C GLU A 356 17.59 -3.77 -20.27
N TYR A 357 17.66 -2.51 -20.66
CA TYR A 357 18.90 -1.74 -20.63
C TYR A 357 19.38 -1.49 -19.20
N ALA A 358 18.45 -1.44 -18.23
CA ALA A 358 18.80 -1.28 -16.82
C ALA A 358 19.23 -2.61 -16.20
N LEU A 359 18.47 -3.67 -16.48
CA LEU A 359 18.78 -4.99 -15.93
C LEU A 359 20.10 -5.51 -16.48
N ARG A 360 20.50 -5.07 -17.69
CA ARG A 360 21.77 -5.48 -18.26
C ARG A 360 22.93 -4.73 -17.65
N LEU A 361 22.71 -3.49 -17.24
CA LEU A 361 23.74 -2.75 -16.54
C LEU A 361 23.86 -3.23 -15.10
N ALA A 362 22.73 -3.63 -14.52
CA ALA A 362 22.70 -4.19 -13.17
C ALA A 362 23.65 -5.38 -13.03
N THR A 363 23.68 -6.26 -14.03
CA THR A 363 24.50 -7.45 -13.96
C THR A 363 25.91 -7.22 -14.49
N VAL A 364 26.08 -6.25 -15.40
CA VAL A 364 27.42 -5.86 -15.81
C VAL A 364 28.13 -5.16 -14.66
N GLY A 365 27.39 -4.40 -13.86
CA GLY A 365 27.97 -3.64 -12.77
C GLY A 365 27.96 -4.29 -11.41
N TYR A 366 27.71 -5.60 -11.33
CA TYR A 366 27.58 -6.28 -10.04
C TYR A 366 28.90 -6.35 -9.27
N PRO A 367 30.05 -6.60 -9.94
CA PRO A 367 31.30 -6.83 -9.18
C PRO A 367 31.59 -5.80 -8.10
N LYS A 368 31.29 -4.53 -8.33
CA LYS A 368 31.53 -3.50 -7.33
C LYS A 368 30.23 -2.80 -6.94
N ALA A 369 29.18 -3.59 -6.75
CA ALA A 369 27.88 -3.07 -6.33
C ALA A 369 27.49 -3.50 -4.94
N GLY A 370 27.91 -4.67 -4.48
CA GLY A 370 27.51 -5.03 -3.14
C GLY A 370 26.26 -5.88 -3.14
N VAL A 371 26.19 -6.79 -2.16
CA VAL A 371 25.03 -7.68 -2.12
C VAL A 371 23.85 -7.06 -1.39
N TYR A 372 23.94 -5.79 -0.98
CA TYR A 372 22.82 -5.08 -0.40
C TYR A 372 22.42 -3.86 -1.24
N SER A 373 22.41 -4.04 -2.55
CA SER A 373 21.87 -3.05 -3.47
C SER A 373 20.42 -3.41 -3.79
N GLY A 374 19.63 -2.40 -4.17
CA GLY A 374 18.21 -2.60 -4.33
C GLY A 374 17.84 -3.16 -5.69
N LEU A 375 18.80 -3.85 -6.32
CA LEU A 375 18.58 -4.50 -7.61
C LEU A 375 17.45 -5.51 -7.55
N ILE A 376 17.29 -6.17 -6.42
CA ILE A 376 16.27 -7.19 -6.25
C ILE A 376 14.89 -6.60 -6.50
N GLY A 377 14.63 -5.42 -5.89
CA GLY A 377 13.38 -4.72 -6.15
C GLY A 377 13.18 -4.37 -7.60
N GLY A 378 14.25 -4.10 -8.33
CA GLY A 378 14.11 -3.78 -9.74
C GLY A 378 13.68 -4.98 -10.57
N ALA A 379 14.24 -6.15 -10.28
CA ALA A 379 13.81 -7.36 -10.98
C ALA A 379 12.40 -7.76 -10.56
N THR A 380 12.07 -7.56 -9.27
CA THR A 380 10.72 -7.82 -8.79
C THR A 380 9.72 -6.83 -9.40
N SER A 381 10.13 -5.58 -9.59
CA SER A 381 9.25 -4.60 -10.23
C SER A 381 8.93 -5.00 -11.67
N VAL A 382 9.96 -5.34 -12.45
CA VAL A 382 9.75 -5.75 -13.84
C VAL A 382 8.78 -6.92 -13.91
N LEU A 383 8.95 -7.92 -13.04
CA LEU A 383 8.06 -9.09 -13.05
C LEU A 383 6.61 -8.69 -12.77
N LEU A 384 6.40 -7.69 -11.92
CA LEU A 384 5.04 -7.30 -11.54
C LEU A 384 4.34 -6.63 -12.71
N SER A 385 4.98 -5.60 -13.29
CA SER A 385 4.45 -4.97 -14.48
C SER A 385 4.19 -5.99 -15.58
N ALA A 386 5.01 -7.04 -15.64
CA ALA A 386 4.81 -8.09 -16.63
C ALA A 386 3.62 -8.97 -16.25
N TYR A 387 3.55 -9.39 -14.99
CA TYR A 387 2.46 -10.28 -14.58
C TYR A 387 1.10 -9.59 -14.63
N ASN A 388 1.05 -8.26 -14.52
CA ASN A 388 -0.22 -7.57 -14.71
C ASN A 388 -0.68 -7.61 -16.16
N ARG A 389 0.25 -7.44 -17.11
CA ARG A 389 -0.10 -7.40 -18.52
C ARG A 389 -0.02 -8.76 -19.19
N HIS A 390 -0.14 -9.84 -18.41
CA HIS A 390 -0.04 -11.17 -18.96
C HIS A 390 -1.38 -11.87 -18.86
N PRO A 391 -1.90 -12.40 -19.97
CA PRO A 391 -3.17 -13.16 -19.91
C PRO A 391 -2.97 -14.44 -19.09
N LEU A 392 -3.78 -14.57 -18.04
CA LEU A 392 -3.54 -15.58 -17.02
C LEU A 392 -3.46 -16.98 -17.62
N PHE A 393 -2.53 -17.77 -17.08
CA PHE A 393 -2.34 -19.20 -17.32
C PHE A 393 -1.78 -19.49 -18.70
N GLN A 394 -1.35 -18.51 -19.40
CA GLN A 394 -0.83 -18.68 -20.74
C GLN A 394 0.69 -18.76 -20.74
N PRO A 395 1.29 -19.40 -21.74
CA PRO A 395 2.76 -19.43 -21.82
C PRO A 395 3.30 -18.06 -22.18
N LEU A 396 4.40 -17.68 -21.53
CA LEU A 396 4.96 -16.35 -21.72
C LEU A 396 5.38 -16.12 -23.17
N HIS A 397 5.24 -14.87 -23.62
CA HIS A 397 5.56 -14.50 -24.98
C HIS A 397 7.08 -14.48 -25.19
N THR A 398 7.48 -14.33 -26.46
CA THR A 398 8.90 -14.27 -26.80
C THR A 398 9.57 -13.06 -26.13
N VAL A 399 8.93 -11.90 -26.18
CA VAL A 399 9.56 -10.67 -25.70
C VAL A 399 9.59 -10.65 -24.18
N MET A 400 8.49 -11.05 -23.53
CA MET A 400 8.44 -11.06 -22.07
C MET A 400 9.44 -12.05 -21.49
N ARG A 401 9.46 -13.27 -22.03
CA ARG A 401 10.36 -14.31 -21.52
C ARG A 401 11.81 -13.85 -21.60
N GLU A 402 12.16 -13.12 -22.65
CA GLU A 402 13.51 -12.58 -22.78
C GLU A 402 13.79 -11.52 -21.72
N THR A 403 12.84 -10.60 -21.51
CA THR A 403 13.04 -9.56 -20.51
C THR A 403 13.23 -10.15 -19.12
N LEU A 404 12.43 -11.15 -18.77
CA LEU A 404 12.52 -11.77 -17.46
C LEU A 404 13.82 -12.54 -17.30
N PHE A 405 14.28 -13.19 -18.38
CA PHE A 405 15.56 -13.88 -18.34
C PHE A 405 16.70 -12.93 -17.98
N ILE A 406 16.69 -11.72 -18.56
CA ILE A 406 17.76 -10.76 -18.26
C ILE A 406 17.75 -10.41 -16.78
N GLY A 407 16.58 -10.08 -16.25
CA GLY A 407 16.48 -9.73 -14.84
C GLY A 407 16.69 -10.88 -13.88
N SER A 408 16.63 -12.12 -14.36
CA SER A 408 16.63 -13.27 -13.46
C SER A 408 17.98 -13.50 -12.83
N HIS A 409 19.06 -13.24 -13.57
CA HIS A 409 20.41 -13.49 -13.09
C HIS A 409 20.67 -12.78 -11.76
N VAL A 410 20.17 -11.57 -11.60
CA VAL A 410 20.32 -10.83 -10.36
C VAL A 410 19.74 -11.64 -9.21
N VAL A 411 18.46 -11.97 -9.34
CA VAL A 411 17.76 -12.80 -8.37
C VAL A 411 18.49 -14.11 -8.10
N LEU A 412 18.90 -14.83 -9.16
CA LEU A 412 19.63 -16.07 -8.93
C LEU A 412 20.92 -15.85 -8.13
N ARG A 413 21.36 -14.60 -7.98
CA ARG A 413 22.50 -14.24 -7.16
C ARG A 413 22.07 -13.82 -5.77
N GLU A 414 20.82 -14.13 -5.41
CA GLU A 414 20.28 -14.05 -4.07
C GLU A 414 20.03 -15.46 -3.55
N LEU A 415 19.28 -16.25 -4.32
CA LEU A 415 19.03 -17.65 -3.97
C LEU A 415 20.34 -18.43 -3.93
N ARG A 416 21.21 -18.19 -4.89
CA ARG A 416 22.57 -18.72 -4.82
C ARG A 416 23.50 -17.71 -4.14
N LEU A 417 23.09 -17.29 -2.94
CA LEU A 417 23.91 -16.44 -2.08
C LEU A 417 23.37 -16.64 -0.67
N ASN A 418 24.20 -17.12 0.25
CA ASN A 418 23.75 -17.84 1.45
C ASN A 418 22.53 -17.20 2.12
N VAL A 419 22.60 -15.93 2.51
CA VAL A 419 21.44 -15.24 3.06
C VAL A 419 21.29 -13.90 2.33
N THR A 420 20.27 -13.13 2.71
CA THR A 420 19.97 -11.83 2.09
C THR A 420 19.34 -10.91 3.14
N THR A 421 18.77 -9.80 2.64
CA THR A 421 17.92 -8.90 3.41
C THR A 421 16.70 -8.48 2.58
N GLN A 422 16.38 -9.24 1.54
CA GLN A 422 15.34 -8.91 0.57
C GLN A 422 14.17 -9.89 0.63
N GLY A 423 13.91 -10.46 1.81
CA GLY A 423 12.78 -11.34 2.05
C GLY A 423 11.46 -10.88 1.45
N PRO A 424 11.09 -9.61 1.63
CA PRO A 424 9.84 -9.12 1.01
C PRO A 424 9.84 -9.23 -0.50
N ASN A 425 10.85 -8.69 -1.18
CA ASN A 425 10.85 -8.65 -2.64
C ASN A 425 11.17 -10.00 -3.24
N LEU A 426 12.16 -10.71 -2.69
CA LEU A 426 12.49 -12.04 -3.18
C LEU A 426 11.28 -12.97 -3.12
N ALA A 427 10.70 -13.14 -1.93
CA ALA A 427 9.54 -14.02 -1.80
C ALA A 427 8.35 -13.55 -2.61
N LEU A 428 8.32 -12.28 -3.03
CA LEU A 428 7.30 -11.85 -3.97
C LEU A 428 7.61 -12.30 -5.39
N TYR A 429 8.83 -12.06 -5.84
CA TYR A 429 9.28 -12.60 -7.13
C TYR A 429 9.07 -14.11 -7.20
N GLN A 430 9.45 -14.84 -6.15
CA GLN A 430 9.21 -16.27 -6.16
C GLN A 430 7.72 -16.62 -6.11
N LEU A 431 6.88 -15.70 -5.65
CA LEU A 431 5.44 -16.00 -5.66
C LEU A 431 4.83 -15.73 -7.02
N LEU A 432 5.16 -14.60 -7.63
CA LEU A 432 4.70 -14.33 -8.99
C LEU A 432 5.22 -15.37 -9.98
N SER A 433 6.44 -15.87 -9.76
CA SER A 433 6.97 -16.94 -10.60
C SER A 433 6.16 -18.22 -10.44
N THR A 434 5.69 -18.49 -9.22
CA THR A 434 4.87 -19.67 -8.96
C THR A 434 3.50 -19.53 -9.62
N ALA A 435 3.03 -18.29 -9.78
CA ALA A 435 1.74 -18.04 -10.40
C ALA A 435 1.84 -18.09 -11.91
N LEU A 436 2.97 -17.66 -12.47
CA LEU A 436 3.12 -17.61 -13.92
C LEU A 436 3.19 -18.99 -14.55
N CYS A 437 3.72 -19.99 -13.86
CA CYS A 437 4.02 -21.27 -14.52
C CYS A 437 2.86 -22.22 -14.29
N SER A 438 2.10 -22.44 -15.35
CA SER A 438 0.90 -23.26 -15.40
C SER A 438 1.15 -24.39 -16.39
N ALA A 439 0.10 -25.18 -16.66
CA ALA A 439 0.28 -26.34 -17.53
C ALA A 439 0.76 -25.93 -18.92
N LEU A 440 0.36 -24.74 -19.39
CA LEU A 440 0.72 -24.32 -20.74
C LEU A 440 2.07 -23.61 -20.78
N GLU A 441 2.48 -22.94 -19.70
CA GLU A 441 3.85 -22.45 -19.60
C GLU A 441 4.84 -23.61 -19.61
N ILE A 442 4.57 -24.64 -18.80
CA ILE A 442 5.39 -25.84 -18.83
C ILE A 442 5.35 -26.48 -20.22
N GLY A 443 4.16 -26.51 -20.83
CA GLY A 443 4.04 -27.04 -22.18
C GLY A 443 5.01 -26.41 -23.16
N GLU A 444 5.07 -25.07 -23.18
CA GLU A 444 5.97 -24.39 -24.12
C GLU A 444 7.43 -24.52 -23.73
N VAL A 445 7.73 -24.80 -22.47
CA VAL A 445 9.11 -24.97 -22.05
C VAL A 445 9.64 -26.32 -22.48
N LEU A 446 8.87 -27.38 -22.21
CA LEU A 446 9.27 -28.71 -22.67
C LEU A 446 9.43 -28.75 -24.18
N ARG A 447 8.46 -28.19 -24.91
CA ARG A 447 8.63 -28.00 -26.35
C ARG A 447 9.88 -27.18 -26.67
N GLY A 448 10.09 -26.08 -25.94
CA GLY A 448 11.27 -25.27 -26.15
C GLY A 448 12.57 -25.95 -25.77
N LEU A 449 12.49 -26.97 -24.91
CA LEU A 449 13.65 -27.77 -24.55
C LEU A 449 13.88 -28.90 -25.52
N ALA A 450 12.81 -29.61 -25.89
CA ALA A 450 12.92 -30.73 -26.83
C ALA A 450 13.54 -30.28 -28.15
N LEU A 451 13.06 -29.18 -28.70
CA LEU A 451 13.60 -28.66 -29.96
C LEU A 451 14.96 -27.99 -29.77
N GLY A 452 15.13 -27.27 -28.66
CA GLY A 452 16.33 -26.53 -28.38
C GLY A 452 16.20 -25.03 -28.56
N THR A 453 15.00 -24.54 -28.82
CA THR A 453 14.77 -23.12 -29.11
C THR A 453 14.93 -22.28 -27.83
N GLU A 454 14.72 -20.96 -27.99
CA GLU A 454 14.84 -20.02 -26.88
C GLU A 454 13.86 -20.27 -25.74
N SER A 455 12.76 -20.98 -25.98
CA SER A 455 11.75 -21.15 -24.93
C SER A 455 12.28 -21.96 -23.74
N GLY A 456 13.15 -22.94 -23.98
CA GLY A 456 13.64 -23.76 -22.90
C GLY A 456 14.76 -23.15 -22.10
N LEU A 457 15.28 -22.00 -22.54
CA LEU A 457 16.37 -21.35 -21.82
C LEU A 457 15.91 -20.89 -20.45
N PHE A 458 14.79 -20.17 -20.39
CA PHE A 458 14.32 -19.60 -19.13
C PHE A 458 12.81 -19.66 -19.05
N SER A 459 12.31 -19.84 -17.83
CA SER A 459 10.91 -19.85 -17.51
C SER A 459 10.80 -19.41 -16.06
N PRO A 460 9.76 -18.68 -15.68
CA PRO A 460 9.59 -18.36 -14.26
C PRO A 460 9.37 -19.60 -13.41
N CYS A 461 8.92 -20.70 -14.03
CA CYS A 461 8.80 -21.96 -13.30
C CYS A 461 10.13 -22.41 -12.72
N TYR A 462 11.24 -22.00 -13.34
CA TYR A 462 12.57 -22.39 -12.88
C TYR A 462 12.90 -21.79 -11.52
N LEU A 463 12.39 -20.59 -11.22
CA LEU A 463 12.63 -19.91 -9.96
C LEU A 463 11.35 -19.81 -9.13
N SER A 464 10.43 -20.73 -9.34
CA SER A 464 9.14 -20.71 -8.67
C SER A 464 9.19 -21.63 -7.46
N LEU A 465 8.06 -21.68 -6.75
CA LEU A 465 7.91 -22.40 -5.51
C LEU A 465 7.16 -23.71 -5.66
N ARG A 466 6.96 -24.19 -6.89
CA ARG A 466 6.24 -25.44 -7.10
C ARG A 466 7.18 -26.62 -6.88
N PHE A 467 6.73 -27.59 -6.08
CA PHE A 467 7.51 -28.78 -5.78
C PHE A 467 6.76 -30.06 -6.11
N ASP A 468 5.57 -29.95 -6.71
CA ASP A 468 4.76 -31.10 -7.08
C ASP A 468 5.00 -31.56 -8.52
N LEU A 469 6.14 -31.22 -9.12
CA LEU A 469 6.37 -31.48 -10.53
C LEU A 469 7.15 -32.78 -10.73
N THR A 470 6.51 -33.90 -10.38
CA THR A 470 7.09 -35.21 -10.66
C THR A 470 7.14 -35.46 -12.18
N ARG A 471 7.87 -36.52 -12.55
CA ARG A 471 8.04 -36.85 -13.97
C ARG A 471 6.71 -37.06 -14.68
N ASP A 472 5.92 -38.03 -14.22
CA ASP A 472 4.61 -38.33 -14.79
C ASP A 472 3.62 -37.20 -14.57
N LYS A 473 3.90 -36.27 -13.65
CA LYS A 473 3.12 -35.04 -13.56
C LYS A 473 3.42 -34.13 -14.75
N LEU A 474 4.68 -34.04 -15.15
CA LEU A 474 5.06 -33.25 -16.30
C LEU A 474 4.64 -33.91 -17.62
N LEU A 475 4.70 -35.25 -17.67
CA LEU A 475 4.32 -35.96 -18.90
C LEU A 475 2.87 -35.67 -19.29
N SER A 476 2.01 -35.34 -18.32
CA SER A 476 0.65 -34.92 -18.60
C SER A 476 0.55 -33.45 -19.01
N MET A 477 1.69 -32.81 -19.28
CA MET A 477 1.74 -31.43 -19.71
C MET A 477 2.62 -31.23 -20.93
N ALA A 478 3.28 -32.29 -21.40
CA ALA A 478 4.26 -32.21 -22.48
C ALA A 478 3.56 -32.04 -23.83
N PRO A 479 4.30 -31.57 -24.84
CA PRO A 479 3.75 -31.58 -26.21
C PRO A 479 3.54 -33.00 -26.71
N GLN A 480 2.35 -33.25 -27.26
CA GLN A 480 1.98 -34.58 -27.74
C GLN A 480 2.06 -34.69 -29.25
N GLU A 481 2.45 -33.60 -29.92
CA GLU A 481 2.52 -33.58 -31.37
C GLU A 481 3.52 -34.61 -31.90
N ALA A 482 3.04 -35.45 -32.84
CA ALA A 482 3.90 -36.46 -33.44
C ALA A 482 5.07 -35.85 -34.19
N THR A 483 4.94 -34.60 -34.63
CA THR A 483 6.02 -33.91 -35.32
C THR A 483 7.23 -33.74 -34.42
N LEU A 484 7.04 -33.65 -33.11
CA LEU A 484 8.16 -33.66 -32.18
C LEU A 484 8.66 -35.08 -31.96
N ASP A 485 9.87 -35.17 -31.42
CA ASP A 485 10.49 -36.45 -31.10
C ASP A 485 10.19 -36.79 -29.64
N GLN A 486 9.62 -37.97 -29.41
CA GLN A 486 9.27 -38.34 -28.03
C GLN A 486 10.50 -38.55 -27.15
N ALA A 487 11.62 -38.96 -27.74
CA ALA A 487 12.84 -39.10 -26.95
C ALA A 487 13.33 -37.73 -26.46
N ALA A 488 13.34 -36.74 -27.35
CA ALA A 488 13.67 -35.38 -26.93
C ALA A 488 12.65 -34.85 -25.93
N VAL A 489 11.38 -35.22 -26.08
CA VAL A 489 10.36 -34.79 -25.13
C VAL A 489 10.51 -35.53 -23.81
N SER A 490 10.87 -36.81 -23.86
CA SER A 490 11.17 -37.54 -22.63
C SER A 490 12.39 -36.96 -21.94
N ASN A 491 13.45 -36.68 -22.70
CA ASN A 491 14.61 -35.98 -22.16
C ASN A 491 14.19 -34.64 -21.58
N ALA A 492 13.42 -33.85 -22.35
CA ALA A 492 13.08 -32.49 -21.94
C ALA A 492 12.40 -32.48 -20.58
N VAL A 493 11.64 -33.53 -20.28
CA VAL A 493 11.03 -33.63 -18.97
C VAL A 493 12.09 -33.83 -17.89
N ASP A 494 13.06 -34.71 -18.13
CA ASP A 494 14.06 -34.96 -17.10
C ASP A 494 14.88 -33.72 -16.78
N GLY A 495 15.47 -33.11 -17.82
CA GLY A 495 16.19 -31.85 -17.60
C GLY A 495 15.39 -30.82 -16.82
N PHE A 496 14.11 -30.66 -17.18
CA PHE A 496 13.18 -29.73 -16.49
C PHE A 496 12.97 -30.20 -15.06
N LEU A 497 12.96 -31.52 -14.87
CA LEU A 497 12.93 -32.07 -13.53
C LEU A 497 14.29 -32.06 -12.87
N GLY A 498 15.37 -32.14 -13.67
CA GLY A 498 16.70 -31.97 -13.14
C GLY A 498 17.00 -30.55 -12.74
N ARG A 499 16.36 -29.59 -13.41
CA ARG A 499 16.61 -28.18 -13.16
C ARG A 499 15.91 -27.67 -11.91
N LEU A 500 14.98 -28.43 -11.36
CA LEU A 500 14.32 -28.01 -10.12
C LEU A 500 14.63 -28.88 -8.91
N SER A 501 15.30 -30.03 -9.08
CA SER A 501 15.65 -30.86 -7.94
C SER A 501 16.36 -30.04 -6.88
N LEU A 502 15.75 -29.97 -5.69
CA LEU A 502 16.23 -29.09 -4.63
C LEU A 502 17.72 -29.30 -4.30
N GLU A 503 18.14 -30.55 -4.08
CA GLU A 503 19.54 -30.73 -3.73
C GLU A 503 20.44 -30.60 -4.95
N ARG A 504 21.72 -30.34 -4.69
CA ARG A 504 22.81 -30.36 -5.66
C ARG A 504 22.58 -29.34 -6.78
N GLU A 505 21.57 -28.47 -6.60
CA GLU A 505 21.26 -27.36 -7.48
C GLU A 505 21.60 -26.04 -6.84
N ASP A 506 21.11 -25.85 -5.61
CA ASP A 506 21.45 -24.82 -4.63
C ASP A 506 20.87 -23.46 -4.98
N ARG A 507 20.19 -23.29 -6.12
CA ARG A 507 19.47 -22.07 -6.42
C ARG A 507 17.96 -22.19 -6.19
N ASP A 508 17.51 -23.15 -5.40
CA ASP A 508 16.07 -23.32 -5.24
C ASP A 508 15.52 -22.79 -3.91
N ALA A 509 16.09 -23.21 -2.77
CA ALA A 509 15.40 -23.06 -1.50
C ALA A 509 16.44 -22.86 -0.39
N TRP A 510 15.97 -22.99 0.86
CA TRP A 510 16.72 -22.75 2.09
C TRP A 510 16.94 -21.29 2.39
N HIS A 511 16.18 -20.40 1.77
CA HIS A 511 16.31 -18.97 1.99
C HIS A 511 15.05 -18.37 2.62
N LEU A 512 14.00 -19.17 2.80
CA LEU A 512 12.80 -18.60 3.39
C LEU A 512 12.79 -18.91 4.88
N PRO A 513 12.44 -17.94 5.74
CA PRO A 513 12.35 -18.24 7.18
C PRO A 513 11.20 -19.17 7.56
N ALA A 514 10.25 -19.43 6.66
CA ALA A 514 9.22 -20.44 6.94
C ALA A 514 9.70 -21.85 6.63
N TYR A 515 10.83 -22.00 5.97
CA TYR A 515 11.37 -23.31 5.64
C TYR A 515 11.57 -24.16 6.90
N LYS A 516 11.86 -23.51 8.03
CA LYS A 516 12.22 -24.24 9.25
C LYS A 516 11.12 -25.19 9.70
N CYS A 517 9.87 -24.76 9.63
CA CYS A 517 8.72 -25.59 10.02
C CYS A 517 8.30 -26.56 8.91
N VAL A 518 9.23 -27.46 8.61
CA VAL A 518 8.96 -28.62 7.76
C VAL A 518 9.82 -29.76 8.27
N ASP A 519 9.18 -30.87 8.63
CA ASP A 519 9.87 -32.04 9.15
C ASP A 519 10.53 -32.82 8.02
N ARG A 520 9.72 -33.23 7.04
CA ARG A 520 10.21 -33.91 5.85
C ARG A 520 10.20 -32.91 4.71
N LEU A 521 11.36 -32.68 4.10
CA LEU A 521 11.46 -31.63 3.10
C LEU A 521 11.11 -32.12 1.71
N ASP A 522 11.05 -33.43 1.53
CA ASP A 522 10.63 -34.04 0.27
C ASP A 522 9.12 -34.20 0.13
N LYS A 523 8.35 -33.95 1.19
CA LYS A 523 6.91 -34.08 1.12
C LYS A 523 6.19 -32.78 0.82
N VAL A 524 6.91 -31.69 0.59
CA VAL A 524 6.29 -30.40 0.30
C VAL A 524 5.76 -30.40 -1.13
N LEU A 525 4.70 -29.63 -1.38
CA LEU A 525 4.14 -29.51 -2.72
C LEU A 525 4.17 -28.10 -3.28
N MET A 526 3.85 -27.09 -2.47
CA MET A 526 3.82 -25.71 -2.96
C MET A 526 3.85 -24.77 -1.76
N ILE A 527 4.51 -23.63 -1.91
CA ILE A 527 4.72 -22.67 -0.84
C ILE A 527 4.38 -21.28 -1.36
N ILE A 528 3.27 -20.71 -0.89
CA ILE A 528 2.81 -19.40 -1.31
C ILE A 528 3.09 -18.41 -0.19
N PRO A 529 4.08 -17.53 -0.33
CA PRO A 529 4.24 -16.40 0.60
C PRO A 529 3.35 -15.24 0.21
N LEU A 530 2.42 -14.86 1.10
CA LEU A 530 1.68 -13.62 0.94
C LEU A 530 2.20 -12.59 1.94
N ILE A 531 1.61 -11.41 1.93
CA ILE A 531 1.94 -10.43 2.96
C ILE A 531 1.36 -10.88 4.29
N ASN A 532 2.20 -10.92 5.32
CA ASN A 532 1.91 -11.26 6.69
C ASN A 532 1.69 -12.75 6.93
N VAL A 533 1.70 -13.57 5.88
CA VAL A 533 1.55 -15.02 6.02
C VAL A 533 2.27 -15.70 4.87
N THR A 534 2.83 -16.88 5.14
CA THR A 534 3.12 -17.83 4.07
C THR A 534 2.30 -19.09 4.33
N PHE A 535 2.09 -19.87 3.28
CA PHE A 535 1.41 -21.15 3.41
C PHE A 535 2.34 -22.27 2.96
N ILE A 536 2.22 -23.43 3.58
CA ILE A 536 3.06 -24.57 3.25
C ILE A 536 2.11 -25.71 2.90
N ILE A 537 1.84 -25.87 1.61
CA ILE A 537 1.01 -26.97 1.12
C ILE A 537 1.88 -28.20 0.94
N SER A 538 1.47 -29.31 1.54
CA SER A 538 2.29 -30.51 1.47
C SER A 538 1.41 -31.73 1.70
N SER A 539 1.98 -32.90 1.43
CA SER A 539 1.46 -34.15 1.95
C SER A 539 2.03 -34.47 3.33
N ASP A 540 3.05 -33.74 3.77
CA ASP A 540 3.62 -33.95 5.10
C ASP A 540 2.64 -33.50 6.17
N ARG A 541 2.43 -34.37 7.16
CA ARG A 541 1.55 -34.08 8.29
C ARG A 541 2.29 -33.35 9.41
N GLU A 542 3.50 -33.81 9.76
CA GLU A 542 4.21 -33.27 10.91
C GLU A 542 4.81 -31.92 10.51
N VAL A 543 4.05 -30.85 10.78
CA VAL A 543 4.42 -29.50 10.40
C VAL A 543 4.12 -28.57 11.57
N ARG A 544 4.97 -27.54 11.75
CA ARG A 544 4.78 -26.58 12.83
C ARG A 544 4.07 -25.30 12.38
N GLY A 545 3.26 -25.36 11.32
CA GLY A 545 2.40 -24.23 11.01
C GLY A 545 1.44 -23.93 12.14
N SER A 546 0.91 -22.71 12.13
CA SER A 546 -0.06 -22.33 13.16
C SER A 546 -1.30 -23.22 13.09
N ALA A 547 -2.01 -23.20 11.95
CA ALA A 547 -3.15 -24.06 11.71
C ALA A 547 -2.73 -25.31 10.94
N LEU A 548 -3.71 -26.11 10.53
CA LEU A 548 -3.51 -27.24 9.63
C LEU A 548 -4.84 -27.58 8.98
N TYR A 549 -4.88 -27.68 7.65
CA TYR A 549 -6.11 -28.07 6.97
C TYR A 549 -5.87 -29.30 6.12
N GLU A 550 -6.95 -30.02 5.84
CA GLU A 550 -6.92 -31.15 4.91
C GLU A 550 -8.12 -31.07 3.98
N ALA A 551 -7.90 -30.75 2.71
CA ALA A 551 -8.96 -31.01 1.74
C ALA A 551 -9.11 -32.51 1.52
N SER A 552 -10.29 -32.90 1.03
CA SER A 552 -10.61 -34.32 0.78
C SER A 552 -9.92 -34.79 -0.49
N THR A 553 -8.62 -35.09 -0.38
CA THR A 553 -7.80 -35.13 -1.59
C THR A 553 -8.27 -36.21 -2.56
N THR A 554 -8.23 -37.47 -2.15
CA THR A 554 -8.97 -38.62 -2.67
C THR A 554 -8.57 -39.77 -1.75
N TYR A 555 -9.22 -40.92 -1.90
CA TYR A 555 -8.51 -42.15 -1.52
C TYR A 555 -7.74 -42.79 -2.68
N LEU A 556 -6.88 -42.04 -3.37
CA LEU A 556 -5.63 -42.55 -3.96
C LEU A 556 -4.38 -41.92 -3.36
N SER A 557 -4.31 -40.61 -3.30
CA SER A 557 -3.04 -39.89 -3.16
C SER A 557 -2.69 -39.66 -1.70
N SER A 558 -1.40 -39.44 -1.45
CA SER A 558 -0.85 -39.36 -0.10
C SER A 558 -1.64 -38.42 0.80
N SER A 559 -1.73 -37.14 0.43
CA SER A 559 -2.44 -36.14 1.25
C SER A 559 -2.49 -34.82 0.48
N LEU A 560 -3.17 -33.84 1.07
CA LEU A 560 -3.03 -32.43 0.69
C LEU A 560 -3.27 -31.58 1.94
N PHE A 561 -2.18 -31.14 2.59
CA PHE A 561 -2.28 -30.33 3.80
C PHE A 561 -1.90 -28.88 3.49
N LEU A 562 -2.44 -27.96 4.28
CA LEU A 562 -2.23 -26.52 4.10
C LEU A 562 -1.89 -25.90 5.45
N SER A 563 -0.61 -25.60 5.69
CA SER A 563 -0.19 -25.04 6.96
C SER A 563 0.16 -23.56 6.82
N PRO A 564 -0.67 -22.64 7.31
CA PRO A 564 -0.34 -21.21 7.25
C PRO A 564 0.62 -20.80 8.37
N VAL A 565 1.83 -20.40 7.99
CA VAL A 565 2.79 -19.83 8.94
C VAL A 565 2.52 -18.34 9.08
N ILE A 566 2.24 -17.90 10.32
CA ILE A 566 1.90 -16.51 10.61
C ILE A 566 3.16 -15.73 10.94
N MET A 567 3.34 -14.58 10.27
CA MET A 567 4.48 -13.70 10.45
C MET A 567 5.81 -14.44 10.27
N ASN A 568 5.79 -15.46 9.40
CA ASN A 568 7.00 -16.17 9.00
C ASN A 568 7.73 -16.74 10.22
N LYS A 569 6.95 -17.21 11.20
CA LYS A 569 7.49 -17.77 12.44
C LYS A 569 6.82 -19.11 12.70
N CYS A 570 7.64 -20.13 12.85
CA CYS A 570 7.18 -21.51 13.01
C CYS A 570 6.77 -21.74 14.46
N SER A 571 6.51 -23.00 14.82
CA SER A 571 6.02 -23.33 16.16
C SER A 571 6.88 -24.41 16.82
N GLN A 572 6.44 -24.90 17.97
CA GLN A 572 7.22 -25.76 18.84
C GLN A 572 6.77 -27.22 18.78
N GLY A 573 5.82 -27.54 17.90
CA GLY A 573 5.37 -28.90 17.71
C GLY A 573 4.15 -28.98 16.81
N ALA A 574 4.05 -30.07 16.05
CA ALA A 574 2.95 -30.25 15.12
C ALA A 574 1.61 -30.22 15.85
N VAL A 575 0.70 -29.36 15.39
CA VAL A 575 -0.63 -29.27 15.99
C VAL A 575 -1.29 -30.65 15.99
N ALA A 576 -1.88 -30.99 17.13
CA ALA A 576 -2.46 -32.31 17.35
C ALA A 576 -3.96 -32.30 17.08
N GLY A 577 -4.52 -33.50 17.00
CA GLY A 577 -5.95 -33.63 16.74
C GLY A 577 -6.28 -33.58 15.26
N GLU A 578 -7.40 -34.22 14.92
CA GLU A 578 -7.93 -34.35 13.56
C GLU A 578 -7.87 -33.02 12.84
N PRO A 579 -7.34 -32.96 11.62
CA PRO A 579 -7.18 -31.67 10.95
C PRO A 579 -8.50 -30.92 10.77
N ARG A 580 -8.37 -29.62 10.56
CA ARG A 580 -9.48 -28.70 10.39
C ARG A 580 -10.23 -28.99 9.09
N GLN A 581 -11.34 -28.27 8.89
CA GLN A 581 -12.15 -28.36 7.68
C GLN A 581 -12.10 -27.00 6.99
N ILE A 582 -11.91 -27.01 5.68
CA ILE A 582 -11.91 -25.79 4.87
C ILE A 582 -13.34 -25.27 4.75
N PRO A 583 -13.65 -24.10 5.30
CA PRO A 583 -15.03 -23.58 5.24
C PRO A 583 -15.41 -23.19 3.82
N LYS A 584 -16.46 -23.82 3.31
CA LYS A 584 -16.93 -23.53 1.96
C LYS A 584 -17.66 -22.18 1.92
N ILE A 585 -17.75 -21.62 0.72
CA ILE A 585 -18.34 -20.30 0.52
C ILE A 585 -19.23 -20.33 -0.72
N GLN A 586 -20.54 -20.15 -0.53
CA GLN A 586 -21.47 -19.94 -1.63
C GLN A 586 -22.02 -18.52 -1.74
N ASN A 587 -22.06 -17.76 -0.64
CA ASN A 587 -22.57 -16.39 -0.67
C ASN A 587 -21.46 -15.43 -1.09
N PHE A 588 -21.14 -15.50 -2.39
CA PHE A 588 -20.14 -14.64 -3.01
C PHE A 588 -20.51 -14.45 -4.47
N THR A 589 -20.59 -13.19 -4.91
CA THR A 589 -21.04 -12.83 -6.23
C THR A 589 -19.87 -12.65 -7.19
N ARG A 590 -20.11 -12.92 -8.47
CA ARG A 590 -19.06 -12.85 -9.48
C ARG A 590 -18.70 -11.43 -9.88
N THR A 591 -19.54 -10.46 -9.59
CA THR A 591 -19.29 -9.07 -9.96
C THR A 591 -18.77 -8.31 -8.75
N GLN A 592 -17.56 -7.75 -8.87
CA GLN A 592 -16.97 -6.92 -7.84
C GLN A 592 -16.55 -5.60 -8.44
N LYS A 593 -16.32 -4.63 -7.57
CA LYS A 593 -15.83 -3.31 -7.95
C LYS A 593 -14.67 -2.88 -7.05
N SER A 594 -14.10 -3.82 -6.30
CA SER A 594 -13.11 -3.55 -5.28
C SER A 594 -12.16 -4.73 -5.20
N CYS A 595 -11.00 -4.50 -4.57
CA CYS A 595 -9.85 -5.38 -4.65
C CYS A 595 -9.79 -6.38 -3.50
N ILE A 596 -10.94 -6.75 -2.93
CA ILE A 596 -11.04 -7.49 -1.68
C ILE A 596 -10.05 -8.65 -1.64
N PHE A 597 -9.79 -9.27 -2.78
CA PHE A 597 -8.83 -10.36 -2.88
C PHE A 597 -7.40 -9.88 -3.14
N CYS A 598 -7.12 -8.57 -3.07
CA CYS A 598 -5.74 -8.08 -3.12
C CYS A 598 -4.88 -8.76 -2.06
N GLY A 599 -3.69 -9.18 -2.48
CA GLY A 599 -2.77 -9.89 -1.63
C GLY A 599 -3.23 -11.27 -1.22
N PHE A 600 -4.16 -11.86 -1.97
CA PHE A 600 -4.64 -13.20 -1.70
C PHE A 600 -4.28 -14.10 -2.87
N ALA A 601 -3.81 -15.30 -2.57
CA ALA A 601 -3.59 -16.33 -3.58
C ALA A 601 -4.84 -17.15 -3.76
N LEU A 602 -5.10 -17.57 -5.00
CA LEU A 602 -6.26 -18.37 -5.34
C LEU A 602 -5.76 -19.66 -5.98
N LEU A 603 -5.76 -20.75 -5.22
CA LEU A 603 -5.27 -22.04 -5.70
C LEU A 603 -6.40 -22.83 -6.38
N SER A 604 -5.98 -23.72 -7.28
CA SER A 604 -6.90 -24.58 -8.02
C SER A 604 -6.25 -25.93 -8.20
N TYR A 605 -6.88 -26.98 -7.67
CA TYR A 605 -6.30 -28.30 -7.64
C TYR A 605 -7.37 -29.31 -8.07
N ASP A 606 -6.93 -30.55 -8.27
CA ASP A 606 -7.81 -31.64 -8.65
C ASP A 606 -7.63 -32.77 -7.65
N GLU A 607 -8.72 -33.52 -7.42
CA GLU A 607 -8.68 -34.54 -6.39
C GLU A 607 -7.74 -35.69 -6.71
N LYS A 608 -7.44 -35.91 -7.98
CA LYS A 608 -6.56 -36.99 -8.39
C LYS A 608 -5.23 -36.48 -8.91
N GLU A 609 -5.28 -35.50 -9.83
CA GLU A 609 -4.05 -35.00 -10.44
C GLU A 609 -3.19 -34.22 -9.46
N GLY A 610 -3.82 -33.41 -8.61
CA GLY A 610 -3.08 -32.58 -7.69
C GLY A 610 -3.29 -31.10 -7.95
N LEU A 611 -2.38 -30.26 -7.45
CA LEU A 611 -2.48 -28.83 -7.68
C LEU A 611 -2.35 -28.53 -9.16
N GLU A 612 -3.21 -27.67 -9.68
CA GLU A 612 -3.17 -27.33 -11.09
C GLU A 612 -2.76 -25.90 -11.40
N THR A 613 -3.42 -24.90 -10.81
CA THR A 613 -3.15 -23.51 -11.16
C THR A 613 -3.11 -22.66 -9.90
N THR A 614 -2.27 -21.63 -9.94
CA THR A 614 -2.13 -20.68 -8.84
C THR A 614 -2.21 -19.27 -9.41
N THR A 615 -2.95 -18.40 -8.73
CA THR A 615 -3.02 -16.99 -9.12
C THR A 615 -2.89 -16.14 -7.87
N TYR A 616 -2.00 -15.16 -7.93
CA TYR A 616 -1.84 -14.15 -6.88
C TYR A 616 -2.44 -12.83 -7.36
N ILE A 617 -3.47 -12.37 -6.67
CA ILE A 617 -4.27 -11.24 -7.13
C ILE A 617 -3.55 -9.96 -6.72
N THR A 618 -2.72 -9.43 -7.62
CA THR A 618 -1.90 -8.26 -7.29
C THR A 618 -2.61 -6.94 -7.54
N SER A 619 -3.58 -6.92 -8.45
CA SER A 619 -4.20 -5.67 -8.86
C SER A 619 -5.66 -5.92 -9.16
N GLN A 620 -6.43 -4.83 -9.23
CA GLN A 620 -7.84 -4.94 -9.61
C GLN A 620 -8.01 -5.65 -10.95
N GLU A 621 -7.05 -5.51 -11.86
CA GLU A 621 -7.12 -6.17 -13.16
C GLU A 621 -7.01 -7.69 -13.04
N VAL A 622 -6.05 -8.16 -12.24
CA VAL A 622 -5.88 -9.59 -12.05
C VAL A 622 -7.16 -10.22 -11.51
N GLN A 623 -7.84 -9.50 -10.61
CA GLN A 623 -9.10 -10.00 -10.07
C GLN A 623 -10.20 -10.01 -11.13
N ASN A 624 -10.32 -8.93 -11.91
CA ASN A 624 -11.34 -8.88 -12.93
C ASN A 624 -11.19 -10.02 -13.93
N SER A 625 -9.94 -10.36 -14.28
CA SER A 625 -9.71 -11.46 -15.22
C SER A 625 -10.28 -12.77 -14.68
N ILE A 626 -9.91 -13.14 -13.44
CA ILE A 626 -10.39 -14.39 -12.86
C ILE A 626 -11.91 -14.45 -12.85
N LEU A 627 -12.56 -13.40 -12.36
CA LEU A 627 -14.02 -13.43 -12.21
C LEU A 627 -14.72 -13.42 -13.58
N SER A 628 -14.38 -12.46 -14.42
CA SER A 628 -15.08 -12.29 -15.69
C SER A 628 -14.86 -13.45 -16.65
N SER A 629 -13.81 -14.24 -16.46
CA SER A 629 -13.52 -15.36 -17.34
C SER A 629 -14.15 -16.65 -16.81
N ASN A 630 -13.91 -17.74 -17.54
CA ASN A 630 -14.45 -19.07 -17.28
C ASN A 630 -13.68 -19.83 -16.21
N TYR A 631 -12.76 -19.16 -15.50
CA TYR A 631 -11.91 -19.82 -14.50
C TYR A 631 -12.72 -20.67 -13.54
N PHE A 632 -13.85 -20.15 -13.05
CA PHE A 632 -14.67 -20.90 -12.11
C PHE A 632 -15.53 -21.89 -12.90
N ASP A 633 -15.05 -23.14 -12.98
CA ASP A 633 -15.75 -24.25 -13.62
C ASP A 633 -15.99 -25.31 -12.55
N PHE A 634 -17.23 -25.41 -12.08
CA PHE A 634 -17.59 -26.43 -11.09
C PHE A 634 -18.16 -27.69 -11.71
N ASP A 635 -18.22 -27.76 -13.05
CA ASP A 635 -18.78 -28.93 -13.72
C ASP A 635 -18.02 -30.19 -13.34
N ASN A 636 -16.71 -30.07 -13.16
CA ASN A 636 -15.87 -31.19 -12.74
C ASN A 636 -15.81 -31.20 -11.21
N LEU A 637 -16.39 -32.23 -10.60
CA LEU A 637 -16.47 -32.32 -9.15
C LEU A 637 -15.10 -32.55 -8.50
N HIS A 638 -14.15 -33.08 -9.26
CA HIS A 638 -12.83 -33.40 -8.74
C HIS A 638 -11.95 -32.17 -8.52
N VAL A 639 -12.35 -31.00 -9.01
CA VAL A 639 -11.51 -29.81 -8.95
C VAL A 639 -12.13 -28.82 -7.97
N HIS A 640 -11.38 -28.41 -6.96
CA HIS A 640 -11.85 -27.42 -5.99
C HIS A 640 -10.97 -26.19 -6.06
N TYR A 641 -11.47 -25.07 -5.52
CA TYR A 641 -10.82 -23.78 -5.69
C TYR A 641 -10.62 -23.15 -4.31
N LEU A 642 -9.48 -23.43 -3.69
CA LEU A 642 -9.19 -22.85 -2.39
C LEU A 642 -8.83 -21.36 -2.54
N LEU A 643 -8.87 -20.64 -1.42
CA LEU A 643 -8.56 -19.22 -1.39
C LEU A 643 -7.73 -18.93 -0.14
N LEU A 644 -6.53 -18.41 -0.35
CA LEU A 644 -5.54 -18.23 0.70
C LEU A 644 -5.51 -16.75 1.08
N THR A 645 -5.98 -16.44 2.29
CA THR A 645 -6.03 -15.06 2.75
C THR A 645 -4.69 -14.65 3.38
N THR A 646 -4.59 -13.35 3.70
CA THR A 646 -3.46 -12.87 4.49
C THR A 646 -3.67 -13.06 5.98
N ASN A 647 -4.90 -13.33 6.41
CA ASN A 647 -5.20 -13.61 7.81
C ASN A 647 -4.88 -15.04 8.19
N GLY A 648 -4.41 -15.85 7.24
CA GLY A 648 -4.04 -17.23 7.51
C GLY A 648 -5.14 -18.24 7.29
N THR A 649 -6.29 -17.82 6.78
CA THR A 649 -7.42 -18.71 6.59
C THR A 649 -7.47 -19.23 5.15
N VAL A 650 -7.84 -20.50 5.01
CA VAL A 650 -8.10 -21.11 3.71
C VAL A 650 -9.60 -21.29 3.57
N MET A 651 -10.15 -20.87 2.43
CA MET A 651 -11.58 -20.85 2.22
C MET A 651 -11.89 -21.37 0.83
N GLU A 652 -12.70 -22.42 0.75
CA GLU A 652 -13.05 -23.03 -0.53
C GLU A 652 -14.27 -22.34 -1.12
N ILE A 653 -14.18 -21.95 -2.38
CA ILE A 653 -15.31 -21.43 -3.13
C ILE A 653 -15.96 -22.59 -3.87
N ALA A 654 -17.20 -22.92 -3.51
CA ALA A 654 -17.95 -23.97 -4.16
C ALA A 654 -18.96 -23.44 -5.17
N GLY A 655 -19.23 -22.14 -5.16
CA GLY A 655 -20.19 -21.58 -6.09
C GLY A 655 -20.26 -20.08 -5.93
N LEU A 656 -21.05 -19.46 -6.83
CA LEU A 656 -21.16 -18.01 -6.90
C LEU A 656 -22.62 -17.60 -6.94
N TYR A 657 -22.88 -16.30 -7.14
CA TYR A 657 -24.21 -15.89 -7.58
C TYR A 657 -24.26 -15.89 -9.11
N TRP B 1 75.93 -10.37 -55.57
CA TRP B 1 77.33 -9.89 -55.55
C TRP B 1 78.24 -10.73 -56.45
N ALA B 2 79.46 -11.01 -55.98
CA ALA B 2 80.42 -11.67 -56.86
C ALA B 2 80.35 -13.18 -56.73
N TYR B 3 79.78 -13.67 -55.64
CA TYR B 3 79.49 -15.09 -55.48
C TYR B 3 78.19 -15.22 -54.70
N PRO B 4 77.04 -15.17 -55.40
CA PRO B 4 75.74 -15.15 -54.70
C PRO B 4 75.28 -16.48 -54.11
N CYS B 5 75.58 -17.58 -54.80
CA CYS B 5 74.98 -18.88 -54.52
C CYS B 5 75.92 -19.72 -53.67
N CYS B 6 75.68 -19.74 -52.38
CA CYS B 6 76.49 -20.49 -51.43
C CYS B 6 75.68 -21.65 -50.85
N HIS B 7 76.30 -22.38 -49.93
CA HIS B 7 75.67 -23.54 -49.30
C HIS B 7 75.43 -23.25 -47.82
N VAL B 8 74.18 -23.41 -47.39
CA VAL B 8 73.83 -23.15 -46.00
C VAL B 8 74.11 -24.39 -45.16
N THR B 9 75.01 -24.26 -44.19
CA THR B 9 75.18 -25.27 -43.15
C THR B 9 75.33 -24.58 -41.80
N GLN B 10 74.91 -25.28 -40.76
CA GLN B 10 75.04 -24.79 -39.39
C GLN B 10 76.50 -24.62 -39.01
N LEU B 11 76.86 -23.41 -38.56
CA LEU B 11 78.26 -23.14 -38.22
C LEU B 11 78.71 -23.99 -37.03
N ARG B 12 77.79 -24.21 -36.09
CA ARG B 12 77.71 -25.29 -35.11
C ARG B 12 78.70 -25.18 -33.95
N ALA B 13 79.59 -24.19 -33.97
CA ALA B 13 80.10 -23.44 -32.82
C ALA B 13 81.01 -22.37 -33.40
N GLN B 14 81.25 -21.33 -32.60
CA GLN B 14 82.48 -20.53 -32.59
C GLN B 14 82.97 -20.19 -33.99
N HIS B 15 82.07 -19.93 -34.92
CA HIS B 15 82.50 -19.34 -36.18
C HIS B 15 81.50 -18.26 -36.57
N LEU B 16 80.60 -17.90 -35.66
CA LEU B 16 79.43 -17.12 -35.95
C LEU B 16 79.81 -15.67 -36.26
N LEU B 17 78.80 -14.87 -36.57
CA LEU B 17 78.92 -13.42 -36.54
C LEU B 17 77.78 -12.83 -35.69
N ALA B 18 76.63 -13.51 -35.65
CA ALA B 18 75.62 -13.33 -34.61
C ALA B 18 74.85 -12.02 -34.69
N LEU B 19 75.02 -11.26 -35.77
CA LEU B 19 74.33 -10.02 -36.14
C LEU B 19 74.77 -8.81 -35.34
N GLU B 20 75.65 -8.95 -34.37
CA GLU B 20 76.24 -7.75 -33.79
C GLU B 20 77.45 -7.33 -34.60
N ASN B 21 78.09 -8.29 -35.26
CA ASN B 21 79.17 -8.04 -36.21
C ASN B 21 78.72 -8.25 -37.65
N ILE B 22 77.42 -8.17 -37.93
CA ILE B 22 76.88 -8.16 -39.28
C ILE B 22 76.55 -6.72 -39.67
N SER B 23 76.93 -6.34 -40.87
CA SER B 23 76.66 -4.99 -41.39
C SER B 23 76.05 -4.99 -42.78
N ASP B 24 76.20 -6.05 -43.55
CA ASP B 24 75.60 -6.15 -44.87
C ASP B 24 75.05 -7.55 -45.05
N ILE B 25 73.88 -7.64 -45.66
CA ILE B 25 73.19 -8.90 -45.91
C ILE B 25 72.72 -8.86 -47.36
N TYR B 26 73.12 -9.85 -48.14
CA TYR B 26 72.74 -9.95 -49.54
C TYR B 26 71.69 -11.05 -49.71
N LEU B 27 70.59 -10.73 -50.39
CA LEU B 27 69.50 -11.67 -50.63
C LEU B 27 69.40 -11.97 -52.11
N VAL B 28 69.58 -13.23 -52.48
CA VAL B 28 69.50 -13.65 -53.88
C VAL B 28 68.05 -13.60 -54.36
N SER B 29 67.86 -13.64 -55.67
CA SER B 29 66.54 -13.51 -56.27
C SER B 29 65.93 -14.88 -56.58
N ASN B 30 64.73 -14.80 -57.16
CA ASN B 30 63.95 -15.96 -57.58
C ASN B 30 64.56 -16.65 -58.81
N GLN B 31 65.26 -15.90 -59.68
CA GLN B 31 65.95 -16.50 -60.81
C GLN B 31 67.45 -16.66 -60.60
N THR B 32 68.04 -15.99 -59.61
CA THR B 32 69.50 -16.03 -59.48
C THR B 32 70.03 -17.40 -59.10
N CYS B 33 69.25 -18.20 -58.38
CA CYS B 33 69.85 -19.38 -57.78
C CYS B 33 69.02 -20.63 -58.03
N ASP B 34 68.26 -20.65 -59.13
CA ASP B 34 67.35 -21.73 -59.51
C ASP B 34 66.25 -21.96 -58.47
N GLY B 35 65.92 -20.94 -57.69
CA GLY B 35 64.81 -20.99 -56.77
C GLY B 35 65.19 -21.16 -55.32
N PHE B 36 66.47 -21.07 -55.00
CA PHE B 36 66.98 -21.18 -53.64
C PHE B 36 67.04 -19.80 -53.00
N SER B 37 66.38 -19.64 -51.86
CA SER B 37 66.40 -18.38 -51.12
C SER B 37 67.63 -18.45 -50.23
N LEU B 38 68.74 -17.93 -50.73
CA LEU B 38 69.99 -17.94 -49.98
C LEU B 38 70.38 -16.51 -49.62
N ALA B 39 71.05 -16.37 -48.48
CA ALA B 39 71.51 -15.09 -48.01
C ALA B 39 72.99 -15.20 -47.65
N SER B 40 73.66 -14.04 -47.62
CA SER B 40 75.07 -13.98 -47.22
C SER B 40 75.23 -12.83 -46.22
N LEU B 41 75.62 -13.18 -45.01
CA LEU B 41 75.85 -12.23 -43.92
C LEU B 41 77.31 -11.77 -43.91
N ASN B 42 77.55 -10.45 -43.80
CA ASN B 42 78.89 -9.90 -43.94
C ASN B 42 79.25 -8.95 -42.80
N SER B 43 80.61 -8.82 -42.49
CA SER B 43 81.14 -7.87 -41.51
C SER B 43 81.60 -6.59 -42.21
N PRO B 44 81.73 -5.47 -41.48
CA PRO B 44 82.01 -4.20 -42.20
C PRO B 44 83.34 -4.13 -42.93
N LYS B 45 84.47 -4.40 -42.28
CA LYS B 45 85.81 -4.81 -42.73
C LYS B 45 86.64 -5.18 -41.49
N ASN B 46 87.50 -6.19 -41.57
CA ASN B 46 88.39 -6.50 -40.46
C ASN B 46 89.82 -6.04 -40.77
N GLY B 47 90.40 -5.28 -39.84
CA GLY B 47 91.84 -5.10 -39.67
C GLY B 47 92.60 -4.53 -40.87
N SER B 48 93.84 -5.01 -41.04
CA SER B 48 94.72 -4.50 -42.08
C SER B 48 94.31 -5.03 -43.45
N ASN B 49 94.09 -6.35 -43.55
CA ASN B 49 93.74 -6.97 -44.83
C ASN B 49 92.37 -6.52 -45.31
N GLN B 50 91.53 -6.02 -44.40
CA GLN B 50 90.24 -5.43 -44.74
C GLN B 50 89.26 -6.48 -45.24
N LEU B 51 89.42 -7.73 -44.81
CA LEU B 51 88.56 -8.80 -45.31
C LEU B 51 87.18 -8.71 -44.71
N VAL B 52 86.18 -9.06 -45.52
CA VAL B 52 84.78 -9.07 -45.13
C VAL B 52 84.38 -10.52 -44.88
N ILE B 53 84.16 -10.85 -43.61
CA ILE B 53 83.76 -12.21 -43.24
C ILE B 53 82.34 -12.45 -43.73
N SER B 54 82.13 -13.58 -44.40
CA SER B 54 80.83 -13.90 -45.01
C SER B 54 80.42 -15.33 -44.67
N ARG B 55 79.23 -15.49 -44.10
CA ARG B 55 78.61 -16.81 -44.02
C ARG B 55 77.31 -16.87 -44.80
N CYS B 56 76.94 -18.10 -45.15
CA CYS B 56 75.77 -18.37 -45.96
C CYS B 56 74.57 -18.59 -45.05
N ALA B 57 73.44 -17.96 -45.39
CA ALA B 57 72.27 -17.97 -44.54
C ALA B 57 71.07 -18.49 -45.30
N ASN B 58 70.13 -19.07 -44.56
CA ASN B 58 68.86 -19.50 -45.13
C ASN B 58 68.00 -18.27 -45.38
N GLY B 59 67.78 -17.95 -46.65
CA GLY B 59 67.06 -16.76 -47.05
C GLY B 59 65.66 -16.66 -46.49
N LEU B 60 64.80 -17.64 -46.77
CA LEU B 60 63.43 -17.61 -46.27
C LEU B 60 63.37 -17.31 -44.77
N ASN B 61 64.28 -17.90 -43.99
CA ASN B 61 64.34 -17.58 -42.56
C ASN B 61 64.68 -16.11 -42.35
N VAL B 62 65.78 -15.65 -42.96
CA VAL B 62 66.26 -14.30 -42.71
C VAL B 62 65.28 -13.25 -43.24
N VAL B 63 64.64 -13.54 -44.37
CA VAL B 63 63.61 -12.64 -44.90
C VAL B 63 62.47 -12.52 -43.89
N SER B 64 61.88 -13.66 -43.51
CA SER B 64 60.80 -13.66 -42.53
C SER B 64 61.22 -13.01 -41.21
N PHE B 65 62.51 -12.99 -40.90
CA PHE B 65 62.99 -12.29 -39.71
C PHE B 65 62.81 -10.78 -39.85
N PHE B 66 63.35 -10.19 -40.92
CA PHE B 66 63.19 -8.75 -41.12
C PHE B 66 61.73 -8.35 -41.28
N ILE B 67 60.92 -9.20 -41.92
CA ILE B 67 59.51 -8.89 -42.10
C ILE B 67 58.85 -8.73 -40.74
N SER B 68 59.08 -9.68 -39.84
CA SER B 68 58.50 -9.59 -38.51
C SER B 68 59.12 -8.44 -37.71
N ILE B 69 60.42 -8.18 -37.90
CA ILE B 69 61.05 -7.04 -37.21
C ILE B 69 60.32 -5.75 -37.55
N LEU B 70 60.07 -5.53 -38.84
CA LEU B 70 59.35 -4.34 -39.28
C LEU B 70 57.94 -4.30 -38.70
N LYS B 71 57.15 -5.36 -38.95
CA LYS B 71 55.81 -5.43 -38.39
C LYS B 71 55.82 -5.17 -36.88
N ARG B 72 56.69 -5.89 -36.15
CA ARG B 72 56.82 -5.71 -34.70
C ARG B 72 57.11 -4.26 -34.32
N SER B 73 57.75 -3.51 -35.19
CA SER B 73 58.12 -2.13 -34.90
C SER B 73 57.42 -1.17 -35.86
N SER B 74 56.14 -1.45 -36.14
CA SER B 74 55.41 -0.80 -37.23
C SER B 74 55.34 0.70 -37.07
N SER B 75 55.33 1.21 -35.83
CA SER B 75 55.21 2.66 -35.64
C SER B 75 56.27 3.46 -36.39
N ALA B 76 57.56 3.21 -36.10
CA ALA B 76 58.61 4.12 -36.59
C ALA B 76 58.65 4.22 -38.10
N LEU B 77 58.90 3.11 -38.78
CA LEU B 77 58.47 2.82 -40.16
C LEU B 77 58.63 4.01 -41.12
N THR B 78 59.88 4.45 -41.26
CA THR B 78 60.18 5.55 -42.17
C THR B 78 59.93 5.10 -43.61
N GLY B 79 59.58 6.06 -44.47
CA GLY B 79 58.99 5.74 -45.77
C GLY B 79 59.68 4.62 -46.52
N HIS B 80 61.02 4.67 -46.61
CA HIS B 80 61.70 3.58 -47.32
C HIS B 80 61.73 2.33 -46.44
N LEU B 81 61.68 2.51 -45.12
CA LEU B 81 61.69 1.39 -44.20
C LEU B 81 60.44 0.54 -44.37
N ARG B 82 59.28 1.17 -44.64
CA ARG B 82 58.07 0.42 -44.93
C ARG B 82 57.95 0.06 -46.40
N GLU B 83 58.83 0.60 -47.23
CA GLU B 83 58.91 0.14 -48.60
C GLU B 83 59.80 -1.09 -48.69
N LEU B 84 60.69 -1.26 -47.71
CA LEU B 84 61.38 -2.53 -47.56
C LEU B 84 60.41 -3.64 -47.20
N LEU B 85 59.59 -3.42 -46.17
CA LEU B 85 58.62 -4.43 -45.74
C LEU B 85 57.80 -4.97 -46.89
N THR B 86 57.35 -4.10 -47.80
CA THR B 86 56.55 -4.62 -48.90
C THR B 86 57.40 -5.27 -49.98
N THR B 87 58.64 -4.80 -50.15
CA THR B 87 59.58 -5.46 -51.04
C THR B 87 59.99 -6.83 -50.50
N LEU B 88 60.22 -6.92 -49.19
CA LEU B 88 60.59 -8.20 -48.61
C LEU B 88 59.44 -9.20 -48.72
N GLU B 89 58.22 -8.78 -48.36
CA GLU B 89 57.08 -9.69 -48.42
C GLU B 89 56.90 -10.24 -49.84
N THR B 90 56.97 -9.37 -50.85
CA THR B 90 56.81 -9.83 -52.22
C THR B 90 57.97 -10.72 -52.65
N LEU B 91 59.19 -10.43 -52.18
CA LEU B 91 60.32 -11.29 -52.48
C LEU B 91 60.14 -12.67 -51.84
N TYR B 92 59.81 -12.69 -50.56
CA TYR B 92 59.46 -13.94 -49.88
C TYR B 92 58.32 -14.65 -50.60
N GLY B 93 57.31 -13.89 -51.06
CA GLY B 93 56.23 -14.51 -51.80
C GLY B 93 56.60 -14.96 -53.19
N SER B 94 57.74 -14.50 -53.71
CA SER B 94 58.16 -14.94 -55.03
C SER B 94 58.77 -16.33 -55.02
N PHE B 95 59.20 -16.85 -53.87
CA PHE B 95 59.81 -18.18 -53.83
C PHE B 95 58.74 -19.21 -53.46
N SER B 96 58.84 -20.37 -54.07
CA SER B 96 57.97 -21.50 -53.79
C SER B 96 58.72 -22.56 -53.00
N VAL B 97 58.14 -23.00 -51.90
CA VAL B 97 58.78 -24.02 -51.07
C VAL B 97 58.33 -25.42 -51.48
N GLU B 98 57.31 -25.52 -52.33
CA GLU B 98 56.85 -26.81 -52.81
C GLU B 98 57.60 -27.25 -54.06
N ASP B 99 58.41 -26.37 -54.64
CA ASP B 99 59.33 -26.68 -55.73
C ASP B 99 60.68 -27.15 -55.21
N LEU B 100 60.88 -27.11 -53.89
CA LEU B 100 62.13 -27.50 -53.27
C LEU B 100 62.18 -28.99 -52.98
N PHE B 101 61.07 -29.71 -53.18
CA PHE B 101 61.03 -31.16 -53.05
C PHE B 101 61.60 -31.84 -54.29
N GLY B 102 61.32 -31.32 -55.47
CA GLY B 102 61.88 -31.90 -56.68
C GLY B 102 63.20 -31.28 -57.07
N ALA B 103 64.17 -31.33 -56.15
CA ALA B 103 65.46 -30.69 -56.37
C ALA B 103 66.48 -31.33 -55.42
N ASN B 104 67.76 -31.08 -55.71
CA ASN B 104 68.85 -31.44 -54.80
C ASN B 104 69.32 -30.20 -54.07
N LEU B 105 69.53 -30.33 -52.77
CA LEU B 105 69.85 -29.17 -51.95
C LEU B 105 71.34 -28.97 -51.75
N ASN B 106 72.15 -30.00 -51.99
CA ASN B 106 73.60 -29.86 -51.97
C ASN B 106 74.18 -29.43 -53.31
N ARG B 107 73.36 -28.86 -54.21
CA ARG B 107 73.86 -28.45 -55.52
C ARG B 107 75.09 -27.53 -55.42
N TYR B 108 75.31 -26.89 -54.28
CA TYR B 108 76.45 -25.99 -54.10
C TYR B 108 77.39 -26.58 -53.05
N ALA B 109 78.55 -25.94 -52.89
CA ALA B 109 79.66 -26.46 -52.09
C ALA B 109 80.09 -27.85 -52.55
N LEU C 3 -20.74 23.12 12.95
CA LEU C 3 -20.61 23.17 14.41
C LEU C 3 -21.82 23.63 15.19
N SER C 4 -21.62 24.76 15.85
CA SER C 4 -22.26 25.09 17.12
C SER C 4 -22.06 26.57 17.37
N GLU C 5 -22.45 26.99 18.58
CA GLU C 5 -22.28 28.34 19.09
C GLU C 5 -22.04 28.16 20.57
N VAL C 6 -21.37 29.12 21.20
CA VAL C 6 -20.99 28.96 22.60
C VAL C 6 -21.23 30.27 23.34
N LYS C 7 -21.84 30.15 24.51
CA LYS C 7 -22.01 31.25 25.44
C LYS C 7 -21.03 31.07 26.59
N LEU C 8 -20.33 32.13 26.95
CA LEU C 8 -19.31 32.08 28.00
C LEU C 8 -19.85 32.86 29.18
N HIS C 9 -20.12 32.17 30.27
CA HIS C 9 -20.58 32.80 31.50
C HIS C 9 -19.38 32.87 32.43
N LEU C 10 -18.99 34.09 32.81
CA LEU C 10 -17.77 34.27 33.59
C LEU C 10 -18.02 35.21 34.75
N ASP C 11 -17.66 34.75 35.95
CA ASP C 11 -17.84 35.52 37.18
C ASP C 11 -16.62 36.42 37.35
N ILE C 12 -16.84 37.73 37.23
CA ILE C 12 -15.79 38.74 37.36
C ILE C 12 -16.41 39.97 38.00
N GLU C 13 -15.77 40.48 39.07
CA GLU C 13 -16.29 41.53 39.94
C GLU C 13 -17.36 41.00 40.88
N GLY C 14 -17.42 39.68 41.06
CA GLY C 14 -18.37 39.06 41.95
C GLY C 14 -19.58 38.43 41.30
N HIS C 15 -20.01 38.89 40.12
CA HIS C 15 -21.22 38.29 39.58
C HIS C 15 -21.21 38.27 38.05
N ALA C 16 -22.02 37.34 37.52
CA ALA C 16 -22.03 36.90 36.13
C ALA C 16 -22.01 38.04 35.11
N SER C 17 -21.19 37.85 34.09
CA SER C 17 -21.24 38.59 32.83
C SER C 17 -21.10 37.57 31.71
N HIS C 18 -22.06 37.49 30.77
CA HIS C 18 -22.00 36.43 29.77
C HIS C 18 -21.84 37.04 28.39
N TYR C 19 -21.04 36.39 27.53
CA TYR C 19 -20.88 36.79 26.14
C TYR C 19 -21.13 35.59 25.25
N THR C 20 -21.36 35.83 23.96
CA THR C 20 -21.62 34.74 23.01
C THR C 20 -20.60 34.72 21.88
N ILE C 21 -20.04 33.53 21.63
CA ILE C 21 -19.08 33.29 20.55
C ILE C 21 -19.82 32.62 19.39
N PRO C 22 -20.09 33.33 18.30
CA PRO C 22 -20.66 32.63 17.13
C PRO C 22 -19.56 31.97 16.31
N TRP C 23 -19.61 30.64 16.20
CA TRP C 23 -18.62 29.93 15.39
C TRP C 23 -18.90 30.12 13.90
N THR C 24 -20.09 29.69 13.47
CA THR C 24 -20.53 29.80 12.08
C THR C 24 -20.15 31.14 11.48
N GLU C 25 -20.61 32.22 12.11
CA GLU C 25 -20.35 33.57 11.62
C GLU C 25 -18.85 33.85 11.51
N LEU C 26 -18.13 33.79 12.64
CA LEU C 26 -16.68 33.98 12.64
C LEU C 26 -15.97 33.07 11.64
N MET C 27 -16.37 31.80 11.56
CA MET C 27 -15.62 30.79 10.82
C MET C 27 -15.69 31.00 9.31
N ALA C 28 -16.68 31.76 8.84
CA ALA C 28 -16.86 32.06 7.43
C ALA C 28 -16.17 33.35 7.03
N LYS C 29 -16.11 34.31 7.95
CA LYS C 29 -15.42 35.58 7.67
C LYS C 29 -13.92 35.39 7.59
N VAL C 30 -13.36 34.51 8.42
CA VAL C 30 -11.93 34.22 8.34
C VAL C 30 -11.71 32.73 8.10
N PRO C 31 -11.84 32.27 6.86
CA PRO C 31 -11.47 30.88 6.54
C PRO C 31 -10.00 30.63 6.81
N GLY C 32 -9.70 29.46 7.38
CA GLY C 32 -8.39 29.13 7.89
C GLY C 32 -8.36 29.03 9.39
N LEU C 33 -9.41 29.51 10.05
CA LEU C 33 -9.64 29.27 11.47
C LEU C 33 -10.13 27.85 11.66
N SER C 34 -9.49 27.10 12.57
CA SER C 34 -9.91 25.74 12.90
C SER C 34 -9.96 25.59 14.41
N PRO C 35 -11.04 26.09 15.04
CA PRO C 35 -11.14 26.00 16.51
C PRO C 35 -11.02 24.60 17.07
N GLU C 36 -11.45 23.57 16.34
CA GLU C 36 -11.34 22.21 16.86
C GLU C 36 -9.89 21.75 16.90
N ALA C 37 -9.06 22.27 15.98
CA ALA C 37 -7.63 22.01 16.01
C ALA C 37 -6.93 22.81 17.10
N LEU C 38 -7.40 24.03 17.37
CA LEU C 38 -6.88 24.80 18.49
C LEU C 38 -7.35 24.21 19.81
N TRP C 39 -8.65 23.88 19.91
CA TRP C 39 -9.19 23.21 21.08
C TRP C 39 -8.40 21.94 21.41
N ARG C 40 -7.84 21.29 20.39
CA ARG C 40 -6.98 20.14 20.65
C ARG C 40 -5.64 20.59 21.20
N GLU C 41 -5.01 21.56 20.53
CA GLU C 41 -3.69 22.05 20.95
C GLU C 41 -3.71 22.51 22.40
N ALA C 42 -4.85 23.03 22.87
CA ALA C 42 -5.03 23.37 24.28
C ALA C 42 -5.56 22.13 24.99
N ASN C 43 -4.74 21.57 25.87
CA ASN C 43 -5.06 20.33 26.57
C ASN C 43 -6.05 20.72 27.68
N VAL C 44 -7.32 20.88 27.29
CA VAL C 44 -8.29 21.51 28.20
C VAL C 44 -8.54 20.67 29.45
N THR C 45 -8.46 19.35 29.35
CA THR C 45 -8.48 18.49 30.53
C THR C 45 -7.08 18.20 31.04
N GLU C 46 -6.28 19.23 31.31
CA GLU C 46 -4.93 19.04 31.82
C GLU C 46 -5.00 19.17 33.35
N ASP C 47 -4.66 18.09 34.05
CA ASP C 47 -4.59 18.20 35.50
C ASP C 47 -3.50 19.19 35.90
N LEU C 48 -3.82 20.04 36.87
CA LEU C 48 -2.90 21.10 37.28
C LEU C 48 -1.52 20.59 37.62
N ALA C 49 -1.39 19.32 38.01
CA ALA C 49 -0.07 18.72 38.19
C ALA C 49 0.69 18.69 36.88
N SER C 50 0.10 18.10 35.84
CA SER C 50 0.77 18.01 34.54
C SER C 50 1.03 19.39 33.94
N MET C 51 0.17 20.37 34.22
CA MET C 51 0.36 21.69 33.63
C MET C 51 1.50 22.44 34.31
N LEU C 52 1.65 22.27 35.62
CA LEU C 52 2.69 23.01 36.32
C LEU C 52 4.05 22.39 36.08
N ASN C 53 4.11 21.07 35.83
CA ASN C 53 5.37 20.43 35.48
C ASN C 53 5.91 20.94 34.15
N ARG C 54 5.02 21.08 33.16
CA ARG C 54 5.43 21.54 31.83
C ARG C 54 5.67 23.05 31.82
N TYR C 55 5.08 23.78 32.77
CA TYR C 55 5.39 25.18 32.89
C TYR C 55 6.78 25.39 33.48
N LYS C 56 7.27 24.43 34.28
CA LYS C 56 8.61 24.53 34.84
C LYS C 56 9.66 23.88 33.93
N LEU C 57 9.29 23.50 32.72
CA LEU C 57 10.26 23.04 31.75
C LEU C 57 10.84 24.17 30.93
N ILE C 58 10.15 25.29 30.85
CA ILE C 58 10.53 26.41 30.00
C ILE C 58 11.34 27.40 30.82
N TYR C 59 12.46 27.84 30.26
CA TYR C 59 13.35 28.80 30.92
C TYR C 59 12.61 30.11 31.16
N LYS C 60 12.72 30.62 32.39
CA LYS C 60 12.19 31.93 32.74
C LYS C 60 13.31 32.94 32.87
N THR C 61 13.01 34.19 32.54
CA THR C 61 14.01 35.24 32.54
C THR C 61 14.08 35.94 33.90
N SER C 62 15.27 36.48 34.20
CA SER C 62 15.53 37.04 35.52
C SER C 62 14.61 38.21 35.86
N GLY C 63 14.31 39.06 34.88
CA GLY C 63 14.01 40.44 35.21
C GLY C 63 14.37 41.37 34.08
N THR C 64 15.14 42.42 34.39
CA THR C 64 15.68 43.35 33.40
C THR C 64 14.57 44.01 32.56
N LEU C 65 13.71 44.74 33.26
CA LEU C 65 12.59 45.43 32.66
C LEU C 65 13.09 46.70 31.95
N GLY C 66 12.14 47.49 31.45
CA GLY C 66 12.37 48.45 30.38
C GLY C 66 13.55 49.41 30.47
N ILE C 67 14.11 49.70 29.30
CA ILE C 67 15.18 50.67 29.11
C ILE C 67 14.76 51.61 27.99
N ALA C 68 15.01 52.90 28.19
CA ALA C 68 14.53 53.94 27.27
C ALA C 68 15.31 53.89 25.96
N LEU C 69 14.72 53.28 24.93
CA LEU C 69 15.30 53.24 23.59
C LEU C 69 14.42 54.01 22.62
N ALA C 70 15.05 54.82 21.78
CA ALA C 70 14.34 55.68 20.84
C ALA C 70 14.21 55.00 19.48
N GLU C 71 12.98 54.88 18.99
CA GLU C 71 12.79 54.40 17.64
C GLU C 71 13.34 55.43 16.67
N PRO C 72 14.04 55.01 15.62
CA PRO C 72 14.57 55.95 14.63
C PRO C 72 13.48 56.37 13.64
N VAL C 73 13.88 57.21 12.69
CA VAL C 73 12.94 57.64 11.66
C VAL C 73 13.40 57.01 10.35
N ASP C 74 12.83 55.85 10.01
CA ASP C 74 13.40 55.08 8.91
C ASP C 74 12.76 55.43 7.57
N ILE C 75 11.44 55.28 7.45
CA ILE C 75 10.74 55.62 6.21
C ILE C 75 10.23 57.05 6.31
N PRO C 76 10.50 57.90 5.33
CA PRO C 76 10.04 59.29 5.40
C PRO C 76 8.62 59.42 4.89
N ALA C 77 8.01 60.57 5.20
CA ALA C 77 6.68 60.86 4.69
C ALA C 77 6.73 60.99 3.18
N VAL C 78 5.61 60.70 2.52
CA VAL C 78 5.60 60.69 1.07
C VAL C 78 6.09 62.02 0.54
N SER C 79 6.92 61.97 -0.51
CA SER C 79 7.44 63.17 -1.13
C SER C 79 6.33 64.01 -1.72
N GLU C 80 6.62 65.30 -1.92
CA GLU C 80 5.66 66.28 -2.38
C GLU C 80 5.14 65.93 -3.77
N GLY C 81 3.86 65.58 -3.87
CA GLY C 81 3.27 65.22 -5.15
C GLY C 81 3.97 64.07 -5.86
N SER C 82 3.91 62.89 -5.27
CA SER C 82 4.64 61.72 -5.77
C SER C 82 3.69 60.77 -6.51
N MET C 83 4.25 60.05 -7.47
CA MET C 83 3.51 59.01 -8.19
C MET C 83 3.44 57.76 -7.33
N GLN C 84 2.25 57.48 -6.80
CA GLN C 84 2.06 56.28 -5.99
C GLN C 84 1.90 55.06 -6.91
N VAL C 85 2.81 54.11 -6.77
CA VAL C 85 2.93 52.96 -7.67
C VAL C 85 2.35 51.73 -6.99
N ASP C 86 1.43 51.06 -7.68
CA ASP C 86 0.84 49.81 -7.20
C ASP C 86 1.76 48.67 -7.63
N ALA C 87 2.40 48.01 -6.66
CA ALA C 87 3.40 47.00 -6.95
C ALA C 87 2.87 45.85 -7.80
N SER C 88 1.56 45.65 -7.84
CA SER C 88 0.97 44.62 -8.70
C SER C 88 0.88 45.11 -10.14
N LYS C 89 0.35 46.31 -10.33
CA LYS C 89 0.13 46.90 -11.64
C LYS C 89 1.28 47.86 -11.92
N VAL C 90 2.36 47.32 -12.50
CA VAL C 90 3.56 48.09 -12.81
C VAL C 90 3.52 48.37 -14.32
N HIS C 91 2.98 49.56 -14.67
CA HIS C 91 2.79 50.04 -16.03
C HIS C 91 4.03 50.77 -16.53
N PRO C 92 4.35 50.67 -17.81
CA PRO C 92 5.48 51.44 -18.34
C PRO C 92 5.12 52.92 -18.45
N GLY C 93 6.13 53.77 -18.32
CA GLY C 93 5.96 55.21 -18.31
C GLY C 93 5.45 55.80 -17.02
N VAL C 94 5.05 54.97 -16.04
CA VAL C 94 4.58 55.46 -14.75
C VAL C 94 5.57 56.46 -14.16
N ILE C 95 6.86 56.17 -14.25
CA ILE C 95 7.90 57.09 -13.78
C ILE C 95 8.75 57.47 -14.98
N SER C 96 8.97 58.77 -15.16
CA SER C 96 9.75 59.26 -16.29
C SER C 96 11.25 59.16 -16.01
N GLY C 97 11.72 59.82 -14.96
CA GLY C 97 13.13 60.01 -14.72
C GLY C 97 13.53 59.59 -13.32
N LEU C 98 14.83 59.65 -13.07
CA LEU C 98 15.34 59.49 -11.72
C LEU C 98 14.85 60.63 -10.84
N ASN C 99 15.03 61.87 -11.32
CA ASN C 99 14.72 63.05 -10.51
C ASN C 99 13.24 63.15 -10.13
N SER C 100 12.36 62.44 -10.84
CA SER C 100 10.94 62.52 -10.56
C SER C 100 10.60 61.83 -9.24
N PRO C 101 9.82 62.46 -8.36
CA PRO C 101 9.48 61.80 -7.10
C PRO C 101 8.63 60.56 -7.33
N ALA C 102 8.79 59.59 -6.45
CA ALA C 102 8.12 58.31 -6.62
C ALA C 102 8.11 57.55 -5.30
N CYS C 103 6.97 57.00 -4.96
CA CYS C 103 6.82 56.08 -3.84
C CYS C 103 5.99 54.89 -4.29
N MET C 104 6.18 53.77 -3.62
CA MET C 104 5.55 52.50 -3.98
C MET C 104 4.52 52.12 -2.91
N LEU C 105 3.26 51.97 -3.32
CA LEU C 105 2.17 51.62 -2.40
C LEU C 105 2.52 50.42 -1.53
N SER C 106 2.48 50.64 -0.21
CA SER C 106 2.93 49.62 0.75
C SER C 106 1.92 48.50 0.96
N ALA C 107 0.66 48.68 0.57
CA ALA C 107 -0.29 47.57 0.67
C ALA C 107 0.08 46.41 -0.23
N PRO C 108 0.26 46.59 -1.55
CA PRO C 108 0.54 45.44 -2.42
C PRO C 108 2.01 45.07 -2.50
N LEU C 109 2.89 45.90 -1.92
CA LEU C 109 4.30 45.53 -1.82
C LEU C 109 4.51 44.44 -0.77
N GLU C 110 3.94 44.63 0.43
CA GLU C 110 4.03 43.60 1.45
C GLU C 110 3.45 42.26 0.98
N LYS C 111 2.41 42.31 0.13
CA LYS C 111 1.86 41.08 -0.43
C LYS C 111 2.91 40.30 -1.22
N GLN C 112 3.87 41.01 -1.83
CA GLN C 112 4.90 40.38 -2.65
C GLN C 112 6.09 39.92 -1.83
N LEU C 113 6.44 40.71 -0.81
CA LEU C 113 7.52 40.32 0.11
C LEU C 113 7.12 39.07 0.89
N PHE C 114 5.87 39.03 1.34
CA PHE C 114 5.33 37.98 2.20
C PHE C 114 4.41 37.04 1.44
N TYR C 115 4.74 36.76 0.17
CA TYR C 115 3.90 35.92 -0.67
C TYR C 115 3.81 34.48 -0.14
N TYR C 116 4.89 33.97 0.45
CA TYR C 116 4.94 32.61 0.97
C TYR C 116 3.77 32.39 1.95
N ILE C 117 3.32 31.15 2.14
CA ILE C 117 2.63 30.75 3.36
C ILE C 117 3.29 29.47 3.86
N GLY C 118 3.64 29.45 5.15
CA GLY C 118 4.26 28.27 5.71
C GLY C 118 3.97 28.22 7.20
N THR C 119 4.60 27.31 7.93
CA THR C 119 4.36 27.22 9.36
C THR C 119 5.39 28.07 10.07
N MET C 120 4.92 29.01 10.89
CA MET C 120 5.72 29.91 11.68
C MET C 120 6.02 29.33 13.06
N LEU C 121 5.04 28.64 13.63
CA LEU C 121 5.15 27.98 14.93
C LEU C 121 4.90 26.49 14.79
N PRO C 122 5.94 25.65 14.85
CA PRO C 122 5.74 24.21 14.61
C PRO C 122 5.04 23.51 15.75
N ASN C 123 4.84 22.19 15.63
CA ASN C 123 4.45 21.37 16.78
C ASN C 123 5.62 20.56 17.32
N THR C 124 6.85 21.05 17.13
CA THR C 124 8.05 20.44 17.68
C THR C 124 8.18 20.77 19.17
N ARG C 125 8.94 19.91 19.87
CA ARG C 125 8.96 19.84 21.34
C ARG C 125 9.02 21.17 22.09
N PRO C 126 9.89 22.12 21.75
CA PRO C 126 9.98 23.33 22.59
C PRO C 126 8.84 24.30 22.40
N HIS C 127 8.17 24.26 21.26
CA HIS C 127 7.14 25.25 20.93
C HIS C 127 5.74 24.74 21.21
N SER C 128 5.52 23.43 21.13
CA SER C 128 4.23 22.83 21.46
C SER C 128 3.80 23.13 22.88
N TYR C 129 4.73 23.48 23.75
CA TYR C 129 4.42 23.73 25.14
C TYR C 129 3.99 25.18 25.36
N VAL C 130 4.58 26.11 24.62
CA VAL C 130 4.48 27.53 24.90
C VAL C 130 3.51 28.22 23.95
N PHE C 131 3.56 27.90 22.67
CA PHE C 131 2.81 28.62 21.64
C PHE C 131 1.66 27.78 21.09
N TYR C 132 0.60 28.46 20.68
CA TYR C 132 -0.38 27.82 19.81
C TYR C 132 0.19 27.77 18.41
N GLN C 133 0.08 26.60 17.79
CA GLN C 133 0.67 26.34 16.48
C GLN C 133 0.16 27.36 15.46
N LEU C 134 1.07 27.84 14.60
CA LEU C 134 0.75 28.90 13.64
C LEU C 134 1.13 28.51 12.21
N ARG C 135 0.40 29.10 11.26
CA ARG C 135 0.61 28.97 9.82
C ARG C 135 0.17 30.27 9.16
N CYS C 136 1.10 30.95 8.49
CA CYS C 136 0.84 32.32 8.05
C CYS C 136 1.78 32.68 6.90
N HIS C 137 1.49 33.82 6.26
CA HIS C 137 2.40 34.43 5.33
C HIS C 137 3.69 34.81 6.04
N LEU C 138 4.83 34.37 5.52
CA LEU C 138 6.10 34.63 6.19
C LEU C 138 7.24 34.61 5.20
N SER C 139 8.42 35.00 5.70
CA SER C 139 9.71 34.94 5.03
C SER C 139 10.72 34.33 6.00
N TYR C 140 11.65 33.53 5.49
CA TYR C 140 12.67 32.99 6.38
C TYR C 140 14.04 33.01 5.73
N VAL C 141 15.03 33.35 6.54
CA VAL C 141 16.41 33.03 6.24
C VAL C 141 16.73 31.73 6.94
N ALA C 142 17.47 30.86 6.28
CA ALA C 142 17.77 29.53 6.80
C ALA C 142 19.19 29.18 6.41
N LEU C 143 19.97 28.68 7.36
CA LEU C 143 21.29 28.19 7.03
C LEU C 143 21.62 26.95 7.85
N SER C 144 22.68 26.27 7.42
CA SER C 144 23.14 25.04 8.05
C SER C 144 24.67 25.04 8.10
N ILE C 145 25.24 24.79 9.28
CA ILE C 145 26.69 24.69 9.41
C ILE C 145 27.04 23.37 10.10
N ASN C 146 28.34 23.09 10.14
CA ASN C 146 28.89 21.92 10.83
C ASN C 146 28.29 20.62 10.30
N GLY C 147 28.05 20.57 9.00
CA GLY C 147 27.64 19.35 8.31
C GLY C 147 26.20 18.98 8.58
N ASP C 148 25.31 19.91 8.31
CA ASP C 148 23.87 19.76 8.54
C ASP C 148 23.58 19.14 9.90
N LYS C 149 24.22 19.68 10.94
CA LYS C 149 23.87 19.28 12.30
C LYS C 149 23.33 20.44 13.13
N PHE C 150 24.00 21.60 13.11
CA PHE C 150 23.47 22.81 13.73
C PHE C 150 22.79 23.66 12.66
N GLN C 151 21.52 23.98 12.89
CA GLN C 151 20.66 24.64 11.91
C GLN C 151 20.09 25.91 12.51
N TYR C 152 19.93 26.93 11.67
CA TYR C 152 19.29 28.16 12.09
C TYR C 152 18.20 28.54 11.11
N THR C 153 17.08 29.03 11.65
CA THR C 153 15.98 29.50 10.84
C THR C 153 15.48 30.81 11.44
N GLY C 154 15.72 31.91 10.75
CA GLY C 154 15.09 33.16 11.09
C GLY C 154 13.82 33.35 10.27
N ALA C 155 12.68 33.07 10.87
CA ALA C 155 11.37 33.11 10.22
C ALA C 155 10.65 34.36 10.67
N MET C 156 10.11 35.12 9.71
CA MET C 156 9.58 36.44 10.05
C MET C 156 8.29 36.72 9.29
N THR C 157 7.44 37.52 9.91
CA THR C 157 6.31 38.17 9.28
C THR C 157 6.53 39.68 9.35
N SER C 158 5.55 40.44 8.87
CA SER C 158 5.62 41.89 9.02
C SER C 158 5.52 42.35 10.48
N LYS C 159 5.23 41.44 11.42
CA LYS C 159 4.90 41.80 12.81
C LYS C 159 5.93 41.33 13.83
N PHE C 160 6.53 40.15 13.66
CA PHE C 160 7.49 39.67 14.63
C PHE C 160 8.42 38.65 13.98
N LEU C 161 9.63 38.56 14.53
CA LEU C 161 10.66 37.65 14.04
C LEU C 161 10.94 36.56 15.08
N MET C 162 11.15 35.34 14.59
CA MET C 162 11.51 34.21 15.44
C MET C 162 12.71 33.47 14.86
N GLY C 163 13.89 33.68 15.45
CA GLY C 163 15.04 32.86 15.13
C GLY C 163 15.08 31.65 16.04
N THR C 164 15.33 30.49 15.45
CA THR C 164 15.25 29.21 16.16
C THR C 164 16.55 28.45 15.92
N TYR C 165 17.35 28.26 16.97
CA TYR C 165 18.59 27.52 16.86
C TYR C 165 18.31 26.04 17.12
N LYS C 166 18.99 25.16 16.39
CA LYS C 166 18.85 23.73 16.64
C LYS C 166 20.16 23.01 16.41
N ARG C 167 20.51 22.11 17.34
CA ARG C 167 21.75 21.34 17.30
C ARG C 167 21.43 19.87 17.52
N VAL C 168 22.23 19.00 16.89
CA VAL C 168 22.08 17.55 16.99
C VAL C 168 23.38 16.97 17.49
N THR C 169 23.30 16.00 18.40
CA THR C 169 24.40 15.61 19.26
C THR C 169 25.01 14.26 18.91
N GLU C 170 25.01 13.90 17.63
CA GLU C 170 25.56 12.65 17.11
C GLU C 170 24.78 11.46 17.63
N LYS C 171 23.70 11.69 18.38
CA LYS C 171 22.99 10.59 19.03
C LYS C 171 21.48 10.70 18.93
N GLY C 172 20.95 11.68 18.18
CA GLY C 172 19.52 11.88 18.00
C GLY C 172 18.96 13.12 18.67
N ASP C 173 19.48 13.48 19.85
CA ASP C 173 18.90 14.60 20.60
C ASP C 173 18.97 15.90 19.80
N GLU C 174 18.04 16.81 20.12
CA GLU C 174 17.95 18.11 19.48
C GLU C 174 17.77 19.19 20.54
N HIS C 175 18.77 20.04 20.71
CA HIS C 175 18.70 21.15 21.64
C HIS C 175 18.26 22.39 20.87
N VAL C 176 17.12 22.97 21.27
CA VAL C 176 16.46 24.01 20.49
C VAL C 176 16.31 25.25 21.37
N LEU C 177 16.62 26.41 20.79
CA LEU C 177 16.52 27.71 21.46
C LEU C 177 15.97 28.69 20.43
N SER C 178 15.00 29.51 20.84
CA SER C 178 14.39 30.45 19.92
C SER C 178 14.33 31.86 20.52
N LEU C 179 14.70 32.85 19.71
CA LEU C 179 14.57 34.26 20.04
C LEU C 179 13.40 34.86 19.28
N VAL C 180 12.61 35.68 19.97
CA VAL C 180 11.42 36.29 19.39
C VAL C 180 11.54 37.80 19.56
N PHE C 181 11.52 38.52 18.45
CA PHE C 181 11.67 39.96 18.42
C PHE C 181 10.53 40.59 17.66
N GLY C 182 9.98 41.66 18.21
CA GLY C 182 8.86 42.34 17.59
C GLY C 182 8.12 43.16 18.62
N LYS C 183 7.11 43.88 18.12
CA LYS C 183 6.20 44.59 19.02
C LYS C 183 5.48 43.61 19.95
N THR C 184 5.47 43.96 21.24
CA THR C 184 4.87 43.12 22.28
C THR C 184 3.45 42.69 21.93
N LYS C 185 2.58 43.65 21.59
CA LYS C 185 1.20 43.33 21.24
C LYS C 185 1.12 42.48 19.98
N ASP C 186 2.18 42.44 19.18
CA ASP C 186 2.20 41.66 17.95
C ASP C 186 2.91 40.32 18.11
N LEU C 187 3.19 39.90 19.33
CA LEU C 187 3.82 38.60 19.54
C LEU C 187 2.79 37.47 19.44
N PRO C 188 3.21 36.27 19.06
CA PRO C 188 2.27 35.16 18.87
C PRO C 188 1.62 34.71 20.18
N ASP C 189 0.45 34.08 20.02
CA ASP C 189 -0.42 33.73 21.13
C ASP C 189 0.24 32.66 22.00
N LEU C 190 0.38 32.96 23.29
CA LEU C 190 0.83 31.95 24.23
C LEU C 190 -0.30 30.99 24.59
N ARG C 191 0.07 29.78 25.01
CA ARG C 191 -0.88 28.69 25.09
C ARG C 191 -1.19 28.26 26.51
N GLY C 192 -0.18 27.95 27.31
CA GLY C 192 -0.44 27.42 28.62
C GLY C 192 -0.73 28.51 29.60
N PRO C 193 -0.22 28.36 30.82
CA PRO C 193 -0.21 29.47 31.78
C PRO C 193 0.82 30.55 31.45
N PHE C 194 1.51 30.43 30.32
CA PHE C 194 2.67 31.28 30.08
C PHE C 194 2.27 32.74 29.87
N SER C 195 3.16 33.63 30.31
CA SER C 195 3.07 35.06 30.10
C SER C 195 4.39 35.53 29.49
N TYR C 196 4.32 36.60 28.70
CA TYR C 196 5.55 37.13 28.10
C TYR C 196 6.50 37.81 29.08
N PRO C 197 6.02 38.51 30.12
CA PRO C 197 7.00 39.09 31.08
C PRO C 197 7.91 38.05 31.70
N SER C 198 7.43 36.82 31.87
CA SER C 198 8.28 35.77 32.41
C SER C 198 9.32 35.32 31.40
N LEU C 199 9.05 35.52 30.11
CA LEU C 199 9.92 35.04 29.05
C LEU C 199 10.66 36.16 28.33
N THR C 200 10.55 37.41 28.78
CA THR C 200 11.19 38.54 28.13
C THR C 200 12.62 38.74 28.64
N SER C 201 13.57 38.84 27.71
CA SER C 201 14.95 39.14 28.06
C SER C 201 15.31 40.62 27.91
N ALA C 202 14.48 41.39 27.22
CA ALA C 202 14.68 42.82 27.08
C ALA C 202 13.41 43.43 26.53
N GLN C 203 13.12 44.68 26.93
CA GLN C 203 11.91 45.34 26.48
C GLN C 203 12.10 46.85 26.53
N SER C 204 11.51 47.53 25.56
CA SER C 204 11.59 48.99 25.45
C SER C 204 10.42 49.50 24.63
N GLY C 205 9.52 50.25 25.26
CA GLY C 205 8.61 51.07 24.48
C GLY C 205 7.95 50.43 23.26
N ASP C 206 7.15 49.41 23.52
CA ASP C 206 6.42 48.54 22.61
C ASP C 206 7.27 47.47 21.92
N TYR C 207 8.58 47.43 22.10
CA TYR C 207 9.36 46.31 21.58
C TYR C 207 9.83 45.39 22.70
N SER C 208 10.09 44.14 22.35
CA SER C 208 10.56 43.15 23.31
C SER C 208 11.37 42.08 22.60
N LEU C 209 12.29 41.48 23.34
CA LEU C 209 13.02 40.31 22.89
C LEU C 209 12.67 39.17 23.84
N VAL C 210 12.05 38.13 23.30
CA VAL C 210 11.60 36.99 24.09
C VAL C 210 12.49 35.80 23.79
N ILE C 211 12.90 35.09 24.85
CA ILE C 211 13.63 33.84 24.71
C ILE C 211 12.72 32.69 25.11
N VAL C 212 12.73 31.63 24.30
CA VAL C 212 11.91 30.45 24.50
C VAL C 212 12.81 29.23 24.38
N THR C 213 13.00 28.51 25.48
CA THR C 213 13.79 27.29 25.47
C THR C 213 13.55 26.55 26.78
N THR C 214 13.98 25.29 26.81
CA THR C 214 13.98 24.50 28.03
C THR C 214 15.09 24.99 28.96
N PHE C 215 14.86 24.87 30.28
CA PHE C 215 15.96 25.06 31.21
C PHE C 215 17.15 24.15 30.86
N VAL C 216 16.87 22.91 30.48
CA VAL C 216 17.92 21.99 30.05
C VAL C 216 18.64 22.54 28.82
N HIS C 217 17.88 22.82 27.76
CA HIS C 217 18.48 23.35 26.54
C HIS C 217 19.20 24.66 26.79
N TYR C 218 18.68 25.49 27.70
CA TYR C 218 19.40 26.71 28.06
C TYR C 218 20.78 26.40 28.61
N ALA C 219 20.89 25.30 29.36
CA ALA C 219 22.19 24.93 29.90
C ALA C 219 23.15 24.51 28.79
N ASN C 220 22.68 23.67 27.87
CA ASN C 220 23.49 23.24 26.73
C ASN C 220 24.11 24.42 25.99
N PHE C 221 23.28 25.38 25.58
CA PHE C 221 23.76 26.48 24.76
C PHE C 221 24.73 27.39 25.51
N HIS C 222 24.51 27.59 26.81
CA HIS C 222 25.36 28.49 27.58
C HIS C 222 26.83 28.09 27.54
N ASN C 223 27.13 26.83 27.17
CA ASN C 223 28.50 26.37 27.01
C ASN C 223 29.22 27.04 25.85
N TYR C 224 28.48 27.40 24.79
CA TYR C 224 29.10 28.04 23.63
C TYR C 224 28.31 29.22 23.10
N PHE C 225 27.27 29.68 23.79
CA PHE C 225 26.45 30.78 23.28
C PHE C 225 25.97 31.60 24.46
N VAL C 226 26.68 32.68 24.75
CA VAL C 226 26.31 33.63 25.80
C VAL C 226 26.09 34.99 25.13
N PRO C 227 24.90 35.23 24.58
CA PRO C 227 24.69 36.46 23.81
C PRO C 227 24.61 37.66 24.73
N ASN C 228 24.93 38.83 24.17
CA ASN C 228 24.61 40.09 24.85
C ASN C 228 23.25 40.58 24.34
N LEU C 229 22.20 39.86 24.80
CA LEU C 229 20.83 40.10 24.37
C LEU C 229 20.37 41.53 24.61
N LYS C 230 20.99 42.26 25.55
CA LYS C 230 20.64 43.65 25.76
C LYS C 230 21.09 44.51 24.57
N ASP C 231 22.35 44.34 24.17
CA ASP C 231 22.86 45.07 23.01
C ASP C 231 22.20 44.61 21.72
N MET C 232 21.99 43.30 21.57
CA MET C 232 21.26 42.80 20.40
C MET C 232 19.87 43.40 20.30
N PHE C 233 19.21 43.63 21.45
CA PHE C 233 17.93 44.33 21.44
C PHE C 233 18.11 45.83 21.18
N SER C 234 19.09 46.45 21.85
CA SER C 234 19.31 47.88 21.69
C SER C 234 19.82 48.23 20.32
N ARG C 235 20.62 47.35 19.70
CA ARG C 235 21.04 47.56 18.33
C ARG C 235 19.88 47.37 17.36
N ALA C 236 18.95 46.46 17.69
CA ALA C 236 17.90 46.10 16.74
C ALA C 236 16.78 47.11 16.74
N VAL C 237 16.57 47.83 17.85
CA VAL C 237 15.51 48.83 17.93
C VAL C 237 15.98 50.17 17.42
N THR C 238 17.16 50.62 17.87
CA THR C 238 17.58 52.00 17.69
C THR C 238 18.07 52.32 16.27
N MET C 239 18.54 51.33 15.51
CA MET C 239 19.09 51.55 14.18
C MET C 239 17.99 51.54 13.11
N THR C 240 18.31 52.15 11.98
CA THR C 240 17.40 52.11 10.84
C THR C 240 17.66 50.85 10.02
N ALA C 241 16.63 50.45 9.25
CA ALA C 241 16.70 49.17 8.53
C ALA C 241 17.92 49.12 7.62
N ALA C 242 18.20 50.20 6.90
CA ALA C 242 19.33 50.19 5.96
C ALA C 242 20.66 50.17 6.70
N SER C 243 20.82 51.06 7.69
CA SER C 243 22.06 51.14 8.44
C SER C 243 22.42 49.80 9.09
N TYR C 244 21.44 49.17 9.74
CA TYR C 244 21.63 47.87 10.37
C TYR C 244 22.06 46.80 9.35
N ALA C 245 21.44 46.81 8.17
CA ALA C 245 21.79 45.83 7.14
C ALA C 245 23.25 45.97 6.74
N ARG C 246 23.69 47.21 6.49
CA ARG C 246 25.11 47.45 6.19
C ARG C 246 26.00 46.99 7.34
N TYR C 247 25.57 47.23 8.58
CA TYR C 247 26.33 46.76 9.73
C TYR C 247 26.58 45.27 9.66
N VAL C 248 25.55 44.49 9.34
CA VAL C 248 25.72 43.04 9.31
C VAL C 248 26.60 42.62 8.14
N LEU C 249 26.34 43.14 6.93
CA LEU C 249 27.09 42.66 5.78
C LEU C 249 28.57 43.02 5.87
N GLN C 250 28.93 44.07 6.61
CA GLN C 250 30.36 44.36 6.79
C GLN C 250 31.01 43.29 7.64
N LYS C 251 30.38 42.92 8.76
CA LYS C 251 30.91 41.85 9.58
C LYS C 251 31.15 40.61 8.73
N LEU C 252 30.14 40.18 7.95
CA LEU C 252 30.31 38.99 7.13
C LEU C 252 31.34 39.20 6.01
N VAL C 253 31.38 40.39 5.40
CA VAL C 253 32.34 40.62 4.33
C VAL C 253 33.76 40.67 4.88
N LEU C 254 33.96 41.34 6.01
CA LEU C 254 35.29 41.38 6.61
C LEU C 254 35.70 40.00 7.12
N LEU C 255 34.75 39.31 7.77
CA LEU C 255 35.00 37.94 8.21
C LEU C 255 35.42 37.05 7.04
N GLU C 256 34.71 37.17 5.91
CA GLU C 256 34.97 36.28 4.78
C GLU C 256 36.36 36.45 4.19
N MET C 257 36.93 37.66 4.26
CA MET C 257 38.29 37.87 3.79
C MET C 257 39.32 37.16 4.67
N LYS C 258 38.95 36.87 5.92
CA LYS C 258 39.70 36.00 6.82
C LYS C 258 39.24 34.56 6.59
N GLY C 259 39.65 33.65 7.45
CA GLY C 259 39.25 32.26 7.32
C GLY C 259 37.99 31.95 8.10
N GLY C 260 37.16 32.97 8.33
CA GLY C 260 36.01 32.87 9.21
C GLY C 260 34.79 32.16 8.64
N CYS C 261 34.77 31.88 7.33
CA CYS C 261 33.63 31.23 6.70
C CYS C 261 33.96 29.93 5.99
N ARG C 262 35.23 29.58 5.82
CA ARG C 262 35.50 28.28 5.22
C ARG C 262 35.13 27.15 6.17
N GLU C 263 35.22 27.41 7.48
CA GLU C 263 34.85 26.43 8.50
C GLU C 263 34.38 27.15 9.76
N PRO C 264 33.13 27.64 9.77
CA PRO C 264 32.66 28.47 10.87
C PRO C 264 32.46 27.68 12.16
N GLU C 265 32.66 28.36 13.29
CA GLU C 265 32.68 27.74 14.61
C GLU C 265 31.33 27.91 15.30
N LEU C 266 31.14 27.14 16.36
CA LEU C 266 29.97 27.28 17.24
C LEU C 266 30.32 28.15 18.45
N ASP C 267 30.61 29.41 18.20
CA ASP C 267 30.91 30.35 19.27
C ASP C 267 29.76 31.32 19.45
N THR C 268 29.93 32.24 20.40
CA THR C 268 28.89 33.24 20.64
C THR C 268 28.71 34.16 19.43
N GLU C 269 29.83 34.64 18.87
CA GLU C 269 29.76 35.65 17.81
C GLU C 269 29.02 35.16 16.58
N THR C 270 29.45 34.01 16.02
CA THR C 270 28.84 33.52 14.79
C THR C 270 27.34 33.27 14.97
N LEU C 271 26.95 32.70 16.10
CA LEU C 271 25.54 32.46 16.34
C LEU C 271 24.78 33.77 16.50
N THR C 272 25.39 34.76 17.14
CA THR C 272 24.76 36.08 17.25
C THR C 272 24.47 36.65 15.87
N THR C 273 25.50 36.74 15.02
CA THR C 273 25.35 37.29 13.68
C THR C 273 24.27 36.58 12.88
N MET C 274 24.10 35.27 13.09
CA MET C 274 22.99 34.55 12.47
C MET C 274 21.65 35.23 12.80
N PHE C 275 21.46 35.58 14.08
CA PHE C 275 20.25 36.30 14.46
C PHE C 275 20.23 37.69 13.85
N GLU C 276 21.39 38.36 13.85
CA GLU C 276 21.47 39.71 13.27
C GLU C 276 21.12 39.69 11.80
N VAL C 277 21.53 38.63 11.09
CA VAL C 277 21.17 38.48 9.68
C VAL C 277 19.66 38.51 9.51
N SER C 278 18.94 37.74 10.34
CA SER C 278 17.50 37.68 10.21
C SER C 278 16.84 39.02 10.50
N VAL C 279 17.30 39.71 11.56
CA VAL C 279 16.75 41.01 11.91
C VAL C 279 16.83 41.96 10.74
N ALA C 280 17.98 41.98 10.05
CA ALA C 280 18.18 42.90 8.93
C ALA C 280 17.10 42.75 7.88
N PHE C 281 16.69 41.51 7.59
CA PHE C 281 15.55 41.31 6.69
C PHE C 281 14.25 41.66 7.37
N PHE C 282 14.15 41.44 8.68
CA PHE C 282 12.91 41.72 9.37
C PHE C 282 12.62 43.21 9.42
N LYS C 283 13.63 44.00 9.79
CA LYS C 283 13.44 45.44 9.94
C LYS C 283 12.91 46.07 8.66
N VAL C 284 13.38 45.62 7.50
CA VAL C 284 12.91 46.16 6.23
C VAL C 284 11.45 45.81 6.01
N GLY C 285 11.13 44.52 6.00
CA GLY C 285 9.73 44.12 5.92
C GLY C 285 8.88 44.66 7.05
N HIS C 286 9.49 44.93 8.20
CA HIS C 286 8.76 45.48 9.34
C HIS C 286 8.37 46.94 9.07
N ALA C 287 9.35 47.76 8.70
CA ALA C 287 9.08 49.17 8.41
C ALA C 287 8.06 49.31 7.30
N VAL C 288 8.05 48.39 6.34
CA VAL C 288 7.05 48.40 5.29
C VAL C 288 5.68 48.03 5.87
N GLY C 289 5.59 46.87 6.54
CA GLY C 289 4.33 46.45 7.11
C GLY C 289 3.78 47.41 8.15
N GLU C 290 4.65 48.12 8.86
CA GLU C 290 4.25 49.03 9.94
C GLU C 290 3.83 50.41 9.45
N THR C 291 3.85 50.67 8.14
CA THR C 291 3.29 51.91 7.62
C THR C 291 1.81 51.77 7.26
N GLY C 292 1.23 50.59 7.48
CA GLY C 292 -0.18 50.41 7.18
C GLY C 292 -0.43 50.49 5.69
N ASN C 293 -1.64 50.94 5.34
CA ASN C 293 -1.92 51.29 3.96
C ASN C 293 -1.32 52.67 3.72
N GLY C 294 -0.26 52.73 2.91
CA GLY C 294 0.41 53.98 2.64
C GLY C 294 1.25 53.92 1.39
N CYS C 295 2.42 54.54 1.42
CA CYS C 295 3.28 54.55 0.25
C CYS C 295 4.70 54.86 0.71
N VAL C 296 5.66 54.13 0.17
CA VAL C 296 7.04 54.14 0.68
C VAL C 296 7.94 54.78 -0.37
N ASP C 297 8.70 55.79 0.05
CA ASP C 297 9.57 56.54 -0.85
C ASP C 297 10.50 55.59 -1.59
N LEU C 298 10.47 55.66 -2.92
CA LEU C 298 11.28 54.79 -3.77
C LEU C 298 12.77 54.90 -3.44
N ARG C 299 13.22 56.09 -3.05
CA ARG C 299 14.63 56.26 -2.71
C ARG C 299 14.95 55.47 -1.46
N TRP C 300 14.05 55.47 -0.47
CA TRP C 300 14.24 54.62 0.69
C TRP C 300 14.29 53.15 0.27
N LEU C 301 13.38 52.74 -0.60
CA LEU C 301 13.39 51.37 -1.09
C LEU C 301 14.66 51.08 -1.87
N ALA C 302 15.12 52.06 -2.66
CA ALA C 302 16.34 51.86 -3.44
C ALA C 302 17.53 51.52 -2.56
N LYS C 303 17.58 52.10 -1.36
CA LYS C 303 18.70 51.90 -0.46
C LYS C 303 18.52 50.65 0.40
N SER C 304 17.36 50.53 1.06
CA SER C 304 17.15 49.42 1.97
C SER C 304 17.29 48.08 1.27
N PHE C 305 16.72 47.96 0.06
CA PHE C 305 16.78 46.68 -0.63
C PHE C 305 18.10 46.47 -1.35
N PHE C 306 18.81 47.55 -1.70
CA PHE C 306 20.19 47.40 -2.13
C PHE C 306 21.01 46.66 -1.07
N GLU C 307 20.91 47.11 0.18
CA GLU C 307 21.64 46.47 1.25
C GLU C 307 21.21 45.02 1.44
N LEU C 308 19.93 44.73 1.22
CA LEU C 308 19.45 43.36 1.37
C LEU C 308 19.97 42.47 0.26
N THR C 309 20.04 43.01 -0.96
CA THR C 309 20.60 42.24 -2.06
C THR C 309 22.06 41.89 -1.80
N VAL C 310 22.83 42.87 -1.30
CA VAL C 310 24.24 42.60 -1.05
C VAL C 310 24.40 41.72 0.18
N LEU C 311 23.53 41.90 1.18
CA LEU C 311 23.59 41.02 2.34
C LEU C 311 23.22 39.60 1.96
N LYS C 312 22.14 39.44 1.18
CA LYS C 312 21.74 38.11 0.72
C LYS C 312 22.89 37.39 0.04
N ASP C 313 23.62 38.12 -0.81
CA ASP C 313 24.72 37.54 -1.57
C ASP C 313 25.81 37.02 -0.66
N ILE C 314 26.29 37.85 0.26
CA ILE C 314 27.41 37.49 1.13
C ILE C 314 27.03 36.36 2.09
N ILE C 315 25.75 36.28 2.51
CA ILE C 315 25.37 35.19 3.40
C ILE C 315 25.42 33.87 2.65
N GLY C 316 25.22 33.90 1.33
CA GLY C 316 25.20 32.69 0.53
C GLY C 316 26.59 32.15 0.28
N ILE C 317 27.51 33.02 -0.15
CA ILE C 317 28.88 32.60 -0.36
C ILE C 317 29.66 32.42 0.94
N CYS C 318 29.05 32.68 2.09
CA CYS C 318 29.79 32.55 3.35
C CYS C 318 29.28 31.41 4.21
N TYR C 319 27.98 31.36 4.51
CA TYR C 319 27.38 30.23 5.21
C TYR C 319 26.74 29.19 4.29
N GLY C 320 26.32 29.56 3.09
CA GLY C 320 25.46 28.70 2.30
C GLY C 320 23.99 28.87 2.60
N ALA C 321 23.58 30.08 2.98
CA ALA C 321 22.26 30.36 3.49
C ALA C 321 21.23 30.53 2.37
N THR C 322 19.98 30.25 2.72
CA THR C 322 18.83 30.38 1.82
C THR C 322 17.95 31.51 2.35
N VAL C 323 17.44 32.32 1.43
CA VAL C 323 16.45 33.35 1.77
C VAL C 323 15.22 33.17 0.89
N LYS C 324 14.08 32.92 1.53
CA LYS C 324 12.79 32.84 0.85
C LYS C 324 11.97 34.07 1.23
N GLY C 325 11.65 34.90 0.25
CA GLY C 325 10.85 36.08 0.52
C GLY C 325 11.69 37.34 0.65
N MET C 326 11.00 38.43 1.01
CA MET C 326 11.57 39.78 1.04
C MET C 326 12.07 40.23 -0.32
N GLN C 327 11.40 39.76 -1.37
CA GLN C 327 11.72 40.13 -2.74
C GLN C 327 10.41 40.43 -3.46
N SER C 328 10.36 41.55 -4.19
CA SER C 328 9.15 41.97 -4.84
C SER C 328 9.43 42.26 -6.31
N TYR C 329 8.81 41.47 -7.19
CA TYR C 329 8.97 41.64 -8.63
C TYR C 329 8.52 43.03 -9.09
N GLY C 330 7.52 43.60 -8.41
CA GLY C 330 7.10 44.96 -8.70
C GLY C 330 8.23 45.97 -8.58
N LEU C 331 9.05 45.84 -7.53
CA LEU C 331 10.18 46.74 -7.36
C LEU C 331 11.27 46.48 -8.39
N GLU C 332 11.49 45.20 -8.74
CA GLU C 332 12.49 44.91 -9.75
C GLU C 332 12.08 45.42 -11.12
N ARG C 333 10.79 45.36 -11.44
CA ARG C 333 10.33 45.95 -12.69
C ARG C 333 10.40 47.47 -12.63
N LEU C 334 9.98 48.03 -11.51
CA LEU C 334 10.01 49.49 -11.34
C LEU C 334 11.43 50.03 -11.47
N ALA C 335 12.41 49.36 -10.87
CA ALA C 335 13.79 49.81 -10.96
C ALA C 335 14.34 49.66 -12.38
N ALA C 336 14.08 48.51 -13.01
CA ALA C 336 14.57 48.28 -14.36
C ALA C 336 14.05 49.34 -15.33
N MET C 337 12.80 49.78 -15.15
CA MET C 337 12.28 50.89 -15.93
C MET C 337 13.16 52.13 -15.83
N LEU C 338 13.60 52.47 -14.62
CA LEU C 338 14.38 53.69 -14.44
C LEU C 338 15.80 53.54 -15.00
N MET C 339 16.26 52.33 -15.25
CA MET C 339 17.56 52.14 -15.86
C MET C 339 17.50 52.29 -17.38
N ALA C 340 16.31 52.15 -17.97
CA ALA C 340 16.09 52.57 -19.35
C ALA C 340 15.85 54.06 -19.48
N THR C 341 15.72 54.78 -18.37
CA THR C 341 15.70 56.24 -18.41
C THR C 341 17.10 56.85 -18.49
N VAL C 342 18.11 56.13 -18.02
CA VAL C 342 19.41 56.71 -17.74
C VAL C 342 20.35 56.38 -18.88
N LYS C 343 21.16 57.36 -19.28
CA LYS C 343 22.22 57.14 -20.25
C LYS C 343 23.43 56.66 -19.46
N MET C 344 23.71 55.35 -19.55
CA MET C 344 24.77 54.76 -18.76
C MET C 344 26.13 55.34 -19.13
N GLU C 345 26.28 55.82 -20.37
CA GLU C 345 27.54 56.42 -20.81
C GLU C 345 27.88 57.66 -20.00
N GLU C 346 26.86 58.34 -19.46
CA GLU C 346 27.04 59.61 -18.77
C GLU C 346 26.33 59.59 -17.43
N LEU C 347 26.46 58.48 -16.69
CA LEU C 347 25.92 58.46 -15.34
C LEU C 347 26.80 59.25 -14.38
N GLY C 348 28.12 59.21 -14.59
CA GLY C 348 29.04 59.99 -13.77
C GLY C 348 28.86 61.49 -13.87
N HIS C 349 28.05 61.97 -14.82
CA HIS C 349 27.78 63.40 -14.93
C HIS C 349 26.68 63.89 -13.99
N LEU C 350 26.05 62.99 -13.23
CA LEU C 350 24.99 63.39 -12.32
C LEU C 350 25.57 63.65 -10.93
N THR C 351 24.76 64.28 -10.07
CA THR C 351 25.18 64.49 -8.69
C THR C 351 25.37 63.15 -7.98
N THR C 352 26.33 63.10 -7.05
CA THR C 352 26.54 61.83 -6.38
C THR C 352 25.58 61.64 -5.24
N GLU C 353 24.30 61.76 -5.49
CA GLU C 353 23.28 60.95 -4.84
C GLU C 353 22.42 60.26 -5.88
N LYS C 354 22.16 60.93 -7.01
CA LYS C 354 21.42 60.32 -8.10
C LYS C 354 22.29 59.33 -8.84
N GLN C 355 23.61 59.45 -8.69
CA GLN C 355 24.50 58.35 -9.04
C GLN C 355 24.21 57.14 -8.16
N GLU C 356 24.33 57.31 -6.84
CA GLU C 356 24.10 56.20 -5.93
C GLU C 356 22.66 55.73 -5.98
N TYR C 357 21.71 56.65 -6.18
CA TYR C 357 20.31 56.24 -6.31
C TYR C 357 20.07 55.42 -7.58
N ALA C 358 20.88 55.61 -8.61
CA ALA C 358 20.79 54.80 -9.82
C ALA C 358 21.50 53.46 -9.65
N LEU C 359 22.71 53.49 -9.08
CA LEU C 359 23.48 52.27 -8.88
C LEU C 359 22.78 51.33 -7.91
N ARG C 360 21.97 51.87 -7.00
CA ARG C 360 21.24 51.06 -6.04
C ARG C 360 20.00 50.44 -6.68
N LEU C 361 19.41 51.11 -7.66
CA LEU C 361 18.31 50.49 -8.39
C LEU C 361 18.84 49.47 -9.37
N ALA C 362 20.04 49.73 -9.92
CA ALA C 362 20.71 48.83 -10.83
C ALA C 362 20.87 47.43 -10.24
N THR C 363 21.23 47.35 -8.97
CA THR C 363 21.45 46.05 -8.32
C THR C 363 20.18 45.50 -7.71
N VAL C 364 19.25 46.38 -7.32
CA VAL C 364 17.93 45.91 -6.88
C VAL C 364 17.17 45.33 -8.06
N GLY C 365 17.36 45.90 -9.25
CA GLY C 365 16.62 45.47 -10.42
C GLY C 365 17.33 44.45 -11.30
N TYR C 366 18.40 43.81 -10.81
CA TYR C 366 19.20 42.91 -11.63
C TYR C 366 18.46 41.62 -12.01
N PRO C 367 17.67 41.01 -11.10
CA PRO C 367 17.08 39.70 -11.42
C PRO C 367 16.41 39.60 -12.78
N LYS C 368 15.74 40.67 -13.22
CA LYS C 368 15.07 40.68 -14.52
C LYS C 368 15.62 41.79 -15.40
N ALA C 369 16.95 41.91 -15.41
CA ALA C 369 17.63 42.88 -16.25
C ALA C 369 18.47 42.23 -17.34
N GLY C 370 19.01 41.05 -17.09
CA GLY C 370 19.80 40.48 -18.18
C GLY C 370 21.26 40.80 -18.02
N VAL C 371 22.11 39.86 -18.47
CA VAL C 371 23.54 40.08 -18.34
C VAL C 371 24.11 40.90 -19.48
N TYR C 372 23.28 41.39 -20.40
CA TYR C 372 23.72 42.31 -21.45
C TYR C 372 23.02 43.66 -21.35
N SER C 373 22.88 44.17 -20.14
CA SER C 373 22.43 45.53 -19.91
C SER C 373 23.63 46.45 -19.74
N GLY C 374 23.44 47.74 -20.03
CA GLY C 374 24.57 48.64 -20.09
C GLY C 374 24.96 49.21 -18.74
N LEU C 375 24.62 48.45 -17.68
CA LEU C 375 24.97 48.81 -16.31
C LEU C 375 26.47 48.95 -16.13
N ILE C 376 27.24 48.15 -16.85
CA ILE C 376 28.69 48.16 -16.75
C ILE C 376 29.22 49.55 -17.08
N GLY C 377 28.73 50.13 -18.18
CA GLY C 377 29.09 51.49 -18.53
C GLY C 377 28.74 52.50 -17.45
N GLY C 378 27.66 52.27 -16.72
CA GLY C 378 27.28 53.20 -15.67
C GLY C 378 28.25 53.18 -14.51
N ALA C 379 28.70 51.99 -14.11
CA ALA C 379 29.70 51.91 -13.05
C ALA C 379 31.06 52.41 -13.51
N THR C 380 31.40 52.18 -14.79
CA THR C 380 32.63 52.73 -15.35
C THR C 380 32.54 54.26 -15.44
N SER C 381 31.37 54.79 -15.81
CA SER C 381 31.21 56.24 -15.89
C SER C 381 31.39 56.89 -14.52
N VAL C 382 30.72 56.36 -13.49
CA VAL C 382 30.88 56.91 -12.14
C VAL C 382 32.35 56.90 -11.73
N LEU C 383 33.05 55.79 -11.97
CA LEU C 383 34.47 55.74 -11.61
C LEU C 383 35.30 56.80 -12.33
N LEU C 384 34.95 57.11 -13.57
CA LEU C 384 35.74 58.07 -14.34
C LEU C 384 35.55 59.47 -13.77
N SER C 385 34.29 59.90 -13.63
CA SER C 385 34.01 61.19 -13.00
C SER C 385 34.65 61.28 -11.62
N ALA C 386 34.75 60.15 -10.92
CA ALA C 386 35.40 60.14 -9.62
C ALA C 386 36.91 60.26 -9.75
N TYR C 387 37.50 59.48 -10.66
CA TYR C 387 38.96 59.50 -10.79
C TYR C 387 39.47 60.84 -11.32
N ASN C 388 38.65 61.59 -12.06
CA ASN C 388 39.06 62.93 -12.48
C ASN C 388 39.13 63.89 -11.30
N ARG C 389 38.16 63.82 -10.39
CA ARG C 389 38.10 64.74 -9.26
C ARG C 389 38.82 64.20 -8.04
N HIS C 390 39.78 63.30 -8.21
CA HIS C 390 40.49 62.71 -7.11
C HIS C 390 41.95 63.15 -7.12
N PRO C 391 42.46 63.70 -6.03
CA PRO C 391 43.88 64.08 -5.97
C PRO C 391 44.76 62.85 -6.07
N LEU C 392 45.65 62.84 -7.07
CA LEU C 392 46.35 61.61 -7.44
C LEU C 392 47.11 61.03 -6.26
N PHE C 393 47.08 59.70 -6.18
CA PHE C 393 47.86 58.84 -5.29
C PHE C 393 47.39 58.93 -3.84
N GLN C 394 46.28 59.54 -3.60
CA GLN C 394 45.77 59.70 -2.26
C GLN C 394 44.74 58.61 -1.93
N PRO C 395 44.55 58.31 -0.64
CA PRO C 395 43.50 57.36 -0.26
C PRO C 395 42.12 57.96 -0.47
N LEU C 396 41.20 57.16 -0.98
CA LEU C 396 39.87 57.64 -1.33
C LEU C 396 39.14 58.17 -0.09
N HIS C 397 38.31 59.19 -0.32
CA HIS C 397 37.55 59.82 0.75
C HIS C 397 36.42 58.91 1.20
N THR C 398 35.77 59.30 2.30
CA THR C 398 34.62 58.56 2.82
C THR C 398 33.47 58.50 1.81
N VAL C 399 33.16 59.64 1.18
CA VAL C 399 32.00 59.72 0.32
C VAL C 399 32.25 59.00 -1.00
N MET C 400 33.44 59.19 -1.57
CA MET C 400 33.78 58.53 -2.84
C MET C 400 33.83 57.01 -2.66
N ARG C 401 34.50 56.55 -1.60
CA ARG C 401 34.67 55.12 -1.40
C ARG C 401 33.32 54.42 -1.26
N GLU C 402 32.37 55.09 -0.60
CA GLU C 402 31.02 54.54 -0.46
C GLU C 402 30.32 54.47 -1.80
N THR C 403 30.40 55.54 -2.60
CA THR C 403 29.74 55.53 -3.91
C THR C 403 30.29 54.43 -4.80
N LEU C 404 31.61 54.24 -4.81
CA LEU C 404 32.23 53.23 -5.65
C LEU C 404 31.88 51.82 -5.16
N PHE C 405 31.75 51.64 -3.85
CA PHE C 405 31.29 50.37 -3.31
C PHE C 405 29.92 50.00 -3.85
N ILE C 406 29.01 50.97 -3.92
CA ILE C 406 27.66 50.69 -4.41
C ILE C 406 27.71 50.19 -5.85
N GLY C 407 28.43 50.91 -6.72
CA GLY C 407 28.55 50.53 -8.11
C GLY C 407 29.35 49.27 -8.37
N SER C 408 30.13 48.81 -7.38
CA SER C 408 31.06 47.71 -7.64
C SER C 408 30.36 46.38 -7.80
N HIS C 409 29.27 46.16 -7.06
CA HIS C 409 28.55 44.90 -7.09
C HIS C 409 28.13 44.51 -8.50
N VAL C 410 27.72 45.50 -9.30
CA VAL C 410 27.38 45.23 -10.70
C VAL C 410 28.57 44.64 -11.41
N VAL C 411 29.68 45.37 -11.38
CA VAL C 411 30.93 44.92 -11.98
C VAL C 411 31.35 43.54 -11.45
N LEU C 412 31.33 43.35 -10.13
CA LEU C 412 31.68 42.02 -9.63
C LEU C 412 30.77 40.92 -10.17
N ARG C 413 29.65 41.28 -10.80
CA ARG C 413 28.75 40.33 -11.45
C ARG C 413 29.04 40.22 -12.93
N GLU C 414 30.22 40.71 -13.34
CA GLU C 414 30.81 40.50 -14.65
C GLU C 414 32.04 39.61 -14.50
N LEU C 415 32.95 40.01 -13.61
CA LEU C 415 34.13 39.21 -13.33
C LEU C 415 33.74 37.86 -12.74
N ARG C 416 32.76 37.85 -11.84
CA ARG C 416 32.16 36.61 -11.38
C ARG C 416 30.96 36.25 -12.25
N LEU C 417 31.20 36.22 -13.57
CA LEU C 417 30.22 35.76 -14.55
C LEU C 417 31.02 35.35 -15.77
N ASN C 418 30.93 34.08 -16.18
CA ASN C 418 31.96 33.42 -16.97
C ASN C 418 32.54 34.28 -18.09
N VAL C 419 31.70 34.79 -19.01
CA VAL C 419 32.19 35.72 -20.03
C VAL C 419 31.26 36.93 -20.04
N THR C 420 31.54 37.89 -20.93
CA THR C 420 30.78 39.13 -21.06
C THR C 420 30.81 39.61 -22.50
N THR C 421 30.39 40.86 -22.70
CA THR C 421 30.56 41.61 -23.95
C THR C 421 30.99 43.05 -23.65
N GLN C 422 31.52 43.31 -22.46
CA GLN C 422 31.86 44.64 -21.99
C GLN C 422 33.36 44.84 -21.83
N GLY C 423 34.16 44.13 -22.62
CA GLY C 423 35.60 44.27 -22.65
C GLY C 423 36.12 45.69 -22.62
N PRO C 424 35.56 46.60 -23.44
CA PRO C 424 36.02 48.00 -23.39
C PRO C 424 35.80 48.65 -22.03
N ASN C 425 34.58 48.59 -21.48
CA ASN C 425 34.28 49.30 -20.25
C ASN C 425 34.85 48.56 -19.04
N LEU C 426 34.71 47.24 -18.99
CA LEU C 426 35.27 46.47 -17.88
C LEU C 426 36.77 46.70 -17.75
N ALA C 427 37.53 46.43 -18.82
CA ALA C 427 38.98 46.63 -18.75
C ALA C 427 39.36 48.09 -18.53
N LEU C 428 38.44 49.03 -18.76
CA LEU C 428 38.69 50.41 -18.37
C LEU C 428 38.50 50.61 -16.88
N TYR C 429 37.35 50.18 -16.35
CA TYR C 429 37.15 50.18 -14.92
C TYR C 429 38.30 49.50 -14.18
N GLN C 430 38.71 48.32 -14.65
CA GLN C 430 39.83 47.66 -13.99
C GLN C 430 41.15 48.42 -14.15
N LEU C 431 41.26 49.31 -15.12
CA LEU C 431 42.48 50.10 -15.24
C LEU C 431 42.47 51.29 -14.29
N LEU C 432 41.35 52.01 -14.25
CA LEU C 432 41.22 53.11 -13.29
C LEU C 432 41.33 52.60 -11.85
N SER C 433 40.83 51.39 -11.58
CA SER C 433 40.99 50.79 -10.26
C SER C 433 42.46 50.50 -9.97
N THR C 434 43.22 50.09 -10.99
CA THR C 434 44.64 49.83 -10.83
C THR C 434 45.41 51.13 -10.59
N ALA C 435 44.90 52.23 -11.11
CA ALA C 435 45.53 53.54 -10.94
C ALA C 435 45.20 54.14 -9.59
N LEU C 436 43.98 53.91 -9.10
CA LEU C 436 43.56 54.52 -7.85
C LEU C 436 44.31 53.96 -6.64
N CYS C 437 44.72 52.69 -6.67
CA CYS C 437 45.20 52.05 -5.45
C CYS C 437 46.72 52.15 -5.42
N SER C 438 47.21 53.01 -4.54
CA SER C 438 48.60 53.37 -4.36
C SER C 438 49.01 52.99 -2.94
N ALA C 439 50.23 53.34 -2.57
CA ALA C 439 50.74 52.99 -1.25
C ALA C 439 49.86 53.57 -0.14
N LEU C 440 49.27 54.75 -0.37
CA LEU C 440 48.45 55.39 0.65
C LEU C 440 46.99 54.92 0.61
N GLU C 441 46.49 54.53 -0.56
CA GLU C 441 45.20 53.84 -0.61
C GLU C 441 45.26 52.52 0.13
N ILE C 442 46.30 51.73 -0.13
CA ILE C 442 46.52 50.50 0.62
C ILE C 442 46.70 50.80 2.11
N GLY C 443 47.43 51.87 2.42
CA GLY C 443 47.60 52.26 3.81
C GLY C 443 46.30 52.42 4.56
N GLU C 444 45.35 53.16 3.97
CA GLU C 444 44.07 53.38 4.64
C GLU C 444 43.17 52.14 4.64
N VAL C 445 43.39 51.20 3.73
CA VAL C 445 42.61 49.98 3.72
C VAL C 445 43.06 49.04 4.82
N LEU C 446 44.37 48.83 4.92
CA LEU C 446 44.89 48.00 6.00
C LEU C 446 44.51 48.59 7.37
N ARG C 447 44.65 49.90 7.53
CA ARG C 447 44.13 50.57 8.72
C ARG C 447 42.63 50.33 8.89
N GLY C 448 41.87 50.49 7.80
CA GLY C 448 40.44 50.25 7.84
C GLY C 448 40.06 48.81 8.10
N LEU C 449 40.97 47.88 7.83
CA LEU C 449 40.74 46.47 8.13
C LEU C 449 41.17 46.13 9.55
N ALA C 450 42.35 46.61 9.96
CA ALA C 450 42.84 46.34 11.30
C ALA C 450 41.85 46.81 12.37
N LEU C 451 41.35 48.04 12.22
CA LEU C 451 40.36 48.56 13.17
C LEU C 451 38.98 47.94 12.95
N GLY C 452 38.61 47.72 11.70
CA GLY C 452 37.31 47.18 11.35
C GLY C 452 36.35 48.19 10.76
N THR C 453 36.79 49.42 10.52
CA THR C 453 35.91 50.51 10.09
C THR C 453 35.52 50.33 8.62
N GLU C 454 34.76 51.32 8.11
CA GLU C 454 34.26 51.28 6.74
C GLU C 454 35.35 51.26 5.68
N SER C 455 36.57 51.68 6.02
CA SER C 455 37.62 51.77 5.00
C SER C 455 38.00 50.41 4.44
N GLY C 456 37.98 49.38 5.28
CA GLY C 456 38.39 48.06 4.83
C GLY C 456 37.33 47.28 4.09
N LEU C 457 36.11 47.81 4.03
CA LEU C 457 35.03 47.13 3.31
C LEU C 457 35.32 47.05 1.83
N PHE C 458 35.66 48.18 1.22
CA PHE C 458 35.85 48.24 -0.22
C PHE C 458 37.00 49.16 -0.58
N SER C 459 37.70 48.81 -1.66
CA SER C 459 38.78 49.60 -2.19
C SER C 459 38.84 49.27 -3.68
N PRO C 460 39.17 50.23 -4.53
CA PRO C 460 39.39 49.87 -5.94
C PRO C 460 40.55 48.92 -6.13
N CYS C 461 41.47 48.86 -5.17
CA CYS C 461 42.55 47.88 -5.21
C CYS C 461 42.01 46.46 -5.23
N TYR C 462 40.80 46.25 -4.69
CA TYR C 462 40.19 44.91 -4.65
C TYR C 462 39.83 44.42 -6.05
N LEU C 463 39.46 45.32 -6.95
CA LEU C 463 39.07 44.95 -8.32
C LEU C 463 40.08 45.48 -9.34
N SER C 464 41.33 45.63 -8.91
CA SER C 464 42.37 46.21 -9.75
C SER C 464 43.18 45.11 -10.40
N LEU C 465 44.15 45.52 -11.21
CA LEU C 465 44.99 44.63 -11.99
C LEU C 465 46.39 44.46 -11.40
N ARG C 466 46.59 44.88 -10.15
CA ARG C 466 47.89 44.74 -9.51
C ARG C 466 48.05 43.31 -8.98
N PHE C 467 49.18 42.69 -9.31
CA PHE C 467 49.48 41.34 -8.86
C PHE C 467 50.82 41.25 -8.13
N ASP C 468 51.48 42.38 -7.89
CA ASP C 468 52.77 42.42 -7.20
C ASP C 468 52.64 42.65 -5.70
N LEU C 469 51.47 42.37 -5.11
CA LEU C 469 51.22 42.73 -3.70
C LEU C 469 51.50 41.54 -2.78
N THR C 470 52.77 41.16 -2.70
CA THR C 470 53.18 40.14 -1.74
C THR C 470 53.01 40.66 -0.30
N ARG C 471 53.12 39.74 0.67
CA ARG C 471 52.95 40.10 2.07
C ARG C 471 53.92 41.20 2.50
N ASP C 472 55.22 40.93 2.41
CA ASP C 472 56.25 41.90 2.78
C ASP C 472 56.25 43.13 1.87
N LYS C 473 55.61 43.04 0.71
CA LYS C 473 55.37 44.23 -0.10
C LYS C 473 54.30 45.12 0.54
N LEU C 474 53.25 44.50 1.10
CA LEU C 474 52.21 45.27 1.80
C LEU C 474 52.72 45.77 3.15
N LEU C 475 53.55 44.99 3.84
CA LEU C 475 54.05 45.38 5.15
C LEU C 475 54.81 46.70 5.08
N SER C 476 55.40 47.02 3.93
CA SER C 476 56.04 48.30 3.71
C SER C 476 55.05 49.41 3.35
N MET C 477 53.75 49.13 3.51
CA MET C 477 52.69 50.11 3.27
C MET C 477 51.70 50.17 4.42
N ALA C 478 51.86 49.32 5.43
CA ALA C 478 50.89 49.20 6.50
C ALA C 478 51.00 50.39 7.45
N PRO C 479 49.97 50.65 8.25
CA PRO C 479 50.09 51.66 9.31
C PRO C 479 51.11 51.22 10.37
N GLN C 480 51.99 52.14 10.74
CA GLN C 480 53.04 51.84 11.70
C GLN C 480 52.74 52.40 13.08
N GLU C 481 51.60 53.07 13.24
CA GLU C 481 51.25 53.72 14.50
C GLU C 481 51.11 52.71 15.63
N ALA C 482 51.83 52.96 16.73
CA ALA C 482 51.80 52.09 17.90
C ALA C 482 50.40 52.01 18.50
N THR C 483 49.57 53.03 18.28
CA THR C 483 48.20 53.02 18.78
C THR C 483 47.39 51.88 18.17
N LEU C 484 47.72 51.46 16.94
CA LEU C 484 47.12 50.27 16.37
C LEU C 484 47.76 49.01 16.93
N ASP C 485 47.07 47.89 16.75
CA ASP C 485 47.55 46.58 17.16
C ASP C 485 48.26 45.92 15.99
N GLN C 486 49.51 45.52 16.19
CA GLN C 486 50.28 44.91 15.11
C GLN C 486 49.71 43.55 14.69
N ALA C 487 49.08 42.83 15.62
CA ALA C 487 48.45 41.57 15.26
C ALA C 487 47.27 41.80 14.32
N ALA C 488 46.42 42.80 14.63
CA ALA C 488 45.36 43.19 13.71
C ALA C 488 45.92 43.72 12.40
N VAL C 489 47.06 44.41 12.45
CA VAL C 489 47.68 44.89 11.23
C VAL C 489 48.31 43.74 10.45
N SER C 490 48.90 42.77 11.16
CA SER C 490 49.42 41.58 10.48
C SER C 490 48.28 40.78 9.84
N ASN C 491 47.19 40.58 10.58
CA ASN C 491 46.00 39.97 10.00
C ASN C 491 45.50 40.75 8.81
N ALA C 492 45.37 42.07 8.97
CA ALA C 492 44.78 42.90 7.92
C ALA C 492 45.53 42.74 6.62
N VAL C 493 46.84 42.53 6.68
CA VAL C 493 47.63 42.28 5.48
C VAL C 493 47.21 40.96 4.84
N ASP C 494 47.08 39.91 5.64
CA ASP C 494 46.73 38.61 5.06
C ASP C 494 45.36 38.64 4.38
N GLY C 495 44.33 39.08 5.11
CA GLY C 495 43.01 39.22 4.50
C GLY C 495 43.04 39.99 3.20
N PHE C 496 43.71 41.14 3.20
CA PHE C 496 43.91 41.91 1.97
C PHE C 496 44.69 41.11 0.93
N LEU C 497 45.63 40.28 1.37
CA LEU C 497 46.31 39.37 0.45
C LEU C 497 45.43 38.16 0.13
N GLY C 498 44.55 37.76 1.04
CA GLY C 498 43.58 36.73 0.74
C GLY C 498 42.51 37.18 -0.22
N ARG C 499 42.20 38.48 -0.21
CA ARG C 499 41.14 39.04 -1.02
C ARG C 499 41.55 39.23 -2.47
N LEU C 500 42.84 39.13 -2.77
CA LEU C 500 43.30 39.25 -4.15
C LEU C 500 43.89 37.97 -4.72
N SER C 501 44.13 36.94 -3.89
CA SER C 501 44.70 35.69 -4.40
C SER C 501 43.84 35.15 -5.53
N LEU C 502 44.44 35.08 -6.73
CA LEU C 502 43.69 34.79 -7.95
C LEU C 502 42.85 33.51 -7.85
N GLU C 503 43.44 32.40 -7.40
CA GLU C 503 42.63 31.19 -7.37
C GLU C 503 41.67 31.20 -6.18
N ARG C 504 40.64 30.37 -6.27
CA ARG C 504 39.67 30.10 -5.21
C ARG C 504 38.95 31.36 -4.77
N GLU C 505 39.12 32.45 -5.52
CA GLU C 505 38.43 33.71 -5.33
C GLU C 505 37.42 33.96 -6.43
N ASP C 506 37.89 33.84 -7.68
CA ASP C 506 37.16 33.74 -8.93
C ASP C 506 36.57 35.07 -9.38
N ARG C 507 36.71 36.15 -8.60
CA ARG C 507 36.33 37.48 -9.05
C ARG C 507 37.52 38.33 -9.48
N ASP C 508 38.66 37.72 -9.81
CA ASP C 508 39.84 38.51 -10.16
C ASP C 508 40.14 38.57 -11.65
N ALA C 509 40.24 37.42 -12.32
CA ALA C 509 40.87 37.37 -13.64
C ALA C 509 40.24 36.27 -14.48
N TRP C 510 40.90 35.95 -15.59
CA TRP C 510 40.48 35.01 -16.63
C TRP C 510 39.39 35.58 -17.53
N HIS C 511 39.20 36.89 -17.52
CA HIS C 511 38.20 37.54 -18.36
C HIS C 511 38.83 38.42 -19.44
N LEU C 512 40.16 38.57 -19.42
CA LEU C 512 40.71 39.41 -20.46
C LEU C 512 41.20 38.55 -21.61
N PRO C 513 40.98 38.95 -22.87
CA PRO C 513 41.52 38.17 -23.99
C PRO C 513 43.04 38.23 -24.11
N ALA C 514 43.73 39.12 -23.39
CA ALA C 514 45.18 39.11 -23.37
C ALA C 514 45.74 38.11 -22.36
N TYR C 515 44.89 37.56 -21.49
CA TYR C 515 45.34 36.60 -20.50
C TYR C 515 46.01 35.39 -21.16
N LYS C 516 45.60 35.04 -22.39
CA LYS C 516 46.06 33.82 -23.04
C LYS C 516 47.58 33.79 -23.21
N CYS C 517 48.17 34.91 -23.59
CA CYS C 517 49.63 35.03 -23.76
C CYS C 517 50.34 35.26 -22.43
N VAL C 518 50.23 34.25 -21.56
CA VAL C 518 51.03 34.16 -20.36
C VAL C 518 51.29 32.68 -20.10
N ASP C 519 52.56 32.31 -20.03
CA ASP C 519 52.95 30.92 -19.78
C ASP C 519 52.79 30.57 -18.31
N ARG C 520 53.45 31.33 -17.44
CA ARG C 520 53.34 31.17 -16.00
C ARG C 520 52.44 32.29 -15.49
N LEU C 521 51.35 31.92 -14.82
CA LEU C 521 50.36 32.91 -14.43
C LEU C 521 50.66 33.52 -13.08
N ASP C 522 51.55 32.89 -12.31
CA ASP C 522 52.00 33.39 -11.03
C ASP C 522 53.16 34.37 -11.13
N LYS C 523 53.75 34.54 -12.31
CA LYS C 523 54.86 35.46 -12.48
C LYS C 523 54.44 36.84 -12.97
N VAL C 524 53.14 37.08 -13.15
CA VAL C 524 52.66 38.38 -13.61
C VAL C 524 52.74 39.39 -12.47
N LEU C 525 52.93 40.67 -12.82
CA LEU C 525 52.98 41.73 -11.81
C LEU C 525 51.91 42.79 -11.97
N MET C 526 51.61 43.21 -13.20
CA MET C 526 50.62 44.25 -13.44
C MET C 526 50.21 44.22 -14.91
N ILE C 527 48.94 44.52 -15.17
CA ILE C 527 48.36 44.44 -16.51
C ILE C 527 47.59 45.72 -16.77
N ILE C 528 48.10 46.58 -17.65
CA ILE C 528 47.46 47.86 -17.96
C ILE C 528 46.81 47.73 -19.34
N PRO C 529 45.49 47.63 -19.44
CA PRO C 529 44.80 47.75 -20.73
C PRO C 529 44.57 49.21 -21.10
N LEU C 530 45.15 49.62 -22.22
CA LEU C 530 44.83 50.92 -22.82
C LEU C 530 43.97 50.68 -24.05
N ILE C 531 43.59 51.78 -24.72
CA ILE C 531 42.89 51.63 -25.99
C ILE C 531 43.89 51.14 -27.04
N ASN C 532 43.50 50.07 -27.75
CA ASN C 532 44.22 49.43 -28.84
C ASN C 532 45.41 48.59 -28.38
N VAL C 533 45.75 48.60 -27.09
CA VAL C 533 46.87 47.82 -26.58
C VAL C 533 46.58 47.46 -25.13
N THR C 534 47.05 46.28 -24.71
CA THR C 534 47.26 46.05 -23.29
C THR C 534 48.73 45.73 -23.08
N PHE C 535 49.20 45.91 -21.85
CA PHE C 535 50.58 45.56 -21.51
C PHE C 535 50.56 44.50 -20.42
N ILE C 536 51.54 43.63 -20.44
CA ILE C 536 51.64 42.54 -19.46
C ILE C 536 53.03 42.69 -18.83
N ILE C 537 53.07 43.37 -17.70
CA ILE C 537 54.30 43.53 -16.92
C ILE C 537 54.47 42.32 -16.03
N SER C 538 55.63 41.68 -16.11
CA SER C 538 55.85 40.46 -15.33
C SER C 538 57.34 40.25 -15.14
N SER C 539 57.66 39.30 -14.26
CA SER C 539 58.97 38.68 -14.22
C SER C 539 59.06 37.47 -15.15
N ASP C 540 57.91 37.01 -15.68
CA ASP C 540 57.90 35.89 -16.61
C ASP C 540 58.53 36.30 -17.94
N ARG C 541 59.44 35.48 -18.42
CA ARG C 541 60.09 35.70 -19.71
C ARG C 541 59.29 35.12 -20.87
N GLU C 542 58.80 33.89 -20.73
CA GLU C 542 58.15 33.19 -21.82
C GLU C 542 56.74 33.76 -22.00
N VAL C 543 56.62 34.75 -22.87
CA VAL C 543 55.38 35.47 -23.10
C VAL C 543 55.19 35.67 -24.59
N ARG C 544 53.94 35.62 -25.07
CA ARG C 544 53.64 35.78 -26.48
C ARG C 544 53.22 37.21 -26.84
N GLY C 545 53.59 38.21 -26.05
CA GLY C 545 53.36 39.58 -26.46
C GLY C 545 54.11 39.90 -27.74
N SER C 546 53.68 40.96 -28.42
CA SER C 546 54.34 41.35 -29.67
C SER C 546 55.80 41.70 -29.44
N ALA C 547 56.07 42.71 -28.62
CA ALA C 547 57.42 43.09 -28.23
C ALA C 547 57.79 42.45 -26.90
N LEU C 548 58.96 42.83 -26.38
CA LEU C 548 59.39 42.46 -25.03
C LEU C 548 60.45 43.45 -24.58
N TYR C 549 60.29 44.03 -23.39
CA TYR C 549 61.29 44.94 -22.87
C TYR C 549 61.78 44.46 -21.51
N GLU C 550 62.98 44.89 -21.15
CA GLU C 550 63.53 44.65 -19.81
C GLU C 550 64.16 45.94 -19.29
N ALA C 551 63.53 46.56 -18.30
CA ALA C 551 64.27 47.58 -17.56
C ALA C 551 65.34 46.92 -16.68
N SER C 552 66.35 47.71 -16.31
CA SER C 552 67.48 47.22 -15.50
C SER C 552 67.04 47.08 -14.05
N THR C 553 66.33 45.99 -13.75
CA THR C 553 65.54 45.97 -12.52
C THR C 553 66.42 46.12 -11.28
N THR C 554 67.31 45.16 -11.04
CA THR C 554 68.51 45.23 -10.22
C THR C 554 69.18 43.87 -10.39
N TYR C 555 70.38 43.70 -9.86
CA TYR C 555 70.77 42.35 -9.48
C TYR C 555 70.42 41.99 -8.02
N LEU C 556 69.15 42.17 -7.61
CA LEU C 556 68.49 41.32 -6.63
C LEU C 556 67.29 40.57 -7.17
N SER C 557 66.37 41.26 -7.83
CA SER C 557 65.02 40.75 -8.03
C SER C 557 64.91 39.98 -9.35
N SER C 558 63.87 39.12 -9.40
CA SER C 558 63.72 38.18 -10.50
C SER C 558 63.83 38.83 -11.88
N SER C 559 62.96 39.80 -12.17
CA SER C 559 62.95 40.48 -13.47
C SER C 559 61.95 41.63 -13.43
N LEU C 560 61.89 42.39 -14.53
CA LEU C 560 60.76 43.27 -14.82
C LEU C 560 60.60 43.35 -16.34
N PHE C 561 59.68 42.58 -16.89
CA PHE C 561 59.43 42.55 -18.33
C PHE C 561 58.12 43.27 -18.66
N LEU C 562 58.04 43.80 -19.88
CA LEU C 562 56.89 44.57 -20.34
C LEU C 562 56.49 44.08 -21.73
N SER C 563 55.43 43.28 -21.82
CA SER C 563 55.01 42.74 -23.11
C SER C 563 53.75 43.43 -23.60
N PRO C 564 53.80 44.30 -24.60
CA PRO C 564 52.59 44.93 -25.15
C PRO C 564 51.87 44.01 -26.12
N VAL C 565 50.67 43.59 -25.76
CA VAL C 565 49.78 42.83 -26.64
C VAL C 565 49.00 43.80 -27.51
N ILE C 566 49.15 43.68 -28.83
CA ILE C 566 48.51 44.58 -29.78
C ILE C 566 47.16 44.04 -30.19
N MET C 567 46.14 44.89 -30.10
CA MET C 567 44.75 44.56 -30.45
C MET C 567 44.28 43.33 -29.69
N ASN C 568 44.80 43.14 -28.48
CA ASN C 568 44.33 42.10 -27.56
C ASN C 568 44.42 40.72 -28.21
N LYS C 569 45.48 40.50 -29.00
CA LYS C 569 45.72 39.25 -29.70
C LYS C 569 47.14 38.81 -29.45
N CYS C 570 47.28 37.59 -28.93
CA CYS C 570 48.56 37.02 -28.53
C CYS C 570 49.29 36.49 -29.76
N SER C 571 50.40 35.78 -29.54
CA SER C 571 51.23 35.29 -30.64
C SER C 571 51.47 33.78 -30.52
N GLN C 572 52.34 33.27 -31.39
CA GLN C 572 52.54 31.83 -31.58
C GLN C 572 53.83 31.33 -30.94
N GLY C 573 54.53 32.19 -30.21
CA GLY C 573 55.74 31.79 -29.51
C GLY C 573 56.49 32.97 -28.93
N ALA C 574 57.13 32.77 -27.78
CA ALA C 574 57.86 33.84 -27.12
C ALA C 574 58.94 34.41 -28.01
N VAL C 575 58.92 35.74 -28.19
CA VAL C 575 59.93 36.40 -29.01
C VAL C 575 61.33 36.04 -28.50
N ALA C 576 62.21 35.73 -29.43
CA ALA C 576 63.55 35.24 -29.13
C ALA C 576 64.56 36.38 -29.20
N GLY C 577 65.76 36.12 -28.70
CA GLY C 577 66.81 37.12 -28.70
C GLY C 577 66.76 38.03 -27.49
N GLU C 578 67.93 38.56 -27.14
CA GLU C 578 68.11 39.46 -26.02
C GLU C 578 66.99 40.52 -26.02
N PRO C 579 66.32 40.75 -24.88
CA PRO C 579 65.21 41.71 -24.87
C PRO C 579 65.62 43.11 -25.29
N ARG C 580 64.61 43.88 -25.68
CA ARG C 580 64.77 45.23 -26.19
C ARG C 580 65.26 46.17 -25.08
N GLN C 581 65.53 47.42 -25.45
CA GLN C 581 65.92 48.47 -24.53
C GLN C 581 64.86 49.57 -24.56
N ILE C 582 64.47 50.04 -23.38
CA ILE C 582 63.50 51.12 -23.25
C ILE C 582 64.15 52.44 -23.67
N PRO C 583 63.69 53.07 -24.74
CA PRO C 583 64.31 54.33 -25.21
C PRO C 583 64.04 55.47 -24.23
N LYS C 584 65.11 56.05 -23.71
CA LYS C 584 64.99 57.15 -22.77
C LYS C 584 64.59 58.43 -23.50
N ILE C 585 64.04 59.39 -22.74
CA ILE C 585 63.54 60.64 -23.30
C ILE C 585 63.96 61.79 -22.39
N GLN C 586 64.82 62.69 -22.89
CA GLN C 586 65.12 63.94 -22.22
C GLN C 586 64.55 65.18 -22.90
N ASN C 587 64.29 65.13 -24.21
CA ASN C 587 63.74 66.28 -24.92
C ASN C 587 62.22 66.29 -24.78
N PHE C 588 61.79 66.64 -23.57
CA PHE C 588 60.36 66.76 -23.24
C PHE C 588 60.22 67.81 -22.14
N THR C 589 59.36 68.79 -22.37
CA THR C 589 59.18 69.92 -21.47
C THR C 589 58.03 69.68 -20.50
N ARG C 590 58.12 70.29 -19.32
CA ARG C 590 57.14 70.06 -18.26
C ARG C 590 55.85 70.83 -18.49
N THR C 591 55.85 71.83 -19.37
CA THR C 591 54.65 72.63 -19.64
C THR C 591 54.01 72.16 -20.93
N GLN C 592 52.76 71.73 -20.85
CA GLN C 592 51.99 71.34 -22.01
C GLN C 592 50.66 72.10 -22.02
N LYS C 593 50.02 72.11 -23.19
CA LYS C 593 48.71 72.72 -23.36
C LYS C 593 47.79 71.78 -24.13
N SER C 594 48.17 70.51 -24.22
CA SER C 594 47.48 69.52 -25.03
C SER C 594 47.61 68.16 -24.37
N CYS C 595 46.76 67.23 -24.79
CA CYS C 595 46.51 65.98 -24.09
C CYS C 595 47.37 64.83 -24.61
N ILE C 596 48.55 65.13 -25.14
CA ILE C 596 49.37 64.18 -25.91
C ILE C 596 49.44 62.82 -25.21
N PHE C 597 49.43 62.82 -23.88
CA PHE C 597 49.46 61.58 -23.11
C PHE C 597 48.05 61.02 -22.83
N CYS C 598 47.00 61.57 -23.45
CA CYS C 598 45.67 60.94 -23.39
C CYS C 598 45.73 59.48 -23.80
N GLY C 599 45.07 58.64 -23.01
CA GLY C 599 45.06 57.22 -23.23
C GLY C 599 46.39 56.54 -23.02
N PHE C 600 47.30 57.17 -22.27
CA PHE C 600 48.60 56.59 -21.97
C PHE C 600 48.69 56.39 -20.46
N ALA C 601 49.22 55.23 -20.07
CA ALA C 601 49.55 54.96 -18.69
C ALA C 601 50.98 55.41 -18.40
N LEU C 602 51.20 55.89 -17.18
CA LEU C 602 52.49 56.39 -16.75
C LEU C 602 52.89 55.61 -15.51
N LEU C 603 53.78 54.63 -15.68
CA LEU C 603 54.19 53.78 -14.57
C LEU C 603 55.38 54.37 -13.83
N SER C 604 55.50 53.99 -12.57
CA SER C 604 56.58 54.44 -11.70
C SER C 604 56.98 53.29 -10.79
N TYR C 605 58.24 52.86 -10.90
CA TYR C 605 58.72 51.69 -10.17
C TYR C 605 60.07 52.02 -9.55
N ASP C 606 60.53 51.12 -8.70
CA ASP C 606 61.82 51.26 -8.04
C ASP C 606 62.65 50.01 -8.34
N GLU C 607 63.97 50.21 -8.41
CA GLU C 607 64.84 49.12 -8.83
C GLU C 607 64.87 47.97 -7.83
N LYS C 608 64.55 48.23 -6.57
CA LYS C 608 64.56 47.19 -5.55
C LYS C 608 63.16 46.85 -5.07
N GLU C 609 62.37 47.87 -4.72
CA GLU C 609 61.03 47.62 -4.19
C GLU C 609 60.10 47.03 -5.25
N GLY C 610 60.17 47.51 -6.48
CA GLY C 610 59.25 47.07 -7.51
C GLY C 610 58.37 48.19 -8.03
N LEU C 611 57.26 47.85 -8.67
CA LEU C 611 56.32 48.85 -9.14
C LEU C 611 55.72 49.62 -7.98
N GLU C 612 55.66 50.94 -8.11
CA GLU C 612 55.13 51.77 -7.03
C GLU C 612 53.81 52.46 -7.35
N THR C 613 53.73 53.19 -8.46
CA THR C 613 52.55 54.00 -8.74
C THR C 613 52.16 53.87 -10.21
N THR C 614 50.86 53.94 -10.48
CA THR C 614 50.32 53.88 -11.82
C THR C 614 49.34 55.03 -12.01
N THR C 615 49.43 55.70 -13.16
CA THR C 615 48.47 56.75 -13.50
C THR C 615 48.04 56.57 -14.93
N TYR C 616 46.73 56.58 -15.16
CA TYR C 616 46.15 56.58 -16.50
C TYR C 616 45.63 57.98 -16.81
N ILE C 617 46.20 58.61 -17.83
CA ILE C 617 45.93 60.01 -18.12
C ILE C 617 44.63 60.09 -18.91
N THR C 618 43.50 60.26 -18.23
CA THR C 618 42.21 60.23 -18.90
C THR C 618 41.80 61.59 -19.43
N SER C 619 42.30 62.67 -18.85
CA SER C 619 41.83 64.00 -19.20
C SER C 619 43.00 64.97 -19.13
N GLN C 620 42.79 66.15 -19.71
CA GLN C 620 43.78 67.21 -19.60
C GLN C 620 44.11 67.53 -18.14
N GLU C 621 43.14 67.38 -17.23
CA GLU C 621 43.37 67.64 -15.81
C GLU C 621 44.32 66.63 -15.20
N VAL C 622 44.13 65.35 -15.49
CA VAL C 622 45.00 64.30 -14.94
C VAL C 622 46.44 64.57 -15.37
N GLN C 623 46.63 65.02 -16.60
CA GLN C 623 47.97 65.31 -17.09
C GLN C 623 48.56 66.54 -16.39
N ASN C 624 47.79 67.61 -16.25
CA ASN C 624 48.30 68.80 -15.58
C ASN C 624 48.74 68.49 -14.15
N SER C 625 48.00 67.64 -13.45
CA SER C 625 48.40 67.28 -12.09
C SER C 625 49.79 66.64 -12.07
N ILE C 626 50.00 65.60 -12.91
CA ILE C 626 51.29 64.91 -12.94
C ILE C 626 52.43 65.89 -13.20
N LEU C 627 52.30 66.71 -14.24
CA LEU C 627 53.38 67.60 -14.64
C LEU C 627 53.62 68.70 -13.60
N SER C 628 52.57 69.45 -13.26
CA SER C 628 52.72 70.62 -12.40
C SER C 628 53.13 70.26 -10.98
N SER C 629 52.95 69.01 -10.56
CA SER C 629 53.32 68.58 -9.22
C SER C 629 54.73 67.99 -9.21
N ASN C 630 55.15 67.55 -8.03
CA ASN C 630 56.48 67.01 -7.75
C ASN C 630 56.64 65.56 -8.17
N TYR C 631 55.66 65.00 -8.90
CA TYR C 631 55.68 63.59 -9.29
C TYR C 631 57.02 63.18 -9.89
N PHE C 632 57.57 64.00 -10.78
CA PHE C 632 58.84 63.68 -11.40
C PHE C 632 59.96 64.04 -10.44
N ASP C 633 60.44 63.04 -9.69
CA ASP C 633 61.56 63.16 -8.76
C ASP C 633 62.65 62.20 -9.23
N PHE C 634 63.70 62.76 -9.84
CA PHE C 634 64.82 61.96 -10.31
C PHE C 634 65.96 61.89 -9.30
N ASP C 635 65.79 62.49 -8.13
CA ASP C 635 66.85 62.51 -7.12
C ASP C 635 67.23 61.10 -6.69
N ASN C 636 66.25 60.21 -6.63
CA ASN C 636 66.49 58.81 -6.31
C ASN C 636 66.74 58.04 -7.60
N LEU C 637 67.97 57.56 -7.78
CA LEU C 637 68.36 56.89 -9.01
C LEU C 637 67.67 55.55 -9.19
N HIS C 638 67.19 54.95 -8.09
CA HIS C 638 66.56 53.64 -8.14
C HIS C 638 65.15 53.67 -8.72
N VAL C 639 64.56 54.84 -8.92
CA VAL C 639 63.17 54.95 -9.34
C VAL C 639 63.15 55.49 -10.77
N HIS C 640 62.52 54.74 -11.69
CA HIS C 640 62.40 55.17 -13.07
C HIS C 640 60.93 55.34 -13.43
N TYR C 641 60.66 56.06 -14.51
CA TYR C 641 59.29 56.47 -14.84
C TYR C 641 58.98 56.05 -16.28
N LEU C 642 58.48 54.84 -16.45
CA LEU C 642 58.11 54.37 -17.78
C LEU C 642 56.87 55.10 -18.29
N LEU C 643 56.63 55.01 -19.59
CA LEU C 643 55.46 55.59 -20.22
C LEU C 643 54.92 54.63 -21.26
N LEU C 644 53.68 54.20 -21.09
CA LEU C 644 53.06 53.16 -21.89
C LEU C 644 52.12 53.81 -22.90
N THR C 645 52.49 53.76 -24.18
CA THR C 645 51.70 54.39 -25.23
C THR C 645 50.58 53.44 -25.70
N THR C 646 49.71 53.98 -26.57
CA THR C 646 48.72 53.14 -27.25
C THR C 646 49.30 52.47 -28.49
N ASN C 647 50.45 52.93 -28.97
CA ASN C 647 51.12 52.33 -30.11
C ASN C 647 51.93 51.11 -29.71
N GLY C 648 51.95 50.76 -28.43
CA GLY C 648 52.65 49.59 -27.94
C GLY C 648 54.08 49.85 -27.51
N THR C 649 54.52 51.11 -27.48
CA THR C 649 55.89 51.44 -27.14
C THR C 649 56.00 51.81 -25.67
N VAL C 650 57.09 51.41 -25.03
CA VAL C 650 57.43 51.82 -23.68
C VAL C 650 58.59 52.80 -23.76
N MET C 651 58.46 53.93 -23.07
CA MET C 651 59.43 55.01 -23.17
C MET C 651 59.72 55.54 -21.78
N GLU C 652 60.99 55.51 -21.38
CA GLU C 652 61.37 56.00 -20.06
C GLU C 652 61.67 57.48 -20.12
N ILE C 653 61.09 58.24 -19.20
CA ILE C 653 61.42 59.65 -19.03
C ILE C 653 62.51 59.76 -17.96
N ALA C 654 63.68 60.23 -18.38
CA ALA C 654 64.80 60.42 -17.48
C ALA C 654 64.98 61.88 -17.05
N GLY C 655 64.31 62.81 -17.72
CA GLY C 655 64.44 64.21 -17.38
C GLY C 655 63.52 65.06 -18.23
N LEU C 656 63.50 66.35 -17.90
CA LEU C 656 62.60 67.30 -18.54
C LEU C 656 63.36 68.54 -18.99
N TYR C 657 62.65 69.56 -19.46
CA TYR C 657 63.25 70.90 -19.53
C TYR C 657 63.00 71.63 -18.22
N TRP D 1 -21.52 28.45 38.74
CA TRP D 1 -22.80 28.82 39.40
C TRP D 1 -23.07 27.97 40.65
N ALA D 2 -23.76 26.85 40.54
CA ALA D 2 -24.16 26.02 41.69
C ALA D 2 -22.95 25.31 42.27
N TYR D 3 -22.14 24.72 41.41
CA TYR D 3 -20.95 24.01 41.88
C TYR D 3 -19.79 24.47 41.01
N PRO D 4 -19.14 25.57 41.38
CA PRO D 4 -18.09 26.14 40.52
C PRO D 4 -16.75 25.40 40.54
N CYS D 5 -16.38 24.87 41.70
CA CYS D 5 -15.03 24.38 41.95
C CYS D 5 -14.97 22.88 41.78
N CYS D 6 -14.51 22.44 40.63
CA CYS D 6 -14.40 21.02 40.32
C CYS D 6 -12.92 20.64 40.20
N HIS D 7 -12.69 19.38 39.87
CA HIS D 7 -11.34 18.84 39.74
C HIS D 7 -11.07 18.48 38.29
N VAL D 8 -10.00 19.02 37.73
CA VAL D 8 -9.64 18.76 36.33
C VAL D 8 -8.83 17.48 36.26
N THR D 9 -9.36 16.49 35.53
CA THR D 9 -8.60 15.32 35.13
C THR D 9 -8.91 14.99 33.69
N GLN D 10 -7.92 14.38 33.02
CA GLN D 10 -8.08 13.95 31.64
C GLN D 10 -9.16 12.89 31.52
N LEU D 11 -10.15 13.14 30.65
CA LEU D 11 -11.27 12.21 30.50
C LEU D 11 -10.79 10.86 29.95
N ARG D 12 -9.80 10.90 29.06
CA ARG D 12 -8.82 9.89 28.67
C ARG D 12 -9.39 8.76 27.81
N ALA D 13 -10.69 8.75 27.55
CA ALA D 13 -11.34 8.31 26.32
C ALA D 13 -12.82 8.57 26.50
N GLN D 14 -13.54 8.64 25.39
CA GLN D 14 -14.94 8.26 25.24
C GLN D 14 -15.81 8.77 26.39
N HIS D 15 -15.54 9.97 26.88
CA HIS D 15 -16.50 10.60 27.77
C HIS D 15 -16.60 12.07 27.41
N LEU D 16 -16.01 12.46 26.27
CA LEU D 16 -15.74 13.85 25.95
C LEU D 16 -17.04 14.59 25.62
N LEU D 17 -16.89 15.88 25.34
CA LEU D 17 -17.93 16.64 24.65
C LEU D 17 -17.32 17.36 23.43
N ALA D 18 -16.05 17.71 23.50
CA ALA D 18 -15.22 18.00 22.31
C ALA D 18 -15.58 19.31 21.61
N LEU D 19 -16.43 20.13 22.21
CA LEU D 19 -16.83 21.49 21.81
C LEU D 19 -17.79 21.53 20.64
N GLU D 20 -18.13 20.41 20.02
CA GLU D 20 -19.24 20.43 19.09
C GLU D 20 -20.54 20.25 19.83
N ASN D 21 -20.48 19.58 20.98
CA ASN D 21 -21.61 19.41 21.88
C ASN D 21 -21.46 20.26 23.14
N ILE D 22 -20.66 21.33 23.08
CA ILE D 22 -20.55 22.32 24.14
C ILE D 22 -21.38 23.54 23.74
N SER D 23 -22.14 24.06 24.69
CA SER D 23 -22.98 25.25 24.47
C SER D 23 -22.82 26.29 25.55
N ASP D 24 -22.35 25.94 26.74
CA ASP D 24 -22.10 26.90 27.82
C ASP D 24 -20.80 26.53 28.50
N ILE D 25 -20.01 27.56 28.83
CA ILE D 25 -18.73 27.41 29.50
C ILE D 25 -18.69 28.42 30.63
N TYR D 26 -18.47 27.94 31.85
CA TYR D 26 -18.41 28.79 33.03
C TYR D 26 -16.95 28.93 33.46
N LEU D 27 -16.51 30.17 33.70
CA LEU D 27 -15.14 30.46 34.12
C LEU D 27 -15.14 31.06 35.52
N VAL D 28 -14.49 30.36 36.46
CA VAL D 28 -14.44 30.83 37.84
C VAL D 28 -13.55 32.06 37.95
N SER D 29 -13.66 32.77 39.06
CA SER D 29 -12.91 34.00 39.28
C SER D 29 -11.64 33.77 40.08
N ASN D 30 -10.94 34.87 40.30
CA ASN D 30 -9.69 34.93 41.06
C ASN D 30 -9.90 34.69 42.54
N GLN D 31 -11.07 35.06 43.09
CA GLN D 31 -11.38 34.75 44.48
C GLN D 31 -12.30 33.55 44.66
N THR D 32 -12.99 33.08 43.62
CA THR D 32 -14.00 32.05 43.81
C THR D 32 -13.41 30.71 44.22
N CYS D 33 -12.18 30.42 43.80
CA CYS D 33 -11.72 29.05 43.96
C CYS D 33 -10.33 28.98 44.59
N ASP D 34 -9.99 29.98 45.39
CA ASP D 34 -8.68 30.15 46.03
C ASP D 34 -7.55 30.28 45.03
N GLY D 35 -7.85 30.73 43.81
CA GLY D 35 -6.83 31.03 42.83
C GLY D 35 -6.67 30.02 41.73
N PHE D 36 -7.59 29.05 41.64
CA PHE D 36 -7.57 28.02 40.61
C PHE D 36 -8.42 28.50 39.43
N SER D 37 -7.81 28.53 38.25
CA SER D 37 -8.54 28.91 37.04
C SER D 37 -9.18 27.63 36.54
N LEU D 38 -10.42 27.40 36.96
CA LEU D 38 -11.16 26.23 36.56
C LEU D 38 -12.34 26.62 35.68
N ALA D 39 -12.70 25.74 34.76
CA ALA D 39 -13.82 25.95 33.87
C ALA D 39 -14.72 24.73 33.90
N SER D 40 -15.97 24.93 33.50
CA SER D 40 -16.93 23.83 33.38
C SER D 40 -17.63 23.93 32.03
N LEU D 41 -17.44 22.91 31.19
CA LEU D 41 -18.01 22.83 29.86
C LEU D 41 -19.36 22.10 29.93
N ASN D 42 -20.40 22.65 29.27
CA ASN D 42 -21.75 22.13 29.39
C ASN D 42 -22.42 21.92 28.04
N SER D 43 -23.41 20.92 27.98
CA SER D 43 -24.24 20.66 26.79
C SER D 43 -25.56 21.39 26.89
N PRO D 44 -26.27 21.61 25.77
CA PRO D 44 -27.46 22.48 25.86
C PRO D 44 -28.62 21.99 26.73
N LYS D 45 -29.12 20.77 26.51
CA LYS D 45 -29.90 19.84 27.35
C LYS D 45 -30.00 18.50 26.63
N ASN D 46 -29.95 17.38 27.32
CA ASN D 46 -30.18 16.08 26.67
C ASN D 46 -31.57 15.54 27.01
N GLY D 47 -32.32 15.17 25.97
CA GLY D 47 -33.44 14.24 26.02
C GLY D 47 -34.58 14.61 26.96
N SER D 48 -35.18 13.59 27.56
CA SER D 48 -36.35 13.77 28.40
C SER D 48 -35.95 14.37 29.75
N ASN D 49 -34.93 13.79 30.39
CA ASN D 49 -34.53 14.26 31.72
C ASN D 49 -33.95 15.65 31.67
N GLN D 50 -33.50 16.09 30.49
CA GLN D 50 -33.04 17.45 30.27
C GLN D 50 -31.74 17.74 31.01
N LEU D 51 -30.92 16.70 31.24
CA LEU D 51 -29.71 16.90 32.00
C LEU D 51 -28.65 17.61 31.16
N VAL D 52 -27.86 18.44 31.83
CA VAL D 52 -26.77 19.19 31.23
C VAL D 52 -25.46 18.50 31.62
N ILE D 53 -24.83 17.86 30.65
CA ILE D 53 -23.55 17.18 30.88
C ILE D 53 -22.46 18.22 31.13
N SER D 54 -21.68 18.04 32.20
CA SER D 54 -20.66 19.00 32.59
C SER D 54 -19.35 18.29 32.88
N ARG D 55 -18.27 18.71 32.22
CA ARG D 55 -16.94 18.30 32.64
C ARG D 55 -16.10 19.50 33.07
N CYS D 56 -15.08 19.18 33.85
CA CYS D 56 -14.21 20.18 34.44
C CYS D 56 -13.03 20.45 33.51
N ALA D 57 -12.71 21.73 33.30
CA ALA D 57 -11.72 22.12 32.33
C ALA D 57 -10.66 22.98 33.00
N ASN D 58 -9.44 22.94 32.43
CA ASN D 58 -8.36 23.81 32.88
C ASN D 58 -8.62 25.22 32.37
N GLY D 59 -8.93 26.14 33.28
CA GLY D 59 -9.29 27.49 32.95
C GLY D 59 -8.27 28.26 32.15
N LEU D 60 -7.06 28.40 32.68
CA LEU D 60 -5.99 29.11 31.96
C LEU D 60 -5.87 28.62 30.52
N ASN D 61 -5.97 27.30 30.31
CA ASN D 61 -5.93 26.76 28.95
C ASN D 61 -7.12 27.26 28.13
N VAL D 62 -8.34 27.10 28.65
CA VAL D 62 -9.54 27.44 27.91
C VAL D 62 -9.64 28.94 27.67
N VAL D 63 -9.21 29.74 28.65
CA VAL D 63 -9.14 31.20 28.47
C VAL D 63 -8.20 31.53 27.32
N SER D 64 -6.94 31.09 27.42
CA SER D 64 -5.97 31.36 26.38
C SER D 64 -6.43 30.88 25.02
N PHE D 65 -7.31 29.87 24.98
CA PHE D 65 -7.90 29.43 23.73
C PHE D 65 -8.82 30.48 23.13
N PHE D 66 -9.79 30.96 23.89
CA PHE D 66 -10.72 31.97 23.39
C PHE D 66 -9.99 33.27 23.06
N ILE D 67 -8.97 33.63 23.84
CA ILE D 67 -8.19 34.83 23.55
C ILE D 67 -7.57 34.71 22.17
N SER D 68 -6.92 33.58 21.90
CA SER D 68 -6.27 33.38 20.62
C SER D 68 -7.30 33.25 19.49
N ILE D 69 -8.46 32.64 19.76
CA ILE D 69 -9.50 32.58 18.74
C ILE D 69 -9.87 33.98 18.28
N LEU D 70 -10.12 34.87 19.24
CA LEU D 70 -10.52 36.24 18.92
C LEU D 70 -9.44 36.96 18.12
N LYS D 71 -8.21 36.99 18.66
CA LYS D 71 -7.10 37.59 17.93
C LYS D 71 -6.99 37.03 16.52
N ARG D 72 -6.99 35.70 16.39
CA ARG D 72 -6.93 35.05 15.09
C ARG D 72 -8.05 35.51 14.15
N SER D 73 -9.18 35.91 14.70
CA SER D 73 -10.31 36.34 13.89
C SER D 73 -10.64 37.79 14.14
N SER D 74 -9.59 38.61 14.26
CA SER D 74 -9.72 39.98 14.76
C SER D 74 -10.63 40.84 13.89
N SER D 75 -10.72 40.55 12.58
CA SER D 75 -11.56 41.38 11.72
C SER D 75 -13.00 41.49 12.21
N ALA D 76 -13.70 40.35 12.34
CA ALA D 76 -15.15 40.38 12.55
C ALA D 76 -15.56 41.12 13.82
N LEU D 77 -15.13 40.62 14.97
CA LEU D 77 -14.90 41.40 16.20
C LEU D 77 -16.00 42.42 16.52
N THR D 78 -17.22 41.91 16.67
CA THR D 78 -18.35 42.76 17.01
C THR D 78 -18.15 43.34 18.41
N GLY D 79 -18.71 44.53 18.64
CA GLY D 79 -18.32 45.33 19.79
C GLY D 79 -18.22 44.58 21.10
N HIS D 80 -19.22 43.75 21.43
CA HIS D 80 -19.13 42.99 22.67
C HIS D 80 -18.15 41.83 22.50
N LEU D 81 -18.00 41.36 21.28
CA LEU D 81 -17.08 40.27 20.99
C LEU D 81 -15.63 40.69 21.27
N ARG D 82 -15.28 41.96 20.98
CA ARG D 82 -13.96 42.47 21.35
C ARG D 82 -13.93 43.03 22.76
N GLU D 83 -15.09 43.15 23.40
CA GLU D 83 -15.11 43.46 24.81
C GLU D 83 -14.93 42.20 25.64
N LEU D 84 -15.26 41.05 25.04
CA LEU D 84 -14.88 39.76 25.64
C LEU D 84 -13.37 39.60 25.65
N LEU D 85 -12.74 39.81 24.48
CA LEU D 85 -11.28 39.67 24.38
C LEU D 85 -10.56 40.43 25.48
N THR D 86 -10.99 41.65 25.76
CA THR D 86 -10.27 42.42 26.77
C THR D 86 -10.65 41.99 28.18
N THR D 87 -11.90 41.52 28.37
CA THR D 87 -12.28 40.92 29.64
C THR D 87 -11.55 39.61 29.88
N LEU D 88 -11.41 38.78 28.85
CA LEU D 88 -10.68 37.52 29.00
C LEU D 88 -9.22 37.77 29.34
N GLU D 89 -8.56 38.68 28.61
CA GLU D 89 -7.16 38.95 28.88
C GLU D 89 -6.94 39.40 30.32
N THR D 90 -7.79 40.32 30.81
CA THR D 90 -7.65 40.76 32.18
C THR D 90 -7.97 39.66 33.18
N LEU D 91 -8.94 38.80 32.86
CA LEU D 91 -9.24 37.68 33.74
C LEU D 91 -8.08 36.70 33.80
N TYR D 92 -7.57 36.30 32.63
CA TYR D 92 -6.34 35.50 32.58
C TYR D 92 -5.19 36.18 33.31
N GLY D 93 -5.05 37.49 33.14
CA GLY D 93 -3.99 38.20 33.84
C GLY D 93 -4.22 38.34 35.33
N SER D 94 -5.44 38.10 35.80
CA SER D 94 -5.72 38.19 37.22
C SER D 94 -5.23 36.98 38.00
N PHE D 95 -4.98 35.85 37.34
CA PHE D 95 -4.52 34.67 38.04
C PHE D 95 -2.99 34.59 37.98
N SER D 96 -2.40 34.13 39.08
CA SER D 96 -0.96 33.96 39.19
C SER D 96 -0.64 32.48 39.15
N VAL D 97 0.30 32.09 38.28
CA VAL D 97 0.69 30.69 38.17
C VAL D 97 1.87 30.38 39.06
N GLU D 98 2.50 31.38 39.66
CA GLU D 98 3.60 31.17 40.57
C GLU D 98 3.12 30.99 42.00
N ASP D 99 1.83 31.22 42.25
CA ASP D 99 1.18 30.92 43.52
C ASP D 99 0.63 29.51 43.55
N LEU D 100 0.72 28.79 42.43
CA LEU D 100 0.21 27.44 42.29
C LEU D 100 1.23 26.41 42.75
N PHE D 101 2.46 26.83 43.02
CA PHE D 101 3.48 25.94 43.56
C PHE D 101 3.29 25.71 45.06
N GLY D 102 2.92 26.76 45.80
CA GLY D 102 2.67 26.60 47.22
C GLY D 102 1.24 26.26 47.54
N ALA D 103 0.75 25.16 46.97
CA ALA D 103 -0.64 24.77 47.12
C ALA D 103 -0.77 23.28 46.81
N ASN D 104 -1.91 22.71 47.20
CA ASN D 104 -2.26 21.35 46.79
C ASN D 104 -3.31 21.42 45.68
N LEU D 105 -3.12 20.61 44.64
CA LEU D 105 -3.96 20.71 43.46
C LEU D 105 -5.14 19.74 43.49
N ASN D 106 -5.07 18.70 44.33
CA ASN D 106 -6.20 17.80 44.53
C ASN D 106 -7.16 18.28 45.61
N ARG D 107 -7.12 19.57 45.96
CA ARG D 107 -8.01 20.09 47.00
C ARG D 107 -9.48 19.76 46.74
N TYR D 108 -9.86 19.45 45.49
CA TYR D 108 -11.23 19.13 45.16
C TYR D 108 -11.31 17.68 44.71
N ALA D 109 -12.53 17.20 44.51
CA ALA D 109 -12.82 15.78 44.28
C ALA D 109 -12.33 14.90 45.44
N LEU E 3 -42.19 -28.10 61.23
CA LEU E 3 -42.82 -28.27 59.92
C LEU E 3 -43.75 -29.45 59.78
N SER E 4 -43.30 -30.40 58.98
CA SER E 4 -44.17 -31.21 58.13
C SER E 4 -43.38 -32.41 57.64
N GLU E 5 -44.00 -33.14 56.72
CA GLU E 5 -43.41 -34.25 56.00
C GLU E 5 -44.10 -34.24 54.65
N VAL E 6 -43.44 -34.77 53.63
CA VAL E 6 -43.97 -34.70 52.28
C VAL E 6 -43.78 -36.03 51.58
N LYS E 7 -44.83 -36.48 50.91
CA LYS E 7 -44.78 -37.61 50.01
C LYS E 7 -44.77 -37.09 48.58
N LEU E 8 -43.88 -37.63 47.75
CA LEU E 8 -43.74 -37.20 46.37
C LEU E 8 -44.24 -38.35 45.51
N HIS E 9 -45.35 -38.12 44.83
CA HIS E 9 -45.94 -39.10 43.92
C HIS E 9 -45.57 -38.69 42.51
N LEU E 10 -44.84 -39.57 41.81
CA LEU E 10 -44.27 -39.24 40.50
C LEU E 10 -44.54 -40.36 39.52
N ASP E 11 -45.11 -40.01 38.38
CA ASP E 11 -45.35 -40.97 37.29
C ASP E 11 -44.10 -41.04 36.43
N ILE E 12 -43.44 -42.20 36.43
CA ILE E 12 -42.25 -42.46 35.63
C ILE E 12 -42.28 -43.92 35.19
N GLU E 13 -42.06 -44.16 33.90
CA GLU E 13 -42.19 -45.47 33.26
C GLU E 13 -43.64 -45.85 33.05
N GLY E 14 -44.54 -44.88 33.11
CA GLY E 14 -45.95 -45.09 32.90
C GLY E 14 -46.79 -45.14 34.15
N HIS E 15 -46.24 -45.49 35.32
CA HIS E 15 -47.11 -45.54 36.48
C HIS E 15 -46.38 -45.18 37.77
N ALA E 16 -47.20 -44.72 38.72
CA ALA E 16 -46.78 -44.10 39.98
C ALA E 16 -45.70 -44.86 40.73
N SER E 17 -44.73 -44.09 41.25
CA SER E 17 -43.75 -44.54 42.24
C SER E 17 -43.65 -43.44 43.29
N HIS E 18 -43.89 -43.76 44.57
CA HIS E 18 -44.00 -42.70 45.59
C HIS E 18 -42.88 -42.85 46.60
N TYR E 19 -42.28 -41.72 47.01
CA TYR E 19 -41.27 -41.70 48.05
C TYR E 19 -41.69 -40.66 49.09
N THR E 20 -41.09 -40.73 50.29
CA THR E 20 -41.44 -39.80 51.37
C THR E 20 -40.23 -39.00 51.84
N ILE E 21 -40.41 -37.68 51.95
CA ILE E 21 -39.37 -36.74 52.39
C ILE E 21 -39.65 -36.39 53.84
N PRO E 22 -38.89 -36.91 54.81
CA PRO E 22 -39.06 -36.42 56.19
C PRO E 22 -38.28 -35.15 56.41
N TRP E 23 -38.99 -34.06 56.74
CA TRP E 23 -38.31 -32.78 57.02
C TRP E 23 -37.64 -32.82 58.38
N THR E 24 -38.44 -33.06 59.43
CA THR E 24 -37.95 -33.14 60.80
C THR E 24 -36.65 -33.93 60.89
N GLU E 25 -36.67 -35.17 60.40
CA GLU E 25 -35.50 -36.03 60.48
C GLU E 25 -34.30 -35.40 59.78
N LEU E 26 -34.42 -35.15 58.46
CA LEU E 26 -33.35 -34.49 57.71
C LEU E 26 -32.88 -33.20 58.35
N MET E 27 -33.80 -32.36 58.83
CA MET E 27 -33.48 -30.99 59.21
C MET E 27 -32.65 -30.93 60.49
N ALA E 28 -32.65 -32.01 61.27
CA ALA E 28 -31.92 -32.08 62.53
C ALA E 28 -30.52 -32.67 62.34
N LYS E 29 -30.38 -33.62 61.41
CA LYS E 29 -29.08 -34.22 61.17
C LYS E 29 -28.13 -33.24 60.50
N VAL E 30 -28.64 -32.39 59.60
CA VAL E 30 -27.80 -31.35 59.00
C VAL E 30 -28.39 -29.98 59.30
N PRO E 31 -28.13 -29.44 60.50
CA PRO E 31 -28.55 -28.05 60.79
C PRO E 31 -27.89 -27.07 59.86
N GLY E 32 -28.67 -26.09 59.42
CA GLY E 32 -28.27 -25.14 58.39
C GLY E 32 -29.02 -25.33 57.10
N LEU E 33 -29.72 -26.45 56.96
CA LEU E 33 -30.65 -26.66 55.86
C LEU E 33 -31.90 -25.84 56.12
N SER E 34 -32.32 -25.05 55.14
CA SER E 34 -33.49 -24.17 55.29
C SER E 34 -34.38 -24.35 54.07
N PRO E 35 -35.16 -25.43 54.03
CA PRO E 35 -36.04 -25.68 52.88
C PRO E 35 -36.99 -24.55 52.56
N GLU E 36 -37.44 -23.78 53.55
CA GLU E 36 -38.40 -22.73 53.25
C GLU E 36 -37.74 -21.59 52.48
N ALA E 37 -36.45 -21.35 52.74
CA ALA E 37 -35.69 -20.35 52.00
C ALA E 37 -35.33 -20.83 50.60
N LEU E 38 -35.05 -22.12 50.45
CA LEU E 38 -34.78 -22.69 49.13
C LEU E 38 -36.07 -22.74 48.30
N TRP E 39 -37.16 -23.22 48.91
CA TRP E 39 -38.47 -23.19 48.28
C TRP E 39 -38.82 -21.79 47.81
N ARG E 40 -38.32 -20.77 48.51
CA ARG E 40 -38.54 -19.40 48.08
C ARG E 40 -37.66 -19.07 46.88
N GLU E 41 -36.37 -19.40 46.97
CA GLU E 41 -35.46 -19.11 45.87
C GLU E 41 -35.92 -19.75 44.57
N ALA E 42 -36.59 -20.89 44.63
CA ALA E 42 -37.17 -21.52 43.45
C ALA E 42 -38.58 -20.97 43.26
N ASN E 43 -38.79 -20.22 42.18
CA ASN E 43 -40.04 -19.51 41.94
C ASN E 43 -41.04 -20.56 41.46
N VAL E 44 -41.58 -21.34 42.41
CA VAL E 44 -42.32 -22.55 42.05
C VAL E 44 -43.61 -22.24 41.28
N THR E 45 -44.25 -21.11 41.54
CA THR E 45 -45.35 -20.66 40.68
C THR E 45 -44.84 -19.74 39.58
N GLU E 46 -43.85 -20.18 38.79
CA GLU E 46 -43.36 -19.38 37.68
C GLU E 46 -44.06 -19.83 36.42
N ASP E 47 -44.83 -18.93 35.80
CA ASP E 47 -45.44 -19.25 34.52
C ASP E 47 -44.36 -19.50 33.48
N LEU E 48 -44.58 -20.56 32.69
CA LEU E 48 -43.58 -21.05 31.73
C LEU E 48 -43.07 -19.96 30.80
N ALA E 49 -43.85 -18.90 30.58
CA ALA E 49 -43.35 -17.74 29.86
C ALA E 49 -42.21 -17.07 30.62
N SER E 50 -42.44 -16.71 31.89
CA SER E 50 -41.40 -16.04 32.67
C SER E 50 -40.17 -16.91 32.85
N MET E 51 -40.33 -18.23 32.89
CA MET E 51 -39.17 -19.09 33.06
C MET E 51 -38.37 -19.19 31.77
N LEU E 52 -39.06 -19.22 30.64
CA LEU E 52 -38.34 -19.35 29.38
C LEU E 52 -37.70 -18.04 28.97
N ASN E 53 -38.29 -16.91 29.37
CA ASN E 53 -37.64 -15.62 29.15
C ASN E 53 -36.35 -15.49 29.95
N ARG E 54 -36.38 -15.94 31.21
CA ARG E 54 -35.23 -15.84 32.10
C ARG E 54 -34.19 -16.92 31.77
N TYR E 55 -34.62 -18.01 31.13
CA TYR E 55 -33.69 -19.02 30.64
C TYR E 55 -32.94 -18.53 29.40
N LYS E 56 -33.54 -17.63 28.63
CA LYS E 56 -32.90 -17.10 27.44
C LYS E 56 -32.10 -15.83 27.75
N LEU E 57 -31.94 -15.50 29.02
CA LEU E 57 -31.07 -14.39 29.40
C LEU E 57 -29.64 -14.84 29.62
N ILE E 58 -29.42 -16.12 29.87
CA ILE E 58 -28.11 -16.63 30.26
C ILE E 58 -27.38 -17.14 29.01
N TYR E 59 -26.11 -16.75 28.88
CA TYR E 59 -25.30 -17.16 27.75
C TYR E 59 -25.17 -18.68 27.70
N LYS E 60 -25.41 -19.26 26.53
CA LYS E 60 -25.22 -20.68 26.32
C LYS E 60 -23.96 -20.91 25.50
N THR E 61 -23.32 -22.05 25.74
CA THR E 61 -22.03 -22.32 25.11
C THR E 61 -22.22 -23.05 23.79
N SER E 62 -21.25 -22.85 22.90
CA SER E 62 -21.35 -23.34 21.53
C SER E 62 -21.48 -24.86 21.47
N GLY E 63 -20.75 -25.58 22.33
CA GLY E 63 -20.35 -26.93 21.99
C GLY E 63 -19.04 -27.28 22.67
N THR E 64 -18.08 -27.77 21.88
CA THR E 64 -16.72 -28.05 22.35
C THR E 64 -16.71 -29.03 23.52
N LEU E 65 -17.22 -30.23 23.25
CA LEU E 65 -17.27 -31.31 24.21
C LEU E 65 -15.89 -31.93 24.38
N GLY E 66 -15.81 -33.01 25.17
CA GLY E 66 -14.60 -33.47 25.81
C GLY E 66 -13.33 -33.63 25.01
N ILE E 67 -12.21 -33.34 25.67
CA ILE E 67 -10.87 -33.51 25.12
C ILE E 67 -10.05 -34.31 26.12
N ALA E 68 -9.28 -35.27 25.62
CA ALA E 68 -8.58 -36.21 26.49
C ALA E 68 -7.41 -35.52 27.17
N LEU E 69 -7.62 -35.14 28.44
CA LEU E 69 -6.58 -34.55 29.28
C LEU E 69 -6.28 -35.50 30.43
N ALA E 70 -4.99 -35.70 30.70
CA ALA E 70 -4.55 -36.65 31.72
C ALA E 70 -4.32 -35.92 33.04
N GLU E 71 -4.98 -36.40 34.10
CA GLU E 71 -4.74 -35.86 35.42
C GLU E 71 -3.32 -36.22 35.86
N PRO E 72 -2.60 -35.30 36.48
CA PRO E 72 -1.22 -35.59 36.92
C PRO E 72 -1.25 -36.37 38.23
N VAL E 73 -0.05 -36.68 38.73
CA VAL E 73 0.11 -37.29 40.04
C VAL E 73 0.76 -36.27 40.95
N ASP E 74 -0.05 -35.54 41.71
CA ASP E 74 0.42 -34.39 42.47
C ASP E 74 0.85 -34.77 43.88
N ILE E 75 -0.07 -35.38 44.65
CA ILE E 75 0.22 -35.79 46.03
C ILE E 75 0.70 -37.24 46.01
N PRO E 76 1.82 -37.55 46.64
CA PRO E 76 2.34 -38.92 46.60
C PRO E 76 1.70 -39.78 47.67
N ALA E 77 1.87 -41.10 47.52
CA ALA E 77 1.42 -42.02 48.53
C ALA E 77 2.23 -41.79 49.80
N VAL E 78 1.62 -42.11 50.96
CA VAL E 78 2.29 -41.84 52.22
C VAL E 78 3.66 -42.50 52.23
N SER E 79 4.65 -41.78 52.75
CA SER E 79 6.00 -42.31 52.81
C SER E 79 6.06 -43.54 53.70
N GLU E 80 7.09 -44.34 53.51
CA GLU E 80 7.25 -45.60 54.23
C GLU E 80 7.42 -45.35 55.73
N GLY E 81 6.44 -45.78 56.52
CA GLY E 81 6.49 -45.60 57.97
C GLY E 81 6.63 -44.15 58.41
N SER E 82 5.62 -43.32 58.13
CA SER E 82 5.70 -41.90 58.39
C SER E 82 4.92 -41.52 59.64
N MET E 83 5.37 -40.45 60.29
CA MET E 83 4.67 -39.90 61.44
C MET E 83 3.49 -39.04 60.95
N GLN E 84 2.28 -39.53 61.16
CA GLN E 84 1.07 -38.81 60.78
C GLN E 84 0.76 -37.73 61.82
N VAL E 85 0.77 -36.47 61.39
CA VAL E 85 0.63 -35.32 62.27
C VAL E 85 -0.79 -34.77 62.18
N ASP E 86 -1.43 -34.61 63.33
CA ASP E 86 -2.75 -34.00 63.39
C ASP E 86 -2.57 -32.48 63.49
N ALA E 87 -2.97 -31.77 62.43
CA ALA E 87 -2.74 -30.32 62.35
C ALA E 87 -3.39 -29.56 63.50
N SER E 88 -4.39 -30.13 64.16
CA SER E 88 -4.98 -29.49 65.32
C SER E 88 -4.12 -29.69 66.55
N LYS E 89 -3.71 -30.94 66.79
CA LYS E 89 -2.88 -31.30 67.94
C LYS E 89 -1.44 -31.41 67.43
N VAL E 90 -0.72 -30.28 67.47
CA VAL E 90 0.66 -30.19 67.01
C VAL E 90 1.54 -30.17 68.26
N HIS E 91 2.03 -31.34 68.64
CA HIS E 91 2.85 -31.56 69.83
C HIS E 91 4.33 -31.38 69.48
N PRO E 92 5.13 -30.86 70.40
CA PRO E 92 6.57 -30.77 70.13
C PRO E 92 7.22 -32.15 70.22
N GLY E 93 8.30 -32.31 69.46
CA GLY E 93 8.96 -33.59 69.35
C GLY E 93 8.31 -34.60 68.42
N VAL E 94 7.10 -34.33 67.92
CA VAL E 94 6.43 -35.21 66.97
C VAL E 94 7.37 -35.60 65.82
N ILE E 95 8.12 -34.63 65.30
CA ILE E 95 9.10 -34.90 64.26
C ILE E 95 10.48 -34.51 64.78
N SER E 96 11.44 -35.41 64.63
CA SER E 96 12.79 -35.17 65.12
C SER E 96 13.59 -34.32 64.15
N GLY E 97 13.75 -34.80 62.90
CA GLY E 97 14.65 -34.18 61.96
C GLY E 97 13.98 -33.91 60.62
N LEU E 98 14.74 -33.26 59.74
CA LEU E 98 14.29 -33.10 58.37
C LEU E 98 14.21 -34.45 57.67
N ASN E 99 15.27 -35.25 57.79
CA ASN E 99 15.36 -36.52 57.09
C ASN E 99 14.27 -37.51 57.51
N SER E 100 13.64 -37.29 58.66
CA SER E 100 12.62 -38.21 59.12
C SER E 100 11.38 -38.06 58.25
N PRO E 101 10.78 -39.16 57.78
CA PRO E 101 9.57 -39.05 56.98
C PRO E 101 8.43 -38.48 57.81
N ALA E 102 7.53 -37.77 57.16
CA ALA E 102 6.46 -37.08 57.87
C ALA E 102 5.37 -36.71 56.88
N CYS E 103 4.12 -36.96 57.28
CA CYS E 103 2.96 -36.53 56.54
C CYS E 103 1.95 -35.93 57.51
N MET E 104 1.11 -35.05 56.98
CA MET E 104 0.14 -34.31 57.78
C MET E 104 -1.26 -34.79 57.42
N LEU E 105 -1.99 -35.29 58.42
CA LEU E 105 -3.36 -35.75 58.23
C LEU E 105 -4.19 -34.69 57.50
N SER E 106 -4.74 -35.09 56.35
CA SER E 106 -5.50 -34.17 55.52
C SER E 106 -6.90 -33.89 56.03
N ALA E 107 -7.42 -34.71 56.93
CA ALA E 107 -8.74 -34.43 57.51
C ALA E 107 -8.75 -33.13 58.31
N PRO E 108 -7.88 -32.91 59.30
CA PRO E 108 -7.93 -31.64 60.05
C PRO E 108 -7.13 -30.53 59.41
N LEU E 109 -6.36 -30.82 58.34
CA LEU E 109 -5.69 -29.76 57.61
C LEU E 109 -6.67 -28.96 56.78
N GLU E 110 -7.53 -29.64 56.01
CA GLU E 110 -8.56 -28.94 55.25
C GLU E 110 -9.44 -28.09 56.15
N LYS E 111 -9.70 -28.54 57.38
CA LYS E 111 -10.50 -27.75 58.32
C LYS E 111 -9.87 -26.38 58.61
N GLN E 112 -8.55 -26.28 58.54
CA GLN E 112 -7.84 -25.04 58.83
C GLN E 112 -7.73 -24.17 57.60
N LEU E 113 -7.54 -24.79 56.44
CA LEU E 113 -7.48 -24.06 55.17
C LEU E 113 -8.81 -23.39 54.87
N PHE E 114 -9.91 -24.11 55.10
CA PHE E 114 -11.26 -23.65 54.81
C PHE E 114 -12.01 -23.25 56.07
N TYR E 115 -11.30 -22.66 57.04
CA TYR E 115 -11.93 -22.33 58.32
C TYR E 115 -13.05 -21.31 58.16
N TYR E 116 -12.90 -20.37 57.22
CA TYR E 116 -13.88 -19.31 56.96
C TYR E 116 -15.26 -19.92 56.69
N ILE E 117 -16.33 -19.17 56.94
CA ILE E 117 -17.62 -19.47 56.34
C ILE E 117 -18.14 -18.17 55.75
N GLY E 118 -18.52 -18.21 54.48
CA GLY E 118 -19.07 -17.03 53.84
C GLY E 118 -20.00 -17.44 52.73
N THR E 119 -20.45 -16.49 51.91
CA THR E 119 -21.40 -16.80 50.86
C THR E 119 -20.63 -17.09 49.57
N MET E 120 -20.86 -18.26 48.99
CA MET E 120 -20.22 -18.70 47.76
C MET E 120 -21.02 -18.31 46.52
N LEU E 121 -22.33 -18.37 46.61
CA LEU E 121 -23.24 -18.00 45.53
C LEU E 121 -24.17 -16.89 45.99
N PRO E 122 -23.96 -15.65 45.57
CA PRO E 122 -24.78 -14.54 46.09
C PRO E 122 -26.20 -14.55 45.56
N ASN E 123 -27.00 -13.55 45.97
CA ASN E 123 -28.32 -13.31 45.41
C ASN E 123 -28.32 -12.11 44.47
N THR E 124 -27.16 -11.80 43.90
CA THR E 124 -26.98 -10.76 42.90
C THR E 124 -27.48 -11.22 41.54
N ARG E 125 -27.81 -10.24 40.69
CA ARG E 125 -28.57 -10.44 39.45
C ARG E 125 -28.16 -11.63 38.58
N PRO E 126 -26.88 -11.87 38.27
CA PRO E 126 -26.57 -12.94 37.30
C PRO E 126 -26.67 -14.34 37.88
N HIS E 127 -26.56 -14.48 39.20
CA HIS E 127 -26.49 -15.78 39.85
C HIS E 127 -27.83 -16.20 40.43
N SER E 128 -28.66 -15.23 40.80
CA SER E 128 -30.02 -15.49 41.24
C SER E 128 -30.83 -16.24 40.19
N TYR E 129 -30.42 -16.18 38.93
CA TYR E 129 -31.14 -16.84 37.85
C TYR E 129 -30.71 -18.30 37.68
N VAL E 130 -29.44 -18.60 37.88
CA VAL E 130 -28.88 -19.90 37.51
C VAL E 130 -28.69 -20.81 38.72
N PHE E 131 -28.22 -20.27 39.84
CA PHE E 131 -27.80 -21.06 40.99
C PHE E 131 -28.75 -20.93 42.17
N TYR E 132 -28.86 -21.99 42.97
CA TYR E 132 -29.41 -21.83 44.30
C TYR E 132 -28.35 -21.22 45.20
N GLN E 133 -28.74 -20.20 45.95
CA GLN E 133 -27.83 -19.45 46.80
C GLN E 133 -27.10 -20.40 47.75
N LEU E 134 -25.79 -20.17 47.94
CA LEU E 134 -24.98 -21.06 48.77
C LEU E 134 -24.21 -20.28 49.84
N ARG E 135 -23.92 -20.97 50.94
CA ARG E 135 -23.12 -20.45 52.07
C ARG E 135 -22.38 -21.62 52.69
N CYS E 136 -21.05 -21.56 52.68
CA CYS E 136 -20.24 -22.72 53.02
C CYS E 136 -18.84 -22.29 53.44
N HIS E 137 -18.08 -23.25 53.98
CA HIS E 137 -16.67 -23.06 54.23
C HIS E 137 -15.94 -22.81 52.91
N LEU E 138 -15.18 -21.72 52.84
CA LEU E 138 -14.51 -21.38 51.60
C LEU E 138 -13.28 -20.52 51.87
N SER E 139 -12.52 -20.29 50.79
CA SER E 139 -11.37 -19.40 50.70
C SER E 139 -11.52 -18.56 49.45
N TYR E 140 -11.11 -17.29 49.50
CA TYR E 140 -11.25 -16.45 48.33
C TYR E 140 -10.04 -15.54 48.16
N VAL E 141 -9.59 -15.42 46.91
CA VAL E 141 -8.72 -14.32 46.52
C VAL E 141 -9.60 -13.23 45.95
N ALA E 142 -9.28 -11.98 46.28
CA ALA E 142 -10.07 -10.83 45.87
C ALA E 142 -9.13 -9.69 45.56
N LEU E 143 -9.34 -9.01 44.43
CA LEU E 143 -8.59 -7.80 44.18
C LEU E 143 -9.46 -6.76 43.49
N SER E 144 -8.98 -5.54 43.47
CA SER E 144 -9.65 -4.40 42.87
C SER E 144 -8.65 -3.57 42.09
N ILE E 145 -8.96 -3.27 40.82
CA ILE E 145 -8.11 -2.41 40.01
C ILE E 145 -8.95 -1.27 39.42
N ASN E 146 -8.26 -0.34 38.76
CA ASN E 146 -8.88 0.80 38.09
C ASN E 146 -9.73 1.64 39.04
N GLY E 147 -9.26 1.76 40.28
CA GLY E 147 -9.89 2.65 41.25
C GLY E 147 -11.18 2.10 41.80
N ASP E 148 -11.10 0.88 42.33
CA ASP E 148 -12.23 0.15 42.91
C ASP E 148 -13.47 0.25 42.02
N LYS E 149 -13.29 -0.02 40.73
CA LYS E 149 -14.42 -0.11 39.81
C LYS E 149 -14.58 -1.49 39.19
N PHE E 150 -13.51 -2.07 38.67
CA PHE E 150 -13.50 -3.45 38.20
C PHE E 150 -12.90 -4.35 39.27
N GLN E 151 -13.66 -5.38 39.65
CA GLN E 151 -13.36 -6.22 40.79
C GLN E 151 -13.31 -7.67 40.35
N TYR E 152 -12.42 -8.43 40.97
CA TYR E 152 -12.36 -9.87 40.76
C TYR E 152 -12.36 -10.59 42.10
N THR E 153 -13.08 -11.71 42.14
CA THR E 153 -13.19 -12.51 43.35
C THR E 153 -13.05 -13.97 42.97
N GLY E 154 -11.93 -14.59 43.33
CA GLY E 154 -11.79 -16.02 43.16
C GLY E 154 -12.20 -16.75 44.42
N ALA E 155 -13.41 -17.30 44.44
CA ALA E 155 -13.98 -17.96 45.60
C ALA E 155 -13.94 -19.46 45.38
N MET E 156 -13.45 -20.20 46.37
CA MET E 156 -13.22 -21.63 46.19
C MET E 156 -13.58 -22.42 47.44
N THR E 157 -13.98 -23.67 47.22
CA THR E 157 -14.07 -24.69 48.24
C THR E 157 -13.11 -25.82 47.88
N SER E 158 -13.10 -26.87 48.69
CA SER E 158 -12.28 -28.03 48.37
C SER E 158 -12.74 -28.76 47.12
N LYS E 159 -13.88 -28.36 46.55
CA LYS E 159 -14.53 -29.10 45.47
C LYS E 159 -14.57 -28.34 44.16
N PHE E 160 -14.76 -27.02 44.18
CA PHE E 160 -14.91 -26.28 42.93
C PHE E 160 -14.54 -24.82 43.18
N LEU E 161 -14.09 -24.16 42.13
CA LEU E 161 -13.70 -22.76 42.14
C LEU E 161 -14.67 -21.95 41.29
N MET E 162 -15.01 -20.75 41.76
CA MET E 162 -15.77 -19.79 40.97
C MET E 162 -15.10 -18.41 41.03
N GLY E 163 -14.39 -18.04 39.96
CA GLY E 163 -13.92 -16.67 39.80
C GLY E 163 -14.96 -15.84 39.08
N THR E 164 -15.20 -14.64 39.61
CA THR E 164 -16.31 -13.78 39.16
C THR E 164 -15.76 -12.39 38.85
N TYR E 165 -15.80 -11.98 37.59
CA TYR E 165 -15.38 -10.64 37.23
C TYR E 165 -16.59 -9.71 37.32
N LYS E 166 -16.37 -8.48 37.77
CA LYS E 166 -17.45 -7.49 37.82
C LYS E 166 -16.90 -6.12 37.52
N ARG E 167 -17.60 -5.37 36.67
CA ARG E 167 -17.19 -4.07 36.19
C ARG E 167 -18.33 -3.07 36.32
N VAL E 168 -17.97 -1.83 36.59
CA VAL E 168 -18.91 -0.74 36.78
C VAL E 168 -18.61 0.31 35.71
N THR E 169 -19.66 0.88 35.13
CA THR E 169 -19.57 1.59 33.86
C THR E 169 -19.72 3.09 34.06
N GLU E 170 -19.24 3.58 35.20
CA GLU E 170 -19.27 4.96 35.64
C GLU E 170 -20.69 5.44 35.89
N LYS E 171 -21.70 4.57 35.77
CA LYS E 171 -23.10 5.01 35.73
C LYS E 171 -24.07 4.17 36.55
N GLY E 172 -23.58 3.18 37.32
CA GLY E 172 -24.43 2.33 38.14
C GLY E 172 -24.52 0.88 37.66
N ASP E 173 -24.52 0.66 36.34
CA ASP E 173 -24.62 -0.70 35.83
C ASP E 173 -23.45 -1.57 36.30
N GLU E 174 -23.69 -2.88 36.35
CA GLU E 174 -22.69 -3.86 36.72
C GLU E 174 -22.75 -5.03 35.75
N HIS E 175 -21.70 -5.20 34.95
CA HIS E 175 -21.59 -6.32 34.03
C HIS E 175 -20.77 -7.41 34.70
N VAL E 176 -21.36 -8.59 34.89
CA VAL E 176 -20.76 -9.66 35.67
C VAL E 176 -20.64 -10.90 34.80
N LEU E 177 -19.47 -11.54 34.86
CA LEU E 177 -19.20 -12.82 34.19
C LEU E 177 -18.40 -13.70 35.13
N SER E 178 -18.78 -14.97 35.26
CA SER E 178 -18.18 -15.88 36.23
C SER E 178 -17.78 -17.20 35.58
N LEU E 179 -16.58 -17.66 35.90
CA LEU E 179 -16.04 -18.95 35.48
C LEU E 179 -16.05 -19.95 36.61
N VAL E 180 -16.46 -21.19 36.31
CA VAL E 180 -16.63 -22.23 37.31
C VAL E 180 -15.80 -23.43 36.88
N PHE E 181 -14.86 -23.82 37.74
CA PHE E 181 -13.94 -24.92 37.50
C PHE E 181 -13.97 -25.92 38.63
N GLY E 182 -14.01 -27.19 38.29
CA GLY E 182 -14.05 -28.23 39.29
C GLY E 182 -14.60 -29.52 38.70
N LYS E 183 -14.62 -30.55 39.55
CA LYS E 183 -15.24 -31.81 39.17
C LYS E 183 -16.72 -31.62 38.88
N THR E 184 -17.16 -32.19 37.75
CA THR E 184 -18.56 -32.05 37.32
C THR E 184 -19.54 -32.41 38.42
N LYS E 185 -19.39 -33.60 39.02
CA LYS E 185 -20.31 -34.05 40.05
C LYS E 185 -20.29 -33.16 41.28
N ASP E 186 -19.23 -32.36 41.47
CA ASP E 186 -19.12 -31.49 42.62
C ASP E 186 -19.51 -30.04 42.32
N LEU E 187 -20.16 -29.80 41.17
CA LEU E 187 -20.53 -28.44 40.82
C LEU E 187 -21.78 -28.00 41.58
N PRO E 188 -21.95 -26.71 41.82
CA PRO E 188 -23.08 -26.26 42.63
C PRO E 188 -24.41 -26.50 41.93
N ASP E 189 -25.46 -26.59 42.75
CA ASP E 189 -26.78 -26.96 42.28
C ASP E 189 -27.36 -25.88 41.38
N LEU E 190 -27.72 -26.26 40.14
CA LEU E 190 -28.42 -25.35 39.25
C LEU E 190 -29.89 -25.25 39.65
N ARG E 191 -30.53 -24.15 39.26
CA ARG E 191 -31.81 -23.81 39.87
C ARG E 191 -32.99 -23.93 38.92
N GLY E 192 -32.94 -23.29 37.76
CA GLY E 192 -34.08 -23.28 36.88
C GLY E 192 -34.17 -24.53 36.03
N PRO E 193 -34.57 -24.35 34.78
CA PRO E 193 -34.43 -25.42 33.78
C PRO E 193 -32.99 -25.63 33.34
N PHE E 194 -32.06 -24.93 33.96
CA PHE E 194 -30.69 -24.89 33.44
C PHE E 194 -30.00 -26.24 33.61
N SER E 195 -29.14 -26.54 32.65
CA SER E 195 -28.30 -27.73 32.67
C SER E 195 -26.84 -27.31 32.47
N TYR E 196 -25.93 -28.09 33.03
CA TYR E 196 -24.51 -27.76 32.87
C TYR E 196 -23.95 -27.97 31.46
N PRO E 197 -24.37 -28.98 30.69
CA PRO E 197 -23.81 -29.09 29.33
C PRO E 197 -24.01 -27.84 28.49
N SER E 198 -25.10 -27.09 28.71
CA SER E 198 -25.32 -25.86 27.96
C SER E 198 -24.39 -24.75 28.41
N LEU E 199 -23.87 -24.83 29.63
CA LEU E 199 -23.05 -23.78 30.21
C LEU E 199 -21.59 -24.17 30.33
N THR E 200 -21.22 -25.34 29.82
CA THR E 200 -19.85 -25.83 29.85
C THR E 200 -19.07 -25.32 28.64
N SER E 201 -17.92 -24.70 28.88
CA SER E 201 -17.05 -24.23 27.81
C SER E 201 -15.92 -25.20 27.50
N ALA E 202 -15.67 -26.16 28.37
CA ALA E 202 -14.65 -27.19 28.19
C ALA E 202 -14.89 -28.27 29.23
N GLN E 203 -14.58 -29.52 28.87
CA GLN E 203 -14.81 -30.62 29.78
C GLN E 203 -13.87 -31.77 29.45
N SER E 204 -13.41 -32.45 30.50
CA SER E 204 -12.42 -33.51 30.38
C SER E 204 -12.53 -34.40 31.61
N GLY E 205 -12.91 -35.67 31.42
CA GLY E 205 -12.66 -36.67 32.44
C GLY E 205 -12.93 -36.27 33.88
N ASP E 206 -14.20 -35.95 34.14
CA ASP E 206 -14.78 -35.49 35.40
C ASP E 206 -14.48 -34.05 35.77
N TYR E 207 -13.67 -33.33 35.01
CA TYR E 207 -13.50 -31.90 35.21
C TYR E 207 -14.26 -31.11 34.14
N SER E 208 -14.61 -29.87 34.49
CA SER E 208 -15.33 -29.00 33.57
C SER E 208 -15.03 -27.54 33.88
N LEU E 209 -15.14 -26.71 32.85
CA LEU E 209 -15.09 -25.27 32.99
C LEU E 209 -16.45 -24.73 32.53
N VAL E 210 -17.18 -24.11 33.44
CA VAL E 210 -18.50 -23.55 33.17
C VAL E 210 -18.38 -22.03 33.14
N ILE E 211 -19.01 -21.41 32.15
CA ILE E 211 -19.14 -19.96 32.10
C ILE E 211 -20.60 -19.59 32.36
N VAL E 212 -20.81 -18.59 33.22
CA VAL E 212 -22.14 -18.15 33.61
C VAL E 212 -22.16 -16.63 33.46
N THR E 213 -22.96 -16.12 32.52
CA THR E 213 -23.14 -14.69 32.34
C THR E 213 -24.32 -14.46 31.42
N THR E 214 -24.78 -13.21 31.38
CA THR E 214 -25.81 -12.80 30.44
C THR E 214 -25.22 -12.70 29.03
N PHE E 215 -26.06 -12.98 28.02
CA PHE E 215 -25.69 -12.64 26.64
C PHE E 215 -25.28 -11.18 26.52
N VAL E 216 -26.00 -10.28 27.17
CA VAL E 216 -25.63 -8.87 27.19
C VAL E 216 -24.25 -8.70 27.81
N HIS E 217 -24.10 -9.17 29.05
CA HIS E 217 -22.81 -9.08 29.72
C HIS E 217 -21.71 -9.79 28.94
N TYR E 218 -22.05 -10.90 28.28
CA TYR E 218 -21.07 -11.59 27.44
C TYR E 218 -20.55 -10.67 26.34
N ALA E 219 -21.41 -9.83 25.78
CA ALA E 219 -20.99 -8.90 24.74
C ALA E 219 -20.04 -7.84 25.29
N ASN E 220 -20.39 -7.24 26.44
CA ASN E 220 -19.57 -6.23 27.07
C ASN E 220 -18.12 -6.69 27.25
N PHE E 221 -17.94 -7.86 27.87
CA PHE E 221 -16.59 -8.34 28.15
C PHE E 221 -15.82 -8.66 26.87
N HIS E 222 -16.52 -9.19 25.85
CA HIS E 222 -15.85 -9.59 24.62
C HIS E 222 -15.09 -8.43 23.97
N ASN E 223 -15.40 -7.18 24.33
CA ASN E 223 -14.67 -6.02 23.83
C ASN E 223 -13.24 -5.99 24.35
N TYR E 224 -13.01 -6.52 25.55
CA TYR E 224 -11.67 -6.49 26.14
C TYR E 224 -11.29 -7.82 26.79
N PHE E 225 -12.08 -8.88 26.63
CA PHE E 225 -11.79 -10.13 27.32
C PHE E 225 -12.22 -11.28 26.42
N VAL E 226 -11.25 -11.83 25.69
CA VAL E 226 -11.46 -13.00 24.82
C VAL E 226 -10.53 -14.10 25.34
N PRO E 227 -10.95 -14.85 26.36
CA PRO E 227 -10.05 -15.85 26.96
C PRO E 227 -9.88 -17.05 26.05
N ASN E 228 -8.75 -17.73 26.21
CA ASN E 228 -8.57 -19.05 25.61
C ASN E 228 -8.99 -20.12 26.64
N LEU E 229 -10.30 -20.21 26.84
CA LEU E 229 -10.86 -21.08 27.87
C LEU E 229 -10.43 -22.54 27.71
N LYS E 230 -10.05 -22.96 26.50
CA LYS E 230 -9.55 -24.32 26.32
C LYS E 230 -8.19 -24.51 26.98
N ASP E 231 -7.26 -23.59 26.72
CA ASP E 231 -5.93 -23.70 27.34
C ASP E 231 -6.01 -23.49 28.84
N MET E 232 -6.82 -22.52 29.29
CA MET E 232 -6.97 -22.29 30.72
C MET E 232 -7.48 -23.54 31.41
N PHE E 233 -8.35 -24.30 30.73
CA PHE E 233 -8.83 -25.57 31.27
C PHE E 233 -7.75 -26.65 31.21
N SER E 234 -7.05 -26.74 30.08
CA SER E 234 -6.01 -27.75 29.94
C SER E 234 -4.81 -27.46 30.83
N ARG E 235 -4.49 -26.19 31.05
CA ARG E 235 -3.40 -25.83 31.94
C ARG E 235 -3.76 -26.12 33.39
N ALA E 236 -5.03 -25.99 33.75
CA ALA E 236 -5.48 -26.14 35.12
C ALA E 236 -5.69 -27.60 35.48
N VAL E 237 -5.99 -28.46 34.50
CA VAL E 237 -6.17 -29.88 34.78
C VAL E 237 -4.85 -30.63 34.73
N THR E 238 -4.04 -30.40 33.69
CA THR E 238 -2.85 -31.22 33.45
C THR E 238 -1.66 -30.89 34.35
N MET E 239 -1.58 -29.69 34.92
CA MET E 239 -0.42 -29.30 35.72
C MET E 239 -0.58 -29.73 37.17
N THR E 240 0.54 -29.82 37.87
CA THR E 240 0.52 -30.09 39.30
C THR E 240 0.41 -28.77 40.08
N ALA E 241 -0.10 -28.87 41.31
CA ALA E 241 -0.40 -27.66 42.09
C ALA E 241 0.81 -26.77 42.27
N ALA E 242 1.97 -27.35 42.56
CA ALA E 242 3.16 -26.53 42.80
C ALA E 242 3.64 -25.91 41.50
N SER E 243 3.78 -26.72 40.45
CA SER E 243 4.24 -26.23 39.15
C SER E 243 3.35 -25.10 38.63
N TYR E 244 2.03 -25.30 38.69
CA TYR E 244 1.07 -24.28 38.30
C TYR E 244 1.23 -23.00 39.13
N ALA E 245 1.43 -23.14 40.44
CA ALA E 245 1.63 -21.98 41.29
C ALA E 245 2.87 -21.20 40.84
N ARG E 246 3.97 -21.91 40.61
CA ARG E 246 5.18 -21.26 40.08
C ARG E 246 4.91 -20.64 38.72
N TYR E 247 4.12 -21.29 37.87
CA TYR E 247 3.77 -20.72 36.57
C TYR E 247 3.16 -19.33 36.73
N VAL E 248 2.21 -19.18 37.64
CA VAL E 248 1.52 -17.90 37.77
C VAL E 248 2.47 -16.85 38.34
N LEU E 249 3.17 -17.17 39.43
CA LEU E 249 3.97 -16.15 40.10
C LEU E 249 5.12 -15.65 39.21
N GLN E 250 5.61 -16.44 38.25
CA GLN E 250 6.66 -15.93 37.37
C GLN E 250 6.13 -14.84 36.46
N LYS E 251 4.96 -15.09 35.84
CA LYS E 251 4.35 -14.06 35.00
C LYS E 251 4.21 -12.75 35.77
N LEU E 252 3.65 -12.81 36.97
CA LEU E 252 3.45 -11.60 37.77
C LEU E 252 4.78 -11.00 38.23
N VAL E 253 5.77 -11.83 38.57
CA VAL E 253 7.07 -11.31 38.99
C VAL E 253 7.80 -10.67 37.83
N LEU E 254 7.77 -11.31 36.65
CA LEU E 254 8.39 -10.70 35.48
C LEU E 254 7.63 -9.45 35.06
N LEU E 255 6.30 -9.51 35.06
CA LEU E 255 5.48 -8.34 34.79
C LEU E 255 5.84 -7.18 35.72
N GLU E 256 5.99 -7.48 37.02
CA GLU E 256 6.20 -6.41 37.99
C GLU E 256 7.49 -5.65 37.75
N MET E 257 8.52 -6.31 37.22
CA MET E 257 9.76 -5.61 36.86
C MET E 257 9.54 -4.64 35.70
N LYS E 258 8.51 -4.88 34.89
CA LYS E 258 8.05 -3.93 33.90
C LYS E 258 7.06 -2.97 34.55
N GLY E 259 6.39 -2.15 33.75
CA GLY E 259 5.40 -1.23 34.26
C GLY E 259 4.00 -1.81 34.28
N GLY E 260 3.90 -3.14 34.34
CA GLY E 260 2.63 -3.84 34.20
C GLY E 260 1.71 -3.81 35.40
N CYS E 261 2.19 -3.38 36.57
CA CYS E 261 1.38 -3.34 37.77
C CYS E 261 1.24 -1.97 38.43
N ARG E 262 1.99 -0.96 37.99
CA ARG E 262 1.76 0.36 38.59
C ARG E 262 0.43 0.92 38.13
N GLU E 263 -0.02 0.54 36.93
CA GLU E 263 -1.33 0.94 36.42
C GLU E 263 -1.84 -0.13 35.46
N PRO E 264 -2.37 -1.22 36.00
CA PRO E 264 -2.74 -2.36 35.16
C PRO E 264 -3.95 -2.07 34.29
N GLU E 265 -3.96 -2.70 33.12
CA GLU E 265 -4.97 -2.44 32.10
C GLU E 265 -6.08 -3.49 32.14
N LEU E 266 -7.18 -3.17 31.48
CA LEU E 266 -8.29 -4.12 31.31
C LEU E 266 -8.17 -4.85 29.96
N ASP E 267 -7.12 -5.63 29.81
CA ASP E 267 -6.96 -6.44 28.60
C ASP E 267 -7.24 -7.91 28.93
N THR E 268 -7.11 -8.76 27.92
CA THR E 268 -7.39 -10.18 28.13
C THR E 268 -6.38 -10.81 29.08
N GLU E 269 -5.10 -10.51 28.89
CA GLU E 269 -4.06 -11.21 29.64
C GLU E 269 -4.20 -10.99 31.14
N THR E 270 -4.25 -9.73 31.58
CA THR E 270 -4.33 -9.46 33.02
C THR E 270 -5.57 -10.08 33.65
N LEU E 271 -6.71 -10.02 32.95
CA LEU E 271 -7.93 -10.65 33.46
C LEU E 271 -7.81 -12.17 33.50
N THR E 272 -7.17 -12.76 32.49
CA THR E 272 -6.89 -14.20 32.51
C THR E 272 -6.04 -14.57 33.72
N THR E 273 -4.89 -13.91 33.87
CA THR E 273 -3.99 -14.21 34.98
C THR E 273 -4.68 -14.12 36.33
N MET E 274 -5.65 -13.20 36.47
CA MET E 274 -6.46 -13.15 37.69
C MET E 274 -7.12 -14.50 37.98
N PHE E 275 -7.70 -15.13 36.95
CA PHE E 275 -8.31 -16.43 37.12
C PHE E 275 -7.27 -17.50 37.44
N GLU E 276 -6.12 -17.45 36.76
CA GLU E 276 -5.05 -18.40 37.03
C GLU E 276 -4.58 -18.28 38.47
N VAL E 277 -4.55 -17.06 39.01
CA VAL E 277 -4.21 -16.87 40.42
C VAL E 277 -5.13 -17.68 41.31
N SER E 278 -6.44 -17.60 41.06
CA SER E 278 -7.39 -18.31 41.91
C SER E 278 -7.22 -19.82 41.81
N VAL E 279 -7.05 -20.34 40.59
CA VAL E 279 -6.84 -21.78 40.39
C VAL E 279 -5.65 -22.26 41.22
N ALA E 280 -4.54 -21.51 41.20
CA ALA E 280 -3.33 -21.92 41.89
C ALA E 280 -3.59 -22.21 43.36
N PHE E 281 -4.40 -21.38 44.02
CA PHE E 281 -4.77 -21.68 45.40
C PHE E 281 -5.76 -22.85 45.45
N PHE E 282 -6.60 -22.97 44.43
CA PHE E 282 -7.63 -24.02 44.42
C PHE E 282 -7.00 -25.39 44.27
N LYS E 283 -6.07 -25.55 43.32
CA LYS E 283 -5.49 -26.86 43.03
C LYS E 283 -4.86 -27.48 44.27
N VAL E 284 -4.21 -26.65 45.10
CA VAL E 284 -3.62 -27.15 46.33
C VAL E 284 -4.71 -27.60 47.29
N GLY E 285 -5.62 -26.71 47.64
CA GLY E 285 -6.75 -27.09 48.48
C GLY E 285 -7.61 -28.18 47.87
N HIS E 286 -7.63 -28.28 46.54
CA HIS E 286 -8.37 -29.34 45.86
C HIS E 286 -7.70 -30.69 46.09
N ALA E 287 -6.41 -30.79 45.80
CA ALA E 287 -5.68 -32.03 45.99
C ALA E 287 -5.76 -32.49 47.45
N VAL E 288 -5.81 -31.55 48.39
CA VAL E 288 -5.95 -31.90 49.80
C VAL E 288 -7.36 -32.45 50.07
N GLY E 289 -8.39 -31.68 49.70
CA GLY E 289 -9.74 -32.18 49.89
C GLY E 289 -10.04 -33.45 49.11
N GLU E 290 -9.40 -33.64 47.96
CA GLU E 290 -9.66 -34.83 47.14
C GLU E 290 -8.85 -36.05 47.58
N THR E 291 -8.04 -35.96 48.62
CA THR E 291 -7.41 -37.14 49.18
C THR E 291 -8.23 -37.76 50.30
N GLY E 292 -9.40 -37.18 50.60
CA GLY E 292 -10.30 -37.77 51.58
C GLY E 292 -9.70 -37.72 52.97
N ASN E 293 -10.09 -38.69 53.79
CA ASN E 293 -9.39 -38.92 55.05
C ASN E 293 -8.11 -39.67 54.74
N GLY E 294 -6.98 -39.00 54.90
CA GLY E 294 -5.70 -39.57 54.54
C GLY E 294 -4.55 -38.86 55.21
N CYS E 295 -3.44 -38.69 54.48
CA CYS E 295 -2.28 -38.01 55.03
C CYS E 295 -1.43 -37.50 53.88
N VAL E 296 -0.94 -36.28 53.98
CA VAL E 296 -0.24 -35.61 52.90
C VAL E 296 1.22 -35.42 53.29
N ASP E 297 2.12 -35.89 52.42
CA ASP E 297 3.56 -35.81 52.66
C ASP E 297 4.01 -34.38 52.93
N LEU E 298 4.69 -34.19 54.07
CA LEU E 298 5.15 -32.86 54.47
C LEU E 298 6.03 -32.22 53.41
N ARG E 299 6.80 -33.01 52.67
CA ARG E 299 7.64 -32.45 51.61
C ARG E 299 6.77 -31.87 50.50
N TRP E 300 5.69 -32.57 50.15
CA TRP E 300 4.73 -32.00 49.20
C TRP E 300 4.14 -30.71 49.74
N LEU E 301 3.75 -30.71 51.01
CA LEU E 301 3.22 -29.49 51.62
C LEU E 301 4.27 -28.40 51.67
N ALA E 302 5.52 -28.75 51.97
CA ALA E 302 6.59 -27.76 52.02
C ALA E 302 6.72 -27.01 50.70
N LYS E 303 6.49 -27.69 49.58
CA LYS E 303 6.65 -27.10 48.25
C LYS E 303 5.39 -26.38 47.79
N SER E 304 4.25 -27.06 47.86
CA SER E 304 3.01 -26.46 47.40
C SER E 304 2.68 -25.18 48.16
N PHE E 305 2.87 -25.18 49.48
CA PHE E 305 2.54 -23.97 50.23
C PHE E 305 3.64 -22.92 50.17
N PHE E 306 4.89 -23.32 49.94
CA PHE E 306 5.93 -22.34 49.61
C PHE E 306 5.52 -21.51 48.40
N GLU E 307 5.08 -22.18 47.33
CA GLU E 307 4.69 -21.47 46.13
C GLU E 307 3.51 -20.56 46.37
N LEU E 308 2.58 -20.96 47.26
CA LEU E 308 1.44 -20.12 47.57
C LEU E 308 1.86 -18.90 48.40
N THR E 309 2.82 -19.09 49.32
CA THR E 309 3.28 -17.97 50.12
C THR E 309 3.91 -16.91 49.25
N VAL E 310 4.75 -17.33 48.30
CA VAL E 310 5.41 -16.40 47.40
C VAL E 310 4.43 -15.82 46.39
N LEU E 311 3.47 -16.63 45.94
CA LEU E 311 2.43 -16.11 45.07
C LEU E 311 1.57 -15.09 45.81
N LYS E 312 1.16 -15.40 47.05
CA LYS E 312 0.37 -14.47 47.86
C LYS E 312 1.06 -13.12 47.97
N ASP E 313 2.37 -13.13 48.19
CA ASP E 313 3.14 -11.90 48.35
C ASP E 313 3.09 -11.05 47.10
N ILE E 314 3.42 -11.64 45.94
CA ILE E 314 3.51 -10.88 44.70
C ILE E 314 2.14 -10.37 44.26
N ILE E 315 1.06 -11.10 44.56
CA ILE E 315 -0.26 -10.61 44.19
C ILE E 315 -0.63 -9.38 45.01
N GLY E 316 -0.08 -9.26 46.22
CA GLY E 316 -0.37 -8.12 47.06
C GLY E 316 0.39 -6.89 46.61
N ILE E 317 1.70 -7.02 46.38
CA ILE E 317 2.49 -5.88 45.91
C ILE E 317 2.27 -5.54 44.45
N CYS E 318 1.42 -6.28 43.73
CA CYS E 318 1.23 -5.99 42.32
C CYS E 318 -0.18 -5.49 42.02
N TYR E 319 -1.21 -6.24 42.43
CA TYR E 319 -2.60 -5.79 42.36
C TYR E 319 -3.14 -5.18 43.65
N GLY E 320 -2.57 -5.54 44.80
CA GLY E 320 -3.17 -5.17 46.06
C GLY E 320 -4.23 -6.16 46.49
N ALA E 321 -4.08 -7.43 46.12
CA ALA E 321 -5.10 -8.43 46.37
C ALA E 321 -5.02 -8.97 47.78
N THR E 322 -6.17 -9.43 48.26
CA THR E 322 -6.33 -10.01 49.59
C THR E 322 -6.65 -11.50 49.43
N VAL E 323 -6.07 -12.33 50.28
CA VAL E 323 -6.33 -13.76 50.29
C VAL E 323 -6.77 -14.17 51.69
N LYS E 324 -7.99 -14.69 51.79
CA LYS E 324 -8.55 -15.18 53.05
C LYS E 324 -8.61 -16.70 52.96
N GLY E 325 -7.88 -17.37 53.85
CA GLY E 325 -7.90 -18.82 53.86
C GLY E 325 -6.71 -19.43 53.14
N MET E 326 -6.75 -20.75 53.04
CA MET E 326 -5.67 -21.56 52.47
C MET E 326 -4.38 -21.40 53.26
N GLN E 327 -4.53 -21.16 54.57
CA GLN E 327 -3.39 -21.03 55.46
C GLN E 327 -3.70 -21.85 56.72
N SER E 328 -2.75 -22.66 57.17
CA SER E 328 -3.00 -23.53 58.31
C SER E 328 -1.91 -23.36 59.35
N TYR E 329 -2.32 -22.88 60.53
CA TYR E 329 -1.42 -22.66 61.65
C TYR E 329 -0.74 -23.95 62.11
N GLY E 330 -1.42 -25.09 61.94
CA GLY E 330 -0.80 -26.37 62.23
C GLY E 330 0.46 -26.60 61.42
N LEU E 331 0.42 -26.25 60.13
CA LEU E 331 1.60 -26.42 59.29
C LEU E 331 2.68 -25.41 59.67
N GLU E 332 2.28 -24.19 60.02
CA GLU E 332 3.26 -23.18 60.39
C GLU E 332 3.97 -23.55 61.68
N ARG E 333 3.25 -24.14 62.63
CA ARG E 333 3.91 -24.65 63.83
C ARG E 333 4.79 -25.85 63.49
N LEU E 334 4.27 -26.76 62.67
CA LEU E 334 5.02 -27.94 62.27
C LEU E 334 6.32 -27.55 61.57
N ALA E 335 6.27 -26.55 60.69
CA ALA E 335 7.47 -26.11 60.00
C ALA E 335 8.44 -25.44 60.96
N ALA E 336 7.93 -24.55 61.82
CA ALA E 336 8.79 -23.87 62.78
C ALA E 336 9.52 -24.86 63.69
N MET E 337 8.85 -25.95 64.07
CA MET E 337 9.53 -27.01 64.82
C MET E 337 10.76 -27.52 64.08
N LEU E 338 10.64 -27.76 62.77
CA LEU E 338 11.75 -28.36 62.03
C LEU E 338 12.89 -27.38 61.83
N MET E 339 12.64 -26.09 61.98
CA MET E 339 13.72 -25.12 61.87
C MET E 339 14.52 -24.98 63.16
N ALA E 340 13.96 -25.41 64.29
CA ALA E 340 14.77 -25.58 65.50
C ALA E 340 15.55 -26.89 65.50
N THR E 341 15.30 -27.77 64.53
CA THR E 341 16.09 -28.98 64.36
C THR E 341 17.39 -28.73 63.63
N VAL E 342 17.44 -27.68 62.82
CA VAL E 342 18.51 -27.48 61.86
C VAL E 342 19.51 -26.48 62.42
N LYS E 343 20.79 -26.75 62.21
CA LYS E 343 21.83 -25.80 62.56
C LYS E 343 21.99 -24.89 61.35
N MET E 344 21.47 -23.66 61.48
CA MET E 344 21.44 -22.73 60.35
C MET E 344 22.85 -22.38 59.89
N GLU E 345 23.83 -22.46 60.79
CA GLU E 345 25.22 -22.17 60.42
C GLU E 345 25.73 -23.15 59.38
N GLU E 346 25.18 -24.35 59.34
CA GLU E 346 25.69 -25.40 58.46
C GLU E 346 24.54 -26.02 57.67
N LEU E 347 23.62 -25.18 57.17
CA LEU E 347 22.57 -25.72 56.32
C LEU E 347 23.08 -26.03 54.92
N GLY E 348 24.02 -25.23 54.41
CA GLY E 348 24.61 -25.51 53.10
C GLY E 348 25.38 -26.82 53.02
N HIS E 349 25.62 -27.49 54.14
CA HIS E 349 26.33 -28.76 54.15
C HIS E 349 25.44 -29.95 53.86
N LEU E 350 24.13 -29.74 53.69
CA LEU E 350 23.23 -30.84 53.39
C LEU E 350 23.06 -30.97 51.88
N THR E 351 22.47 -32.08 51.45
CA THR E 351 22.21 -32.28 50.04
C THR E 351 21.22 -31.22 49.55
N THR E 352 21.38 -30.80 48.29
CA THR E 352 20.49 -29.77 47.82
C THR E 352 19.16 -30.35 47.34
N GLU E 353 18.50 -31.12 48.19
CA GLU E 353 17.04 -31.16 48.26
C GLU E 353 16.56 -30.90 49.68
N LYS E 354 17.32 -31.36 50.69
CA LYS E 354 17.03 -31.04 52.07
C LYS E 354 17.43 -29.61 52.41
N GLN E 355 18.30 -29.02 51.59
CA GLN E 355 18.47 -27.56 51.62
C GLN E 355 17.17 -26.89 51.21
N GLU E 356 16.68 -27.18 50.00
CA GLU E 356 15.46 -26.56 49.51
C GLU E 356 14.26 -26.97 50.35
N TYR E 357 14.23 -28.21 50.84
CA TYR E 357 13.16 -28.62 51.74
C TYR E 357 13.21 -27.83 53.04
N ALA E 358 14.39 -27.36 53.45
CA ALA E 358 14.53 -26.52 54.64
C ALA E 358 14.17 -25.08 54.33
N LEU E 359 14.65 -24.56 53.21
CA LEU E 359 14.36 -23.18 52.80
C LEU E 359 12.88 -22.99 52.51
N ARG E 360 12.18 -24.06 52.11
CA ARG E 360 10.75 -23.98 51.83
C ARG E 360 9.93 -23.99 53.12
N LEU E 361 10.42 -24.67 54.16
CA LEU E 361 9.76 -24.65 55.45
C LEU E 361 10.04 -23.34 56.17
N ALA E 362 11.21 -22.76 55.95
CA ALA E 362 11.57 -21.46 56.52
C ALA E 362 10.55 -20.40 56.15
N THR E 363 10.09 -20.38 54.91
CA THR E 363 9.17 -19.32 54.46
C THR E 363 7.72 -19.69 54.71
N VAL E 364 7.40 -20.98 54.73
CA VAL E 364 6.06 -21.41 55.14
C VAL E 364 5.88 -21.14 56.62
N GLY E 365 6.95 -21.29 57.39
CA GLY E 365 6.90 -21.16 58.83
C GLY E 365 7.25 -19.77 59.34
N TYR E 366 7.25 -18.77 58.46
CA TYR E 366 7.60 -17.43 58.92
C TYR E 366 6.54 -16.81 59.84
N PRO E 367 5.22 -16.96 59.56
CA PRO E 367 4.22 -16.18 60.33
C PRO E 367 4.38 -16.21 61.84
N LYS E 368 4.78 -17.35 62.41
CA LYS E 368 4.95 -17.50 63.84
C LYS E 368 6.38 -17.91 64.16
N ALA E 369 7.34 -17.27 63.50
CA ALA E 369 8.76 -17.50 63.72
C ALA E 369 9.47 -16.32 64.35
N GLY E 370 9.03 -15.11 64.07
CA GLY E 370 9.76 -14.01 64.67
C GLY E 370 10.81 -13.46 63.73
N VAL E 371 11.05 -12.16 63.83
CA VAL E 371 12.04 -11.56 62.93
C VAL E 371 13.45 -11.70 63.47
N TYR E 372 13.63 -12.40 64.59
CA TYR E 372 14.95 -12.71 65.12
C TYR E 372 15.19 -14.22 65.16
N SER E 373 14.79 -14.92 64.11
CA SER E 373 15.12 -16.32 63.92
C SER E 373 16.35 -16.43 63.03
N GLY E 374 17.06 -17.55 63.17
CA GLY E 374 18.34 -17.68 62.50
C GLY E 374 18.24 -18.17 61.08
N LEU E 375 17.07 -17.91 60.46
CA LEU E 375 16.85 -18.26 59.06
C LEU E 375 17.86 -17.58 58.15
N ILE E 376 18.26 -16.36 58.50
CA ILE E 376 19.20 -15.60 57.68
C ILE E 376 20.49 -16.37 57.51
N GLY E 377 21.03 -16.90 58.60
CA GLY E 377 22.24 -17.69 58.55
C GLY E 377 22.12 -18.91 57.65
N GLY E 378 20.94 -19.50 57.58
CA GLY E 378 20.75 -20.67 56.74
C GLY E 378 20.83 -20.33 55.26
N ALA E 379 20.23 -19.20 54.86
CA ALA E 379 20.28 -18.81 53.45
C ALA E 379 21.69 -18.35 53.07
N THR E 380 22.40 -17.70 53.99
CA THR E 380 23.77 -17.33 53.72
C THR E 380 24.67 -18.55 53.60
N SER E 381 24.42 -19.57 54.42
CA SER E 381 25.19 -20.80 54.34
C SER E 381 25.01 -21.47 52.99
N VAL E 382 23.75 -21.63 52.56
CA VAL E 382 23.45 -22.22 51.26
C VAL E 382 24.18 -21.48 50.16
N LEU E 383 24.16 -20.14 50.19
CA LEU E 383 24.86 -19.37 49.17
C LEU E 383 26.37 -19.64 49.19
N LEU E 384 26.93 -19.88 50.38
CA LEU E 384 28.37 -20.08 50.50
C LEU E 384 28.76 -21.43 49.92
N SER E 385 28.10 -22.49 50.35
CA SER E 385 28.33 -23.83 49.79
C SER E 385 28.16 -23.83 48.28
N ALA E 386 27.26 -22.99 47.77
CA ALA E 386 27.07 -22.91 46.32
C ALA E 386 28.22 -22.14 45.68
N TYR E 387 28.59 -21.00 46.26
CA TYR E 387 29.63 -20.17 45.66
C TYR E 387 31.01 -20.84 45.67
N ASN E 388 31.24 -21.76 46.60
CA ASN E 388 32.49 -22.53 46.56
C ASN E 388 32.52 -23.49 45.38
N ARG E 389 31.41 -24.16 45.08
CA ARG E 389 31.35 -25.13 44.00
C ARG E 389 30.93 -24.51 42.67
N HIS E 390 31.12 -23.21 42.49
CA HIS E 390 30.68 -22.58 41.27
C HIS E 390 31.88 -22.10 40.47
N PRO E 391 32.01 -22.48 39.19
CA PRO E 391 33.13 -22.01 38.38
C PRO E 391 33.05 -20.51 38.17
N LEU E 392 34.11 -19.81 38.58
CA LEU E 392 34.05 -18.37 38.75
C LEU E 392 33.62 -17.65 37.47
N PHE E 393 32.78 -16.63 37.65
CA PHE E 393 32.36 -15.65 36.65
C PHE E 393 31.38 -16.23 35.64
N GLN E 394 30.87 -17.42 35.87
CA GLN E 394 29.96 -18.05 34.94
C GLN E 394 28.51 -17.78 35.32
N PRO E 395 27.59 -17.83 34.36
CA PRO E 395 26.17 -17.67 34.72
C PRO E 395 25.67 -18.91 35.46
N LEU E 396 24.87 -18.67 36.49
CA LEU E 396 24.44 -19.76 37.36
C LEU E 396 23.65 -20.81 36.59
N HIS E 397 23.80 -22.06 37.02
CA HIS E 397 23.10 -23.18 36.42
C HIS E 397 21.62 -23.13 36.81
N THR E 398 20.83 -24.01 36.17
CA THR E 398 19.40 -24.12 36.47
C THR E 398 19.18 -24.51 37.93
N VAL E 399 19.95 -25.49 38.40
CA VAL E 399 19.69 -26.09 39.71
C VAL E 399 20.11 -25.12 40.81
N MET E 400 21.27 -24.48 40.65
CA MET E 400 21.70 -23.50 41.64
C MET E 400 20.76 -22.30 41.68
N ARG E 401 20.40 -21.75 40.52
CA ARG E 401 19.56 -20.55 40.48
C ARG E 401 18.23 -20.78 41.18
N GLU E 402 17.66 -21.99 41.03
CA GLU E 402 16.42 -22.32 41.73
C GLU E 402 16.61 -22.39 43.23
N THR E 403 17.68 -23.05 43.68
CA THR E 403 17.92 -23.19 45.11
C THR E 403 18.08 -21.83 45.77
N LEU E 404 18.82 -20.92 45.15
CA LEU E 404 19.02 -19.60 45.71
C LEU E 404 17.73 -18.78 45.69
N PHE E 405 16.90 -18.95 44.65
CA PHE E 405 15.62 -18.26 44.61
C PHE E 405 14.75 -18.62 45.80
N ILE E 406 14.72 -19.90 46.17
CA ILE E 406 13.91 -20.34 47.30
C ILE E 406 14.40 -19.66 48.58
N GLY E 407 15.71 -19.70 48.81
CA GLY E 407 16.31 -19.07 49.98
C GLY E 407 16.28 -17.55 49.96
N SER E 408 16.00 -16.93 48.81
CA SER E 408 16.11 -15.48 48.71
C SER E 408 14.99 -14.77 49.45
N HIS E 409 13.79 -15.35 49.45
CA HIS E 409 12.63 -14.74 50.07
C HIS E 409 12.88 -14.40 51.54
N VAL E 410 13.59 -15.28 52.24
CA VAL E 410 13.91 -15.02 53.65
C VAL E 410 14.68 -13.72 53.76
N VAL E 411 15.81 -13.66 53.07
CA VAL E 411 16.63 -12.45 52.99
C VAL E 411 15.82 -11.23 52.56
N LEU E 412 15.05 -11.36 51.47
CA LEU E 412 14.20 -10.24 51.07
C LEU E 412 13.21 -9.83 52.15
N ARG E 413 13.01 -10.63 53.20
CA ARG E 413 12.22 -10.24 54.35
C ARG E 413 13.10 -9.69 55.47
N GLU E 414 14.34 -9.36 55.14
CA GLU E 414 15.26 -8.61 55.99
C GLU E 414 15.50 -7.24 55.40
N LEU E 415 15.89 -7.20 54.12
CA LEU E 415 16.08 -5.95 53.42
C LEU E 415 14.77 -5.19 53.33
N ARG E 416 13.67 -5.89 53.04
CA ARG E 416 12.35 -5.28 53.16
C ARG E 416 11.79 -5.52 54.55
N LEU E 417 12.58 -5.11 55.55
CA LEU E 417 12.16 -5.10 56.95
C LEU E 417 13.06 -4.10 57.66
N ASN E 418 12.48 -3.05 58.24
CA ASN E 418 13.19 -1.80 58.52
C ASN E 418 14.60 -2.00 59.06
N VAL E 419 14.78 -2.71 60.18
CA VAL E 419 16.11 -3.01 60.67
C VAL E 419 16.19 -4.51 60.96
N THR E 420 17.37 -4.97 61.43
CA THR E 420 17.66 -6.37 61.73
C THR E 420 18.66 -6.44 62.86
N THR E 421 19.22 -7.64 63.06
CA THR E 421 20.38 -7.88 63.93
C THR E 421 21.37 -8.82 63.25
N GLN E 422 21.29 -8.96 61.92
CA GLN E 422 22.02 -9.96 61.14
C GLN E 422 23.05 -9.31 60.22
N GLY E 423 23.58 -8.15 60.61
CA GLY E 423 24.64 -7.47 59.88
C GLY E 423 25.76 -8.35 59.37
N PRO E 424 26.30 -9.25 60.20
CA PRO E 424 27.33 -10.17 59.71
C PRO E 424 26.85 -11.07 58.58
N ASN E 425 25.73 -11.78 58.77
CA ASN E 425 25.29 -12.74 57.76
C ASN E 425 24.66 -12.05 56.57
N LEU E 426 23.82 -11.04 56.80
CA LEU E 426 23.21 -10.31 55.70
C LEU E 426 24.27 -9.73 54.76
N ALA E 427 25.17 -8.90 55.29
CA ALA E 427 26.19 -8.30 54.45
C ALA E 427 27.13 -9.33 53.81
N LEU E 428 27.17 -10.56 54.33
CA LEU E 428 27.94 -11.59 53.65
C LEU E 428 27.20 -12.14 52.44
N TYR E 429 25.93 -12.50 52.61
CA TYR E 429 25.09 -12.87 51.47
C TYR E 429 25.10 -11.78 50.41
N GLN E 430 24.93 -10.52 50.80
CA GLN E 430 25.03 -9.47 49.80
C GLN E 430 26.43 -9.32 49.22
N LEU E 431 27.47 -9.83 49.89
CA LEU E 431 28.79 -9.75 49.27
C LEU E 431 29.03 -10.88 48.27
N LEU E 432 28.69 -12.11 48.64
CA LEU E 432 28.79 -13.22 47.69
C LEU E 432 27.87 -12.98 46.49
N SER E 433 26.71 -12.36 46.72
CA SER E 433 25.82 -12.02 45.61
C SER E 433 26.46 -10.98 44.70
N THR E 434 27.21 -10.05 45.28
CA THR E 434 27.91 -9.05 44.47
C THR E 434 29.02 -9.70 43.67
N ALA E 435 29.58 -10.79 44.20
CA ALA E 435 30.65 -11.52 43.52
C ALA E 435 30.09 -12.44 42.45
N LEU E 436 28.91 -13.03 42.68
CA LEU E 436 28.39 -13.98 41.71
C LEU E 436 27.96 -13.32 40.40
N CYS E 437 27.52 -12.06 40.42
CA CYS E 437 26.92 -11.48 39.22
C CYS E 437 27.98 -10.69 38.48
N SER E 438 28.42 -11.24 37.37
CA SER E 438 29.43 -10.74 36.46
C SER E 438 28.74 -10.54 35.10
N ALA E 439 29.54 -10.20 34.08
CA ALA E 439 28.97 -9.88 32.78
C ALA E 439 28.17 -11.05 32.22
N LEU E 440 28.57 -12.28 32.52
CA LEU E 440 27.91 -13.44 31.94
C LEU E 440 26.70 -13.89 32.74
N GLU E 441 26.69 -13.65 34.06
CA GLU E 441 25.45 -13.80 34.83
C GLU E 441 24.38 -12.83 34.36
N ILE E 442 24.74 -11.56 34.18
CA ILE E 442 23.80 -10.58 33.66
C ILE E 442 23.33 -10.97 32.26
N GLY E 443 24.25 -11.46 31.42
CA GLY E 443 23.87 -11.89 30.08
C GLY E 443 22.73 -12.89 30.06
N GLU E 444 22.84 -13.94 30.89
CA GLU E 444 21.81 -14.98 30.90
C GLU E 444 20.52 -14.50 31.56
N VAL E 445 20.59 -13.45 32.40
CA VAL E 445 19.39 -12.92 33.02
C VAL E 445 18.61 -12.08 32.01
N LEU E 446 19.29 -11.17 31.33
CA LEU E 446 18.63 -10.40 30.27
C LEU E 446 18.09 -11.32 29.19
N ARG E 447 18.88 -12.31 28.75
CA ARG E 447 18.35 -13.36 27.88
C ARG E 447 17.15 -14.07 28.52
N GLY E 448 17.26 -14.41 29.80
CA GLY E 448 16.15 -15.04 30.49
C GLY E 448 14.94 -14.15 30.69
N LEU E 449 15.13 -12.82 30.62
CA LEU E 449 14.03 -11.89 30.69
C LEU E 449 13.40 -11.63 29.33
N ALA E 450 14.22 -11.41 28.31
CA ALA E 450 13.72 -11.19 26.96
C ALA E 450 12.85 -12.37 26.49
N LEU E 451 13.32 -13.59 26.69
CA LEU E 451 12.54 -14.78 26.34
C LEU E 451 11.41 -15.02 27.34
N GLY E 452 11.67 -14.78 28.62
CA GLY E 452 10.70 -14.99 29.66
C GLY E 452 10.94 -16.23 30.51
N THR E 453 12.07 -16.91 30.31
CA THR E 453 12.31 -18.19 30.97
C THR E 453 12.65 -18.01 32.45
N GLU E 454 12.94 -19.13 33.11
CA GLU E 454 13.28 -19.15 34.52
C GLU E 454 14.53 -18.33 34.86
N SER E 455 15.40 -18.08 33.88
CA SER E 455 16.65 -17.38 34.15
C SER E 455 16.41 -15.94 34.62
N GLY E 456 15.38 -15.28 34.08
CA GLY E 456 15.07 -13.93 34.49
C GLY E 456 14.28 -13.78 35.78
N LEU E 457 13.82 -14.90 36.36
CA LEU E 457 13.05 -14.83 37.60
C LEU E 457 13.92 -14.29 38.74
N PHE E 458 15.09 -14.89 38.94
CA PHE E 458 15.96 -14.56 40.05
C PHE E 458 17.41 -14.60 39.63
N SER E 459 18.22 -13.73 40.23
CA SER E 459 19.65 -13.68 40.04
C SER E 459 20.24 -13.09 41.32
N PRO E 460 21.42 -13.55 41.74
CA PRO E 460 22.05 -12.90 42.89
C PRO E 460 22.40 -11.46 42.63
N CYS E 461 22.50 -11.07 41.36
CA CYS E 461 22.66 -9.67 41.01
C CYS E 461 21.51 -8.82 41.52
N TYR E 462 20.31 -9.41 41.69
CA TYR E 462 19.14 -8.66 42.16
C TYR E 462 19.30 -8.18 43.60
N LEU E 463 20.00 -8.94 44.43
CA LEU E 463 20.19 -8.62 45.84
C LEU E 463 21.65 -8.30 46.13
N SER E 464 22.37 -7.80 45.13
CA SER E 464 23.79 -7.56 45.24
C SER E 464 24.05 -6.09 45.58
N LEU E 465 25.35 -5.78 45.72
CA LEU E 465 25.82 -4.45 46.09
C LEU E 465 26.39 -3.67 44.91
N ARG E 466 26.16 -4.11 43.67
CA ARG E 466 26.61 -3.36 42.51
C ARG E 466 25.63 -2.22 42.23
N PHE E 467 26.16 -1.01 42.04
CA PHE E 467 25.35 0.15 41.73
C PHE E 467 25.79 0.84 40.46
N ASP E 468 26.77 0.28 39.74
CA ASP E 468 27.27 0.84 38.49
C ASP E 468 26.58 0.28 37.26
N LEU E 469 25.38 -0.28 37.39
CA LEU E 469 24.74 -0.98 36.28
C LEU E 469 23.79 -0.05 35.53
N THR E 470 24.36 0.96 34.88
CA THR E 470 23.57 1.83 34.02
C THR E 470 23.04 1.06 32.80
N ARG E 471 22.12 1.71 32.07
CA ARG E 471 21.49 1.09 30.91
C ARG E 471 22.54 0.65 29.87
N ASP E 472 23.29 1.62 29.34
CA ASP E 472 24.33 1.34 28.36
C ASP E 472 25.48 0.50 28.94
N LYS E 473 25.59 0.42 30.26
CA LYS E 473 26.50 -0.55 30.86
C LYS E 473 25.99 -1.96 30.69
N LEU E 474 24.67 -2.15 30.85
CA LEU E 474 24.05 -3.45 30.62
C LEU E 474 23.97 -3.78 29.12
N LEU E 475 23.75 -2.77 28.27
CA LEU E 475 23.71 -3.03 26.84
C LEU E 475 25.01 -3.64 26.32
N SER E 476 26.13 -3.37 26.98
CA SER E 476 27.39 -4.04 26.65
C SER E 476 27.49 -5.42 27.27
N MET E 477 26.39 -5.93 27.83
CA MET E 477 26.34 -7.25 28.43
C MET E 477 25.15 -8.06 27.95
N ALA E 478 24.30 -7.48 27.10
CA ALA E 478 23.07 -8.11 26.66
C ALA E 478 23.37 -9.20 25.63
N PRO E 479 22.42 -10.12 25.42
CA PRO E 479 22.55 -11.02 24.27
C PRO E 479 22.45 -10.22 22.98
N GLN E 480 23.37 -10.49 22.05
CA GLN E 480 23.35 -9.84 20.75
C GLN E 480 22.81 -10.73 19.64
N GLU E 481 22.42 -11.95 19.97
CA GLU E 481 22.00 -12.92 18.96
C GLU E 481 20.76 -12.44 18.20
N ALA E 482 20.87 -12.44 16.88
CA ALA E 482 19.74 -12.02 16.03
C ALA E 482 18.52 -12.91 16.23
N THR E 483 18.73 -14.16 16.67
CA THR E 483 17.62 -15.06 16.91
C THR E 483 16.71 -14.54 18.02
N LEU E 484 17.27 -13.77 18.95
CA LEU E 484 16.50 -13.04 19.94
C LEU E 484 15.91 -11.77 19.35
N ASP E 485 14.91 -11.22 20.05
CA ASP E 485 14.25 -10.00 19.62
C ASP E 485 14.94 -8.83 20.30
N GLN E 486 15.41 -7.85 19.51
CA GLN E 486 16.11 -6.72 20.13
C GLN E 486 15.18 -5.86 20.96
N ALA E 487 13.88 -5.80 20.64
CA ALA E 487 12.97 -5.02 21.46
C ALA E 487 12.81 -5.65 22.85
N ALA E 488 12.63 -6.97 22.89
CA ALA E 488 12.57 -7.68 24.17
C ALA E 488 13.87 -7.57 24.95
N VAL E 489 15.01 -7.55 24.26
CA VAL E 489 16.30 -7.39 24.92
C VAL E 489 16.46 -5.96 25.41
N SER E 490 15.97 -4.99 24.64
CA SER E 490 15.94 -3.60 25.10
C SER E 490 15.02 -3.44 26.31
N ASN E 491 13.83 -4.05 26.27
CA ASN E 491 12.96 -4.09 27.44
C ASN E 491 13.67 -4.75 28.61
N ALA E 492 14.29 -5.91 28.38
CA ALA E 492 14.87 -6.70 29.45
C ALA E 492 15.90 -5.89 30.24
N VAL E 493 16.60 -4.99 29.58
CA VAL E 493 17.58 -4.15 30.26
C VAL E 493 16.87 -3.21 31.23
N ASP E 494 15.78 -2.58 30.78
CA ASP E 494 15.07 -1.65 31.66
C ASP E 494 14.50 -2.37 32.88
N GLY E 495 13.74 -3.44 32.65
CA GLY E 495 13.25 -4.25 33.76
C GLY E 495 14.33 -4.63 34.75
N PHE E 496 15.44 -5.15 34.24
CA PHE E 496 16.60 -5.43 35.09
C PHE E 496 17.13 -4.17 35.74
N LEU E 497 17.04 -3.04 35.06
CA LEU E 497 17.44 -1.77 35.66
C LEU E 497 16.37 -1.25 36.62
N GLY E 498 15.11 -1.57 36.36
CA GLY E 498 14.04 -1.20 37.28
C GLY E 498 14.07 -1.99 38.57
N ARG E 499 14.59 -3.22 38.53
CA ARG E 499 14.62 -4.09 39.70
C ARG E 499 15.75 -3.74 40.65
N LEU E 500 16.70 -2.91 40.22
CA LEU E 500 17.80 -2.50 41.08
C LEU E 500 17.78 -1.01 41.44
N SER E 501 16.91 -0.22 40.82
CA SER E 501 16.79 1.18 41.19
C SER E 501 16.50 1.29 42.68
N LEU E 502 17.44 1.91 43.41
CA LEU E 502 17.37 1.97 44.86
C LEU E 502 16.04 2.54 45.38
N GLU E 503 15.59 3.67 44.84
CA GLU E 503 14.36 4.21 45.39
C GLU E 503 13.14 3.45 44.86
N ARG E 504 12.02 3.58 45.58
CA ARG E 504 10.71 3.07 45.20
C ARG E 504 10.72 1.55 45.04
N GLU E 505 11.81 0.90 45.44
CA GLU E 505 11.96 -0.54 45.43
C GLU E 505 12.00 -1.10 46.84
N ASP E 506 12.88 -0.52 47.67
CA ASP E 506 12.99 -0.63 49.11
C ASP E 506 13.57 -1.97 49.57
N ARG E 507 13.85 -2.90 48.66
CA ARG E 507 14.58 -4.11 49.01
C ARG E 507 16.05 -4.07 48.60
N ASP E 508 16.61 -2.89 48.40
CA ASP E 508 18.00 -2.78 47.97
C ASP E 508 18.98 -2.40 49.08
N ALA E 509 18.71 -1.30 49.78
CA ALA E 509 19.75 -0.66 50.59
C ALA E 509 19.10 0.00 51.80
N TRP E 510 19.88 0.84 52.49
CA TRP E 510 19.52 1.54 53.72
C TRP E 510 19.54 0.63 54.94
N HIS E 511 20.19 -0.53 54.83
CA HIS E 511 20.36 -1.43 55.96
C HIS E 511 21.82 -1.55 56.38
N LEU E 512 22.75 -0.91 55.66
CA LEU E 512 24.13 -1.10 56.11
C LEU E 512 24.54 0.07 56.98
N PRO E 513 25.23 -0.16 58.10
CA PRO E 513 25.72 0.97 58.92
C PRO E 513 26.83 1.77 58.27
N ALA E 514 27.45 1.29 57.17
CA ALA E 514 28.40 2.12 56.45
C ALA E 514 27.73 3.08 55.48
N TYR E 515 26.44 2.90 55.23
CA TYR E 515 25.71 3.75 54.30
C TYR E 515 25.80 5.22 54.69
N LYS E 516 25.93 5.51 55.99
CA LYS E 516 25.87 6.88 56.48
C LYS E 516 26.94 7.78 55.87
N CYS E 517 28.16 7.27 55.73
CA CYS E 517 29.28 8.03 55.16
C CYS E 517 29.24 8.04 53.64
N VAL E 518 28.18 8.64 53.12
CA VAL E 518 28.04 8.94 51.70
C VAL E 518 27.25 10.24 51.61
N ASP E 519 27.83 11.24 50.95
CA ASP E 519 27.15 12.52 50.76
C ASP E 519 26.12 12.42 49.66
N ARG E 520 26.55 12.02 48.46
CA ARG E 520 25.66 11.82 47.32
C ARG E 520 25.47 10.32 47.15
N LEU E 521 24.22 9.87 47.19
CA LEU E 521 23.96 8.44 47.22
C LEU E 521 23.84 7.86 45.82
N ASP E 522 23.68 8.72 44.82
CA ASP E 522 23.63 8.32 43.42
C ASP E 522 25.01 8.20 42.78
N LYS E 523 26.07 8.63 43.46
CA LYS E 523 27.41 8.54 42.90
C LYS E 523 28.17 7.30 43.35
N VAL E 524 27.54 6.41 44.12
CA VAL E 524 28.20 5.18 44.56
C VAL E 524 28.26 4.18 43.40
N LEU E 525 29.28 3.33 43.40
CA LEU E 525 29.41 2.30 42.36
C LEU E 525 29.39 0.88 42.89
N MET E 526 30.06 0.59 44.02
CA MET E 526 30.12 -0.75 44.55
C MET E 526 30.56 -0.71 46.01
N ILE E 527 30.02 -1.63 46.80
CA ILE E 527 30.23 -1.69 48.25
C ILE E 527 30.57 -3.14 48.59
N ILE E 528 31.81 -3.41 48.96
CA ILE E 528 32.25 -4.73 49.37
C ILE E 528 32.41 -4.74 50.89
N PRO E 529 31.50 -5.37 51.64
CA PRO E 529 31.75 -5.59 53.07
C PRO E 529 32.60 -6.83 53.29
N LEU E 530 33.77 -6.66 53.87
CA LEU E 530 34.59 -7.79 54.31
C LEU E 530 34.51 -7.88 55.83
N ILE E 531 35.22 -8.85 56.40
CA ILE E 531 35.35 -8.88 57.84
C ILE E 531 36.25 -7.74 58.29
N ASN E 532 35.77 -6.94 59.23
CA ASN E 532 36.42 -5.82 59.92
C ASN E 532 36.50 -4.57 59.04
N VAL E 533 36.09 -4.63 57.77
CA VAL E 533 36.12 -3.47 56.90
C VAL E 533 34.97 -3.57 55.91
N THR E 534 34.41 -2.42 55.53
CA THR E 534 33.71 -2.35 54.26
C THR E 534 34.42 -1.33 53.38
N PHE E 535 34.22 -1.44 52.08
CA PHE E 535 34.74 -0.44 51.14
C PHE E 535 33.57 0.19 50.41
N ILE E 536 33.71 1.46 50.08
CA ILE E 536 32.69 2.19 49.34
C ILE E 536 33.38 2.76 48.10
N ILE E 537 33.27 2.02 47.01
CA ILE E 537 33.83 2.46 45.73
C ILE E 537 32.82 3.35 45.04
N SER E 538 33.26 4.54 44.65
CA SER E 538 32.34 5.49 44.05
C SER E 538 33.09 6.49 43.20
N SER E 539 32.33 7.26 42.42
CA SER E 539 32.83 8.48 41.82
C SER E 539 32.68 9.68 42.73
N ASP E 540 31.94 9.53 43.84
CA ASP E 540 31.75 10.61 44.80
C ASP E 540 33.04 10.87 45.56
N ARG E 541 33.43 12.14 45.62
CA ARG E 541 34.63 12.56 46.34
C ARG E 541 34.36 12.82 47.81
N GLU E 542 33.26 13.52 48.14
CA GLU E 542 32.97 13.91 49.51
C GLU E 542 32.44 12.68 50.23
N VAL E 543 33.35 11.94 50.88
CA VAL E 543 33.00 10.72 51.60
C VAL E 543 33.75 10.71 52.92
N ARG E 544 33.11 10.15 53.96
CA ARG E 544 33.70 10.11 55.30
C ARG E 544 34.39 8.79 55.61
N GLY E 545 34.80 8.02 54.60
CA GLY E 545 35.64 6.87 54.87
C GLY E 545 36.94 7.27 55.56
N SER E 546 37.58 6.29 56.20
CA SER E 546 38.85 6.58 56.87
C SER E 546 39.90 7.05 55.86
N ALA E 547 40.23 6.21 54.89
CA ALA E 547 41.16 6.58 53.82
C ALA E 547 40.39 7.07 52.59
N LEU E 548 41.13 7.30 51.51
CA LEU E 548 40.53 7.61 50.20
C LEU E 548 41.57 7.31 49.14
N TYR E 549 41.20 6.54 48.12
CA TYR E 549 42.11 6.24 47.02
C TYR E 549 41.50 6.67 45.69
N GLU E 550 42.38 6.90 44.70
CA GLU E 550 41.96 7.19 43.32
C GLU E 550 42.83 6.38 42.37
N ALA E 551 42.25 5.37 41.72
CA ALA E 551 42.92 4.82 40.55
C ALA E 551 42.85 5.80 39.38
N SER E 552 43.77 5.64 38.42
CA SER E 552 43.83 6.49 37.23
C SER E 552 42.75 6.09 36.24
N THR E 553 41.51 6.53 36.52
CA THR E 553 40.37 5.90 35.87
C THR E 553 40.43 6.04 34.35
N THR E 554 40.38 7.28 33.85
CA THR E 554 40.78 7.75 32.54
C THR E 554 40.57 9.25 32.58
N TYR E 555 41.01 9.96 31.54
CA TYR E 555 40.32 11.21 31.24
C TYR E 555 39.18 11.05 30.22
N LEU E 556 38.23 10.13 30.46
CA LEU E 556 36.82 10.28 30.09
C LEU E 556 35.88 10.32 31.29
N SER E 557 35.98 9.35 32.19
CA SER E 557 34.90 9.04 33.12
C SER E 557 35.03 9.82 34.42
N SER E 558 33.90 9.95 35.11
CA SER E 558 33.80 10.83 36.29
C SER E 558 34.93 10.62 37.29
N SER E 559 35.05 9.41 37.83
CA SER E 559 36.07 9.10 38.84
C SER E 559 36.04 7.61 39.13
N LEU E 560 36.97 7.17 39.99
CA LEU E 560 36.86 5.88 40.67
C LEU E 560 37.56 6.01 42.03
N PHE E 561 36.77 6.23 43.09
CA PHE E 561 37.33 6.36 44.43
C PHE E 561 37.04 5.12 45.25
N LEU E 562 37.91 4.86 46.24
CA LEU E 562 37.80 3.68 47.10
C LEU E 562 37.99 4.12 48.55
N SER E 563 36.89 4.22 49.30
CA SER E 563 36.95 4.63 50.70
C SER E 563 36.70 3.45 51.63
N PRO E 564 37.71 2.94 52.32
CA PRO E 564 37.52 1.84 53.27
C PRO E 564 37.00 2.33 54.62
N VAL E 565 35.77 1.94 54.95
CA VAL E 565 35.18 2.25 56.25
C VAL E 565 35.63 1.19 57.26
N ILE E 566 36.29 1.64 58.33
CA ILE E 566 36.85 0.74 59.34
C ILE E 566 35.84 0.50 60.45
N MET E 567 35.61 -0.78 60.75
CA MET E 567 34.68 -1.21 61.80
C MET E 567 33.29 -0.64 61.60
N ASN E 568 32.92 -0.43 60.33
CA ASN E 568 31.57 -0.03 59.96
C ASN E 568 31.16 1.25 60.67
N LYS E 569 32.13 2.17 60.84
CA LYS E 569 31.91 3.44 61.53
C LYS E 569 32.46 4.56 60.66
N CYS E 570 31.61 5.54 60.36
CA CYS E 570 31.95 6.62 59.45
C CYS E 570 32.75 7.68 60.19
N SER E 571 32.98 8.83 59.55
CA SER E 571 33.80 9.88 60.14
C SER E 571 33.07 11.22 60.16
N GLN E 572 33.79 12.28 60.54
CA GLN E 572 33.22 13.59 60.82
C GLN E 572 33.49 14.60 59.70
N GLY E 573 34.08 14.16 58.59
CA GLY E 573 34.31 15.02 57.46
C GLY E 573 35.20 14.39 56.40
N ALA E 574 34.94 14.71 55.14
CA ALA E 574 35.70 14.12 54.03
C ALA E 574 37.18 14.45 54.17
N VAL E 575 38.02 13.40 54.13
CA VAL E 575 39.45 13.58 54.22
C VAL E 575 39.93 14.55 53.14
N ALA E 576 40.79 15.48 53.54
CA ALA E 576 41.26 16.56 52.69
C ALA E 576 42.61 16.20 52.06
N GLY E 577 43.00 16.98 51.07
CA GLY E 577 44.27 16.76 50.39
C GLY E 577 44.15 15.78 49.25
N GLU E 578 45.05 15.94 48.28
CA GLU E 578 45.13 15.08 47.11
C GLU E 578 45.01 13.62 47.52
N PRO E 579 44.15 12.82 46.88
CA PRO E 579 43.96 11.44 47.31
C PRO E 579 45.25 10.62 47.25
N ARG E 580 45.24 9.53 47.99
CA ARG E 580 46.36 8.60 48.11
C ARG E 580 46.61 7.90 46.77
N GLN E 581 47.68 7.10 46.73
CA GLN E 581 48.05 6.29 45.57
C GLN E 581 48.04 4.82 45.95
N ILE E 582 47.45 3.99 45.10
CA ILE E 582 47.32 2.55 45.32
C ILE E 582 48.68 1.89 45.11
N PRO E 583 49.27 1.31 46.16
CA PRO E 583 50.60 0.70 46.03
C PRO E 583 50.58 -0.55 45.16
N LYS E 584 51.36 -0.54 44.07
CA LYS E 584 51.45 -1.66 43.17
C LYS E 584 52.28 -2.79 43.77
N ILE E 585 52.07 -4.01 43.25
CA ILE E 585 52.71 -5.21 43.76
C ILE E 585 53.19 -6.06 42.59
N GLN E 586 54.51 -6.25 42.47
CA GLN E 586 55.07 -7.22 41.55
C GLN E 586 55.70 -8.43 42.25
N ASN E 587 56.13 -8.28 43.50
CA ASN E 587 56.77 -9.38 44.23
C ASN E 587 55.69 -10.26 44.87
N PHE E 588 55.01 -11.01 44.00
CA PHE E 588 53.96 -11.94 44.40
C PHE E 588 53.91 -13.08 43.40
N THR E 589 53.98 -14.31 43.90
CA THR E 589 54.05 -15.49 43.05
C THR E 589 52.68 -16.09 42.81
N ARG E 590 52.53 -16.74 41.65
CA ARG E 590 51.25 -17.31 41.27
C ARG E 590 50.93 -18.61 42.00
N THR E 591 51.92 -19.26 42.60
CA THR E 591 51.69 -20.51 43.30
C THR E 591 51.64 -20.25 44.81
N GLN E 592 50.52 -20.60 45.42
CA GLN E 592 50.35 -20.51 46.86
C GLN E 592 49.88 -21.85 47.39
N LYS E 593 50.02 -22.01 48.71
CA LYS E 593 49.59 -23.21 49.43
C LYS E 593 48.81 -22.83 50.68
N SER E 594 48.38 -21.57 50.76
CA SER E 594 47.78 -21.01 51.96
C SER E 594 46.78 -19.96 51.53
N CYS E 595 45.91 -19.59 52.46
CA CYS E 595 44.69 -18.82 52.19
C CYS E 595 44.90 -17.33 52.39
N ILE E 596 46.12 -16.82 52.21
CA ILE E 596 46.51 -15.47 52.62
C ILE E 596 45.46 -14.46 52.18
N PHE E 597 44.81 -14.69 51.05
CA PHE E 597 43.75 -13.81 50.56
C PHE E 597 42.36 -14.19 51.09
N CYS E 598 42.26 -15.11 52.05
CA CYS E 598 41.00 -15.33 52.75
C CYS E 598 40.44 -14.03 53.31
N GLY E 599 39.14 -13.84 53.11
CA GLY E 599 38.46 -12.64 53.54
C GLY E 599 38.88 -11.39 52.81
N PHE E 600 39.46 -11.53 51.63
CA PHE E 600 39.87 -10.39 50.82
C PHE E 600 39.07 -10.40 49.53
N ALA E 601 38.59 -9.22 49.13
CA ALA E 601 37.92 -9.06 47.85
C ALA E 601 38.95 -8.75 46.78
N LEU E 602 38.72 -9.25 45.58
CA LEU E 602 39.61 -9.07 44.44
C LEU E 602 38.81 -8.42 43.31
N LEU E 603 38.96 -7.11 43.13
CA LEU E 603 38.24 -6.39 42.10
C LEU E 603 39.00 -6.38 40.79
N SER E 604 38.25 -6.22 39.71
CA SER E 604 38.80 -6.13 38.36
C SER E 604 37.98 -5.13 37.58
N TYR E 605 38.62 -4.06 37.12
CA TYR E 605 37.93 -2.97 36.45
C TYR E 605 38.70 -2.58 35.20
N ASP E 606 38.07 -1.73 34.40
CA ASP E 606 38.67 -1.25 33.17
C ASP E 606 38.68 0.27 33.20
N GLU E 607 39.69 0.85 32.55
CA GLU E 607 39.86 2.29 32.62
C GLU E 607 38.74 3.06 31.94
N LYS E 608 38.04 2.44 31.00
CA LYS E 608 36.96 3.11 30.29
C LYS E 608 35.61 2.53 30.65
N GLU E 609 35.48 1.20 30.62
CA GLU E 609 34.20 0.56 30.90
C GLU E 609 33.78 0.74 32.35
N GLY E 610 34.72 0.62 33.28
CA GLY E 610 34.38 0.65 34.69
C GLY E 610 34.70 -0.66 35.40
N LEU E 611 34.10 -0.88 36.55
CA LEU E 611 34.27 -2.14 37.27
C LEU E 611 33.72 -3.29 36.42
N GLU E 612 34.48 -4.39 36.34
CA GLU E 612 34.04 -5.54 35.57
C GLU E 612 33.72 -6.77 36.40
N THR E 613 34.64 -7.23 37.26
CA THR E 613 34.42 -8.46 38.01
C THR E 613 34.86 -8.30 39.46
N THR E 614 34.15 -8.98 40.35
CA THR E 614 34.50 -9.01 41.76
C THR E 614 34.51 -10.45 42.24
N THR E 615 35.52 -10.82 43.03
CA THR E 615 35.63 -12.14 43.61
C THR E 615 36.01 -12.02 45.08
N TYR E 616 35.27 -12.72 45.93
CA TYR E 616 35.55 -12.80 47.36
C TYR E 616 36.14 -14.17 47.67
N ILE E 617 37.39 -14.19 48.14
CA ILE E 617 38.12 -15.43 48.34
C ILE E 617 37.71 -16.04 49.67
N THR E 618 36.71 -16.93 49.65
CA THR E 618 36.18 -17.48 50.87
C THR E 618 36.93 -18.71 51.36
N SER E 619 37.57 -19.43 50.44
CA SER E 619 38.17 -20.72 50.77
C SER E 619 39.44 -20.89 49.96
N GLN E 620 40.25 -21.86 50.37
CA GLN E 620 41.45 -22.21 49.61
C GLN E 620 41.12 -22.54 48.15
N GLU E 621 39.95 -23.11 47.90
CA GLU E 621 39.54 -23.44 46.52
C GLU E 621 39.32 -22.18 45.68
N VAL E 622 38.62 -21.19 46.23
CA VAL E 622 38.35 -19.96 45.50
C VAL E 622 39.66 -19.29 45.08
N GLN E 623 40.66 -19.32 45.97
CA GLN E 623 41.95 -18.73 45.64
C GLN E 623 42.66 -19.51 44.55
N ASN E 624 42.67 -20.85 44.67
CA ASN E 624 43.34 -21.67 43.67
C ASN E 624 42.76 -21.44 42.28
N SER E 625 41.45 -21.28 42.18
CA SER E 625 40.82 -20.99 40.89
C SER E 625 41.37 -19.71 40.27
N ILE E 626 41.35 -18.61 41.02
CA ILE E 626 41.82 -17.33 40.51
C ILE E 626 43.26 -17.44 40.01
N LEU E 627 44.14 -17.99 40.83
CA LEU E 627 45.57 -18.03 40.49
C LEU E 627 45.83 -18.96 39.31
N SER E 628 45.40 -20.23 39.43
CA SER E 628 45.73 -21.23 38.42
C SER E 628 45.07 -20.95 37.08
N SER E 629 44.02 -20.14 37.03
CA SER E 629 43.36 -19.83 35.77
C SER E 629 43.94 -18.57 35.14
N ASN E 630 43.39 -18.21 33.99
CA ASN E 630 43.81 -17.08 33.16
C ASN E 630 43.28 -15.73 33.65
N TYR E 631 42.67 -15.69 34.85
CA TYR E 631 42.10 -14.45 35.38
C TYR E 631 43.07 -13.29 35.27
N PHE E 632 44.33 -13.51 35.64
CA PHE E 632 45.31 -12.43 35.60
C PHE E 632 45.82 -12.27 34.16
N ASP E 633 45.22 -11.30 33.46
CA ASP E 633 45.57 -10.95 32.08
C ASP E 633 46.03 -9.49 32.08
N PHE E 634 47.33 -9.27 31.97
CA PHE E 634 47.89 -7.93 31.94
C PHE E 634 48.11 -7.41 30.53
N ASP E 635 47.73 -8.20 29.51
CA ASP E 635 47.96 -7.79 28.12
C ASP E 635 47.22 -6.50 27.80
N ASN E 636 46.05 -6.31 28.38
CA ASN E 636 45.26 -5.11 28.20
C ASN E 636 45.64 -4.10 29.29
N LEU E 637 46.26 -3.00 28.88
CA LEU E 637 46.75 -2.01 29.84
C LEU E 637 45.62 -1.28 30.53
N HIS E 638 44.42 -1.25 29.92
CA HIS E 638 43.29 -0.53 30.48
C HIS E 638 42.65 -1.24 31.68
N VAL E 639 43.02 -2.49 31.95
CA VAL E 639 42.38 -3.28 33.00
C VAL E 639 43.38 -3.47 34.13
N HIS E 640 42.99 -3.05 35.35
CA HIS E 640 43.83 -3.23 36.52
C HIS E 640 43.12 -4.14 37.51
N TYR E 641 43.89 -4.68 38.46
CA TYR E 641 43.37 -5.71 39.37
C TYR E 641 43.65 -5.26 40.81
N LEU E 642 42.73 -4.51 41.40
CA LEU E 642 42.88 -4.07 42.78
C LEU E 642 42.67 -5.25 43.73
N LEU E 643 43.12 -5.08 44.97
CA LEU E 643 42.99 -6.12 45.99
C LEU E 643 42.59 -5.45 47.30
N LEU E 644 41.46 -5.86 47.84
CA LEU E 644 40.85 -5.23 49.00
C LEU E 644 41.11 -6.13 50.20
N THR E 645 41.95 -5.66 51.13
CA THR E 645 42.28 -6.42 52.32
C THR E 645 41.24 -6.19 53.43
N THR E 646 41.39 -6.97 54.52
CA THR E 646 40.62 -6.71 55.74
C THR E 646 41.23 -5.62 56.60
N ASN E 647 42.48 -5.25 56.35
CA ASN E 647 43.12 -4.17 57.09
C ASN E 647 42.73 -2.80 56.54
N GLY E 648 41.92 -2.75 55.50
CA GLY E 648 41.45 -1.52 54.91
C GLY E 648 42.32 -0.98 53.80
N THR E 649 43.33 -1.72 53.36
CA THR E 649 44.25 -1.26 52.33
C THR E 649 43.82 -1.81 50.96
N VAL E 650 43.98 -0.99 49.93
CA VAL E 650 43.76 -1.38 48.54
C VAL E 650 45.12 -1.49 47.86
N MET E 651 45.34 -2.60 47.15
CA MET E 651 46.64 -2.91 46.57
C MET E 651 46.45 -3.43 45.17
N GLU E 652 47.09 -2.78 44.19
CA GLU E 652 46.98 -3.19 42.80
C GLU E 652 48.06 -4.22 42.47
N ILE E 653 47.64 -5.32 41.85
CA ILE E 653 48.56 -6.33 41.34
C ILE E 653 48.84 -5.99 39.88
N ALA E 654 50.09 -5.64 39.57
CA ALA E 654 50.51 -5.36 38.21
C ALA E 654 51.26 -6.51 37.55
N GLY E 655 51.65 -7.53 38.30
CA GLY E 655 52.36 -8.64 37.71
C GLY E 655 52.64 -9.71 38.75
N LEU E 656 53.21 -10.82 38.28
CA LEU E 656 53.48 -11.98 39.11
C LEU E 656 54.90 -12.47 38.92
N TYR E 657 55.25 -13.61 39.51
CA TYR E 657 56.43 -14.35 39.07
C TYR E 657 56.01 -15.32 37.98
N TRP F 1 -52.71 -37.05 39.15
CA TRP F 1 -53.64 -38.20 39.26
C TRP F 1 -54.93 -37.96 38.47
N ALA F 2 -55.97 -37.37 39.06
CA ALA F 2 -57.18 -37.33 38.26
C ALA F 2 -57.20 -36.14 37.31
N TYR F 3 -56.37 -35.13 37.58
CA TYR F 3 -56.20 -34.01 36.66
C TYR F 3 -54.74 -33.58 36.75
N PRO F 4 -53.84 -34.21 35.95
CA PRO F 4 -52.40 -33.93 36.09
C PRO F 4 -51.92 -32.62 35.50
N CYS F 5 -52.53 -32.21 34.37
CA CYS F 5 -52.00 -31.14 33.53
C CYS F 5 -52.74 -29.85 33.83
N CYS F 6 -52.12 -29.00 34.63
CA CYS F 6 -52.68 -27.72 35.03
C CYS F 6 -51.87 -26.59 34.42
N HIS F 7 -52.26 -25.36 34.76
CA HIS F 7 -51.60 -24.17 34.23
C HIS F 7 -50.89 -23.45 35.36
N VAL F 8 -49.59 -23.21 35.19
CA VAL F 8 -48.79 -22.53 36.21
C VAL F 8 -48.93 -21.02 36.03
N THR F 9 -49.45 -20.36 37.05
CA THR F 9 -49.43 -18.90 37.15
C THR F 9 -49.06 -18.51 38.57
N GLN F 10 -48.43 -17.34 38.69
CA GLN F 10 -48.10 -16.79 39.99
C GLN F 10 -49.35 -16.50 40.79
N LEU F 11 -49.42 -17.06 42.01
CA LEU F 11 -50.61 -16.91 42.84
C LEU F 11 -50.81 -15.45 43.22
N ARG F 12 -49.72 -14.75 43.52
CA ARG F 12 -49.49 -13.31 43.44
C ARG F 12 -50.15 -12.51 44.57
N ALA F 13 -50.92 -13.15 45.45
CA ALA F 13 -50.96 -12.89 46.88
C ALA F 13 -51.89 -13.92 47.49
N GLN F 14 -51.74 -14.12 48.80
CA GLN F 14 -52.77 -14.55 49.74
C GLN F 14 -53.60 -15.69 49.16
N HIS F 15 -52.99 -16.60 48.42
CA HIS F 15 -53.69 -17.81 48.05
C HIS F 15 -52.73 -18.98 48.19
N LEU F 16 -51.57 -18.75 48.78
CA LEU F 16 -50.45 -19.68 48.76
C LEU F 16 -50.75 -20.91 49.61
N LEU F 17 -49.80 -21.83 49.62
CA LEU F 17 -49.76 -22.86 50.65
C LEU F 17 -48.38 -22.90 51.32
N ALA F 18 -47.33 -22.50 50.60
CA ALA F 18 -46.06 -22.06 51.18
C ALA F 18 -45.22 -23.18 51.79
N LEU F 19 -45.60 -24.44 51.59
CA LEU F 19 -44.87 -25.67 51.94
C LEU F 19 -44.90 -25.99 53.42
N GLU F 20 -45.48 -25.14 54.27
CA GLU F 20 -45.77 -25.58 55.63
C GLU F 20 -47.09 -26.31 55.68
N ASN F 21 -48.01 -25.95 54.79
CA ASN F 21 -49.31 -26.61 54.67
C ASN F 21 -49.39 -27.48 53.42
N ILE F 22 -48.23 -27.92 52.90
CA ILE F 22 -48.16 -28.88 51.80
C ILE F 22 -47.84 -30.25 52.37
N SER F 23 -48.55 -31.27 51.90
CA SER F 23 -48.33 -32.64 52.35
C SER F 23 -48.19 -33.64 51.21
N ASP F 24 -48.68 -33.35 50.01
CA ASP F 24 -48.51 -34.22 48.87
C ASP F 24 -48.18 -33.37 47.64
N ILE F 25 -47.24 -33.85 46.84
CA ILE F 25 -46.82 -33.17 45.61
C ILE F 25 -46.77 -34.20 44.50
N TYR F 26 -47.53 -33.96 43.44
CA TYR F 26 -47.64 -34.87 42.31
C TYR F 26 -46.84 -34.32 41.13
N LEU F 27 -46.00 -35.18 40.54
CA LEU F 27 -45.13 -34.79 39.43
C LEU F 27 -45.55 -35.55 38.19
N VAL F 28 -45.95 -34.81 37.14
CA VAL F 28 -46.29 -35.41 35.84
C VAL F 28 -45.03 -35.91 35.15
N SER F 29 -45.22 -36.74 34.12
CA SER F 29 -44.12 -37.39 33.43
C SER F 29 -43.70 -36.64 32.15
N ASN F 30 -42.71 -37.24 31.48
CA ASN F 30 -42.21 -36.79 30.19
C ASN F 30 -43.20 -37.06 29.07
N GLN F 31 -44.03 -38.10 29.19
CA GLN F 31 -45.08 -38.35 28.21
C GLN F 31 -46.48 -37.91 28.66
N THR F 32 -46.69 -37.66 29.95
CA THR F 32 -48.04 -37.36 30.42
C THR F 32 -48.58 -36.04 29.90
N CYS F 33 -47.71 -35.06 29.64
CA CYS F 33 -48.21 -33.71 29.47
C CYS F 33 -47.63 -33.06 28.21
N ASP F 34 -47.26 -33.88 27.23
CA ASP F 34 -46.61 -33.44 25.98
C ASP F 34 -45.27 -32.77 26.23
N GLY F 35 -44.62 -33.08 27.35
CA GLY F 35 -43.31 -32.55 27.64
C GLY F 35 -43.27 -31.42 28.65
N PHE F 36 -44.39 -31.13 29.29
CA PHE F 36 -44.48 -30.06 30.28
C PHE F 36 -44.19 -30.62 31.67
N SER F 37 -43.20 -30.05 32.35
CA SER F 37 -42.88 -30.44 33.72
C SER F 37 -43.78 -29.65 34.64
N LEU F 38 -44.91 -30.24 34.99
CA LEU F 38 -45.87 -29.61 35.88
C LEU F 38 -45.95 -30.37 37.19
N ALA F 39 -46.23 -29.63 38.26
CA ALA F 39 -46.40 -30.21 39.58
C ALA F 39 -47.70 -29.70 40.17
N SER F 40 -48.23 -30.44 41.15
CA SER F 40 -49.44 -30.05 41.86
C SER F 40 -49.23 -30.19 43.35
N LEU F 41 -49.30 -29.07 44.06
CA LEU F 41 -49.08 -28.99 45.50
C LEU F 41 -50.41 -29.16 46.23
N ASN F 42 -50.45 -30.01 47.26
CA ASN F 42 -51.70 -30.32 47.93
C ASN F 42 -51.59 -30.20 49.44
N SER F 43 -52.75 -29.88 50.13
CA SER F 43 -52.87 -29.88 51.58
C SER F 43 -53.44 -31.22 52.07
N PRO F 44 -53.22 -31.58 53.37
CA PRO F 44 -53.59 -32.95 53.75
C PRO F 44 -55.07 -33.36 53.71
N LYS F 45 -55.97 -32.61 54.36
CA LYS F 45 -57.41 -32.41 54.17
C LYS F 45 -57.87 -31.24 55.04
N ASN F 46 -58.75 -30.38 54.52
CA ASN F 46 -59.34 -29.31 55.32
C ASN F 46 -60.74 -29.69 55.77
N GLY F 47 -60.99 -29.56 57.07
CA GLY F 47 -62.27 -29.43 57.76
C GLY F 47 -63.23 -30.58 57.55
N SER F 48 -64.51 -30.22 57.49
CA SER F 48 -65.59 -31.17 57.32
C SER F 48 -65.67 -31.68 55.88
N ASN F 49 -65.64 -30.77 54.91
CA ASN F 49 -65.72 -31.16 53.52
C ASN F 49 -64.52 -31.96 53.05
N GLN F 50 -63.38 -31.86 53.75
CA GLN F 50 -62.20 -32.69 53.52
C GLN F 50 -61.53 -32.38 52.18
N LEU F 51 -61.66 -31.14 51.71
CA LEU F 51 -61.08 -30.79 50.42
C LEU F 51 -59.58 -30.64 50.55
N VAL F 52 -58.88 -31.04 49.49
CA VAL F 52 -57.43 -30.92 49.38
C VAL F 52 -57.12 -29.74 48.46
N ILE F 53 -56.60 -28.67 49.06
CA ILE F 53 -56.25 -27.48 48.30
C ILE F 53 -55.08 -27.79 47.38
N SER F 54 -55.19 -27.44 46.10
CA SER F 54 -54.19 -27.80 45.09
C SER F 54 -53.85 -26.59 44.24
N ARG F 55 -52.56 -26.24 44.18
CA ARG F 55 -52.13 -25.29 43.16
C ARG F 55 -51.13 -25.94 42.21
N CYS F 56 -51.01 -25.29 41.05
CA CYS F 56 -50.18 -25.78 39.97
C CYS F 56 -48.78 -25.21 40.11
N ALA F 57 -47.77 -26.07 39.95
CA ALA F 57 -46.39 -25.66 40.19
C ALA F 57 -45.56 -25.95 38.95
N ASN F 58 -44.49 -25.18 38.81
CA ASN F 58 -43.49 -25.43 37.77
C ASN F 58 -42.64 -26.61 38.20
N GLY F 59 -42.78 -27.72 37.48
CA GLY F 59 -42.11 -28.96 37.80
C GLY F 59 -40.61 -28.82 37.86
N LEU F 60 -39.99 -28.38 36.76
CA LEU F 60 -38.53 -28.22 36.70
C LEU F 60 -38.00 -27.44 37.91
N ASN F 61 -38.71 -26.39 38.34
CA ASN F 61 -38.31 -25.70 39.57
C ASN F 61 -38.42 -26.63 40.78
N VAL F 62 -39.58 -27.25 40.96
CA VAL F 62 -39.83 -28.01 42.18
C VAL F 62 -38.92 -29.24 42.25
N VAL F 63 -38.67 -29.87 41.11
CA VAL F 63 -37.77 -31.03 41.08
C VAL F 63 -36.37 -30.62 41.55
N SER F 64 -35.78 -29.62 40.88
CA SER F 64 -34.45 -29.15 41.24
C SER F 64 -34.37 -28.71 42.69
N PHE F 65 -35.50 -28.31 43.29
CA PHE F 65 -35.51 -27.98 44.71
C PHE F 65 -35.23 -29.21 45.56
N PHE F 66 -36.02 -30.27 45.37
CA PHE F 66 -35.82 -31.50 46.13
C PHE F 66 -34.47 -32.14 45.85
N ILE F 67 -33.97 -32.04 44.61
CA ILE F 67 -32.65 -32.57 44.30
C ILE F 67 -31.59 -31.89 45.14
N SER F 68 -31.62 -30.55 45.19
CA SER F 68 -30.61 -29.84 45.97
C SER F 68 -30.82 -30.06 47.46
N ILE F 69 -32.06 -30.19 47.91
CA ILE F 69 -32.33 -30.47 49.33
C ILE F 69 -31.61 -31.75 49.74
N LEU F 70 -31.78 -32.81 48.94
CA LEU F 70 -31.12 -34.07 49.23
C LEU F 70 -29.60 -33.93 49.24
N LYS F 71 -29.04 -33.40 48.14
CA LYS F 71 -27.60 -33.13 48.09
C LYS F 71 -27.15 -32.32 49.30
N ARG F 72 -27.84 -31.21 49.59
CA ARG F 72 -27.51 -30.37 50.74
C ARG F 72 -27.47 -31.16 52.04
N SER F 73 -28.26 -32.23 52.12
CA SER F 73 -28.50 -32.95 53.35
C SER F 73 -27.97 -34.37 53.23
N SER F 74 -26.82 -34.49 52.57
CA SER F 74 -26.38 -35.77 52.01
C SER F 74 -26.11 -36.83 53.07
N SER F 75 -25.72 -36.42 54.29
CA SER F 75 -25.44 -37.39 55.33
C SER F 75 -26.63 -38.33 55.57
N ALA F 76 -27.79 -37.78 55.94
CA ALA F 76 -28.88 -38.61 56.48
C ALA F 76 -29.34 -39.69 55.51
N LEU F 77 -29.85 -39.28 54.36
CA LEU F 77 -29.85 -40.04 53.09
C LEU F 77 -30.18 -41.52 53.27
N THR F 78 -31.38 -41.78 53.80
CA THR F 78 -31.85 -43.14 53.98
C THR F 78 -32.07 -43.79 52.61
N GLY F 79 -31.92 -45.12 52.57
CA GLY F 79 -31.84 -45.84 51.31
C GLY F 79 -32.87 -45.42 50.26
N HIS F 80 -34.13 -45.31 50.66
CA HIS F 80 -35.13 -44.88 49.69
C HIS F 80 -35.06 -43.38 49.47
N LEU F 81 -34.59 -42.64 50.48
CA LEU F 81 -34.40 -41.20 50.37
C LEU F 81 -33.33 -40.86 49.34
N ARG F 82 -32.26 -41.68 49.25
CA ARG F 82 -31.26 -41.49 48.22
C ARG F 82 -31.63 -42.20 46.92
N GLU F 83 -32.67 -43.01 46.93
CA GLU F 83 -33.20 -43.57 45.71
C GLU F 83 -34.16 -42.60 45.04
N LEU F 84 -34.74 -41.69 45.82
CA LEU F 84 -35.43 -40.54 45.26
C LEU F 84 -34.48 -39.62 44.52
N LEU F 85 -33.38 -39.23 45.18
CA LEU F 85 -32.41 -38.32 44.58
C LEU F 85 -32.01 -38.76 43.18
N THR F 86 -31.76 -40.05 43.00
CA THR F 86 -31.41 -40.52 41.66
C THR F 86 -32.63 -40.68 40.78
N THR F 87 -33.80 -40.97 41.36
CA THR F 87 -35.04 -40.98 40.60
C THR F 87 -35.43 -39.58 40.14
N LEU F 88 -35.26 -38.58 41.00
CA LEU F 88 -35.56 -37.21 40.62
C LEU F 88 -34.62 -36.71 39.53
N GLU F 89 -33.31 -36.95 39.70
CA GLU F 89 -32.33 -36.50 38.72
C GLU F 89 -32.64 -37.06 37.34
N THR F 90 -32.96 -38.36 37.27
CA THR F 90 -33.30 -38.94 35.99
C THR F 90 -34.61 -38.38 35.45
N LEU F 91 -35.56 -38.09 36.33
CA LEU F 91 -36.81 -37.47 35.89
C LEU F 91 -36.56 -36.06 35.33
N TYR F 92 -35.90 -35.21 36.12
CA TYR F 92 -35.52 -33.88 35.63
C TYR F 92 -34.68 -33.96 34.36
N GLY F 93 -33.77 -34.93 34.27
CA GLY F 93 -33.02 -35.11 33.04
C GLY F 93 -33.81 -35.66 31.87
N SER F 94 -34.99 -36.21 32.13
CA SER F 94 -35.81 -36.74 31.05
C SER F 94 -36.54 -35.64 30.26
N PHE F 95 -36.69 -34.45 30.83
CA PHE F 95 -37.39 -33.38 30.13
C PHE F 95 -36.39 -32.50 29.41
N SER F 96 -36.77 -32.03 28.22
CA SER F 96 -35.95 -31.13 27.42
C SER F 96 -36.55 -29.74 27.46
N VAL F 97 -35.72 -28.74 27.77
CA VAL F 97 -36.21 -27.36 27.85
C VAL F 97 -36.04 -26.64 26.53
N GLU F 98 -35.34 -27.24 25.57
CA GLU F 98 -35.14 -26.65 24.25
C GLU F 98 -36.26 -27.05 23.29
N ASP F 99 -37.12 -27.99 23.72
CA ASP F 99 -38.35 -28.35 23.03
C ASP F 99 -39.51 -27.48 23.46
N LEU F 100 -39.29 -26.61 24.44
CA LEU F 100 -40.31 -25.75 25.02
C LEU F 100 -40.44 -24.44 24.23
N PHE F 101 -39.53 -24.18 23.28
CA PHE F 101 -39.66 -23.02 22.42
C PHE F 101 -40.67 -23.25 21.31
N GLY F 102 -40.70 -24.45 20.75
CA GLY F 102 -41.64 -24.77 19.69
C GLY F 102 -42.94 -25.35 20.22
N ALA F 103 -43.60 -24.59 21.09
CA ALA F 103 -44.85 -25.01 21.73
C ALA F 103 -45.57 -23.78 22.22
N ASN F 104 -46.85 -23.95 22.54
CA ASN F 104 -47.61 -22.91 23.21
C ASN F 104 -47.73 -23.25 24.68
N LEU F 105 -47.51 -22.26 25.54
CA LEU F 105 -47.40 -22.54 26.96
C LEU F 105 -48.72 -22.35 27.70
N ASN F 106 -49.68 -21.64 27.10
CA ASN F 106 -51.03 -21.55 27.62
C ASN F 106 -51.94 -22.68 27.14
N ARG F 107 -51.36 -23.79 26.66
CA ARG F 107 -52.17 -24.91 26.17
C ARG F 107 -53.26 -25.33 27.16
N TYR F 108 -53.07 -25.09 28.46
CA TYR F 108 -54.05 -25.47 29.46
C TYR F 108 -54.62 -24.20 30.10
N ALA F 109 -55.64 -24.41 30.94
CA ALA F 109 -56.50 -23.32 31.44
C ALA F 109 -57.07 -22.46 30.32
N LEU G 3 -11.29 7.34 -44.19
CA LEU G 3 -11.01 8.28 -43.10
C LEU G 3 -9.58 8.29 -42.61
N SER G 4 -9.43 7.80 -41.39
CA SER G 4 -8.44 8.30 -40.45
C SER G 4 -8.30 7.30 -39.32
N GLU G 5 -7.54 7.71 -38.30
CA GLU G 5 -7.35 6.99 -37.06
C GLU G 5 -7.16 8.09 -36.02
N VAL G 6 -7.46 7.79 -34.76
CA VAL G 6 -7.41 8.81 -33.73
C VAL G 6 -6.77 8.24 -32.49
N LYS G 7 -5.86 9.00 -31.90
CA LYS G 7 -5.31 8.73 -30.59
C LYS G 7 -5.96 9.67 -29.59
N LEU G 8 -6.39 9.13 -28.45
CA LEU G 8 -7.04 9.92 -27.42
C LEU G 8 -6.08 9.98 -26.25
N HIS G 9 -5.57 11.17 -25.98
CA HIS G 9 -4.68 11.41 -24.86
C HIS G 9 -5.50 12.06 -23.76
N LEU G 10 -5.59 11.39 -22.61
CA LEU G 10 -6.46 11.82 -21.53
C LEU G 10 -5.71 11.80 -20.21
N ASP G 11 -5.74 12.93 -19.50
CA ASP G 11 -5.13 13.03 -18.19
C ASP G 11 -6.14 12.56 -17.14
N ILE G 12 -5.83 11.45 -16.48
CA ILE G 12 -6.66 10.87 -15.43
C ILE G 12 -5.75 10.25 -14.38
N GLU G 13 -6.01 10.55 -13.11
CA GLU G 13 -5.16 10.19 -11.97
C GLU G 13 -3.90 11.05 -11.90
N GLY G 14 -3.92 12.20 -12.58
CA GLY G 14 -2.81 13.11 -12.58
C GLY G 14 -1.93 13.07 -13.81
N HIS G 15 -1.86 11.95 -14.54
CA HIS G 15 -0.97 11.97 -15.70
C HIS G 15 -1.48 11.08 -16.83
N ALA G 16 -1.02 11.44 -18.03
CA ALA G 16 -1.48 10.92 -19.32
C ALA G 16 -1.61 9.41 -19.40
N SER G 17 -2.71 8.97 -20.01
CA SER G 17 -2.92 7.60 -20.47
C SER G 17 -3.52 7.67 -21.86
N HIS G 18 -2.89 7.05 -22.87
CA HIS G 18 -3.31 7.28 -24.25
C HIS G 18 -3.83 5.97 -24.85
N TYR G 19 -4.94 6.06 -25.59
CA TYR G 19 -5.49 4.91 -26.30
C TYR G 19 -5.68 5.31 -27.77
N THR G 20 -5.84 4.32 -28.65
CA THR G 20 -5.99 4.57 -30.08
C THR G 20 -7.31 4.01 -30.61
N ILE G 21 -8.05 4.84 -31.35
CA ILE G 21 -9.32 4.48 -31.98
C ILE G 21 -9.05 4.20 -33.45
N PRO G 22 -9.07 2.94 -33.90
CA PRO G 22 -9.01 2.69 -35.36
C PRO G 22 -10.39 2.83 -35.98
N TRP G 23 -10.54 3.78 -36.91
CA TRP G 23 -11.81 3.93 -37.60
C TRP G 23 -12.00 2.83 -38.64
N THR G 24 -11.06 2.74 -39.59
CA THR G 24 -11.08 1.74 -40.65
C THR G 24 -11.48 0.37 -40.11
N GLU G 25 -10.72 -0.11 -39.11
CA GLU G 25 -10.97 -1.43 -38.55
C GLU G 25 -12.39 -1.54 -38.00
N LEU G 26 -12.72 -0.71 -36.99
CA LEU G 26 -14.08 -0.68 -36.43
C LEU G 26 -15.18 -0.54 -37.49
N MET G 27 -14.97 0.34 -38.46
CA MET G 27 -16.04 0.73 -39.37
C MET G 27 -16.42 -0.39 -40.34
N ALA G 28 -15.54 -1.36 -40.51
CA ALA G 28 -15.74 -2.47 -41.43
C ALA G 28 -16.38 -3.67 -40.73
N LYS G 29 -16.04 -3.89 -39.47
CA LYS G 29 -16.63 -5.01 -38.72
C LYS G 29 -18.09 -4.75 -38.42
N VAL G 30 -18.47 -3.49 -38.14
CA VAL G 30 -19.88 -3.17 -37.94
C VAL G 30 -20.32 -2.13 -38.96
N PRO G 31 -20.63 -2.53 -40.19
CA PRO G 31 -21.21 -1.59 -41.16
C PRO G 31 -22.54 -1.05 -40.67
N GLY G 32 -22.74 0.25 -40.90
CA GLY G 32 -23.87 0.99 -40.37
C GLY G 32 -23.46 1.99 -39.32
N LEU G 33 -22.24 1.87 -38.82
CA LEU G 33 -21.64 2.88 -37.96
C LEU G 33 -21.24 4.08 -38.81
N SER G 34 -21.66 5.28 -38.42
CA SER G 34 -21.38 6.50 -39.17
C SER G 34 -20.86 7.55 -38.21
N PRO G 35 -19.59 7.46 -37.81
CA PRO G 35 -19.03 8.44 -36.87
C PRO G 35 -19.17 9.88 -37.32
N GLU G 36 -19.15 10.16 -38.61
CA GLU G 36 -19.22 11.57 -39.02
C GLU G 36 -20.61 12.13 -38.78
N ALA G 37 -21.65 11.28 -38.83
CA ALA G 37 -23.00 11.69 -38.51
C ALA G 37 -23.21 11.83 -37.00
N LEU G 38 -22.56 10.97 -36.21
CA LEU G 38 -22.63 11.10 -34.76
C LEU G 38 -21.86 12.31 -34.28
N TRP G 39 -20.63 12.48 -34.80
CA TRP G 39 -19.83 13.68 -34.53
C TRP G 39 -20.62 14.95 -34.84
N ARG G 40 -21.52 14.87 -35.82
CA ARG G 40 -22.37 16.00 -36.14
C ARG G 40 -23.46 16.17 -35.08
N GLU G 41 -24.16 15.07 -34.76
CA GLU G 41 -25.21 15.13 -33.76
C GLU G 41 -24.72 15.67 -32.43
N ALA G 42 -23.46 15.42 -32.09
CA ALA G 42 -22.85 15.99 -30.89
C ALA G 42 -22.25 17.33 -31.24
N ASN G 43 -22.82 18.40 -30.68
CA ASN G 43 -22.43 19.77 -31.06
C ASN G 43 -21.09 20.03 -30.36
N VAL G 44 -20.02 19.52 -30.95
CA VAL G 44 -18.73 19.49 -30.25
C VAL G 44 -18.17 20.88 -29.98
N THR G 45 -18.43 21.86 -30.84
CA THR G 45 -18.14 23.26 -30.52
C THR G 45 -19.35 23.95 -29.89
N GLU G 46 -19.89 23.40 -28.81
CA GLU G 46 -21.00 24.04 -28.11
C GLU G 46 -20.43 24.85 -26.95
N ASP G 47 -20.62 26.17 -26.99
CA ASP G 47 -20.20 26.99 -25.86
C ASP G 47 -21.00 26.60 -24.61
N LEU G 48 -20.29 26.51 -23.48
CA LEU G 48 -20.87 26.01 -22.25
C LEU G 48 -22.14 26.73 -21.85
N ALA G 49 -22.34 27.97 -22.30
CA ALA G 49 -23.61 28.65 -22.10
C ALA G 49 -24.73 27.91 -22.83
N SER G 50 -24.57 27.69 -24.14
CA SER G 50 -25.61 27.03 -24.91
C SER G 50 -25.87 25.61 -24.42
N MET G 51 -24.85 24.92 -23.89
CA MET G 51 -25.06 23.56 -23.42
C MET G 51 -25.84 23.54 -22.13
N LEU G 52 -25.57 24.51 -21.24
CA LEU G 52 -26.25 24.52 -19.96
C LEU G 52 -27.67 25.04 -20.11
N ASN G 53 -27.92 25.92 -21.09
CA ASN G 53 -29.29 26.34 -21.39
C ASN G 53 -30.13 25.18 -21.89
N ARG G 54 -29.58 24.36 -22.77
CA ARG G 54 -30.30 23.22 -23.33
C ARG G 54 -30.38 22.07 -22.34
N TYR G 55 -29.45 22.03 -21.37
CA TYR G 55 -29.52 21.04 -20.30
C TYR G 55 -30.61 21.40 -19.30
N LYS G 56 -30.93 22.69 -19.17
CA LYS G 56 -31.99 23.13 -18.28
C LYS G 56 -33.35 23.18 -18.99
N LEU G 57 -33.42 22.68 -20.21
CA LEU G 57 -34.71 22.56 -20.87
C LEU G 57 -35.41 21.25 -20.57
N ILE G 58 -34.64 20.23 -20.15
CA ILE G 58 -35.16 18.89 -19.99
C ILE G 58 -35.58 18.67 -18.54
N TYR G 59 -36.77 18.12 -18.35
CA TYR G 59 -37.29 17.85 -17.01
C TYR G 59 -36.39 16.89 -16.25
N LYS G 60 -36.07 17.25 -15.01
CA LYS G 60 -35.29 16.41 -14.12
C LYS G 60 -36.21 15.79 -13.06
N THR G 61 -35.87 14.59 -12.62
CA THR G 61 -36.73 13.87 -11.68
C THR G 61 -36.35 14.17 -10.24
N SER G 62 -37.36 14.06 -9.36
CA SER G 62 -37.21 14.47 -7.97
C SER G 62 -36.12 13.68 -7.25
N GLY G 63 -36.00 12.39 -7.52
CA GLY G 63 -35.43 11.49 -6.53
C GLY G 63 -36.01 10.10 -6.69
N THR G 64 -36.50 9.53 -5.58
CA THR G 64 -37.21 8.25 -5.58
C THR G 64 -36.34 7.12 -6.14
N LEU G 65 -35.23 6.88 -5.46
CA LEU G 65 -34.27 5.85 -5.83
C LEU G 65 -34.83 4.47 -5.42
N GLY G 66 -34.00 3.44 -5.60
CA GLY G 66 -34.44 2.06 -5.70
C GLY G 66 -35.41 1.50 -4.67
N ILE G 67 -36.29 0.62 -5.13
CA ILE G 67 -37.23 -0.11 -4.28
C ILE G 67 -37.11 -1.59 -4.62
N ALA G 68 -37.11 -2.43 -3.59
CA ALA G 68 -36.79 -3.85 -3.77
C ALA G 68 -37.95 -4.55 -4.46
N LEU G 69 -37.80 -4.78 -5.76
CA LEU G 69 -38.76 -5.52 -6.56
C LEU G 69 -38.12 -6.81 -7.05
N ALA G 70 -38.84 -7.92 -6.94
CA ALA G 70 -38.32 -9.22 -7.31
C ALA G 70 -38.70 -9.57 -8.74
N GLU G 71 -37.71 -9.89 -9.57
CA GLU G 71 -37.98 -10.34 -10.92
C GLU G 71 -38.67 -11.71 -10.86
N PRO G 72 -39.68 -11.95 -11.68
CA PRO G 72 -40.38 -13.23 -11.65
C PRO G 72 -39.59 -14.28 -12.42
N VAL G 73 -40.14 -15.50 -12.46
CA VAL G 73 -39.59 -16.57 -13.28
C VAL G 73 -40.56 -16.84 -14.42
N ASP G 74 -40.32 -16.21 -15.57
CA ASP G 74 -41.29 -16.24 -16.66
C ASP G 74 -41.04 -17.41 -17.62
N ILE G 75 -39.84 -17.48 -18.20
CA ILE G 75 -39.49 -18.55 -19.14
C ILE G 75 -38.84 -19.70 -18.37
N PRO G 76 -39.30 -20.93 -18.55
CA PRO G 76 -38.76 -22.05 -17.78
C PRO G 76 -37.50 -22.61 -18.42
N ALA G 77 -36.78 -23.41 -17.63
CA ALA G 77 -35.64 -24.12 -18.19
C ALA G 77 -36.12 -25.12 -19.22
N VAL G 78 -35.24 -25.43 -20.18
CA VAL G 78 -35.65 -26.30 -21.29
C VAL G 78 -36.20 -27.59 -20.73
N SER G 79 -37.29 -28.07 -21.35
CA SER G 79 -37.90 -29.31 -20.89
C SER G 79 -36.93 -30.48 -21.07
N GLU G 80 -37.18 -31.54 -20.32
CA GLU G 80 -36.33 -32.72 -20.33
C GLU G 80 -36.30 -33.40 -21.70
N GLY G 81 -35.16 -33.36 -22.37
CA GLY G 81 -35.02 -33.96 -23.69
C GLY G 81 -35.99 -33.43 -24.73
N SER G 82 -35.86 -32.15 -25.08
CA SER G 82 -36.82 -31.49 -25.95
C SER G 82 -36.29 -31.35 -27.36
N MET G 83 -37.20 -31.33 -28.32
CA MET G 83 -36.85 -31.06 -29.72
C MET G 83 -36.67 -29.57 -29.92
N GLN G 84 -35.43 -29.14 -30.11
CA GLN G 84 -35.12 -27.73 -30.35
C GLN G 84 -35.43 -27.38 -31.80
N VAL G 85 -36.35 -26.45 -32.00
CA VAL G 85 -36.86 -26.09 -33.32
C VAL G 85 -36.23 -24.77 -33.77
N ASP G 86 -35.66 -24.76 -34.97
CA ASP G 86 -35.13 -23.55 -35.56
C ASP G 86 -36.27 -22.85 -36.30
N ALA G 87 -36.68 -21.68 -35.79
CA ALA G 87 -37.81 -20.94 -36.35
C ALA G 87 -37.64 -20.60 -37.82
N SER G 88 -36.40 -20.59 -38.33
CA SER G 88 -36.18 -20.36 -39.76
C SER G 88 -36.45 -21.63 -40.55
N LYS G 89 -35.87 -22.74 -40.12
CA LYS G 89 -35.99 -24.04 -40.76
C LYS G 89 -37.07 -24.83 -40.00
N VAL G 90 -38.31 -24.66 -40.41
CA VAL G 90 -39.46 -25.34 -39.79
C VAL G 90 -39.85 -26.49 -40.70
N HIS G 91 -39.34 -27.67 -40.41
CA HIS G 91 -39.54 -28.90 -41.16
C HIS G 91 -40.79 -29.62 -40.65
N PRO G 92 -41.53 -30.28 -41.54
CA PRO G 92 -42.68 -31.08 -41.05
C PRO G 92 -42.19 -32.35 -40.37
N GLY G 93 -43.00 -32.82 -39.41
CA GLY G 93 -42.62 -33.96 -38.59
C GLY G 93 -41.65 -33.67 -37.47
N VAL G 94 -41.07 -32.47 -37.41
CA VAL G 94 -40.20 -32.10 -36.29
C VAL G 94 -40.84 -32.42 -34.95
N ILE G 95 -42.12 -32.12 -34.79
CA ILE G 95 -42.85 -32.43 -33.57
C ILE G 95 -43.99 -33.38 -33.94
N SER G 96 -44.10 -34.48 -33.19
CA SER G 96 -45.14 -35.47 -33.44
C SER G 96 -46.48 -35.05 -32.84
N GLY G 97 -46.52 -34.86 -31.52
CA GLY G 97 -47.76 -34.68 -30.80
C GLY G 97 -47.73 -33.44 -29.92
N LEU G 98 -48.88 -33.17 -29.32
CA LEU G 98 -48.93 -32.14 -28.28
C LEU G 98 -48.09 -32.54 -27.07
N ASN G 99 -48.28 -33.78 -26.60
CA ASN G 99 -47.61 -34.24 -25.38
C ASN G 99 -46.10 -34.26 -25.52
N SER G 100 -45.57 -34.26 -26.74
CA SER G 100 -44.13 -34.33 -26.91
C SER G 100 -43.51 -33.01 -26.47
N PRO G 101 -42.43 -33.04 -25.68
CA PRO G 101 -41.79 -31.78 -25.27
C PRO G 101 -41.20 -31.08 -26.48
N ALA G 102 -41.18 -29.75 -26.42
CA ALA G 102 -40.72 -28.97 -27.56
C ALA G 102 -40.39 -27.57 -27.10
N CYS G 103 -39.27 -27.05 -27.56
CA CYS G 103 -38.89 -25.67 -27.33
C CYS G 103 -38.38 -25.10 -28.65
N MET G 104 -38.48 -23.78 -28.78
CA MET G 104 -38.12 -23.08 -30.00
C MET G 104 -36.86 -22.25 -29.74
N LEU G 105 -35.81 -22.51 -30.51
CA LEU G 105 -34.56 -21.77 -30.41
C LEU G 105 -34.81 -20.27 -30.41
N SER G 106 -34.37 -19.60 -29.34
CA SER G 106 -34.61 -18.17 -29.18
C SER G 106 -33.69 -17.30 -30.03
N ALA G 107 -32.59 -17.86 -30.54
CA ALA G 107 -31.72 -17.09 -31.44
C ALA G 107 -32.42 -16.69 -32.73
N PRO G 108 -33.01 -17.60 -33.52
CA PRO G 108 -33.66 -17.17 -34.76
C PRO G 108 -35.11 -16.74 -34.59
N LEU G 109 -35.69 -16.93 -33.40
CA LEU G 109 -37.03 -16.43 -33.13
C LEU G 109 -37.03 -14.91 -32.98
N GLU G 110 -36.11 -14.38 -32.17
CA GLU G 110 -36.01 -12.93 -32.02
C GLU G 110 -35.77 -12.25 -33.36
N LYS G 111 -35.04 -12.91 -34.27
CA LYS G 111 -34.83 -12.35 -35.61
C LYS G 111 -36.13 -12.13 -36.36
N GLN G 112 -37.15 -12.94 -36.07
CA GLN G 112 -38.45 -12.83 -36.75
C GLN G 112 -39.35 -11.82 -36.06
N LEU G 113 -39.28 -11.77 -34.73
CA LEU G 113 -40.06 -10.81 -33.96
C LEU G 113 -39.61 -9.39 -34.29
N PHE G 114 -38.30 -9.18 -34.37
CA PHE G 114 -37.69 -7.87 -34.60
C PHE G 114 -37.17 -7.73 -36.02
N TYR G 115 -37.86 -8.31 -37.00
CA TYR G 115 -37.39 -8.27 -38.39
C TYR G 115 -37.32 -6.85 -38.92
N TYR G 116 -38.25 -5.98 -38.51
CA TYR G 116 -38.29 -4.61 -38.97
C TYR G 116 -36.96 -3.91 -38.70
N ILE G 117 -36.65 -2.88 -39.48
CA ILE G 117 -35.66 -1.89 -39.09
C ILE G 117 -36.29 -0.52 -39.30
N GLY G 118 -36.24 0.31 -38.26
CA GLY G 118 -36.75 1.66 -38.37
C GLY G 118 -36.02 2.57 -37.40
N THR G 119 -36.49 3.80 -37.23
CA THR G 119 -35.82 4.73 -36.35
C THR G 119 -36.45 4.64 -34.97
N MET G 120 -35.61 4.40 -33.96
CA MET G 120 -36.03 4.28 -32.57
C MET G 120 -35.96 5.62 -31.84
N LEU G 121 -34.95 6.42 -32.15
CA LEU G 121 -34.75 7.75 -31.56
C LEU G 121 -34.74 8.79 -32.65
N PRO G 122 -35.80 9.58 -32.82
CA PRO G 122 -35.87 10.51 -33.94
C PRO G 122 -34.94 11.71 -33.78
N ASN G 123 -34.98 12.61 -34.76
CA ASN G 123 -34.31 13.91 -34.66
C ASN G 123 -35.30 15.04 -34.40
N THR G 124 -36.45 14.70 -33.81
CA THR G 124 -37.47 15.64 -33.39
C THR G 124 -37.06 16.34 -32.10
N ARG G 125 -37.66 17.52 -31.89
CA ARG G 125 -37.22 18.48 -30.87
C ARG G 125 -36.89 17.93 -29.49
N PRO G 126 -37.70 17.05 -28.87
CA PRO G 126 -37.39 16.67 -27.48
C PRO G 126 -36.26 15.66 -27.36
N HIS G 127 -35.99 14.90 -28.41
CA HIS G 127 -35.03 13.80 -28.38
C HIS G 127 -33.68 14.20 -28.94
N SER G 128 -33.67 15.16 -29.86
CA SER G 128 -32.42 15.72 -30.39
C SER G 128 -31.56 16.32 -29.30
N TYR G 129 -32.15 16.66 -28.15
CA TYR G 129 -31.40 17.26 -27.06
C TYR G 129 -30.75 16.22 -26.15
N VAL G 130 -31.40 15.08 -25.94
CA VAL G 130 -31.00 14.14 -24.90
C VAL G 130 -30.26 12.93 -25.47
N PHE G 131 -30.74 12.39 -26.59
CA PHE G 131 -30.29 11.11 -27.13
C PHE G 131 -29.48 11.29 -28.40
N TYR G 132 -28.53 10.37 -28.63
CA TYR G 132 -27.97 10.22 -29.97
C TYR G 132 -28.98 9.46 -30.82
N GLN G 133 -29.24 9.98 -32.01
CA GLN G 133 -30.24 9.40 -32.91
C GLN G 133 -29.94 7.92 -33.16
N LEU G 134 -31.00 7.09 -33.18
CA LEU G 134 -30.82 5.64 -33.33
C LEU G 134 -31.69 5.08 -34.46
N ARG G 135 -31.22 3.97 -35.03
CA ARG G 135 -31.91 3.21 -36.07
C ARG G 135 -31.54 1.74 -35.92
N CYS G 136 -32.52 0.88 -35.67
CA CYS G 136 -32.23 -0.49 -35.26
C CYS G 136 -33.45 -1.38 -35.52
N HIS G 137 -33.23 -2.68 -35.39
CA HIS G 137 -34.33 -3.65 -35.43
C HIS G 137 -35.28 -3.38 -34.26
N LEU G 138 -36.56 -3.23 -34.56
CA LEU G 138 -37.53 -2.89 -33.51
C LEU G 138 -38.93 -3.35 -33.90
N SER G 139 -39.84 -3.19 -32.92
CA SER G 139 -41.28 -3.41 -33.02
C SER G 139 -41.97 -2.22 -32.38
N TYR G 140 -43.11 -1.80 -32.94
CA TYR G 140 -43.82 -0.67 -32.35
C TYR G 140 -45.31 -0.89 -32.38
N VAL G 141 -45.96 -0.54 -31.27
CA VAL G 141 -47.40 -0.30 -31.28
C VAL G 141 -47.59 1.20 -31.48
N ALA G 142 -48.58 1.55 -32.28
CA ALA G 142 -48.86 2.95 -32.60
C ALA G 142 -50.36 3.11 -32.70
N LEU G 143 -50.90 4.16 -32.07
CA LEU G 143 -52.30 4.47 -32.28
C LEU G 143 -52.49 5.97 -32.32
N SER G 144 -53.68 6.37 -32.80
CA SER G 144 -54.05 7.77 -32.90
C SER G 144 -55.49 7.95 -32.44
N ILE G 145 -55.73 8.89 -31.54
CA ILE G 145 -57.08 9.18 -31.07
C ILE G 145 -57.36 10.67 -31.21
N ASN G 146 -58.62 11.04 -30.94
CA ASN G 146 -59.08 12.43 -31.01
C ASN G 146 -58.85 13.05 -32.39
N GLY G 147 -59.02 12.24 -33.43
CA GLY G 147 -58.99 12.72 -34.80
C GLY G 147 -57.58 13.01 -35.26
N ASP G 148 -56.72 12.02 -35.14
CA ASP G 148 -55.30 12.11 -35.53
C ASP G 148 -54.66 13.40 -35.05
N LYS G 149 -54.87 13.72 -33.77
CA LYS G 149 -54.18 14.85 -33.17
C LYS G 149 -53.27 14.47 -32.02
N PHE G 150 -53.75 13.63 -31.09
CA PHE G 150 -52.91 13.05 -30.05
C PHE G 150 -52.52 11.62 -30.44
N GLN G 151 -51.21 11.36 -30.45
CA GLN G 151 -50.63 10.17 -31.01
C GLN G 151 -49.76 9.50 -29.95
N TYR G 152 -49.74 8.17 -29.97
CA TYR G 152 -48.88 7.39 -29.10
C TYR G 152 -48.14 6.35 -29.91
N THR G 153 -46.87 6.14 -29.57
CA THR G 153 -46.04 5.15 -30.25
C THR G 153 -45.25 4.41 -29.19
N GLY G 154 -45.56 3.14 -28.99
CA GLY G 154 -44.73 2.30 -28.16
C GLY G 154 -43.70 1.56 -28.98
N ALA G 155 -42.47 2.05 -29.00
CA ALA G 155 -41.39 1.51 -29.83
C ALA G 155 -40.45 0.72 -28.93
N MET G 156 -40.12 -0.50 -29.35
CA MET G 156 -39.35 -1.39 -28.48
C MET G 156 -38.33 -2.19 -29.27
N THR G 157 -37.24 -2.54 -28.59
CA THR G 157 -36.31 -3.57 -29.02
C THR G 157 -36.32 -4.70 -28.00
N SER G 158 -35.47 -5.70 -28.20
CA SER G 158 -35.35 -6.76 -27.20
C SER G 158 -34.72 -6.27 -25.89
N LYS G 159 -34.29 -5.01 -25.82
CA LYS G 159 -33.55 -4.49 -24.68
C LYS G 159 -34.28 -3.42 -23.90
N PHE G 160 -35.02 -2.53 -24.57
CA PHE G 160 -35.67 -1.43 -23.87
C PHE G 160 -36.86 -0.94 -24.69
N LEU G 161 -37.83 -0.37 -23.98
CA LEU G 161 -39.05 0.17 -24.57
C LEU G 161 -39.05 1.69 -24.40
N MET G 162 -39.53 2.39 -25.42
CA MET G 162 -39.79 3.82 -25.33
C MET G 162 -41.18 4.15 -25.87
N GLY G 163 -42.14 4.39 -24.97
CA GLY G 163 -43.42 4.93 -25.35
C GLY G 163 -43.39 6.44 -25.33
N THR G 164 -43.95 7.04 -26.39
CA THR G 164 -43.82 8.49 -26.64
C THR G 164 -45.21 9.07 -26.89
N TYR G 165 -45.69 9.93 -26.00
CA TYR G 165 -46.96 10.59 -26.23
C TYR G 165 -46.69 11.88 -27.00
N LYS G 166 -47.59 12.22 -27.92
CA LYS G 166 -47.48 13.49 -28.64
C LYS G 166 -48.86 14.06 -28.92
N ARG G 167 -49.01 15.36 -28.67
CA ARG G 167 -50.28 16.07 -28.78
C ARG G 167 -50.08 17.34 -29.59
N VAL G 168 -51.13 17.72 -30.31
CA VAL G 168 -51.14 18.89 -31.17
C VAL G 168 -52.28 19.78 -30.69
N THR G 169 -52.05 21.08 -30.64
CA THR G 169 -52.84 22.01 -29.84
C THR G 169 -53.71 22.90 -30.71
N GLU G 170 -54.16 22.33 -31.83
CA GLU G 170 -54.98 22.96 -32.85
C GLU G 170 -54.24 24.09 -33.55
N LYS G 171 -52.96 24.31 -33.25
CA LYS G 171 -52.25 25.51 -33.71
C LYS G 171 -50.84 25.28 -34.23
N GLY G 172 -50.37 24.03 -34.32
CA GLY G 172 -49.03 23.72 -34.81
C GLY G 172 -48.08 23.19 -33.77
N ASP G 173 -48.18 23.67 -32.52
CA ASP G 173 -47.29 23.21 -31.46
C ASP G 173 -47.43 21.70 -31.22
N GLU G 174 -46.37 21.09 -30.71
CA GLU G 174 -46.34 19.67 -30.38
C GLU G 174 -45.70 19.49 -29.01
N HIS G 175 -46.50 19.05 -28.05
CA HIS G 175 -46.02 18.73 -26.71
C HIS G 175 -45.73 17.24 -26.65
N VAL G 176 -44.48 16.88 -26.39
CA VAL G 176 -44.05 15.48 -26.45
C VAL G 176 -43.48 15.08 -25.09
N LEU G 177 -43.88 13.91 -24.61
CA LEU G 177 -43.33 13.30 -23.40
C LEU G 177 -43.15 11.81 -23.64
N SER G 178 -42.00 11.27 -23.24
CA SER G 178 -41.66 9.88 -23.52
C SER G 178 -41.17 9.15 -22.27
N LEU G 179 -41.68 7.95 -22.07
CA LEU G 179 -41.26 7.03 -21.00
C LEU G 179 -40.36 5.93 -21.55
N VAL G 180 -39.29 5.63 -20.81
CA VAL G 180 -38.29 4.65 -21.25
C VAL G 180 -38.18 3.60 -20.15
N PHE G 181 -38.44 2.35 -20.53
CA PHE G 181 -38.40 1.20 -19.62
C PHE G 181 -37.48 0.12 -20.15
N GLY G 182 -36.66 -0.43 -19.27
CA GLY G 182 -35.73 -1.47 -19.66
C GLY G 182 -34.61 -1.58 -18.65
N LYS G 183 -33.73 -2.55 -18.90
CA LYS G 183 -32.51 -2.68 -18.11
C LYS G 183 -31.65 -1.43 -18.25
N THR G 184 -31.16 -0.93 -17.10
CA THR G 184 -30.33 0.26 -17.06
C THR G 184 -29.15 0.18 -18.04
N LYS G 185 -28.37 -0.90 -17.96
CA LYS G 185 -27.19 -1.02 -18.82
C LYS G 185 -27.55 -1.08 -20.30
N ASP G 186 -28.80 -1.40 -20.63
CA ASP G 186 -29.23 -1.50 -22.01
C ASP G 186 -29.97 -0.25 -22.49
N LEU G 187 -29.91 0.84 -21.73
CA LEU G 187 -30.64 2.03 -22.13
C LEU G 187 -29.89 2.79 -23.23
N PRO G 188 -30.59 3.53 -24.07
CA PRO G 188 -29.92 4.17 -25.21
C PRO G 188 -28.95 5.25 -24.76
N ASP G 189 -27.99 5.51 -25.65
CA ASP G 189 -26.87 6.40 -25.35
C ASP G 189 -27.34 7.84 -25.18
N LEU G 190 -27.04 8.43 -24.01
CA LEU G 190 -27.32 9.84 -23.77
C LEU G 190 -26.26 10.72 -24.46
N ARG G 191 -26.64 11.95 -24.76
CA ARG G 191 -25.86 12.74 -25.70
C ARG G 191 -25.13 13.91 -25.06
N GLY G 192 -25.83 14.77 -24.34
CA GLY G 192 -25.20 15.95 -23.81
C GLY G 192 -24.46 15.68 -22.51
N PRO G 193 -24.54 16.64 -21.59
CA PRO G 193 -24.11 16.37 -20.21
C PRO G 193 -25.07 15.49 -19.44
N PHE G 194 -26.11 14.98 -20.10
CA PHE G 194 -27.20 14.31 -19.39
C PHE G 194 -26.74 12.99 -18.77
N SER G 195 -27.33 12.67 -17.63
CA SER G 195 -27.13 11.41 -16.94
C SER G 195 -28.49 10.79 -16.66
N TYR G 196 -28.53 9.46 -16.59
CA TYR G 196 -29.79 8.77 -16.33
C TYR G 196 -30.34 8.94 -14.91
N PRO G 197 -29.51 9.01 -13.85
CA PRO G 197 -30.09 9.20 -12.51
C PRO G 197 -30.95 10.45 -12.41
N SER G 198 -30.64 11.50 -13.17
CA SER G 198 -31.45 12.71 -13.15
C SER G 198 -32.77 12.52 -13.88
N LEU G 199 -32.84 11.54 -14.79
CA LEU G 199 -34.02 11.34 -15.62
C LEU G 199 -34.79 10.08 -15.24
N THR G 200 -34.37 9.40 -14.18
CA THR G 200 -35.01 8.18 -13.71
C THR G 200 -36.15 8.51 -12.75
N SER G 201 -37.34 7.97 -13.05
CA SER G 201 -38.49 8.16 -12.18
C SER G 201 -38.71 6.99 -11.22
N ALA G 202 -38.07 5.86 -11.49
CA ALA G 202 -38.17 4.66 -10.67
C ALA G 202 -37.06 3.71 -11.10
N GLN G 203 -36.54 2.94 -10.15
CA GLN G 203 -35.47 2.01 -10.46
C GLN G 203 -35.47 0.87 -9.46
N SER G 204 -35.14 -0.33 -9.96
CA SER G 204 -35.13 -1.54 -9.16
C SER G 204 -34.21 -2.57 -9.81
N GLY G 205 -33.10 -2.90 -9.16
CA GLY G 205 -32.38 -4.12 -9.51
C GLY G 205 -32.18 -4.40 -10.98
N ASP G 206 -31.46 -3.48 -11.63
CA ASP G 206 -31.10 -3.41 -13.05
C ASP G 206 -32.22 -2.97 -13.98
N TYR G 207 -33.44 -2.75 -13.51
CA TYR G 207 -34.48 -2.11 -14.30
C TYR G 207 -34.66 -0.65 -13.90
N SER G 208 -35.15 0.14 -14.84
CA SER G 208 -35.42 1.56 -14.59
C SER G 208 -36.53 2.06 -15.48
N LEU G 209 -37.23 3.07 -15.00
CA LEU G 209 -38.19 3.83 -15.78
C LEU G 209 -37.67 5.26 -15.88
N VAL G 210 -37.38 5.69 -17.10
CA VAL G 210 -36.86 7.03 -17.38
C VAL G 210 -37.96 7.85 -18.04
N ILE G 211 -38.13 9.09 -17.59
CA ILE G 211 -39.01 10.04 -18.27
C ILE G 211 -38.16 11.10 -18.95
N VAL G 212 -38.54 11.43 -20.19
CA VAL G 212 -37.82 12.40 -21.02
C VAL G 212 -38.85 13.38 -21.57
N THR G 213 -38.76 14.64 -21.14
CA THR G 213 -39.63 15.69 -21.68
C THR G 213 -39.09 17.04 -21.24
N THR G 214 -39.63 18.09 -21.88
CA THR G 214 -39.35 19.46 -21.47
C THR G 214 -40.09 19.78 -20.17
N PHE G 215 -39.50 20.67 -19.35
CA PHE G 215 -40.25 21.25 -18.25
C PHE G 215 -41.56 21.87 -18.72
N VAL G 216 -41.54 22.56 -19.87
CA VAL G 216 -42.76 23.12 -20.45
C VAL G 216 -43.74 22.01 -20.77
N HIS G 217 -43.30 21.04 -21.59
CA HIS G 217 -44.17 19.94 -21.97
C HIS G 217 -44.65 19.16 -20.75
N TYR G 218 -43.80 19.02 -19.73
CA TYR G 218 -44.21 18.34 -18.50
C TYR G 218 -45.41 19.03 -17.86
N ALA G 219 -45.45 20.36 -17.92
CA ALA G 219 -46.58 21.11 -17.36
C ALA G 219 -47.86 20.84 -18.15
N ASN G 220 -47.78 20.90 -19.49
CA ASN G 220 -48.92 20.64 -20.36
C ASN G 220 -49.60 19.32 -20.02
N PHE G 221 -48.83 18.25 -19.98
CA PHE G 221 -49.41 16.93 -19.74
C PHE G 221 -49.98 16.81 -18.33
N HIS G 222 -49.35 17.45 -17.35
CA HIS G 222 -49.80 17.34 -15.96
C HIS G 222 -51.25 17.77 -15.77
N ASN G 223 -51.80 18.54 -16.72
CA ASN G 223 -53.20 18.96 -16.67
C ASN G 223 -54.14 17.78 -16.87
N TYR G 224 -53.72 16.76 -17.62
CA TYR G 224 -54.56 15.60 -17.88
C TYR G 224 -53.82 14.28 -17.77
N PHE G 225 -52.57 14.28 -17.30
CA PHE G 225 -51.80 13.03 -17.26
C PHE G 225 -50.88 13.07 -16.05
N VAL G 226 -51.33 12.46 -14.95
CA VAL G 226 -50.55 12.32 -13.72
C VAL G 226 -50.37 10.83 -13.45
N PRO G 227 -49.38 10.20 -14.07
CA PRO G 227 -49.24 8.74 -13.94
C PRO G 227 -48.73 8.36 -12.56
N ASN G 228 -49.06 7.13 -12.16
CA ASN G 228 -48.42 6.52 -10.99
C ASN G 228 -47.22 5.70 -11.45
N LEU G 229 -46.17 6.43 -11.84
CA LEU G 229 -44.99 5.83 -12.44
C LEU G 229 -44.35 4.76 -11.57
N LYS G 230 -44.58 4.81 -10.25
CA LYS G 230 -44.05 3.76 -9.37
C LYS G 230 -44.76 2.45 -9.60
N ASP G 231 -46.10 2.46 -9.61
CA ASP G 231 -46.86 1.23 -9.83
C ASP G 231 -46.67 0.70 -11.25
N MET G 232 -46.66 1.60 -12.24
CA MET G 232 -46.42 1.18 -13.60
C MET G 232 -45.07 0.48 -13.72
N PHE G 233 -44.08 0.94 -12.97
CA PHE G 233 -42.78 0.28 -12.93
C PHE G 233 -42.85 -1.03 -12.16
N SER G 234 -43.51 -1.04 -11.00
CA SER G 234 -43.59 -2.25 -10.20
C SER G 234 -44.47 -3.31 -10.86
N ARG G 235 -45.50 -2.88 -11.58
CA ARG G 235 -46.36 -3.83 -12.29
C ARG G 235 -45.62 -4.44 -13.48
N ALA G 236 -44.73 -3.67 -14.10
CA ALA G 236 -44.04 -4.11 -15.31
C ALA G 236 -42.84 -4.99 -14.98
N VAL G 237 -42.25 -4.81 -13.80
CA VAL G 237 -41.11 -5.63 -13.40
C VAL G 237 -41.55 -6.93 -12.74
N THR G 238 -42.50 -6.87 -11.80
CA THR G 238 -42.86 -8.03 -11.00
C THR G 238 -43.74 -9.06 -11.69
N MET G 239 -44.49 -8.69 -12.74
CA MET G 239 -45.41 -9.61 -13.38
C MET G 239 -44.72 -10.42 -14.47
N THR G 240 -45.32 -11.56 -14.81
CA THR G 240 -44.84 -12.34 -15.95
C THR G 240 -45.50 -11.86 -17.24
N ALA G 241 -44.82 -12.13 -18.36
CA ALA G 241 -45.24 -11.58 -19.65
C ALA G 241 -46.67 -11.96 -19.99
N ALA G 242 -47.06 -13.22 -19.76
CA ALA G 242 -48.41 -13.65 -20.10
C ALA G 242 -49.42 -13.02 -19.16
N SER G 243 -49.16 -13.10 -17.86
CA SER G 243 -50.05 -12.54 -16.85
C SER G 243 -50.28 -11.05 -17.09
N TYR G 244 -49.20 -10.31 -17.32
CA TYR G 244 -49.30 -8.87 -17.64
C TYR G 244 -50.13 -8.62 -18.89
N ALA G 245 -49.94 -9.43 -19.93
CA ALA G 245 -50.72 -9.28 -21.15
C ALA G 245 -52.21 -9.46 -20.86
N ARG G 246 -52.56 -10.52 -20.11
CA ARG G 246 -53.95 -10.71 -19.73
C ARG G 246 -54.47 -9.54 -18.89
N TYR G 247 -53.63 -9.00 -18.01
CA TYR G 247 -54.03 -7.84 -17.22
C TYR G 247 -54.50 -6.69 -18.12
N VAL G 248 -53.73 -6.39 -19.16
CA VAL G 248 -54.06 -5.25 -20.02
C VAL G 248 -55.34 -5.54 -20.81
N LEU G 249 -55.40 -6.72 -21.46
CA LEU G 249 -56.52 -6.99 -22.35
C LEU G 249 -57.85 -7.06 -21.61
N GLN G 250 -57.86 -7.39 -20.31
CA GLN G 250 -59.13 -7.38 -19.58
C GLN G 250 -59.65 -5.96 -19.41
N LYS G 251 -58.77 -5.04 -19.01
CA LYS G 251 -59.17 -3.65 -18.86
C LYS G 251 -59.82 -3.14 -20.15
N LEU G 252 -59.15 -3.35 -21.29
CA LEU G 252 -59.68 -2.88 -22.56
C LEU G 252 -60.96 -3.64 -22.96
N VAL G 253 -61.03 -4.95 -22.67
CA VAL G 253 -62.23 -5.71 -23.03
C VAL G 253 -63.41 -5.28 -22.17
N LEU G 254 -63.18 -5.09 -20.87
CA LEU G 254 -64.26 -4.62 -20.00
C LEU G 254 -64.64 -3.18 -20.35
N LEU G 255 -63.65 -2.33 -20.59
CA LEU G 255 -63.91 -0.98 -21.07
C LEU G 255 -64.75 -0.99 -22.35
N GLU G 256 -64.41 -1.87 -23.30
CA GLU G 256 -65.07 -1.84 -24.60
C GLU G 256 -66.55 -2.14 -24.51
N MET G 257 -66.97 -2.97 -23.54
CA MET G 257 -68.39 -3.21 -23.32
C MET G 257 -69.11 -1.96 -22.81
N LYS G 258 -68.38 -1.03 -22.20
CA LYS G 258 -68.87 0.30 -21.87
C LYS G 258 -68.66 1.21 -23.08
N GLY G 259 -68.89 2.51 -22.89
CA GLY G 259 -68.69 3.47 -23.96
C GLY G 259 -67.28 4.06 -24.00
N GLY G 260 -66.31 3.31 -23.46
CA GLY G 260 -64.97 3.83 -23.26
C GLY G 260 -64.10 3.91 -24.49
N CYS G 261 -64.51 3.31 -25.61
CA CYS G 261 -63.71 3.32 -26.83
C CYS G 261 -64.40 3.91 -28.05
N ARG G 262 -65.70 4.20 -28.00
CA ARG G 262 -66.28 4.84 -29.17
C ARG G 262 -65.80 6.28 -29.29
N GLU G 263 -65.46 6.91 -28.17
CA GLU G 263 -64.89 8.25 -28.15
C GLU G 263 -64.01 8.41 -26.93
N PRO G 264 -62.78 7.87 -26.99
CA PRO G 264 -61.93 7.85 -25.80
C PRO G 264 -61.43 9.23 -25.43
N GLU G 265 -61.22 9.42 -24.12
CA GLU G 265 -60.88 10.71 -23.56
C GLU G 265 -59.37 10.82 -23.33
N LEU G 266 -58.92 12.06 -23.12
CA LEU G 266 -57.53 12.32 -22.76
C LEU G 266 -57.39 12.44 -21.24
N ASP G 267 -57.66 11.35 -20.53
CA ASP G 267 -57.47 11.35 -19.08
C ASP G 267 -56.24 10.53 -18.72
N THR G 268 -55.97 10.42 -17.42
CA THR G 268 -54.77 9.70 -16.99
C THR G 268 -54.86 8.23 -17.34
N GLU G 269 -56.01 7.61 -17.08
CA GLU G 269 -56.13 6.16 -17.19
C GLU G 269 -55.86 5.70 -18.62
N THR G 270 -56.59 6.25 -19.60
CA THR G 270 -56.42 5.81 -20.98
C THR G 270 -54.99 6.00 -21.47
N LEU G 271 -54.37 7.13 -21.12
CA LEU G 271 -52.97 7.35 -21.52
C LEU G 271 -52.03 6.38 -20.82
N THR G 272 -52.29 6.06 -19.56
CA THR G 272 -51.54 5.00 -18.89
C THR G 272 -51.68 3.67 -19.61
N THR G 273 -52.91 3.23 -19.84
CA THR G 273 -53.15 1.93 -20.46
C THR G 273 -52.44 1.81 -21.81
N MET G 274 -52.32 2.92 -22.54
CA MET G 274 -51.52 2.92 -23.77
C MET G 274 -50.10 2.44 -23.51
N PHE G 275 -49.47 2.93 -22.43
CA PHE G 275 -48.12 2.50 -22.07
C PHE G 275 -48.11 1.04 -21.64
N GLU G 276 -49.12 0.62 -20.88
CA GLU G 276 -49.21 -0.76 -20.45
C GLU G 276 -49.32 -1.69 -21.65
N VAL G 277 -50.03 -1.26 -22.69
CA VAL G 277 -50.11 -2.02 -23.92
C VAL G 277 -48.72 -2.28 -24.48
N SER G 278 -47.90 -1.23 -24.54
CA SER G 278 -46.57 -1.38 -25.13
C SER G 278 -45.69 -2.31 -24.31
N VAL G 279 -45.71 -2.17 -22.98
CA VAL G 279 -44.95 -3.06 -22.12
C VAL G 279 -45.33 -4.52 -22.38
N ALA G 280 -46.63 -4.80 -22.50
CA ALA G 280 -47.09 -6.17 -22.67
C ALA G 280 -46.43 -6.85 -23.86
N PHE G 281 -46.27 -6.12 -24.97
CA PHE G 281 -45.53 -6.69 -26.10
C PHE G 281 -44.04 -6.75 -25.79
N PHE G 282 -43.54 -5.78 -25.02
CA PHE G 282 -42.11 -5.72 -24.74
C PHE G 282 -41.66 -6.87 -23.86
N LYS G 283 -42.39 -7.14 -22.77
CA LYS G 283 -41.98 -8.16 -21.81
C LYS G 283 -41.77 -9.52 -22.48
N VAL G 284 -42.64 -9.86 -23.43
CA VAL G 284 -42.48 -11.12 -24.16
C VAL G 284 -41.21 -11.08 -25.01
N GLY G 285 -41.13 -10.11 -25.92
CA GLY G 285 -39.91 -9.96 -26.71
C GLY G 285 -38.67 -9.73 -25.86
N HIS G 286 -38.84 -9.16 -24.68
CA HIS G 286 -37.71 -8.97 -23.78
C HIS G 286 -37.24 -10.31 -23.22
N ALA G 287 -38.15 -11.08 -22.65
CA ALA G 287 -37.78 -12.38 -22.09
C ALA G 287 -37.16 -13.29 -23.13
N VAL G 288 -37.60 -13.18 -24.38
CA VAL G 288 -37.01 -13.99 -25.45
C VAL G 288 -35.59 -13.52 -25.76
N GLY G 289 -35.43 -12.24 -26.06
CA GLY G 289 -34.09 -11.72 -26.29
C GLY G 289 -33.18 -11.86 -25.08
N GLU G 290 -33.73 -11.78 -23.87
CA GLU G 290 -32.89 -11.77 -22.68
C GLU G 290 -32.48 -13.17 -22.23
N THR G 291 -32.88 -14.21 -22.95
CA THR G 291 -32.41 -15.57 -22.71
C THR G 291 -31.18 -15.90 -23.54
N GLY G 292 -30.68 -14.95 -24.33
CA GLY G 292 -29.47 -15.16 -25.11
C GLY G 292 -29.68 -16.21 -26.19
N ASN G 293 -28.61 -16.91 -26.53
CA ASN G 293 -28.72 -18.08 -27.40
C ASN G 293 -29.20 -19.23 -26.53
N GLY G 294 -30.44 -19.66 -26.75
CA GLY G 294 -31.04 -20.70 -25.93
C GLY G 294 -32.22 -21.36 -26.60
N CYS G 295 -33.26 -21.67 -25.82
CA CYS G 295 -34.44 -22.30 -26.38
C CYS G 295 -35.60 -22.05 -25.44
N VAL G 296 -36.76 -21.72 -26.01
CA VAL G 296 -37.92 -21.30 -25.23
C VAL G 296 -39.01 -22.36 -25.37
N ASP G 297 -39.50 -22.84 -24.23
CA ASP G 297 -40.55 -23.87 -24.19
C ASP G 297 -41.77 -23.47 -24.99
N LEU G 298 -42.16 -24.33 -25.93
CA LEU G 298 -43.29 -24.06 -26.81
C LEU G 298 -44.58 -23.79 -26.02
N ARG G 299 -44.74 -24.43 -24.87
CA ARG G 299 -45.92 -24.17 -24.05
C ARG G 299 -45.90 -22.75 -23.52
N TRP G 300 -44.74 -22.25 -23.10
CA TRP G 300 -44.62 -20.85 -22.72
C TRP G 300 -44.97 -19.95 -23.90
N LEU G 301 -44.43 -20.27 -25.08
CA LEU G 301 -44.74 -19.49 -26.29
C LEU G 301 -46.22 -19.59 -26.64
N ALA G 302 -46.82 -20.78 -26.47
CA ALA G 302 -48.23 -20.95 -26.76
C ALA G 302 -49.10 -19.99 -25.96
N LYS G 303 -48.69 -19.70 -24.72
CA LYS G 303 -49.46 -18.84 -23.82
C LYS G 303 -49.12 -17.37 -24.02
N SER G 304 -47.83 -17.03 -24.01
CA SER G 304 -47.43 -15.64 -24.14
C SER G 304 -47.93 -15.03 -25.44
N PHE G 305 -47.83 -15.77 -26.55
CA PHE G 305 -48.28 -15.20 -27.82
C PHE G 305 -49.79 -15.30 -28.00
N PHE G 306 -50.45 -16.27 -27.36
CA PHE G 306 -51.92 -16.24 -27.31
C PHE G 306 -52.42 -14.93 -26.73
N GLU G 307 -51.86 -14.53 -25.59
CA GLU G 307 -52.28 -13.28 -24.97
C GLU G 307 -51.99 -12.08 -25.84
N LEU G 308 -50.89 -12.11 -26.61
CA LEU G 308 -50.58 -11.01 -27.50
C LEU G 308 -51.52 -10.98 -28.70
N THR G 309 -51.90 -12.15 -29.20
CA THR G 309 -52.82 -12.19 -30.34
C THR G 309 -54.16 -11.60 -29.95
N VAL G 310 -54.66 -11.96 -28.75
CA VAL G 310 -55.95 -11.45 -28.29
C VAL G 310 -55.83 -9.98 -27.89
N LEU G 311 -54.68 -9.58 -27.32
CA LEU G 311 -54.48 -8.18 -27.01
C LEU G 311 -54.42 -7.34 -28.28
N LYS G 312 -53.67 -7.81 -29.29
CA LYS G 312 -53.59 -7.12 -30.57
C LYS G 312 -54.97 -6.87 -31.15
N ASP G 313 -55.85 -7.88 -31.06
CA ASP G 313 -57.19 -7.78 -31.62
C ASP G 313 -58.00 -6.68 -30.95
N ILE G 314 -58.06 -6.70 -29.61
CA ILE G 314 -58.88 -5.73 -28.88
C ILE G 314 -58.32 -4.31 -29.01
N ILE G 315 -57.00 -4.16 -29.14
CA ILE G 315 -56.47 -2.80 -29.30
C ILE G 315 -56.87 -2.23 -30.65
N GLY G 316 -57.10 -3.08 -31.65
CA GLY G 316 -57.49 -2.60 -32.96
C GLY G 316 -58.94 -2.14 -32.98
N ILE G 317 -59.84 -2.99 -32.48
CA ILE G 317 -61.27 -2.63 -32.44
C ILE G 317 -61.61 -1.62 -31.38
N CYS G 318 -60.65 -1.16 -30.57
CA CYS G 318 -60.97 -0.21 -29.52
C CYS G 318 -60.35 1.16 -29.76
N TYR G 319 -59.03 1.23 -29.97
CA TYR G 319 -58.35 2.45 -30.41
C TYR G 319 -58.12 2.56 -31.91
N GLY G 320 -58.06 1.44 -32.62
CA GLY G 320 -57.60 1.48 -33.99
C GLY G 320 -56.09 1.42 -34.11
N ALA G 321 -55.43 0.76 -33.17
CA ALA G 321 -53.98 0.74 -33.12
C ALA G 321 -53.39 -0.28 -34.08
N THR G 322 -52.16 0.00 -34.51
CA THR G 322 -51.40 -0.83 -35.42
C THR G 322 -50.19 -1.40 -34.67
N VAL G 323 -49.88 -2.66 -34.93
CA VAL G 323 -48.72 -3.32 -34.34
C VAL G 323 -47.85 -3.90 -35.45
N LYS G 324 -46.62 -3.43 -35.54
CA LYS G 324 -45.65 -3.92 -36.51
C LYS G 324 -44.59 -4.71 -35.75
N GLY G 325 -44.49 -6.00 -36.03
CA GLY G 325 -43.52 -6.84 -35.36
C GLY G 325 -44.12 -7.65 -34.23
N MET G 326 -43.23 -8.35 -33.52
CA MET G 326 -43.61 -9.28 -32.46
C MET G 326 -44.47 -10.42 -32.99
N GLN G 327 -44.24 -10.79 -34.24
CA GLN G 327 -44.94 -11.89 -34.88
C GLN G 327 -43.91 -12.73 -35.61
N SER G 328 -43.96 -14.05 -35.45
CA SER G 328 -42.96 -14.92 -36.06
C SER G 328 -43.65 -16.03 -36.82
N TYR G 329 -43.44 -16.03 -38.15
CA TYR G 329 -44.02 -17.03 -39.04
C TYR G 329 -43.58 -18.45 -38.68
N GLY G 330 -42.36 -18.58 -38.15
CA GLY G 330 -41.90 -19.88 -37.67
C GLY G 330 -42.82 -20.48 -36.63
N LEU G 331 -43.29 -19.66 -35.69
CA LEU G 331 -44.19 -20.16 -34.65
C LEU G 331 -45.56 -20.48 -35.23
N GLU G 332 -46.02 -19.67 -36.18
CA GLU G 332 -47.32 -19.91 -36.79
C GLU G 332 -47.32 -21.21 -37.60
N ARG G 333 -46.20 -21.50 -38.29
CA ARG G 333 -46.08 -22.79 -38.94
C ARG G 333 -45.97 -23.92 -37.93
N LEU G 334 -45.15 -23.69 -36.89
CA LEU G 334 -44.96 -24.70 -35.86
C LEU G 334 -46.28 -25.05 -35.18
N ALA G 335 -47.10 -24.05 -34.88
CA ALA G 335 -48.39 -24.30 -34.25
C ALA G 335 -49.34 -25.01 -35.21
N ALA G 336 -49.40 -24.54 -36.46
CA ALA G 336 -50.28 -25.17 -37.44
C ALA G 336 -49.96 -26.64 -37.64
N MET G 337 -48.67 -27.00 -37.59
CA MET G 337 -48.29 -28.41 -37.61
C MET G 337 -48.97 -29.20 -36.51
N LEU G 338 -49.00 -28.66 -35.29
CA LEU G 338 -49.55 -29.41 -34.17
C LEU G 338 -51.06 -29.50 -34.22
N MET G 339 -51.72 -28.66 -35.02
CA MET G 339 -53.16 -28.74 -35.15
C MET G 339 -53.58 -29.81 -36.15
N ALA G 340 -52.68 -30.23 -37.04
CA ALA G 340 -52.94 -31.43 -37.84
C ALA G 340 -52.62 -32.70 -37.08
N THR G 341 -52.05 -32.60 -35.88
CA THR G 341 -51.83 -33.76 -35.02
C THR G 341 -53.08 -34.15 -34.25
N VAL G 342 -53.98 -33.19 -34.02
CA VAL G 342 -55.07 -33.34 -33.07
C VAL G 342 -56.33 -33.68 -33.84
N LYS G 343 -57.12 -34.60 -33.29
CA LYS G 343 -58.44 -34.90 -33.83
C LYS G 343 -59.39 -33.91 -33.16
N MET G 344 -59.82 -32.91 -33.92
CA MET G 344 -60.64 -31.84 -33.38
C MET G 344 -61.98 -32.37 -32.89
N GLU G 345 -62.45 -33.49 -33.47
CA GLU G 345 -63.69 -34.10 -33.03
C GLU G 345 -63.61 -34.54 -31.56
N GLU G 346 -62.40 -34.82 -31.07
CA GLU G 346 -62.24 -35.36 -29.73
C GLU G 346 -61.18 -34.58 -28.98
N LEU G 347 -61.18 -33.26 -29.10
CA LEU G 347 -60.24 -32.47 -28.31
C LEU G 347 -60.67 -32.37 -26.85
N GLY G 348 -61.98 -32.31 -26.59
CA GLY G 348 -62.46 -32.25 -25.22
C GLY G 348 -62.14 -33.47 -24.38
N HIS G 349 -61.65 -34.55 -25.00
CA HIS G 349 -61.28 -35.76 -24.28
C HIS G 349 -59.90 -35.70 -23.66
N LEU G 350 -59.14 -34.62 -23.88
CA LEU G 350 -57.82 -34.51 -23.31
C LEU G 350 -57.91 -33.77 -21.98
N THR G 351 -56.82 -33.82 -21.21
CA THR G 351 -56.78 -33.10 -19.94
C THR G 351 -56.89 -31.60 -20.19
N THR G 352 -57.54 -30.89 -19.26
CA THR G 352 -57.67 -29.47 -19.50
C THR G 352 -56.43 -28.70 -19.08
N GLU G 353 -55.28 -29.09 -19.58
CA GLU G 353 -54.19 -28.18 -19.91
C GLU G 353 -53.76 -28.37 -21.35
N LYS G 354 -53.78 -29.62 -21.85
CA LYS G 354 -53.51 -29.88 -23.26
C LYS G 354 -54.68 -29.48 -24.13
N GLN G 355 -55.87 -29.33 -23.54
CA GLN G 355 -56.95 -28.62 -24.21
C GLN G 355 -56.56 -27.16 -24.43
N GLU G 356 -56.26 -26.45 -23.34
CA GLU G 356 -55.89 -25.04 -23.44
C GLU G 356 -54.58 -24.85 -24.21
N TYR G 357 -53.64 -25.78 -24.06
CA TYR G 357 -52.42 -25.69 -24.85
C TYR G 357 -52.70 -25.87 -26.33
N ALA G 358 -53.78 -26.58 -26.68
CA ALA G 358 -54.18 -26.72 -28.07
C ALA G 358 -54.97 -25.49 -28.54
N LEU G 359 -55.90 -25.03 -27.70
CA LEU G 359 -56.70 -23.86 -28.05
C LEU G 359 -55.85 -22.61 -28.17
N ARG G 360 -54.72 -22.56 -27.46
CA ARG G 360 -53.81 -21.42 -27.56
C ARG G 360 -52.97 -21.48 -28.82
N LEU G 361 -52.66 -22.69 -29.30
CA LEU G 361 -51.94 -22.84 -30.56
C LEU G 361 -52.87 -22.61 -31.74
N ALA G 362 -54.15 -22.98 -31.59
CA ALA G 362 -55.15 -22.70 -32.61
C ALA G 362 -55.21 -21.23 -32.98
N THR G 363 -55.14 -20.34 -31.98
CA THR G 363 -55.26 -18.90 -32.25
C THR G 363 -53.93 -18.26 -32.57
N VAL G 364 -52.83 -18.81 -32.06
CA VAL G 364 -51.51 -18.34 -32.47
C VAL G 364 -51.25 -18.74 -33.92
N GLY G 365 -51.75 -19.90 -34.33
CA GLY G 365 -51.51 -20.44 -35.65
C GLY G 365 -52.58 -20.11 -36.67
N TYR G 366 -53.44 -19.14 -36.37
CA TYR G 366 -54.52 -18.83 -37.31
C TYR G 366 -54.02 -18.19 -38.60
N PRO G 367 -53.04 -17.25 -38.57
CA PRO G 367 -52.73 -16.48 -39.80
C PRO G 367 -52.52 -17.31 -41.06
N LYS G 368 -51.92 -18.48 -40.95
CA LYS G 368 -51.65 -19.35 -42.09
C LYS G 368 -52.32 -20.70 -41.92
N ALA G 369 -53.57 -20.67 -41.45
CA ALA G 369 -54.37 -21.86 -41.24
C ALA G 369 -55.56 -21.95 -42.18
N GLY G 370 -56.11 -20.82 -42.59
CA GLY G 370 -57.26 -20.96 -43.46
C GLY G 370 -58.56 -20.90 -42.68
N VAL G 371 -59.59 -20.36 -43.32
CA VAL G 371 -60.87 -20.27 -42.63
C VAL G 371 -61.67 -21.56 -42.77
N TYR G 372 -61.10 -22.59 -43.38
CA TYR G 372 -61.72 -23.90 -43.45
C TYR G 372 -60.88 -24.97 -42.74
N SER G 373 -60.33 -24.60 -41.59
CA SER G 373 -59.66 -25.53 -40.70
C SER G 373 -60.65 -26.03 -39.64
N GLY G 374 -60.38 -27.21 -39.10
CA GLY G 374 -61.34 -27.84 -38.21
C GLY G 374 -61.23 -27.37 -36.77
N LEU G 375 -60.69 -26.16 -36.59
CA LEU G 375 -60.57 -25.56 -35.26
C LEU G 375 -61.93 -25.43 -34.58
N ILE G 376 -62.98 -25.16 -35.36
CA ILE G 376 -64.31 -24.96 -34.80
C ILE G 376 -64.75 -26.21 -34.03
N GLY G 377 -64.57 -27.38 -34.64
CA GLY G 377 -64.93 -28.63 -33.99
C GLY G 377 -64.20 -28.85 -32.67
N GLY G 378 -62.96 -28.38 -32.57
CA GLY G 378 -62.23 -28.53 -31.32
C GLY G 378 -62.80 -27.69 -30.21
N ALA G 379 -63.19 -26.45 -30.51
CA ALA G 379 -63.77 -25.60 -29.48
C ALA G 379 -65.16 -26.08 -29.08
N THR G 380 -65.92 -26.60 -30.05
CA THR G 380 -67.22 -27.18 -29.72
C THR G 380 -67.06 -28.44 -28.88
N SER G 381 -66.04 -29.25 -29.17
CA SER G 381 -65.80 -30.44 -28.37
C SER G 381 -65.47 -30.08 -26.93
N VAL G 382 -64.55 -29.13 -26.74
CA VAL G 382 -64.18 -28.69 -25.40
C VAL G 382 -65.41 -28.24 -24.63
N LEU G 383 -66.27 -27.44 -25.27
CA LEU G 383 -67.49 -27.00 -24.60
C LEU G 383 -68.39 -28.16 -24.21
N LEU G 384 -68.39 -29.23 -25.01
CA LEU G 384 -69.25 -30.38 -24.73
C LEU G 384 -68.74 -31.13 -23.51
N SER G 385 -67.45 -31.50 -23.53
CA SER G 385 -66.83 -32.15 -22.39
C SER G 385 -67.00 -31.33 -21.12
N ALA G 386 -67.04 -30.01 -21.24
CA ALA G 386 -67.27 -29.16 -20.08
C ALA G 386 -68.73 -29.22 -19.65
N TYR G 387 -69.65 -29.09 -20.61
CA TYR G 387 -71.07 -29.04 -20.27
C TYR G 387 -71.59 -30.36 -19.70
N ASN G 388 -70.96 -31.49 -20.02
CA ASN G 388 -71.34 -32.74 -19.38
C ASN G 388 -70.96 -32.77 -17.90
N ARG G 389 -69.77 -32.27 -17.55
CA ARG G 389 -69.30 -32.29 -16.18
C ARG G 389 -69.68 -31.04 -15.39
N HIS G 390 -70.73 -30.34 -15.81
CA HIS G 390 -71.09 -29.11 -15.14
C HIS G 390 -72.42 -29.27 -14.43
N PRO G 391 -72.50 -28.96 -13.13
CA PRO G 391 -73.78 -29.06 -12.41
C PRO G 391 -74.78 -28.05 -12.97
N LEU G 392 -75.92 -28.56 -13.44
CA LEU G 392 -76.82 -27.75 -14.27
C LEU G 392 -77.24 -26.47 -13.57
N PHE G 393 -77.32 -25.39 -14.36
CA PHE G 393 -77.86 -24.08 -14.03
C PHE G 393 -76.97 -23.28 -13.10
N GLN G 394 -75.74 -23.72 -12.86
CA GLN G 394 -74.85 -23.05 -11.94
C GLN G 394 -73.92 -22.09 -12.69
N PRO G 395 -73.42 -21.06 -12.01
CA PRO G 395 -72.45 -20.18 -12.66
C PRO G 395 -71.12 -20.91 -12.83
N LEU G 396 -70.49 -20.70 -13.99
CA LEU G 396 -69.27 -21.45 -14.31
C LEU G 396 -68.17 -21.16 -13.30
N HIS G 397 -67.35 -22.18 -13.05
CA HIS G 397 -66.22 -22.10 -12.16
C HIS G 397 -65.09 -21.27 -12.79
N THR G 398 -64.07 -20.97 -11.99
CA THR G 398 -62.91 -20.24 -12.48
C THR G 398 -62.21 -20.99 -13.60
N VAL G 399 -62.02 -22.29 -13.42
CA VAL G 399 -61.19 -23.06 -14.33
C VAL G 399 -61.91 -23.28 -15.65
N MET G 400 -63.20 -23.60 -15.59
CA MET G 400 -63.98 -23.77 -16.81
C MET G 400 -64.09 -22.46 -17.59
N ARG G 401 -64.41 -21.36 -16.90
CA ARG G 401 -64.60 -20.08 -17.60
C ARG G 401 -63.34 -19.66 -18.35
N GLU G 402 -62.17 -19.93 -17.79
CA GLU G 402 -60.91 -19.63 -18.48
C GLU G 402 -60.73 -20.52 -19.70
N THR G 403 -60.98 -21.82 -19.58
CA THR G 403 -60.79 -22.73 -20.70
C THR G 403 -61.69 -22.33 -21.87
N LEU G 404 -62.94 -21.99 -21.60
CA LEU G 404 -63.85 -21.60 -22.67
C LEU G 404 -63.46 -20.28 -23.29
N PHE G 405 -62.96 -19.33 -22.48
CA PHE G 405 -62.53 -18.05 -23.00
C PHE G 405 -61.42 -18.22 -24.03
N ILE G 406 -60.45 -19.09 -23.75
CA ILE G 406 -59.37 -19.33 -24.70
C ILE G 406 -59.94 -19.87 -26.02
N GLY G 407 -60.81 -20.88 -25.93
CA GLY G 407 -61.45 -21.46 -27.10
C GLY G 407 -62.46 -20.57 -27.78
N SER G 408 -62.90 -19.49 -27.14
CA SER G 408 -63.96 -18.67 -27.71
C SER G 408 -63.48 -17.86 -28.89
N HIS G 409 -62.24 -17.40 -28.86
CA HIS G 409 -61.69 -16.56 -29.93
C HIS G 409 -61.81 -17.22 -31.29
N VAL G 410 -61.60 -18.54 -31.35
CA VAL G 410 -61.71 -19.25 -32.62
C VAL G 410 -63.11 -19.07 -33.19
N VAL G 411 -64.11 -19.46 -32.41
CA VAL G 411 -65.51 -19.27 -32.75
C VAL G 411 -65.83 -17.82 -33.10
N LEU G 412 -65.40 -16.88 -32.26
CA LEU G 412 -65.63 -15.47 -32.59
C LEU G 412 -64.99 -15.06 -33.91
N ARG G 413 -64.09 -15.88 -34.48
CA ARG G 413 -63.56 -15.66 -35.82
C ARG G 413 -64.34 -16.44 -36.87
N GLU G 414 -65.52 -16.93 -36.50
CA GLU G 414 -66.51 -17.51 -37.40
C GLU G 414 -67.72 -16.59 -37.46
N LEU G 415 -68.27 -16.25 -36.29
CA LEU G 415 -69.39 -15.32 -36.21
C LEU G 415 -68.98 -13.95 -36.73
N ARG G 416 -67.78 -13.50 -36.39
CA ARG G 416 -67.22 -12.32 -37.03
C ARG G 416 -66.39 -12.74 -38.24
N LEU G 417 -67.03 -13.49 -39.14
CA LEU G 417 -66.47 -13.84 -40.44
C LEU G 417 -67.64 -14.20 -41.33
N ASN G 418 -67.81 -13.47 -42.43
CA ASN G 418 -69.10 -13.34 -43.11
C ASN G 418 -69.89 -14.65 -43.21
N VAL G 419 -69.32 -15.70 -43.81
CA VAL G 419 -69.98 -17.00 -43.84
C VAL G 419 -68.97 -18.06 -43.39
N THR G 420 -69.41 -19.32 -43.35
CA THR G 420 -68.61 -20.46 -42.91
C THR G 420 -69.07 -21.70 -43.67
N THR G 421 -68.63 -22.87 -43.18
CA THR G 421 -69.10 -24.18 -43.59
C THR G 421 -69.30 -25.08 -42.38
N GLN G 422 -69.41 -24.50 -41.18
CA GLN G 422 -69.43 -25.21 -39.91
C GLN G 422 -70.78 -25.11 -39.20
N GLY G 423 -71.87 -24.98 -39.98
CA GLY G 423 -73.21 -24.94 -39.46
C GLY G 423 -73.53 -25.96 -38.37
N PRO G 424 -73.15 -27.23 -38.57
CA PRO G 424 -73.37 -28.21 -37.49
C PRO G 424 -72.63 -27.88 -36.20
N ASN G 425 -71.33 -27.63 -36.26
CA ASN G 425 -70.56 -27.42 -35.04
C ASN G 425 -70.80 -26.05 -34.44
N LEU G 426 -70.85 -25.01 -35.29
CA LEU G 426 -71.12 -23.67 -34.79
C LEU G 426 -72.46 -23.62 -34.05
N ALA G 427 -73.55 -24.00 -34.71
CA ALA G 427 -74.86 -23.95 -34.06
C ALA G 427 -74.96 -24.86 -32.84
N LEU G 428 -74.06 -25.84 -32.70
CA LEU G 428 -74.05 -26.64 -31.48
C LEU G 428 -73.39 -25.88 -30.32
N TYR G 429 -72.19 -25.35 -30.55
CA TYR G 429 -71.58 -24.45 -29.56
C TYR G 429 -72.54 -23.34 -29.13
N GLN G 430 -73.19 -22.69 -30.10
CA GLN G 430 -74.16 -21.67 -29.72
C GLN G 430 -75.37 -22.24 -28.99
N LEU G 431 -75.65 -23.54 -29.14
CA LEU G 431 -76.78 -24.10 -28.39
C LEU G 431 -76.38 -24.47 -26.96
N LEU G 432 -75.23 -25.12 -26.79
CA LEU G 432 -74.73 -25.38 -25.45
C LEU G 432 -74.47 -24.09 -24.70
N SER G 433 -74.02 -23.05 -25.41
CA SER G 433 -73.83 -21.74 -24.80
C SER G 433 -75.16 -21.16 -24.34
N THR G 434 -76.23 -21.39 -25.11
CA THR G 434 -77.55 -20.90 -24.72
C THR G 434 -78.04 -21.66 -23.49
N ALA G 435 -77.61 -22.90 -23.34
CA ALA G 435 -78.02 -23.72 -22.20
C ALA G 435 -77.22 -23.38 -20.96
N LEU G 436 -75.94 -23.04 -21.11
CA LEU G 436 -75.10 -22.79 -19.94
C LEU G 436 -75.50 -21.51 -19.21
N CYS G 437 -76.03 -20.50 -19.89
CA CYS G 437 -76.21 -19.21 -19.23
C CYS G 437 -77.65 -19.12 -18.74
N SER G 438 -77.80 -19.22 -17.43
CA SER G 438 -79.03 -19.21 -16.67
C SER G 438 -78.97 -18.02 -15.73
N ALA G 439 -79.97 -17.90 -14.85
CA ALA G 439 -80.07 -16.75 -13.97
C ALA G 439 -78.82 -16.60 -13.10
N LEU G 440 -78.20 -17.71 -12.72
CA LEU G 440 -77.06 -17.65 -11.81
C LEU G 440 -75.74 -17.44 -12.56
N GLU G 441 -75.63 -17.90 -13.80
CA GLU G 441 -74.49 -17.51 -14.63
C GLU G 441 -74.48 -16.01 -14.86
N ILE G 442 -75.63 -15.44 -15.24
CA ILE G 442 -75.73 -13.99 -15.42
C ILE G 442 -75.41 -13.26 -14.13
N GLY G 443 -75.90 -13.78 -13.00
CA GLY G 443 -75.58 -13.18 -11.71
C GLY G 443 -74.09 -13.02 -11.48
N GLU G 444 -73.32 -14.09 -11.72
CA GLU G 444 -71.88 -14.03 -11.47
C GLU G 444 -71.16 -13.22 -12.53
N VAL G 445 -71.75 -13.04 -13.71
CA VAL G 445 -71.13 -12.21 -14.73
C VAL G 445 -71.30 -10.74 -14.40
N LEU G 446 -72.52 -10.33 -14.08
CA LEU G 446 -72.77 -8.96 -13.66
C LEU G 446 -71.94 -8.60 -12.42
N ARG G 447 -71.91 -9.49 -11.43
CA ARG G 447 -71.02 -9.31 -10.29
C ARG G 447 -69.56 -9.19 -10.74
N GLY G 448 -69.13 -10.07 -11.66
CA GLY G 448 -67.78 -10.00 -12.17
C GLY G 448 -67.48 -8.75 -12.99
N LEU G 449 -68.52 -8.11 -13.53
CA LEU G 449 -68.35 -6.86 -14.25
C LEU G 449 -68.38 -5.66 -13.31
N ALA G 450 -69.33 -5.62 -12.38
CA ALA G 450 -69.39 -4.54 -11.41
C ALA G 450 -68.10 -4.41 -10.62
N LEU G 451 -67.57 -5.53 -10.12
CA LEU G 451 -66.28 -5.51 -9.43
C LEU G 451 -65.11 -5.36 -10.40
N GLY G 452 -65.20 -5.99 -11.56
CA GLY G 452 -64.15 -5.96 -12.56
C GLY G 452 -63.34 -7.23 -12.66
N THR G 453 -63.74 -8.29 -11.96
CA THR G 453 -62.92 -9.49 -11.87
C THR G 453 -62.98 -10.30 -13.17
N GLU G 454 -62.30 -11.45 -13.15
CA GLU G 454 -62.25 -12.34 -14.30
C GLU G 454 -63.61 -12.87 -14.73
N SER G 455 -64.60 -12.85 -13.84
CA SER G 455 -65.91 -13.41 -14.18
C SER G 455 -66.60 -12.63 -15.29
N GLY G 456 -66.42 -11.31 -15.33
CA GLY G 456 -67.02 -10.49 -16.37
C GLY G 456 -66.29 -10.47 -17.69
N LEU G 457 -65.10 -11.08 -17.76
CA LEU G 457 -64.35 -11.09 -19.01
C LEU G 457 -65.08 -11.89 -20.08
N PHE G 458 -65.49 -13.12 -19.75
CA PHE G 458 -66.12 -14.02 -20.70
C PHE G 458 -67.21 -14.82 -20.02
N SER G 459 -68.26 -15.12 -20.78
CA SER G 459 -69.36 -15.99 -20.36
C SER G 459 -69.94 -16.62 -21.62
N PRO G 460 -70.39 -17.87 -21.55
CA PRO G 460 -71.05 -18.47 -22.72
C PRO G 460 -72.31 -17.74 -23.10
N CYS G 461 -72.91 -17.00 -22.16
CA CYS G 461 -74.05 -16.15 -22.48
C CYS G 461 -73.69 -15.12 -23.56
N TYR G 462 -72.41 -14.74 -23.66
CA TYR G 462 -71.99 -13.74 -24.62
C TYR G 462 -72.13 -14.23 -26.06
N LEU G 463 -71.95 -15.52 -26.29
CA LEU G 463 -72.01 -16.12 -27.62
C LEU G 463 -73.22 -17.05 -27.74
N SER G 464 -74.25 -16.78 -26.97
CA SER G 464 -75.42 -17.64 -26.89
C SER G 464 -76.52 -17.12 -27.81
N LEU G 465 -77.63 -17.87 -27.82
CA LEU G 465 -78.78 -17.58 -28.66
C LEU G 465 -79.94 -16.94 -27.91
N ARG G 466 -79.72 -16.46 -26.69
CA ARG G 466 -80.77 -15.79 -25.94
C ARG G 466 -80.89 -14.35 -26.41
N PHE G 467 -82.12 -13.93 -26.70
CA PHE G 467 -82.38 -12.57 -27.12
C PHE G 467 -83.43 -11.88 -26.25
N ASP G 468 -83.88 -12.54 -25.18
CA ASP G 468 -84.87 -11.99 -24.26
C ASP G 468 -84.25 -11.28 -23.06
N LEU G 469 -83.00 -10.86 -23.16
CA LEU G 469 -82.28 -10.32 -22.01
C LEU G 469 -82.38 -8.80 -21.98
N THR G 470 -83.59 -8.29 -21.76
CA THR G 470 -83.78 -6.86 -21.59
C THR G 470 -83.13 -6.39 -20.28
N ARG G 471 -83.05 -5.07 -20.12
CA ARG G 471 -82.41 -4.48 -18.95
C ARG G 471 -83.07 -4.94 -17.64
N ASP G 472 -84.37 -4.64 -17.49
CA ASP G 472 -85.11 -5.05 -16.30
C ASP G 472 -85.26 -6.56 -16.18
N LYS G 473 -85.04 -7.30 -17.27
CA LYS G 473 -84.93 -8.74 -17.17
C LYS G 473 -83.63 -9.14 -16.48
N LEU G 474 -82.55 -8.44 -16.79
CA LEU G 474 -81.27 -8.68 -16.11
C LEU G 474 -81.29 -8.13 -14.69
N LEU G 475 -81.98 -7.01 -14.45
CA LEU G 475 -82.04 -6.45 -13.11
C LEU G 475 -82.65 -7.43 -12.12
N SER G 476 -83.50 -8.35 -12.58
CA SER G 476 -84.01 -9.41 -11.73
C SER G 476 -83.03 -10.58 -11.60
N MET G 477 -81.79 -10.40 -12.06
CA MET G 477 -80.76 -11.42 -11.97
C MET G 477 -79.46 -10.86 -11.40
N ALA G 478 -79.39 -9.57 -11.12
CA ALA G 478 -78.17 -8.92 -10.68
C ALA G 478 -77.88 -9.27 -9.22
N PRO G 479 -76.64 -9.12 -8.79
CA PRO G 479 -76.35 -9.18 -7.35
C PRO G 479 -77.01 -8.01 -6.64
N GLN G 480 -77.70 -8.29 -5.54
CA GLN G 480 -78.36 -7.24 -4.78
C GLN G 480 -77.59 -6.85 -3.54
N GLU G 481 -76.46 -7.47 -3.29
CA GLU G 481 -75.72 -7.29 -2.05
C GLU G 481 -75.27 -5.85 -1.86
N ALA G 482 -75.61 -5.28 -0.70
CA ALA G 482 -75.23 -3.91 -0.37
C ALA G 482 -73.72 -3.72 -0.35
N THR G 483 -72.96 -4.79 -0.10
CA THR G 483 -71.51 -4.69 -0.13
C THR G 483 -71.02 -4.30 -1.52
N LEU G 484 -71.75 -4.68 -2.56
CA LEU G 484 -71.49 -4.19 -3.91
C LEU G 484 -72.03 -2.78 -4.09
N ASP G 485 -71.56 -2.12 -5.14
CA ASP G 485 -71.99 -0.77 -5.48
C ASP G 485 -73.13 -0.87 -6.49
N GLN G 486 -74.27 -0.25 -6.18
CA GLN G 486 -75.40 -0.32 -7.11
C GLN G 486 -75.13 0.40 -8.41
N ALA G 487 -74.29 1.45 -8.39
CA ALA G 487 -73.97 2.13 -9.64
C ALA G 487 -73.16 1.23 -10.57
N ALA G 488 -72.16 0.53 -10.03
CA ALA G 488 -71.41 -0.44 -10.82
C ALA G 488 -72.29 -1.59 -11.29
N VAL G 489 -73.26 -2.00 -10.47
CA VAL G 489 -74.17 -3.06 -10.86
C VAL G 489 -75.16 -2.57 -11.91
N SER G 490 -75.60 -1.32 -11.80
CA SER G 490 -76.42 -0.73 -12.86
C SER G 490 -75.64 -0.61 -14.16
N ASN G 491 -74.39 -0.13 -14.09
CA ASN G 491 -73.50 -0.14 -15.25
C ASN G 491 -73.34 -1.55 -15.81
N ALA G 492 -73.05 -2.52 -14.93
CA ALA G 492 -72.73 -3.87 -15.38
C ALA G 492 -73.84 -4.46 -16.22
N VAL G 493 -75.09 -4.09 -15.94
CA VAL G 493 -76.20 -4.57 -16.74
C VAL G 493 -76.12 -3.99 -18.15
N ASP G 494 -75.85 -2.69 -18.27
CA ASP G 494 -75.78 -2.06 -19.58
C ASP G 494 -74.64 -2.67 -20.41
N GLY G 495 -73.43 -2.67 -19.86
CA GLY G 495 -72.32 -3.33 -20.54
C GLY G 495 -72.65 -4.73 -21.01
N PHE G 496 -73.21 -5.55 -20.12
CA PHE G 496 -73.68 -6.88 -20.50
C PHE G 496 -74.79 -6.80 -21.55
N LEU G 497 -75.61 -5.75 -21.50
CA LEU G 497 -76.64 -5.57 -22.52
C LEU G 497 -76.05 -5.00 -23.80
N GLY G 498 -74.97 -4.23 -23.69
CA GLY G 498 -74.28 -3.73 -24.87
C GLY G 498 -73.53 -4.81 -25.62
N ARG G 499 -73.08 -5.85 -24.90
CA ARG G 499 -72.28 -6.90 -25.50
C ARG G 499 -73.12 -7.91 -26.28
N LEU G 500 -74.45 -7.89 -26.12
CA LEU G 500 -75.32 -8.78 -26.86
C LEU G 500 -76.22 -8.09 -27.86
N SER G 501 -76.31 -6.75 -27.83
CA SER G 501 -77.08 -6.03 -28.83
C SER G 501 -76.67 -6.47 -30.23
N LEU G 502 -77.62 -7.02 -30.97
CA LEU G 502 -77.33 -7.62 -32.27
C LEU G 502 -76.64 -6.64 -33.22
N GLU G 503 -77.19 -5.44 -33.37
CA GLU G 503 -76.57 -4.52 -34.33
C GLU G 503 -75.30 -3.90 -33.76
N ARG G 504 -74.45 -3.43 -34.67
CA ARG G 504 -73.22 -2.68 -34.37
C ARG G 504 -72.26 -3.50 -33.53
N GLU G 505 -72.53 -4.79 -33.36
CA GLU G 505 -71.67 -5.73 -32.66
C GLU G 505 -71.04 -6.73 -33.61
N ASP G 506 -71.88 -7.38 -34.42
CA ASP G 506 -71.58 -8.18 -35.59
C ASP G 506 -71.02 -9.55 -35.25
N ARG G 507 -70.78 -9.86 -33.97
CA ARG G 507 -70.41 -11.20 -33.56
C ARG G 507 -71.58 -11.99 -32.95
N ASP G 508 -72.81 -11.58 -33.21
CA ASP G 508 -73.96 -12.25 -32.61
C ASP G 508 -74.71 -13.19 -33.55
N ALA G 509 -75.12 -12.69 -34.72
CA ALA G 509 -76.13 -13.39 -35.51
C ALA G 509 -75.89 -13.13 -36.99
N TRP G 510 -76.88 -13.48 -37.81
CA TRP G 510 -76.86 -13.42 -39.28
C TRP G 510 -76.04 -14.52 -39.90
N HIS G 511 -75.74 -15.58 -39.15
CA HIS G 511 -75.04 -16.74 -39.66
C HIS G 511 -75.91 -17.98 -39.70
N LEU G 512 -77.14 -17.91 -39.17
CA LEU G 512 -77.88 -19.16 -39.23
C LEU G 512 -78.80 -19.17 -40.45
N PRO G 513 -78.91 -20.29 -41.17
CA PRO G 513 -79.85 -20.34 -42.29
C PRO G 513 -81.32 -20.32 -41.89
N ALA G 514 -81.66 -20.49 -40.60
CA ALA G 514 -83.04 -20.32 -40.18
C ALA G 514 -83.39 -18.86 -39.92
N TYR G 515 -82.39 -17.99 -39.88
CA TYR G 515 -82.61 -16.57 -39.61
C TYR G 515 -83.59 -15.96 -40.60
N LYS G 516 -83.62 -16.48 -41.83
CA LYS G 516 -84.40 -15.86 -42.90
C LYS G 516 -85.89 -15.78 -42.58
N CYS G 517 -86.45 -16.83 -41.97
CA CYS G 517 -87.87 -16.87 -41.62
C CYS G 517 -88.15 -16.14 -40.32
N VAL G 518 -87.90 -14.83 -40.36
CA VAL G 518 -88.27 -13.91 -39.29
C VAL G 518 -88.61 -12.59 -39.97
N ASP G 519 -89.83 -12.10 -39.76
CA ASP G 519 -90.23 -10.82 -40.32
C ASP G 519 -89.64 -9.66 -39.52
N ARG G 520 -89.93 -9.63 -38.22
CA ARG G 520 -89.37 -8.62 -37.32
C ARG G 520 -88.26 -9.29 -36.52
N LEU G 521 -87.06 -8.74 -36.60
CA LEU G 521 -85.92 -9.39 -35.99
C LEU G 521 -85.73 -8.98 -34.54
N ASP G 522 -86.40 -7.92 -34.11
CA ASP G 522 -86.38 -7.46 -32.73
C ASP G 522 -87.41 -8.17 -31.85
N LYS G 523 -88.31 -8.97 -32.42
CA LYS G 523 -89.30 -9.66 -31.63
C LYS G 523 -88.91 -11.08 -31.26
N VAL G 524 -87.70 -11.53 -31.63
CA VAL G 524 -87.26 -12.88 -31.31
C VAL G 524 -86.87 -12.96 -29.84
N LEU G 525 -87.02 -14.14 -29.24
CA LEU G 525 -86.63 -14.35 -27.84
C LEU G 525 -85.54 -15.41 -27.66
N MET G 526 -85.62 -16.53 -28.36
CA MET G 526 -84.64 -17.61 -28.20
C MET G 526 -84.72 -18.54 -29.40
N ILE G 527 -83.57 -19.08 -29.79
CA ILE G 527 -83.40 -19.92 -30.96
C ILE G 527 -82.60 -21.15 -30.55
N ILE G 528 -83.25 -22.31 -30.50
CA ILE G 528 -82.59 -23.56 -30.15
C ILE G 528 -82.40 -24.37 -31.44
N PRO G 529 -81.19 -24.47 -31.98
CA PRO G 529 -80.95 -25.44 -33.07
C PRO G 529 -80.68 -26.83 -32.51
N LEU G 530 -81.52 -27.79 -32.85
CA LEU G 530 -81.27 -29.19 -32.55
C LEU G 530 -80.84 -29.89 -33.82
N ILE G 531 -80.59 -31.19 -33.72
CA ILE G 531 -80.36 -31.97 -34.93
C ILE G 531 -81.67 -32.13 -35.67
N ASN G 532 -81.67 -31.79 -36.96
CA ASN G 532 -82.75 -31.89 -37.93
C ASN G 532 -83.82 -30.81 -37.74
N VAL G 533 -83.73 -29.99 -36.69
CA VAL G 533 -84.72 -28.94 -36.46
C VAL G 533 -84.03 -27.75 -35.79
N THR G 534 -84.49 -26.55 -36.09
CA THR G 534 -84.27 -25.45 -35.17
C THR G 534 -85.63 -24.90 -34.76
N PHE G 535 -85.67 -24.22 -33.62
CA PHE G 535 -86.89 -23.56 -33.18
C PHE G 535 -86.64 -22.07 -33.07
N ILE G 536 -87.66 -21.30 -33.34
CA ILE G 536 -87.58 -19.84 -33.25
C ILE G 536 -88.69 -19.42 -32.30
N ILE G 537 -88.33 -19.25 -31.03
CA ILE G 537 -89.26 -18.79 -30.01
C ILE G 537 -89.27 -17.27 -30.04
N SER G 538 -90.46 -16.69 -30.15
CA SER G 538 -90.55 -15.24 -30.26
C SER G 538 -91.92 -14.78 -29.83
N SER G 539 -92.05 -13.47 -29.66
CA SER G 539 -93.34 -12.80 -29.60
C SER G 539 -93.85 -12.43 -30.97
N ASP G 540 -93.00 -12.53 -32.00
CA ASP G 540 -93.39 -12.23 -33.37
C ASP G 540 -94.35 -13.31 -33.89
N ARG G 541 -95.45 -12.86 -34.47
CA ARG G 541 -96.45 -13.76 -35.04
C ARG G 541 -96.13 -14.11 -36.49
N GLU G 542 -95.76 -13.11 -37.30
CA GLU G 542 -95.55 -13.33 -38.74
C GLU G 542 -94.20 -14.04 -38.90
N VAL G 543 -94.24 -15.36 -38.93
CA VAL G 543 -93.03 -16.17 -39.06
C VAL G 543 -93.30 -17.30 -40.05
N ARG G 544 -92.28 -17.68 -40.81
CA ARG G 544 -92.42 -18.71 -41.84
C ARG G 544 -91.96 -20.09 -41.36
N GLY G 545 -91.94 -20.34 -40.05
CA GLY G 545 -91.72 -21.70 -39.59
C GLY G 545 -92.78 -22.64 -40.11
N SER G 546 -92.46 -23.94 -40.08
CA SER G 546 -93.43 -24.94 -40.53
C SER G 546 -94.70 -24.90 -39.68
N ALA G 547 -94.57 -25.16 -38.38
CA ALA G 547 -95.68 -25.07 -37.45
C ALA G 547 -95.70 -23.70 -36.76
N LEU G 548 -96.59 -23.55 -35.79
CA LEU G 548 -96.63 -22.37 -34.92
C LEU G 548 -97.38 -22.74 -33.66
N TYR G 549 -96.79 -22.46 -32.49
CA TYR G 549 -97.46 -22.74 -31.23
C TYR G 549 -97.58 -21.46 -30.40
N GLU G 550 -98.55 -21.45 -29.49
CA GLU G 550 -98.71 -20.39 -28.50
C GLU G 550 -98.99 -20.99 -27.13
N ALA G 551 -98.03 -20.89 -26.22
CA ALA G 551 -98.38 -21.13 -24.82
C ALA G 551 -99.20 -19.96 -24.28
N SER G 552 -99.94 -20.22 -23.19
CA SER G 552 -100.80 -19.22 -22.55
C SER G 552 -99.93 -18.28 -21.72
N THR G 553 -99.29 -17.32 -22.39
CA THR G 553 -98.18 -16.62 -21.76
C THR G 553 -98.63 -15.87 -20.51
N THR G 554 -99.50 -14.88 -20.66
CA THR G 554 -100.38 -14.28 -19.67
C THR G 554 -101.22 -13.28 -20.44
N TYR G 555 -102.22 -12.68 -19.78
CA TYR G 555 -102.62 -11.35 -20.24
C TYR G 555 -101.87 -10.21 -19.50
N LEU G 556 -100.53 -10.22 -19.49
CA LEU G 556 -99.69 -9.02 -19.50
C LEU G 556 -98.82 -8.92 -20.74
N SER G 557 -98.06 -9.98 -21.06
CA SER G 557 -96.90 -9.86 -21.93
C SER G 557 -97.27 -10.09 -23.39
N SER G 558 -96.40 -9.57 -24.28
CA SER G 558 -96.69 -9.54 -25.71
C SER G 558 -97.16 -10.88 -26.27
N SER G 559 -96.33 -11.92 -26.14
CA SER G 559 -96.66 -13.24 -26.68
C SER G 559 -95.58 -14.23 -26.24
N LEU G 560 -95.78 -15.50 -26.60
CA LEU G 560 -94.70 -16.50 -26.62
C LEU G 560 -95.02 -17.51 -27.72
N PHE G 561 -94.39 -17.35 -28.88
CA PHE G 561 -94.62 -18.25 -30.01
C PHE G 561 -93.42 -19.17 -30.20
N LEU G 562 -93.67 -20.35 -30.75
CA LEU G 562 -92.65 -21.37 -30.99
C LEU G 562 -92.79 -21.91 -32.41
N SER G 563 -91.91 -21.46 -33.31
CA SER G 563 -91.95 -21.91 -34.70
C SER G 563 -90.80 -22.86 -35.00
N PRO G 564 -91.06 -24.16 -35.15
CA PRO G 564 -89.99 -25.11 -35.49
C PRO G 564 -89.68 -25.10 -36.99
N VAL G 565 -88.47 -24.68 -37.34
CA VAL G 565 -87.99 -24.69 -38.72
C VAL G 565 -87.43 -26.07 -39.03
N ILE G 566 -87.98 -26.74 -40.03
CA ILE G 566 -87.59 -28.11 -40.37
C ILE G 566 -86.48 -28.09 -41.42
N MET G 567 -85.41 -28.83 -41.14
CA MET G 567 -84.25 -28.94 -42.01
C MET G 567 -83.66 -27.58 -42.36
N ASN G 568 -83.79 -26.62 -41.44
CA ASN G 568 -83.16 -25.32 -41.56
C ASN G 568 -83.60 -24.63 -42.85
N LYS G 569 -84.87 -24.82 -43.23
CA LYS G 569 -85.43 -24.26 -44.45
C LYS G 569 -86.74 -23.57 -44.12
N CYS G 570 -86.84 -22.30 -44.48
CA CYS G 570 -87.99 -21.48 -44.14
C CYS G 570 -89.14 -21.75 -45.12
N SER G 571 -90.19 -20.94 -45.06
CA SER G 571 -91.36 -21.15 -45.90
C SER G 571 -91.74 -19.90 -46.68
N GLN G 572 -92.88 -19.94 -47.36
CA GLN G 572 -93.30 -18.92 -48.32
C GLN G 572 -94.39 -18.02 -47.76
N GLY G 573 -94.75 -18.17 -46.49
CA GLY G 573 -95.70 -17.28 -45.86
C GLY G 573 -96.13 -17.76 -44.49
N ALA G 574 -96.41 -16.81 -43.59
CA ALA G 574 -96.77 -17.14 -42.21
C ALA G 574 -98.02 -18.01 -42.19
N VAL G 575 -97.92 -19.15 -41.49
CA VAL G 575 -99.05 -20.06 -41.37
C VAL G 575 -100.25 -19.32 -40.80
N ALA G 576 -101.42 -19.54 -41.41
CA ALA G 576 -102.65 -18.84 -41.07
C ALA G 576 -103.49 -19.66 -40.10
N GLY G 577 -104.49 -19.00 -39.53
CA GLY G 577 -105.38 -19.66 -38.58
C GLY G 577 -104.85 -19.61 -37.16
N GLU G 578 -105.81 -19.67 -36.22
CA GLU G 578 -105.51 -19.67 -34.79
C GLU G 578 -104.35 -20.65 -34.51
N PRO G 579 -103.34 -20.22 -33.75
CA PRO G 579 -102.19 -21.11 -33.53
C PRO G 579 -102.57 -22.42 -32.85
N ARG G 580 -101.68 -23.39 -32.99
CA ARG G 580 -101.85 -24.74 -32.44
C ARG G 580 -101.81 -24.69 -30.90
N GLN G 581 -102.06 -25.85 -30.29
CA GLN G 581 -102.00 -26.03 -28.85
C GLN G 581 -100.93 -27.06 -28.51
N ILE G 582 -100.12 -26.74 -27.50
CA ILE G 582 -99.03 -27.61 -27.04
C ILE G 582 -99.61 -28.80 -26.29
N PRO G 583 -99.44 -30.02 -26.81
CA PRO G 583 -100.01 -31.21 -26.15
C PRO G 583 -99.33 -31.52 -24.83
N LYS G 584 -100.11 -31.53 -23.76
CA LYS G 584 -99.60 -31.82 -22.42
C LYS G 584 -99.31 -33.31 -22.25
N ILE G 585 -98.46 -33.63 -21.28
CA ILE G 585 -98.00 -34.99 -21.03
C ILE G 585 -98.00 -35.27 -19.53
N GLN G 586 -98.85 -36.19 -19.09
CA GLN G 586 -98.78 -36.73 -17.73
C GLN G 586 -98.28 -38.16 -17.66
N ASN G 587 -98.44 -38.95 -18.72
CA ASN G 587 -98.01 -40.35 -18.71
C ASN G 587 -96.52 -40.43 -19.07
N PHE G 588 -95.70 -40.01 -18.11
CA PHE G 588 -94.25 -40.02 -18.22
C PHE G 588 -93.64 -40.19 -16.84
N THR G 589 -92.77 -41.18 -16.68
CA THR G 589 -92.20 -41.52 -15.38
C THR G 589 -90.86 -40.83 -15.17
N ARG G 590 -90.55 -40.57 -13.90
CA ARG G 590 -89.32 -39.86 -13.56
C ARG G 590 -88.08 -40.74 -13.65
N THR G 591 -88.24 -42.06 -13.68
CA THR G 591 -87.10 -42.97 -13.75
C THR G 591 -86.95 -43.47 -15.18
N GLN G 592 -85.78 -43.21 -15.77
CA GLN G 592 -85.44 -43.71 -17.08
C GLN G 592 -84.10 -44.43 -17.02
N LYS G 593 -83.84 -45.23 -18.05
CA LYS G 593 -82.59 -45.96 -18.20
C LYS G 593 -82.03 -45.79 -19.60
N SER G 594 -82.56 -44.82 -20.34
CA SER G 594 -82.26 -44.64 -21.76
C SER G 594 -82.34 -43.15 -22.07
N CYS G 595 -81.77 -42.78 -23.22
CA CYS G 595 -81.49 -41.40 -23.57
C CYS G 595 -82.59 -40.76 -24.40
N ILE G 596 -83.84 -41.22 -24.24
CA ILE G 596 -84.95 -40.87 -25.13
C ILE G 596 -84.98 -39.38 -25.43
N PHE G 597 -84.58 -38.56 -24.47
CA PHE G 597 -84.51 -37.11 -24.65
C PHE G 597 -83.16 -36.63 -25.20
N CYS G 598 -82.28 -37.54 -25.65
CA CYS G 598 -81.08 -37.13 -26.39
C CYS G 598 -81.44 -36.28 -27.59
N GLY G 599 -80.69 -35.19 -27.75
CA GLY G 599 -80.94 -34.25 -28.83
C GLY G 599 -82.23 -33.49 -28.70
N PHE G 600 -82.79 -33.40 -27.50
CA PHE G 600 -84.00 -32.64 -27.25
C PHE G 600 -83.67 -31.52 -26.29
N ALA G 601 -84.20 -30.33 -26.58
CA ALA G 601 -84.08 -29.20 -25.67
C ALA G 601 -85.23 -29.20 -24.69
N LEU G 602 -84.96 -28.79 -23.47
CA LEU G 602 -85.95 -28.74 -22.40
C LEU G 602 -86.02 -27.31 -21.89
N LEU G 603 -87.05 -26.58 -22.30
CA LEU G 603 -87.21 -25.19 -21.90
C LEU G 603 -88.01 -25.09 -20.59
N SER G 604 -87.78 -23.98 -19.88
CA SER G 604 -88.49 -23.68 -18.65
C SER G 604 -88.74 -22.18 -18.61
N TYR G 605 -90.00 -21.79 -18.58
CA TYR G 605 -90.37 -20.39 -18.64
C TYR G 605 -91.42 -20.11 -17.58
N ASP G 606 -91.72 -18.83 -17.41
CA ASP G 606 -92.70 -18.37 -16.44
C ASP G 606 -93.72 -17.51 -17.17
N GLU G 607 -94.96 -17.55 -16.68
CA GLU G 607 -96.03 -16.86 -17.39
C GLU G 607 -95.89 -15.35 -17.38
N LYS G 608 -95.16 -14.80 -16.41
CA LYS G 608 -94.96 -13.36 -16.33
C LYS G 608 -93.53 -12.95 -16.64
N GLU G 609 -92.56 -13.62 -16.01
CA GLU G 609 -91.17 -13.27 -16.20
C GLU G 609 -90.69 -13.56 -17.62
N GLY G 610 -91.09 -14.69 -18.19
CA GLY G 610 -90.60 -15.10 -19.48
C GLY G 610 -89.82 -16.40 -19.42
N LEU G 611 -89.00 -16.65 -20.44
CA LEU G 611 -88.14 -17.83 -20.44
C LEU G 611 -87.14 -17.74 -19.28
N GLU G 612 -86.96 -18.85 -18.56
CA GLU G 612 -86.02 -18.85 -17.45
C GLU G 612 -84.80 -19.73 -17.67
N THR G 613 -84.98 -21.01 -18.01
CA THR G 613 -83.85 -21.93 -18.14
C THR G 613 -84.00 -22.80 -19.38
N THR G 614 -82.86 -23.14 -19.98
CA THR G 614 -82.82 -24.05 -21.12
C THR G 614 -81.76 -25.11 -20.86
N THR G 615 -82.10 -26.36 -21.18
CA THR G 615 -81.15 -27.46 -21.05
C THR G 615 -81.23 -28.33 -22.30
N TYR G 616 -80.07 -28.63 -22.87
CA TYR G 616 -79.93 -29.52 -24.01
C TYR G 616 -79.37 -30.85 -23.53
N ILE G 617 -80.15 -31.92 -23.69
CA ILE G 617 -79.81 -33.22 -23.13
C ILE G 617 -78.84 -33.91 -24.08
N THR G 618 -77.54 -33.75 -23.84
CA THR G 618 -76.53 -34.28 -24.75
C THR G 618 -76.15 -35.72 -24.45
N SER G 619 -76.30 -36.14 -23.20
CA SER G 619 -75.81 -37.44 -22.77
C SER G 619 -76.75 -38.02 -21.74
N GLN G 620 -76.60 -39.33 -21.49
CA GLN G 620 -77.38 -39.97 -20.44
C GLN G 620 -77.20 -39.28 -19.09
N GLU G 621 -76.04 -38.69 -18.83
CA GLU G 621 -75.80 -37.99 -17.57
C GLU G 621 -76.66 -36.73 -17.46
N VAL G 622 -76.72 -35.93 -18.53
CA VAL G 622 -77.49 -34.70 -18.50
C VAL G 622 -78.96 -35.01 -18.21
N GLN G 623 -79.48 -36.10 -18.76
CA GLN G 623 -80.87 -36.47 -18.51
C GLN G 623 -81.07 -36.90 -17.06
N ASN G 624 -80.16 -37.72 -16.55
CA ASN G 624 -80.29 -38.19 -15.16
C ASN G 624 -80.30 -37.03 -14.19
N SER G 625 -79.48 -36.01 -14.44
CA SER G 625 -79.46 -34.83 -13.57
C SER G 625 -80.84 -34.17 -13.51
N ILE G 626 -81.41 -33.85 -14.67
CA ILE G 626 -82.71 -33.19 -14.73
C ILE G 626 -83.77 -33.99 -13.96
N LEU G 627 -83.87 -35.28 -14.25
CA LEU G 627 -84.93 -36.09 -13.67
C LEU G 627 -84.73 -36.28 -12.17
N SER G 628 -83.55 -36.75 -11.78
CA SER G 628 -83.31 -37.08 -10.38
C SER G 628 -83.31 -35.87 -9.46
N SER G 629 -83.14 -34.67 -10.00
CA SER G 629 -83.11 -33.47 -9.19
C SER G 629 -84.50 -32.84 -9.09
N ASN G 630 -84.57 -31.72 -8.37
CA ASN G 630 -85.79 -30.96 -8.10
C ASN G 630 -86.19 -30.04 -9.26
N TYR G 631 -85.54 -30.18 -10.42
CA TYR G 631 -85.86 -29.32 -11.57
C TYR G 631 -87.36 -29.26 -11.84
N PHE G 632 -88.04 -30.40 -11.79
CA PHE G 632 -89.47 -30.42 -12.07
C PHE G 632 -90.23 -29.99 -10.81
N ASP G 633 -90.58 -28.71 -10.75
CA ASP G 633 -91.34 -28.11 -9.66
C ASP G 633 -92.64 -27.56 -10.25
N PHE G 634 -93.75 -28.26 -10.01
CA PHE G 634 -95.05 -27.84 -10.48
C PHE G 634 -95.84 -27.04 -9.45
N ASP G 635 -95.24 -26.76 -8.29
CA ASP G 635 -95.93 -26.04 -7.23
C ASP G 635 -96.34 -24.65 -7.69
N ASN G 636 -95.51 -24.02 -8.52
CA ASN G 636 -95.79 -22.70 -9.08
C ASN G 636 -96.51 -22.88 -10.41
N LEU G 637 -97.78 -22.47 -10.44
CA LEU G 637 -98.61 -22.66 -11.62
C LEU G 637 -98.15 -21.79 -12.79
N HIS G 638 -97.44 -20.70 -12.51
CA HIS G 638 -97.00 -19.77 -13.55
C HIS G 638 -95.84 -20.31 -14.38
N VAL G 639 -95.21 -21.41 -13.98
CA VAL G 639 -94.02 -21.93 -14.64
C VAL G 639 -94.39 -23.23 -15.35
N HIS G 640 -94.16 -23.30 -16.66
CA HIS G 640 -94.41 -24.50 -17.44
C HIS G 640 -93.10 -25.02 -18.01
N TYR G 641 -93.10 -26.29 -18.43
CA TYR G 641 -91.86 -26.97 -18.85
C TYR G 641 -92.09 -27.57 -20.24
N LEU G 642 -91.81 -26.79 -21.29
CA LEU G 642 -91.94 -27.29 -22.64
C LEU G 642 -90.81 -28.26 -22.97
N LEU G 643 -91.01 -29.03 -24.03
CA LEU G 643 -90.02 -30.03 -24.47
C LEU G 643 -89.93 -29.98 -25.99
N LEU G 644 -88.73 -29.70 -26.48
CA LEU G 644 -88.48 -29.47 -27.90
C LEU G 644 -87.84 -30.73 -28.49
N THR G 645 -88.58 -31.43 -29.34
CA THR G 645 -88.09 -32.65 -29.97
C THR G 645 -87.27 -32.35 -31.23
N THR G 646 -86.67 -33.41 -31.79
CA THR G 646 -86.03 -33.32 -33.10
C THR G 646 -87.02 -33.50 -34.24
N ASN G 647 -88.21 -34.02 -33.96
CA ASN G 647 -89.26 -34.15 -34.96
C ASN G 647 -90.00 -32.84 -35.18
N GLY G 648 -89.65 -31.79 -34.44
CA GLY G 648 -90.25 -30.49 -34.59
C GLY G 648 -91.44 -30.24 -33.71
N THR G 649 -91.77 -31.14 -32.79
CA THR G 649 -92.93 -31.00 -31.93
C THR G 649 -92.53 -30.42 -30.58
N VAL G 650 -93.40 -29.56 -30.04
CA VAL G 650 -93.25 -29.00 -28.70
C VAL G 650 -94.28 -29.66 -27.80
N MET G 651 -93.85 -30.14 -26.64
CA MET G 651 -94.69 -30.92 -25.74
C MET G 651 -94.48 -30.44 -24.31
N GLU G 652 -95.56 -30.03 -23.65
CA GLU G 652 -95.48 -29.55 -22.29
C GLU G 652 -95.61 -30.71 -21.31
N ILE G 653 -94.70 -30.78 -20.35
CA ILE G 653 -94.78 -31.73 -19.25
C ILE G 653 -95.48 -31.05 -18.08
N ALA G 654 -96.66 -31.56 -17.72
CA ALA G 654 -97.43 -31.05 -16.60
C ALA G 654 -97.30 -31.89 -15.34
N GLY G 655 -96.77 -33.10 -15.44
CA GLY G 655 -96.64 -33.95 -14.27
C GLY G 655 -95.93 -35.24 -14.62
N LEU G 656 -95.67 -36.03 -13.58
CA LEU G 656 -94.91 -37.26 -13.72
C LEU G 656 -95.63 -38.42 -13.03
N TYR G 657 -95.00 -39.58 -12.95
CA TYR G 657 -95.42 -40.59 -12.00
C TYR G 657 -94.66 -40.38 -10.70
N TRP H 1 -0.74 18.22 -21.85
CA TRP H 1 -0.50 19.14 -22.99
C TRP H 1 0.12 20.44 -22.49
N ALA H 2 0.42 21.36 -23.40
CA ALA H 2 1.12 22.56 -22.95
C ALA H 2 0.15 23.69 -22.66
N TYR H 3 -1.07 23.61 -23.19
CA TYR H 3 -2.12 24.58 -22.89
C TYR H 3 -3.44 23.83 -22.88
N PRO H 4 -3.81 23.23 -21.73
CA PRO H 4 -5.01 22.37 -21.68
C PRO H 4 -6.35 23.09 -21.69
N CYS H 5 -6.40 24.24 -21.04
CA CYS H 5 -7.66 24.91 -20.71
C CYS H 5 -7.93 26.02 -21.71
N CYS H 6 -8.78 25.72 -22.69
CA CYS H 6 -9.14 26.67 -23.73
C CYS H 6 -10.61 27.05 -23.58
N HIS H 7 -11.09 27.87 -24.51
CA HIS H 7 -12.46 28.37 -24.48
C HIS H 7 -13.23 27.79 -25.66
N VAL H 8 -14.36 27.13 -25.37
CA VAL H 8 -15.18 26.53 -26.41
C VAL H 8 -16.13 27.57 -26.97
N THR H 9 -16.01 27.83 -28.27
CA THR H 9 -17.00 28.60 -29.01
C THR H 9 -17.23 27.94 -30.35
N GLN H 10 -18.45 28.11 -30.87
CA GLN H 10 -18.80 27.59 -32.19
C GLN H 10 -17.94 28.25 -33.27
N LEU H 11 -17.26 27.43 -34.07
CA LEU H 11 -16.33 27.95 -35.08
C LEU H 11 -17.08 28.78 -36.13
N ARG H 12 -18.29 28.34 -36.47
CA ARG H 12 -19.43 29.08 -37.01
C ARG H 12 -19.28 29.44 -38.49
N ALA H 13 -18.15 29.16 -39.13
CA ALA H 13 -18.02 28.69 -40.50
C ALA H 13 -16.55 28.40 -40.73
N GLN H 14 -16.28 27.60 -41.75
CA GLN H 14 -15.07 27.60 -42.57
C GLN H 14 -13.82 27.74 -41.73
N HIS H 15 -13.79 27.13 -40.56
CA HIS H 15 -12.53 27.06 -39.83
C HIS H 15 -12.39 25.67 -39.22
N LEU H 16 -13.27 24.75 -39.63
CA LEU H 16 -13.48 23.48 -38.94
C LEU H 16 -12.27 22.57 -39.15
N LEU H 17 -12.35 21.39 -38.54
CA LEU H 17 -11.49 20.28 -38.91
C LEU H 17 -12.33 19.03 -39.19
N ALA H 18 -13.49 18.91 -38.55
CA ALA H 18 -14.59 18.04 -39.00
C ALA H 18 -14.33 16.55 -38.86
N LEU H 19 -13.24 16.15 -38.19
CA LEU H 19 -12.87 14.80 -37.79
C LEU H 19 -12.34 13.95 -38.95
N GLU H 20 -12.33 14.46 -40.17
CA GLU H 20 -11.57 13.77 -41.20
C GLU H 20 -10.12 14.21 -41.19
N ASN H 21 -9.86 15.44 -40.74
CA ASN H 21 -8.52 15.97 -40.58
C ASN H 21 -8.12 16.09 -39.12
N ILE H 22 -8.76 15.31 -38.23
CA ILE H 22 -8.39 15.20 -36.83
C ILE H 22 -7.61 13.92 -36.62
N SER H 23 -6.51 14.01 -35.88
CA SER H 23 -5.68 12.84 -35.58
C SER H 23 -5.34 12.69 -34.11
N ASP H 24 -5.41 13.76 -33.31
CA ASP H 24 -5.15 13.64 -31.89
C ASP H 24 -6.16 14.50 -31.15
N ILE H 25 -6.68 13.97 -30.04
CA ILE H 25 -7.67 14.65 -29.21
C ILE H 25 -7.23 14.53 -27.76
N TYR H 26 -7.06 15.68 -27.10
CA TYR H 26 -6.60 15.74 -25.73
C TYR H 26 -7.78 16.06 -24.82
N LEU H 27 -7.94 15.28 -23.76
CA LEU H 27 -9.04 15.43 -22.81
C LEU H 27 -8.48 15.83 -21.46
N VAL H 28 -8.88 17.01 -20.97
CA VAL H 28 -8.48 17.50 -19.65
C VAL H 28 -9.18 16.69 -18.56
N SER H 29 -8.70 16.81 -17.33
CA SER H 29 -9.19 16.02 -16.21
C SER H 29 -10.23 16.78 -15.37
N ASN H 30 -10.69 16.08 -14.33
CA ASN H 30 -11.59 16.60 -13.31
C ASN H 30 -10.91 17.63 -12.42
N GLN H 31 -9.60 17.51 -12.21
CA GLN H 31 -8.87 18.51 -11.44
C GLN H 31 -8.06 19.49 -12.30
N THR H 32 -7.83 19.19 -13.58
CA THR H 32 -6.96 20.05 -14.39
C THR H 32 -7.55 21.42 -14.64
N CYS H 33 -8.87 21.53 -14.70
CA CYS H 33 -9.45 22.76 -15.25
C CYS H 33 -10.54 23.33 -14.35
N ASP H 34 -10.45 23.04 -13.05
CA ASP H 34 -11.45 23.42 -12.04
C ASP H 34 -12.82 22.81 -12.32
N GLY H 35 -12.87 21.70 -13.04
CA GLY H 35 -14.10 20.97 -13.27
C GLY H 35 -14.68 21.12 -14.65
N PHE H 36 -13.95 21.75 -15.57
CA PHE H 36 -14.41 21.96 -16.95
C PHE H 36 -13.98 20.80 -17.82
N SER H 37 -14.94 20.16 -18.49
CA SER H 37 -14.64 19.08 -19.43
C SER H 37 -14.35 19.73 -20.77
N LEU H 38 -13.08 19.99 -21.03
CA LEU H 38 -12.65 20.59 -22.27
C LEU H 38 -11.83 19.60 -23.07
N ALA H 39 -11.90 19.72 -24.39
CA ALA H 39 -11.14 18.89 -25.30
C ALA H 39 -10.42 19.78 -26.30
N SER H 40 -9.37 19.24 -26.92
CA SER H 40 -8.61 19.96 -27.93
C SER H 40 -8.39 19.04 -29.12
N LEU H 41 -8.95 19.42 -30.27
CA LEU H 41 -8.87 18.66 -31.51
C LEU H 41 -7.65 19.12 -32.31
N ASN H 42 -6.85 18.17 -32.81
CA ASN H 42 -5.61 18.53 -33.49
C ASN H 42 -5.49 17.81 -34.84
N SER H 43 -4.72 18.46 -35.80
CA SER H 43 -4.34 17.86 -37.08
C SER H 43 -2.96 17.24 -36.97
N PRO H 44 -2.60 16.26 -37.86
CA PRO H 44 -1.33 15.55 -37.64
C PRO H 44 -0.02 16.33 -37.73
N LYS H 45 0.24 17.06 -38.83
CA LYS H 45 1.11 18.22 -39.05
C LYS H 45 0.82 18.81 -40.42
N ASN H 46 0.77 20.13 -40.54
CA ASN H 46 0.64 20.78 -41.84
C ASN H 46 2.00 21.28 -42.33
N GLY H 47 2.34 20.92 -43.58
CA GLY H 47 3.30 21.53 -44.47
C GLY H 47 4.72 21.61 -43.96
N SER H 48 5.38 22.71 -44.33
CA SER H 48 6.76 22.96 -43.94
C SER H 48 6.86 23.39 -42.48
N ASN H 49 6.03 24.34 -42.07
CA ASN H 49 6.09 24.82 -40.70
C ASN H 49 5.66 23.77 -39.68
N GLN H 50 4.92 22.74 -40.12
CA GLN H 50 4.60 21.58 -39.29
C GLN H 50 3.63 21.93 -38.17
N LEU H 51 2.81 22.95 -38.36
CA LEU H 51 1.91 23.36 -37.29
C LEU H 51 0.75 22.38 -37.17
N VAL H 52 0.31 22.19 -35.94
CA VAL H 52 -0.83 21.33 -35.61
C VAL H 52 -2.02 22.23 -35.32
N ILE H 53 -3.00 22.22 -36.23
CA ILE H 53 -4.18 23.05 -36.06
C ILE H 53 -4.99 22.50 -34.89
N SER H 54 -5.40 23.38 -33.97
CA SER H 54 -6.06 22.98 -32.74
C SER H 54 -7.29 23.83 -32.49
N ARG H 55 -8.45 23.20 -32.36
CA ARG H 55 -9.60 23.92 -31.82
C ARG H 55 -10.08 23.32 -30.51
N CYS H 56 -10.80 24.14 -29.76
CA CYS H 56 -11.26 23.79 -28.43
C CYS H 56 -12.63 23.15 -28.53
N ALA H 57 -12.83 22.05 -27.81
CA ALA H 57 -14.04 21.26 -27.93
C ALA H 57 -14.70 21.10 -26.57
N ASN H 58 -16.01 20.91 -26.59
CA ASN H 58 -16.78 20.60 -25.40
C ASN H 58 -16.52 19.13 -25.05
N GLY H 59 -15.83 18.91 -23.94
CA GLY H 59 -15.43 17.58 -23.52
C GLY H 59 -16.58 16.62 -23.36
N LEU H 60 -17.53 16.96 -22.49
CA LEU H 60 -18.68 16.10 -22.22
C LEU H 60 -19.36 15.62 -23.51
N ASN H 61 -19.49 16.51 -24.51
CA ASN H 61 -20.00 16.07 -25.80
C ASN H 61 -19.07 15.05 -26.45
N VAL H 62 -17.79 15.39 -26.56
CA VAL H 62 -16.85 14.56 -27.32
C VAL H 62 -16.65 13.22 -26.62
N VAL H 63 -16.62 13.22 -25.28
CA VAL H 63 -16.51 11.96 -24.54
C VAL H 63 -17.69 11.05 -24.87
N SER H 64 -18.91 11.56 -24.63
CA SER H 64 -20.12 10.78 -24.89
C SER H 64 -20.20 10.30 -26.33
N PHE H 65 -19.53 11.00 -27.26
CA PHE H 65 -19.48 10.56 -28.65
C PHE H 65 -18.69 9.26 -28.77
N PHE H 66 -17.46 9.25 -28.27
CA PHE H 66 -16.63 8.04 -28.31
C PHE H 66 -17.24 6.91 -27.50
N ILE H 67 -17.91 7.21 -26.38
CA ILE H 67 -18.54 6.16 -25.59
C ILE H 67 -19.59 5.43 -26.41
N SER H 68 -20.46 6.18 -27.08
CA SER H 68 -21.49 5.54 -27.90
C SER H 68 -20.88 4.86 -29.12
N ILE H 69 -19.83 5.45 -29.70
CA ILE H 69 -19.16 4.82 -30.84
C ILE H 69 -18.69 3.42 -30.47
N LEU H 70 -18.03 3.29 -29.33
CA LEU H 70 -17.58 1.99 -28.86
C LEU H 70 -18.76 1.05 -28.64
N LYS H 71 -19.73 1.48 -27.83
CA LYS H 71 -20.95 0.71 -27.63
C LYS H 71 -21.59 0.32 -28.96
N ARG H 72 -21.78 1.30 -29.85
CA ARG H 72 -22.38 1.05 -31.17
C ARG H 72 -21.63 -0.04 -31.92
N SER H 73 -20.33 -0.18 -31.67
CA SER H 73 -19.46 -1.02 -32.45
C SER H 73 -18.92 -2.15 -31.58
N SER H 74 -19.78 -2.67 -30.71
CA SER H 74 -19.36 -3.45 -29.56
C SER H 74 -18.62 -4.73 -29.95
N SER H 75 -18.95 -5.32 -31.10
CA SER H 75 -18.28 -6.56 -31.49
C SER H 75 -16.76 -6.42 -31.51
N ALA H 76 -16.23 -5.50 -32.33
CA ALA H 76 -14.80 -5.51 -32.64
C ALA H 76 -13.92 -5.39 -31.40
N LEU H 77 -14.04 -4.28 -30.67
CA LEU H 77 -13.77 -4.15 -29.23
C LEU H 77 -12.50 -4.87 -28.78
N THR H 78 -11.37 -4.47 -29.35
CA THR H 78 -10.08 -5.04 -28.97
C THR H 78 -9.77 -4.64 -27.53
N GLY H 79 -9.00 -5.50 -26.85
CA GLY H 79 -8.85 -5.39 -25.40
C GLY H 79 -8.60 -3.98 -24.89
N HIS H 80 -7.67 -3.25 -25.52
CA HIS H 80 -7.43 -1.88 -25.05
C HIS H 80 -8.55 -0.96 -25.52
N LEU H 81 -9.19 -1.30 -26.64
CA LEU H 81 -10.30 -0.52 -27.17
C LEU H 81 -11.49 -0.55 -26.22
N ARG H 82 -11.73 -1.69 -25.56
CA ARG H 82 -12.78 -1.77 -24.55
C ARG H 82 -12.30 -1.34 -23.18
N GLU H 83 -10.99 -1.13 -23.02
CA GLU H 83 -10.49 -0.53 -21.80
C GLU H 83 -10.58 0.98 -21.88
N LEU H 84 -10.61 1.53 -23.09
CA LEU H 84 -10.99 2.93 -23.28
C LEU H 84 -12.44 3.16 -22.89
N LEU H 85 -13.35 2.34 -23.42
CA LEU H 85 -14.78 2.49 -23.12
C LEU H 85 -15.03 2.62 -21.63
N THR H 86 -14.37 1.79 -20.82
CA THR H 86 -14.56 1.91 -19.38
C THR H 86 -13.75 3.06 -18.79
N THR H 87 -12.61 3.39 -19.39
CA THR H 87 -11.87 4.58 -18.99
C THR H 87 -12.63 5.86 -19.33
N LEU H 88 -13.24 5.91 -20.51
CA LEU H 88 -14.04 7.07 -20.88
C LEU H 88 -15.26 7.22 -19.98
N GLU H 89 -16.00 6.13 -19.76
CA GLU H 89 -17.20 6.19 -18.94
C GLU H 89 -16.87 6.72 -17.55
N THR H 90 -15.80 6.22 -16.95
CA THR H 90 -15.42 6.69 -15.62
C THR H 90 -14.97 8.14 -15.68
N LEU H 91 -14.30 8.54 -16.76
CA LEU H 91 -13.90 9.94 -16.90
C LEU H 91 -15.12 10.85 -17.02
N TYR H 92 -16.03 10.54 -17.95
CA TYR H 92 -17.28 11.27 -18.07
C TYR H 92 -18.06 11.28 -16.76
N GLY H 93 -18.09 10.15 -16.05
CA GLY H 93 -18.76 10.10 -14.76
C GLY H 93 -18.03 10.84 -13.66
N SER H 94 -16.77 11.18 -13.86
CA SER H 94 -16.03 11.92 -12.84
C SER H 94 -16.38 13.40 -12.82
N PHE H 95 -16.96 13.94 -13.89
CA PHE H 95 -17.29 15.35 -13.93
C PHE H 95 -18.75 15.55 -13.52
N SER H 96 -19.02 16.62 -12.79
CA SER H 96 -20.36 16.97 -12.33
C SER H 96 -20.86 18.16 -13.13
N VAL H 97 -22.08 18.04 -13.69
CA VAL H 97 -22.65 19.12 -14.48
C VAL H 97 -23.51 20.05 -13.63
N GLU H 98 -23.79 19.68 -12.39
CA GLU H 98 -24.57 20.51 -11.49
C GLU H 98 -23.67 21.47 -10.71
N ASP H 99 -22.36 21.29 -10.82
CA ASP H 99 -21.36 22.21 -10.29
C ASP H 99 -21.01 23.29 -11.30
N LEU H 100 -21.56 23.21 -12.51
CA LEU H 100 -21.31 24.13 -13.59
C LEU H 100 -22.24 25.36 -13.53
N PHE H 101 -23.25 25.33 -12.65
CA PHE H 101 -24.12 26.50 -12.47
C PHE H 101 -23.46 27.55 -11.60
N GLY H 102 -22.74 27.14 -10.56
CA GLY H 102 -22.05 28.08 -9.70
C GLY H 102 -20.62 28.36 -10.14
N ALA H 103 -20.47 28.83 -11.38
CA ALA H 103 -19.17 29.13 -11.95
C ALA H 103 -19.37 30.09 -13.11
N ASN H 104 -18.28 30.69 -13.56
CA ASN H 104 -18.31 31.51 -14.77
C ASN H 104 -17.70 30.71 -15.92
N LEU H 105 -18.36 30.74 -17.07
CA LEU H 105 -17.98 29.84 -18.14
C LEU H 105 -17.02 30.49 -19.12
N ASN H 106 -16.92 31.82 -19.12
CA ASN H 106 -15.91 32.53 -19.89
C ASN H 106 -14.60 32.70 -19.13
N ARG H 107 -14.36 31.90 -18.09
CA ARG H 107 -13.14 32.05 -17.29
C ARG H 107 -11.87 32.02 -18.15
N TYR H 108 -11.92 31.46 -19.36
CA TYR H 108 -10.77 31.42 -20.25
C TYR H 108 -11.06 32.27 -21.48
N ALA H 109 -10.02 32.44 -22.30
CA ALA H 109 -10.02 33.39 -23.42
C ALA H 109 -10.39 34.80 -22.95
N LYS I 2 109.60 -32.55 -61.76
CA LYS I 2 109.00 -32.19 -60.48
C LYS I 2 108.61 -30.71 -60.45
N GLU I 3 107.59 -30.40 -59.66
CA GLU I 3 107.04 -29.05 -59.56
C GLU I 3 107.44 -28.44 -58.23
N VAL I 4 108.07 -27.27 -58.26
CA VAL I 4 108.48 -26.54 -57.07
C VAL I 4 107.60 -25.30 -56.94
N VAL I 5 106.88 -25.19 -55.83
CA VAL I 5 105.86 -24.15 -55.65
C VAL I 5 106.50 -22.88 -55.10
N LEU I 6 106.40 -21.80 -55.87
CA LEU I 6 106.89 -20.50 -55.44
C LEU I 6 105.80 -19.64 -54.80
N LEU I 7 104.53 -19.92 -55.07
CA LEU I 7 103.42 -19.18 -54.50
C LEU I 7 102.17 -20.04 -54.58
N ASP I 8 101.38 -20.07 -53.51
CA ASP I 8 100.12 -20.81 -53.52
C ASP I 8 99.13 -20.03 -52.65
N PHE I 9 98.23 -19.28 -53.30
CA PHE I 9 97.29 -18.43 -52.57
C PHE I 9 96.31 -19.25 -51.74
N ALA I 10 95.68 -20.25 -52.35
CA ALA I 10 94.60 -20.98 -51.68
C ALA I 10 95.07 -21.60 -50.36
N ALA I 11 96.19 -22.31 -50.40
CA ALA I 11 96.54 -23.24 -49.34
C ALA I 11 97.18 -22.55 -48.12
N ALA I 12 97.68 -23.39 -47.22
CA ALA I 12 98.91 -23.19 -46.46
C ALA I 12 99.12 -21.77 -45.94
N GLY I 13 98.16 -21.27 -45.16
CA GLY I 13 98.44 -20.01 -44.48
C GLY I 13 98.83 -18.89 -45.41
N GLY I 14 97.89 -18.47 -46.25
CA GLY I 14 98.04 -17.99 -47.61
C GLY I 14 98.12 -16.48 -47.65
N GLU I 15 97.09 -15.83 -48.17
CA GLU I 15 97.15 -14.54 -48.84
C GLU I 15 98.06 -13.47 -48.22
N LEU I 16 97.83 -13.11 -46.95
CA LEU I 16 98.77 -12.44 -46.06
C LEU I 16 99.57 -11.33 -46.75
N GLY I 17 98.85 -10.36 -47.33
CA GLY I 17 99.53 -9.17 -47.77
C GLY I 17 99.27 -8.57 -49.14
N TRP I 18 98.47 -9.20 -49.99
CA TRP I 18 98.37 -8.72 -51.37
C TRP I 18 97.80 -7.31 -51.42
N LEU I 19 98.31 -6.53 -52.38
CA LEU I 19 98.07 -5.10 -52.49
C LEU I 19 96.90 -4.80 -53.42
N THR I 20 96.04 -3.90 -53.00
CA THR I 20 94.90 -3.46 -53.78
C THR I 20 95.10 -2.01 -54.24
N HIS I 21 94.66 -1.71 -55.45
CA HIS I 21 94.72 -0.38 -56.00
C HIS I 21 93.58 -0.23 -57.02
N PRO I 22 92.65 0.71 -56.81
CA PRO I 22 92.48 1.66 -55.71
C PRO I 22 92.05 1.02 -54.38
N TYR I 23 92.44 1.66 -53.28
CA TYR I 23 92.26 1.16 -51.92
CA TYR I 23 92.25 1.13 -51.93
C TYR I 23 90.78 1.27 -51.51
N GLY I 24 90.07 0.14 -51.53
CA GLY I 24 88.70 0.11 -51.09
C GLY I 24 87.67 -0.03 -52.17
N LYS I 25 87.88 0.63 -53.31
CA LYS I 25 86.92 0.62 -54.41
C LYS I 25 87.29 -0.37 -55.50
N GLY I 26 88.01 -1.43 -55.16
CA GLY I 26 88.45 -2.43 -56.11
C GLY I 26 88.22 -3.83 -55.57
N TRP I 27 89.23 -4.68 -55.78
CA TRP I 27 89.20 -6.05 -55.31
C TRP I 27 88.93 -6.11 -53.82
N ASP I 28 88.15 -7.12 -53.38
CA ASP I 28 87.75 -7.29 -51.99
C ASP I 28 88.18 -8.66 -51.49
N LEU I 29 88.84 -8.68 -50.32
CA LEU I 29 89.19 -9.90 -49.62
C LEU I 29 88.00 -10.44 -48.81
N MET I 30 87.78 -11.76 -48.87
CA MET I 30 86.59 -12.43 -48.34
C MET I 30 86.93 -13.73 -47.60
N GLN I 31 85.94 -14.28 -46.87
CA GLN I 31 86.17 -15.45 -46.06
C GLN I 31 84.82 -16.16 -46.06
N ASN I 32 84.78 -17.46 -46.35
CA ASN I 32 83.51 -18.19 -46.27
C ASN I 32 83.86 -19.65 -46.25
N ILE I 33 83.33 -20.32 -45.23
CA ILE I 33 83.51 -21.75 -45.07
C ILE I 33 82.85 -22.44 -46.24
N MET I 34 83.60 -23.31 -46.93
CA MET I 34 82.99 -24.02 -48.06
C MET I 34 82.66 -25.48 -47.79
N ASN I 35 83.61 -26.30 -47.31
CA ASN I 35 83.17 -27.62 -46.87
C ASN I 35 82.89 -27.65 -45.36
N ASP I 36 83.90 -27.32 -44.55
CA ASP I 36 83.66 -26.76 -43.22
C ASP I 36 84.61 -25.61 -42.92
N MET I 37 85.41 -25.17 -43.90
CA MET I 37 86.56 -24.35 -43.58
C MET I 37 86.56 -23.07 -44.40
N PRO I 38 87.00 -21.95 -43.80
CA PRO I 38 87.29 -20.74 -44.59
C PRO I 38 88.21 -21.01 -45.76
N ILE I 39 87.70 -20.79 -46.96
CA ILE I 39 88.52 -20.63 -48.14
C ILE I 39 88.47 -19.15 -48.49
N TYR I 40 89.64 -18.52 -48.60
CA TYR I 40 89.69 -17.09 -48.82
C TYR I 40 89.71 -16.80 -50.31
N MET I 41 89.21 -15.63 -50.69
CA MET I 41 89.16 -15.25 -52.10
C MET I 41 89.26 -13.74 -52.23
N TYR I 42 89.76 -13.31 -53.37
CA TYR I 42 89.71 -11.92 -53.81
C TYR I 42 88.69 -11.83 -54.93
N SER I 43 87.67 -11.01 -54.73
CA SER I 43 86.63 -10.80 -55.72
C SER I 43 86.39 -9.31 -55.88
N VAL I 44 85.89 -8.94 -57.05
CA VAL I 44 85.37 -7.60 -57.31
C VAL I 44 84.25 -7.72 -58.33
N CYS I 45 83.09 -7.18 -58.02
CA CYS I 45 82.06 -7.04 -59.03
C CYS I 45 81.57 -5.59 -59.01
N ASN I 46 82.25 -4.73 -59.76
CA ASN I 46 81.73 -3.43 -60.19
C ASN I 46 81.14 -3.50 -61.60
N VAL I 47 80.06 -4.27 -61.79
CA VAL I 47 79.60 -4.50 -63.16
C VAL I 47 78.73 -3.39 -63.74
N MET I 48 78.26 -2.45 -62.92
CA MET I 48 77.41 -1.37 -63.41
C MET I 48 78.00 0.02 -63.23
N SER I 49 79.27 0.12 -62.82
CA SER I 49 79.87 1.43 -62.61
C SER I 49 80.72 1.87 -63.79
N GLY I 50 81.20 0.95 -64.60
CA GLY I 50 81.90 1.29 -65.83
C GLY I 50 83.28 1.89 -65.59
N ASP I 51 84.13 1.83 -66.61
CA ASP I 51 85.49 2.38 -66.55
C ASP I 51 86.21 1.92 -65.28
N GLN I 52 86.23 0.61 -65.08
CA GLN I 52 86.85 0.01 -63.91
C GLN I 52 88.29 -0.37 -64.23
N ASP I 53 89.23 0.13 -63.43
CA ASP I 53 90.62 -0.31 -63.51
C ASP I 53 91.04 -0.69 -62.09
N ASN I 54 90.80 -1.94 -61.73
CA ASN I 54 91.00 -2.41 -60.36
C ASN I 54 92.15 -3.40 -60.33
N TRP I 55 93.16 -3.12 -59.52
CA TRP I 55 94.39 -3.89 -59.49
C TRP I 55 94.53 -4.68 -58.19
N LEU I 56 95.14 -5.85 -58.32
CA LEU I 56 95.49 -6.72 -57.21
C LEU I 56 96.89 -7.25 -57.44
N ARG I 57 97.82 -6.91 -56.56
CA ARG I 57 99.23 -7.20 -56.78
C ARG I 57 99.67 -8.22 -55.74
N THR I 58 100.50 -9.17 -56.15
CA THR I 58 100.95 -10.22 -55.25
C THR I 58 102.01 -9.68 -54.29
N ASN I 59 102.40 -10.51 -53.31
CA ASN I 59 103.62 -10.19 -52.60
C ASN I 59 104.84 -10.45 -53.49
N TRP I 60 106.03 -10.13 -53.00
CA TRP I 60 107.24 -10.33 -53.77
C TRP I 60 107.60 -11.81 -53.77
N VAL I 61 107.83 -12.38 -54.94
CA VAL I 61 108.08 -13.81 -55.10
C VAL I 61 109.51 -14.01 -55.60
N TYR I 62 110.34 -14.67 -54.80
CA TYR I 62 111.73 -14.94 -55.17
C TYR I 62 111.82 -15.94 -56.32
N ARG I 63 112.61 -15.60 -57.34
CA ARG I 63 112.67 -16.40 -58.55
C ARG I 63 113.38 -17.74 -58.34
N GLY I 64 114.43 -17.75 -57.52
CA GLY I 64 115.20 -18.96 -57.38
C GLY I 64 115.95 -19.33 -58.65
N GLU I 65 115.70 -20.56 -59.12
CA GLU I 65 116.36 -21.12 -60.29
C GLU I 65 115.51 -21.00 -61.55
N ALA I 66 114.24 -20.65 -61.40
CA ALA I 66 113.26 -20.70 -62.48
C ALA I 66 113.69 -19.90 -63.71
N GLU I 67 113.67 -20.55 -64.88
CA GLU I 67 113.63 -19.83 -66.13
C GLU I 67 112.19 -19.47 -66.50
N ARG I 68 111.32 -20.47 -66.53
CA ARG I 68 109.92 -20.29 -66.88
C ARG I 68 109.05 -20.81 -65.74
N ILE I 69 108.22 -19.92 -65.21
CA ILE I 69 107.20 -20.30 -64.25
C ILE I 69 105.90 -20.61 -64.97
N PHE I 70 105.03 -21.37 -64.30
CA PHE I 70 103.71 -21.73 -64.80
C PHE I 70 102.68 -21.24 -63.79
N ILE I 71 101.79 -20.36 -64.25
CA ILE I 71 100.85 -19.66 -63.39
C ILE I 71 99.49 -20.32 -63.51
N GLU I 72 99.00 -20.92 -62.42
CA GLU I 72 97.72 -21.62 -62.42
C GLU I 72 96.66 -20.75 -61.74
N LEU I 73 95.56 -20.50 -62.45
CA LEU I 73 94.51 -19.63 -61.95
C LEU I 73 93.21 -20.43 -61.84
N LYS I 74 92.50 -20.23 -60.74
CA LYS I 74 91.16 -20.79 -60.56
C LYS I 74 90.22 -19.66 -60.18
N PHE I 75 89.05 -19.63 -60.81
CA PHE I 75 88.19 -18.46 -60.71
C PHE I 75 86.81 -18.79 -61.26
N THR I 76 85.81 -18.08 -60.75
CA THR I 76 84.48 -18.05 -61.34
C THR I 76 84.28 -16.73 -62.05
N VAL I 77 83.42 -16.73 -63.06
CA VAL I 77 83.05 -15.51 -63.77
C VAL I 77 81.55 -15.50 -64.00
N ARG I 78 80.83 -14.72 -63.20
CA ARG I 78 79.38 -14.62 -63.36
C ARG I 78 79.07 -13.83 -64.63
N ASP I 79 78.24 -14.41 -65.50
CA ASP I 79 78.04 -13.82 -66.81
C ASP I 79 77.24 -12.53 -66.71
N CYS I 80 77.38 -11.71 -67.75
CA CYS I 80 76.76 -10.38 -67.77
C CYS I 80 75.26 -10.47 -67.94
N ASN I 81 74.77 -11.53 -68.58
CA ASN I 81 73.34 -11.64 -68.84
C ASN I 81 72.54 -11.73 -67.55
N SER I 82 73.09 -12.39 -66.52
CA SER I 82 72.41 -12.43 -65.23
C SER I 82 72.45 -11.09 -64.49
N PHE I 83 72.99 -10.06 -65.15
CA PHE I 83 72.83 -8.67 -64.74
C PHE I 83 72.12 -7.96 -65.88
N PRO I 84 70.84 -7.58 -65.71
CA PRO I 84 70.01 -7.13 -66.84
C PRO I 84 70.68 -6.22 -67.86
N GLY I 85 71.35 -5.17 -67.39
CA GLY I 85 72.05 -4.26 -68.29
C GLY I 85 73.39 -4.77 -68.79
N GLY I 86 73.38 -5.87 -69.53
CA GLY I 86 74.62 -6.45 -69.99
C GLY I 86 75.15 -5.79 -71.25
N ALA I 87 76.39 -6.16 -71.59
CA ALA I 87 77.09 -5.73 -72.80
C ALA I 87 77.24 -4.21 -72.90
N SER I 88 77.05 -3.50 -71.79
CA SER I 88 77.23 -2.06 -71.74
C SER I 88 78.40 -1.64 -70.87
N SER I 89 78.44 -2.10 -69.63
CA SER I 89 79.51 -1.80 -68.69
C SER I 89 80.05 -3.05 -68.01
N CYS I 90 79.50 -4.21 -68.32
CA CYS I 90 79.92 -5.47 -67.73
C CYS I 90 80.90 -6.17 -68.67
N LYS I 91 81.98 -6.71 -68.09
CA LYS I 91 82.95 -7.50 -68.81
C LYS I 91 82.93 -8.93 -68.28
N GLU I 92 83.51 -9.85 -69.05
CA GLU I 92 83.62 -11.23 -68.60
C GLU I 92 85.05 -11.73 -68.74
N THR I 93 86.02 -10.83 -68.59
CA THR I 93 87.43 -11.17 -68.62
C THR I 93 88.16 -10.37 -67.54
N PHE I 94 89.38 -10.80 -67.24
CA PHE I 94 90.28 -9.97 -66.46
C PHE I 94 91.70 -10.24 -66.93
N ASN I 95 92.58 -9.30 -66.64
CA ASN I 95 93.90 -9.23 -67.25
C ASN I 95 94.97 -9.69 -66.27
N LEU I 96 95.87 -10.55 -66.73
CA LEU I 96 97.00 -11.01 -65.92
C LEU I 96 98.26 -10.26 -66.34
N TYR I 97 98.94 -9.65 -65.37
CA TYR I 97 100.23 -9.03 -65.63
C TYR I 97 101.30 -9.61 -64.71
N TYR I 98 102.56 -9.29 -65.01
CA TYR I 98 103.63 -9.45 -64.03
C TYR I 98 104.62 -8.29 -64.17
N ALA I 99 105.59 -8.25 -63.27
CA ALA I 99 106.68 -7.29 -63.30
C ALA I 99 107.86 -7.89 -62.54
N GLU I 100 109.02 -7.92 -63.19
CA GLU I 100 110.24 -8.47 -62.61
C GLU I 100 111.00 -7.38 -61.88
N SER I 101 111.59 -7.77 -60.75
CA SER I 101 112.36 -6.83 -59.96
C SER I 101 113.42 -7.60 -59.19
N ASP I 102 114.61 -7.01 -59.09
CA ASP I 102 115.66 -7.52 -58.21
C ASP I 102 115.42 -7.14 -56.76
N LEU I 103 114.68 -6.05 -56.52
CA LEU I 103 114.51 -5.48 -55.21
C LEU I 103 113.04 -5.53 -54.84
N ASP I 104 112.75 -5.54 -53.54
CA ASP I 104 111.38 -5.41 -53.08
C ASP I 104 111.03 -3.93 -52.98
N TYR I 105 110.12 -3.47 -53.84
CA TYR I 105 109.60 -2.11 -53.76
C TYR I 105 108.50 -1.95 -52.71
N GLY I 106 108.22 -2.99 -51.94
CA GLY I 106 107.25 -2.90 -50.85
C GLY I 106 105.86 -2.58 -51.36
N THR I 107 105.22 -1.59 -50.74
CA THR I 107 103.88 -1.16 -51.11
C THR I 107 103.85 -0.18 -52.28
N ASN I 108 105.00 0.19 -52.84
CA ASN I 108 105.04 1.27 -53.83
C ASN I 108 104.63 0.70 -55.18
N PHE I 109 103.32 0.51 -55.34
CA PHE I 109 102.77 -0.02 -56.58
C PHE I 109 102.63 1.09 -57.62
N GLN I 110 103.01 0.74 -58.85
CA GLN I 110 102.99 1.64 -60.00
C GLN I 110 102.65 0.81 -61.22
N LYS I 111 101.55 1.18 -61.90
CA LYS I 111 100.90 0.34 -62.89
C LYS I 111 101.47 0.47 -64.30
N ARG I 112 102.37 1.42 -64.53
CA ARG I 112 103.03 1.56 -65.82
C ARG I 112 104.35 0.79 -65.86
N LEU I 113 104.56 -0.11 -64.90
CA LEU I 113 105.73 -0.95 -64.78
C LEU I 113 105.37 -2.43 -64.83
N PHE I 114 104.09 -2.76 -65.01
CA PHE I 114 103.61 -4.13 -65.19
C PHE I 114 103.31 -4.41 -66.66
N THR I 115 103.82 -5.53 -67.16
CA THR I 115 103.56 -5.98 -68.52
C THR I 115 102.46 -7.04 -68.54
N LYS I 116 101.55 -6.91 -69.49
CA LYS I 116 100.46 -7.86 -69.64
C LYS I 116 100.96 -9.20 -70.15
N ILE I 117 100.40 -10.28 -69.62
CA ILE I 117 100.70 -11.63 -70.07
C ILE I 117 99.66 -12.15 -71.05
N ASP I 118 98.38 -12.09 -70.67
CA ASP I 118 97.29 -12.45 -71.57
C ASP I 118 96.00 -11.95 -70.94
N THR I 119 94.92 -12.04 -71.72
CA THR I 119 93.58 -11.85 -71.19
C THR I 119 93.05 -13.20 -70.73
N ILE I 120 92.51 -13.25 -69.52
CA ILE I 120 92.00 -14.49 -68.97
C ILE I 120 90.50 -14.53 -69.20
N ALA I 121 90.04 -15.51 -69.99
CA ALA I 121 88.65 -15.84 -70.21
C ALA I 121 88.40 -17.28 -69.80
N PRO I 122 87.22 -17.60 -69.29
CA PRO I 122 87.05 -18.88 -68.58
C PRO I 122 86.75 -20.09 -69.44
N ASP I 123 86.42 -19.90 -70.72
CA ASP I 123 86.23 -20.88 -71.78
C ASP I 123 84.92 -21.63 -71.62
N GLU I 124 84.17 -21.39 -70.54
CA GLU I 124 82.76 -21.78 -70.41
C GLU I 124 82.16 -20.78 -69.43
N ILE I 125 81.40 -19.81 -69.94
CA ILE I 125 81.08 -18.63 -69.17
C ILE I 125 80.18 -18.97 -67.98
N THR I 126 79.22 -19.86 -68.17
CA THR I 126 78.29 -20.25 -67.10
C THR I 126 79.03 -20.79 -65.87
N VAL I 136 79.19 -24.14 -59.87
CA VAL I 136 80.02 -25.33 -59.85
C VAL I 136 81.13 -25.24 -60.90
N LYS I 137 80.97 -24.32 -61.85
CA LYS I 137 81.85 -24.25 -63.00
C LYS I 137 83.06 -23.38 -62.66
N LEU I 138 83.93 -23.97 -61.84
CA LEU I 138 85.16 -23.34 -61.37
C LEU I 138 86.23 -23.53 -62.44
N ASN I 139 86.51 -22.44 -63.17
CA ASN I 139 87.43 -22.44 -64.30
C ASN I 139 88.89 -22.49 -63.86
N VAL I 140 89.69 -23.14 -64.68
CA VAL I 140 91.12 -23.37 -64.40
C VAL I 140 91.91 -22.97 -65.63
N GLU I 141 92.65 -21.87 -65.53
CA GLU I 141 93.49 -21.34 -66.61
C GLU I 141 94.94 -21.32 -66.17
N GLU I 142 95.83 -21.70 -67.08
CA GLU I 142 97.26 -21.79 -66.80
C GLU I 142 98.04 -21.10 -67.92
N ARG I 143 99.00 -20.27 -67.52
CA ARG I 143 99.88 -19.57 -68.43
C ARG I 143 101.31 -19.73 -67.93
N SER I 144 102.26 -19.74 -68.86
CA SER I 144 103.67 -19.74 -68.54
C SER I 144 104.32 -18.45 -69.03
N VAL I 145 105.32 -17.98 -68.28
CA VAL I 145 106.11 -16.80 -68.62
C VAL I 145 107.60 -17.12 -68.48
N GLY I 146 108.37 -16.89 -69.55
CA GLY I 146 109.80 -16.99 -69.49
C GLY I 146 110.48 -16.39 -70.71
N PRO I 147 111.80 -16.16 -70.62
CA PRO I 147 112.67 -16.44 -69.47
C PRO I 147 112.73 -15.33 -68.41
N LEU I 148 112.64 -15.73 -67.15
CA LEU I 148 112.76 -14.82 -66.01
C LEU I 148 114.23 -14.56 -65.68
N THR I 149 114.60 -13.27 -65.56
CA THR I 149 116.01 -12.90 -65.44
C THR I 149 116.31 -11.98 -64.25
N ARG I 150 115.48 -11.97 -63.22
CA ARG I 150 115.71 -11.11 -62.06
C ARG I 150 115.69 -11.93 -60.78
N LYS I 151 116.04 -11.28 -59.66
CA LYS I 151 115.99 -11.97 -58.37
C LYS I 151 114.58 -12.44 -58.04
N GLY I 152 113.57 -11.71 -58.49
CA GLY I 152 112.20 -12.11 -58.28
C GLY I 152 111.25 -11.35 -59.17
N PHE I 153 109.96 -11.50 -58.88
CA PHE I 153 108.92 -10.93 -59.73
C PHE I 153 107.68 -10.64 -58.88
N TYR I 154 106.76 -9.88 -59.47
CA TYR I 154 105.41 -9.69 -58.95
C TYR I 154 104.40 -10.19 -59.97
N LEU I 155 103.25 -10.64 -59.49
CA LEU I 155 102.07 -10.85 -60.33
C LEU I 155 101.01 -9.82 -59.97
N ALA I 156 100.21 -9.44 -60.96
CA ALA I 156 99.16 -8.47 -60.77
C ALA I 156 97.95 -8.86 -61.60
N PHE I 157 96.77 -8.52 -61.09
CA PHE I 157 95.50 -8.88 -61.71
C PHE I 157 94.71 -7.60 -61.93
N GLN I 158 94.40 -7.30 -63.19
CA GLN I 158 93.66 -6.09 -63.53
C GLN I 158 92.20 -6.46 -63.77
N ASP I 159 91.29 -5.69 -63.19
CA ASP I 159 89.87 -5.81 -63.45
C ASP I 159 89.39 -4.63 -64.29
N ILE I 160 88.62 -4.94 -65.33
CA ILE I 160 88.05 -3.95 -66.23
C ILE I 160 86.54 -3.83 -66.09
N GLY I 161 85.96 -4.44 -65.06
CA GLY I 161 84.53 -4.32 -64.87
C GLY I 161 83.77 -5.64 -64.92
N ALA I 162 84.46 -6.74 -64.63
CA ALA I 162 83.84 -8.06 -64.62
C ALA I 162 83.40 -8.43 -63.21
N CYS I 163 82.69 -9.55 -63.11
CA CYS I 163 82.19 -10.03 -61.83
C CYS I 163 82.94 -11.33 -61.54
N VAL I 164 84.10 -11.20 -60.88
CA VAL I 164 85.11 -12.25 -60.82
C VAL I 164 85.43 -12.56 -59.36
N ALA I 165 85.68 -13.83 -59.06
CA ALA I 165 86.27 -14.22 -57.79
C ALA I 165 87.46 -15.14 -58.05
N LEU I 166 88.66 -14.68 -57.66
CA LEU I 166 89.88 -15.51 -57.67
C LEU I 166 89.92 -16.40 -56.43
N LEU I 167 90.03 -17.71 -56.64
CA LEU I 167 90.04 -18.67 -55.55
C LEU I 167 91.42 -19.24 -55.28
N SER I 168 92.17 -19.57 -56.32
CA SER I 168 93.51 -20.15 -56.19
C SER I 168 94.44 -19.50 -57.19
N VAL I 169 95.61 -19.06 -56.71
CA VAL I 169 96.68 -18.54 -57.58
C VAL I 169 97.94 -19.29 -57.20
N ARG I 170 98.37 -20.21 -58.06
CA ARG I 170 99.47 -21.12 -57.79
C ARG I 170 100.54 -20.97 -58.86
N VAL I 171 101.75 -20.61 -58.44
CA VAL I 171 102.90 -20.49 -59.34
C VAL I 171 103.89 -21.61 -59.02
N TYR I 172 104.52 -22.16 -60.05
CA TYR I 172 105.61 -23.10 -59.86
C TYR I 172 106.55 -23.07 -61.06
N TYR I 173 107.62 -23.83 -60.98
CA TYR I 173 108.44 -24.17 -62.13
C TYR I 173 108.72 -25.67 -62.14
N LYS I 174 109.01 -26.18 -63.33
CA LYS I 174 109.36 -27.58 -63.52
C LYS I 174 110.88 -27.71 -63.45
N LYS I 175 111.36 -28.72 -62.72
CA LYS I 175 112.80 -28.86 -62.54
C LYS I 175 113.34 -30.15 -63.15
N LYS J 2 -32.06 -3.40 61.30
CA LYS J 2 -31.61 -3.37 59.91
C LYS J 2 -32.29 -2.27 59.11
N GLU J 3 -31.60 -1.78 58.09
CA GLU J 3 -32.05 -0.66 57.28
C GLU J 3 -32.51 -1.17 55.92
N VAL J 4 -33.75 -0.84 55.55
CA VAL J 4 -34.32 -1.21 54.26
C VAL J 4 -34.45 0.06 53.41
N VAL J 5 -33.81 0.08 52.26
CA VAL J 5 -33.74 1.26 51.41
C VAL J 5 -34.96 1.30 50.48
N LEU J 6 -35.77 2.36 50.61
CA LEU J 6 -36.90 2.57 49.72
C LEU J 6 -36.58 3.49 48.56
N LEU J 7 -35.55 4.31 48.66
CA LEU J 7 -35.14 5.22 47.61
C LEU J 7 -33.68 5.60 47.85
N ASP J 8 -32.89 5.62 46.78
CA ASP J 8 -31.49 6.03 46.89
C ASP J 8 -31.12 6.76 45.60
N PHE J 9 -31.12 8.09 45.64
CA PHE J 9 -30.86 8.88 44.44
C PHE J 9 -29.45 8.67 43.90
N ALA J 10 -28.44 8.79 44.77
CA ALA J 10 -27.06 8.75 44.32
C ALA J 10 -26.74 7.47 43.56
N ALA J 11 -27.09 6.32 44.13
CA ALA J 11 -26.52 5.05 43.72
C ALA J 11 -27.18 4.47 42.46
N ALA J 12 -26.80 3.23 42.19
CA ALA J 12 -27.66 2.18 41.67
C ALA J 12 -28.65 2.62 40.60
N GLY J 13 -28.12 3.19 39.51
CA GLY J 13 -29.01 3.42 38.38
C GLY J 13 -30.23 4.24 38.71
N GLY J 14 -30.00 5.50 39.06
CA GLY J 14 -30.71 6.30 40.04
C GLY J 14 -31.79 7.13 39.40
N GLU J 15 -31.59 8.44 39.36
CA GLU J 15 -32.64 9.47 39.39
C GLU J 15 -33.90 9.20 38.56
N LEU J 16 -33.74 9.02 37.23
CA LEU J 16 -34.70 8.36 36.35
C LEU J 16 -36.14 8.77 36.61
N GLY J 17 -36.41 10.08 36.49
CA GLY J 17 -37.78 10.51 36.44
C GLY J 17 -38.26 11.67 37.28
N TRP J 18 -37.41 12.25 38.15
CA TRP J 18 -37.93 13.23 39.09
C TRP J 18 -38.50 14.45 38.37
N LEU J 19 -39.55 15.01 38.96
CA LEU J 19 -40.37 16.05 38.33
C LEU J 19 -39.91 17.43 38.78
N THR J 20 -39.81 18.35 37.82
CA THR J 20 -39.44 19.73 38.07
C THR J 20 -40.65 20.63 37.82
N HIS J 21 -40.78 21.66 38.64
CA HIS J 21 -41.83 22.66 38.51
C HIS J 21 -41.31 23.96 39.11
N PRO J 22 -41.21 25.03 38.33
CA PRO J 22 -41.51 25.20 36.89
C PRO J 22 -40.52 24.49 35.94
N TYR J 23 -41.03 24.10 34.78
CA TYR J 23 -40.29 23.31 33.79
CA TYR J 23 -40.27 23.29 33.81
C TYR J 23 -39.24 24.16 33.10
N GLY J 24 -37.98 23.99 33.48
CA GLY J 24 -36.89 24.70 32.82
C GLY J 24 -36.28 25.82 33.64
N LYS J 25 -37.10 26.57 34.35
CA LYS J 25 -36.64 27.72 35.13
C LYS J 25 -36.44 27.38 36.61
N GLY J 26 -36.16 26.12 36.90
CA GLY J 26 -35.99 25.69 38.28
C GLY J 26 -34.81 24.76 38.46
N TRP J 27 -35.00 23.69 39.23
CA TRP J 27 -33.96 22.70 39.46
C TRP J 27 -33.44 22.15 38.13
N ASP J 28 -32.13 21.89 38.08
CA ASP J 28 -31.45 21.44 36.87
C ASP J 28 -30.74 20.12 37.14
N LEU J 29 -30.95 19.15 36.26
CA LEU J 29 -30.29 17.86 36.35
C LEU J 29 -28.89 17.96 35.76
N MET J 30 -27.91 17.40 36.45
CA MET J 30 -26.53 17.53 36.03
C MET J 30 -25.82 16.19 36.08
N GLN J 31 -24.66 16.21 35.45
CA GLN J 31 -23.78 15.06 35.32
C GLN J 31 -22.33 15.48 35.21
N ASN J 32 -21.49 14.88 36.05
CA ASN J 32 -20.06 15.24 36.11
C ASN J 32 -19.26 14.15 36.82
N ILE J 33 -18.21 13.67 36.17
CA ILE J 33 -17.31 12.70 36.76
C ILE J 33 -16.62 13.31 37.98
N MET J 34 -16.69 12.63 39.13
CA MET J 34 -16.01 13.14 40.31
C MET J 34 -14.74 12.40 40.68
N ASN J 35 -14.76 11.07 40.83
CA ASN J 35 -13.46 10.40 40.94
C ASN J 35 -12.97 9.87 39.59
N ASP J 36 -13.76 9.01 38.94
CA ASP J 36 -13.69 8.88 37.48
C ASP J 36 -15.09 8.77 36.87
N MET J 37 -16.15 8.93 37.66
CA MET J 37 -17.47 8.48 37.25
C MET J 37 -18.51 9.58 37.34
N PRO J 38 -19.46 9.65 36.39
CA PRO J 38 -20.63 10.50 36.59
C PRO J 38 -21.32 10.26 37.91
N ILE J 39 -21.34 11.28 38.75
CA ILE J 39 -22.26 11.37 39.87
C ILE J 39 -23.29 12.43 39.48
N TYR J 40 -24.57 12.06 39.52
CA TYR J 40 -25.57 13.01 39.05
C TYR J 40 -26.06 13.87 40.23
N MET J 41 -26.59 15.04 39.90
CA MET J 41 -27.08 15.95 40.91
C MET J 41 -28.21 16.80 40.34
N TYR J 42 -29.10 17.23 41.23
CA TYR J 42 -30.09 18.27 40.96
C TYR J 42 -29.65 19.53 41.68
N SER J 43 -29.46 20.59 40.92
CA SER J 43 -29.04 21.86 41.48
C SER J 43 -29.87 22.97 40.86
N VAL J 44 -29.99 24.06 41.61
CA VAL J 44 -30.57 25.30 41.10
C VAL J 44 -29.90 26.44 41.82
N CYS J 45 -29.36 27.40 41.07
CA CYS J 45 -28.90 28.64 41.70
C CYS J 45 -29.52 29.78 40.91
N ASN J 46 -30.74 30.19 41.30
CA ASN J 46 -31.32 31.49 40.97
C ASN J 46 -31.11 32.51 42.11
N VAL J 47 -29.86 32.86 42.41
CA VAL J 47 -29.65 33.67 43.62
C VAL J 47 -29.88 35.16 43.43
N MET J 48 -30.02 35.65 42.21
CA MET J 48 -30.21 37.08 41.98
C MET J 48 -31.52 37.41 41.30
N SER J 49 -32.43 36.45 41.16
CA SER J 49 -33.70 36.72 40.48
C SER J 49 -34.82 36.96 41.47
N GLY J 50 -34.72 36.47 42.69
CA GLY J 50 -35.68 36.76 43.73
C GLY J 50 -37.01 36.08 43.52
N ASP J 51 -37.77 35.94 44.60
CA ASP J 51 -39.10 35.32 44.56
C ASP J 51 -39.08 34.00 43.81
N GLN J 52 -38.16 33.13 44.23
CA GLN J 52 -37.98 31.82 43.60
C GLN J 52 -38.81 30.78 44.34
N ASP J 53 -39.68 30.07 43.61
CA ASP J 53 -40.40 28.94 44.17
C ASP J 53 -40.19 27.78 43.20
N ASN J 54 -39.11 27.03 43.42
CA ASN J 54 -38.67 26.00 42.49
C ASN J 54 -38.83 24.63 43.15
N TRP J 55 -39.59 23.75 42.51
CA TRP J 55 -39.93 22.46 43.10
C TRP J 55 -39.25 21.30 42.38
N LEU J 56 -38.92 20.28 43.15
CA LEU J 56 -38.36 19.02 42.66
C LEU J 56 -39.05 17.89 43.40
N ARG J 57 -39.78 17.05 42.67
CA ARG J 57 -40.62 16.03 43.27
C ARG J 57 -40.04 14.66 42.94
N THR J 58 -40.06 13.75 43.91
CA THR J 58 -39.52 12.42 43.66
C THR J 58 -40.47 11.59 42.80
N ASN J 59 -40.03 10.41 42.40
CA ASN J 59 -40.98 9.45 41.87
C ASN J 59 -41.83 8.88 43.02
N TRP J 60 -42.81 8.04 42.68
CA TRP J 60 -43.69 7.48 43.69
C TRP J 60 -42.96 6.36 44.44
N VAL J 61 -42.98 6.42 45.76
CA VAL J 61 -42.22 5.49 46.61
C VAL J 61 -43.21 4.65 47.42
N TYR J 62 -43.20 3.34 47.18
CA TYR J 62 -44.09 2.42 47.90
C TYR J 62 -43.70 2.31 49.37
N ARG J 63 -44.71 2.46 50.25
CA ARG J 63 -44.44 2.51 51.69
C ARG J 63 -44.02 1.16 52.25
N GLY J 64 -44.60 0.07 51.75
CA GLY J 64 -44.31 -1.22 52.34
C GLY J 64 -44.82 -1.37 53.76
N GLU J 65 -43.93 -1.72 54.67
CA GLU J 65 -44.25 -1.93 56.07
C GLU J 65 -43.95 -0.71 56.92
N ALA J 66 -43.23 0.27 56.38
CA ALA J 66 -42.71 1.40 57.15
C ALA J 66 -43.79 2.16 57.91
N GLU J 67 -43.57 2.34 59.21
CA GLU J 67 -44.29 3.38 59.94
C GLU J 67 -43.57 4.71 59.80
N ARG J 68 -42.28 4.72 60.12
CA ARG J 68 -41.46 5.92 60.08
C ARG J 68 -40.27 5.68 59.17
N ILE J 69 -40.17 6.49 58.13
CA ILE J 69 -38.99 6.54 57.27
C ILE J 69 -38.01 7.56 57.81
N PHE J 70 -36.75 7.42 57.40
CA PHE J 70 -35.67 8.35 57.75
C PHE J 70 -35.09 8.85 56.44
N ILE J 71 -35.13 10.16 56.25
CA ILE J 71 -34.74 10.81 55.00
C ILE J 71 -33.34 11.39 55.17
N GLU J 72 -32.38 10.86 54.42
CA GLU J 72 -30.99 11.32 54.51
C GLU J 72 -30.68 12.22 53.31
N LEU J 73 -30.23 13.43 53.58
CA LEU J 73 -29.96 14.40 52.54
C LEU J 73 -28.49 14.78 52.55
N LYS J 74 -27.89 14.85 51.36
CA LYS J 74 -26.53 15.33 51.20
C LYS J 74 -26.53 16.45 50.16
N PHE J 75 -25.83 17.53 50.46
CA PHE J 75 -25.98 18.75 49.67
C PHE J 75 -24.86 19.72 50.01
N THR J 76 -24.53 20.56 49.03
CA THR J 76 -23.72 21.74 49.24
C THR J 76 -24.60 22.98 49.20
N VAL J 77 -24.18 24.02 49.93
CA VAL J 77 -24.88 25.30 49.90
C VAL J 77 -23.85 26.41 49.83
N ARG J 78 -23.69 26.98 48.64
CA ARG J 78 -22.76 28.09 48.44
C ARG J 78 -23.32 29.33 49.12
N ASP J 79 -22.51 29.95 49.98
CA ASP J 79 -23.02 31.04 50.80
C ASP J 79 -23.28 32.29 49.95
N CYS J 80 -24.13 33.16 50.50
CA CYS J 80 -24.57 34.35 49.78
C CYS J 80 -23.46 35.38 49.66
N ASN J 81 -22.52 35.38 50.61
CA ASN J 81 -21.47 36.40 50.61
C ASN J 81 -20.59 36.27 49.38
N SER J 82 -20.36 35.05 48.91
CA SER J 82 -19.60 34.86 47.67
C SER J 82 -20.41 35.26 46.43
N PHE J 83 -21.60 35.81 46.64
CA PHE J 83 -22.34 36.54 45.60
C PHE J 83 -22.53 37.96 46.10
N PRO J 84 -21.84 38.95 45.53
CA PRO J 84 -21.74 40.30 46.12
C PRO J 84 -23.02 40.86 46.75
N GLY J 85 -24.12 40.81 46.00
CA GLY J 85 -25.40 41.29 46.51
C GLY J 85 -26.11 40.33 47.44
N GLY J 86 -25.49 40.02 48.58
CA GLY J 86 -26.10 39.06 49.49
C GLY J 86 -27.16 39.66 50.38
N ALA J 87 -27.87 38.78 51.08
CA ALA J 87 -28.89 39.11 52.07
C ALA J 87 -30.03 39.94 51.48
N SER J 88 -30.15 39.97 50.16
CA SER J 88 -31.24 40.67 49.49
C SER J 88 -32.20 39.74 48.76
N SER J 89 -31.67 38.88 47.90
CA SER J 89 -32.46 37.92 47.15
C SER J 89 -31.88 36.51 47.22
N CYS J 90 -30.76 36.34 47.92
CA CYS J 90 -30.12 35.04 48.07
C CYS J 90 -30.53 34.41 49.40
N LYS J 91 -30.83 33.12 49.36
CA LYS J 91 -31.15 32.34 50.54
C LYS J 91 -30.08 31.28 50.75
N GLU J 92 -30.03 30.72 51.96
CA GLU J 92 -29.10 29.64 52.25
C GLU J 92 -29.82 28.45 52.89
N THR J 93 -31.09 28.26 52.53
CA THR J 93 -31.86 27.12 52.97
C THR J 93 -32.71 26.61 51.81
N PHE J 94 -33.23 25.39 51.96
CA PHE J 94 -34.25 24.90 51.07
C PHE J 94 -35.18 24.00 51.87
N ASN J 95 -36.38 23.79 51.34
CA ASN J 95 -37.48 23.21 52.09
C ASN J 95 -37.73 21.78 51.67
N LEU J 96 -37.87 20.88 52.64
CA LEU J 96 -38.24 19.50 52.39
C LEU J 96 -39.73 19.28 52.67
N TYR J 97 -40.45 18.73 51.69
CA TYR J 97 -41.85 18.37 51.89
C TYR J 97 -42.05 16.89 51.59
N TYR J 98 -43.24 16.38 51.95
CA TYR J 98 -43.72 15.14 51.36
C TYR J 98 -45.24 15.25 51.16
N ALA J 99 -45.79 14.19 50.57
CA ALA J 99 -47.24 14.04 50.38
C ALA J 99 -47.52 12.55 50.26
N GLU J 100 -48.47 12.07 51.07
CA GLU J 100 -48.83 10.66 51.04
C GLU J 100 -49.97 10.45 50.07
N SER J 101 -49.93 9.32 49.37
CA SER J 101 -50.96 8.98 48.41
C SER J 101 -51.03 7.46 48.29
N ASP J 102 -52.26 6.95 48.18
CA ASP J 102 -52.50 5.55 47.86
C ASP J 102 -52.30 5.27 46.39
N LEU J 103 -52.45 6.27 45.53
CA LEU J 103 -52.46 6.09 44.10
C LEU J 103 -51.30 6.88 43.51
N ASP J 104 -50.83 6.45 42.34
CA ASP J 104 -49.82 7.21 41.61
C ASP J 104 -50.54 8.26 40.77
N TYR J 105 -50.35 9.53 41.11
CA TYR J 105 -50.88 10.63 40.31
C TYR J 105 -50.00 10.97 39.10
N GLY J 106 -48.94 10.20 38.86
CA GLY J 106 -48.09 10.43 37.70
C GLY J 106 -47.41 11.78 37.74
N THR J 107 -47.50 12.49 36.61
CA THR J 107 -46.92 13.83 36.47
C THR J 107 -47.80 14.94 37.02
N ASN J 108 -48.98 14.62 37.55
CA ASN J 108 -49.94 15.66 37.92
C ASN J 108 -49.53 16.23 39.27
N PHE J 109 -48.51 17.08 39.26
CA PHE J 109 -47.99 17.70 40.46
C PHE J 109 -48.85 18.89 40.86
N GLN J 110 -49.12 19.00 42.15
CA GLN J 110 -49.88 20.11 42.71
C GLN J 110 -49.29 20.46 44.06
N LYS J 111 -48.88 21.71 44.23
CA LYS J 111 -48.03 22.11 45.35
C LYS J 111 -48.81 22.46 46.61
N ARG J 112 -50.14 22.52 46.55
CA ARG J 112 -50.96 22.75 47.73
C ARG J 112 -51.40 21.45 48.38
N LEU J 113 -50.75 20.35 48.01
CA LEU J 113 -51.01 19.02 48.54
C LEU J 113 -49.76 18.43 49.20
N PHE J 114 -48.66 19.18 49.25
CA PHE J 114 -47.44 18.80 49.93
C PHE J 114 -47.31 19.53 51.26
N THR J 115 -47.02 18.77 52.32
CA THR J 115 -46.83 19.32 53.65
C THR J 115 -45.33 19.46 53.95
N LYS J 116 -44.96 20.59 54.55
CA LYS J 116 -43.57 20.84 54.90
C LYS J 116 -43.14 19.95 56.06
N ILE J 117 -41.90 19.46 55.98
CA ILE J 117 -41.29 18.66 57.05
C ILE J 117 -40.38 19.50 57.93
N ASP J 118 -39.45 20.22 57.32
CA ASP J 118 -38.59 21.16 58.05
C ASP J 118 -37.87 22.02 57.03
N THR J 119 -37.20 23.06 57.53
CA THR J 119 -36.27 23.83 56.73
C THR J 119 -34.90 23.16 56.85
N ILE J 120 -34.25 22.93 55.73
CA ILE J 120 -32.93 22.30 55.72
C ILE J 120 -31.88 23.39 55.64
N ALA J 121 -31.05 23.49 56.68
CA ALA J 121 -29.88 24.34 56.77
C ALA J 121 -28.65 23.49 57.01
N PRO J 122 -27.48 23.86 56.48
CA PRO J 122 -26.37 22.91 56.41
C PRO J 122 -25.51 22.80 57.66
N ASP J 123 -25.65 23.72 58.61
CA ASP J 123 -25.06 23.75 59.94
C ASP J 123 -23.59 24.11 59.91
N GLU J 124 -23.00 24.27 58.72
CA GLU J 124 -21.70 24.92 58.52
C GLU J 124 -21.74 25.45 57.09
N ILE J 125 -21.96 26.76 56.94
CA ILE J 125 -22.39 27.30 55.66
C ILE J 125 -21.29 27.17 54.60
N THR J 126 -20.03 27.37 54.99
CA THR J 126 -18.90 27.27 54.04
C THR J 126 -18.84 25.91 53.36
N VAL J 136 -15.53 21.05 49.80
CA VAL J 136 -15.31 19.78 50.50
C VAL J 136 -16.36 19.59 51.59
N LYS J 137 -17.05 20.67 51.95
CA LYS J 137 -17.98 20.66 53.08
C LYS J 137 -19.36 20.19 52.61
N LEU J 138 -19.43 18.88 52.35
CA LEU J 138 -20.65 18.21 51.89
C LEU J 138 -21.50 17.89 53.12
N ASN J 139 -22.57 18.66 53.30
CA ASN J 139 -23.44 18.58 54.47
C ASN J 139 -24.35 17.36 54.41
N VAL J 140 -24.65 16.81 55.60
CA VAL J 140 -25.46 15.61 55.74
C VAL J 140 -26.55 15.90 56.76
N GLU J 141 -27.80 16.00 56.30
CA GLU J 141 -28.97 16.22 57.15
C GLU J 141 -29.93 15.05 57.02
N GLU J 142 -30.50 14.65 58.16
CA GLU J 142 -31.41 13.52 58.24
C GLU J 142 -32.65 13.91 59.04
N ARG J 143 -33.81 13.57 58.50
CA ARG J 143 -35.09 13.81 59.16
C ARG J 143 -35.92 12.54 59.07
N SER J 144 -36.77 12.33 60.08
CA SER J 144 -37.72 11.23 60.07
C SER J 144 -39.15 11.76 60.04
N VAL J 145 -40.02 11.02 59.36
CA VAL J 145 -41.45 11.33 59.26
C VAL J 145 -42.28 10.09 59.56
N GLY J 146 -43.18 10.20 60.55
CA GLY J 146 -44.13 9.15 60.85
C GLY J 146 -45.24 9.59 61.78
N PRO J 147 -46.33 8.81 61.84
CA PRO J 147 -46.56 7.54 61.14
C PRO J 147 -47.13 7.66 59.72
N LEU J 148 -46.55 6.91 58.80
CA LEU J 148 -47.01 6.81 57.42
C LEU J 148 -48.18 5.84 57.32
N THR J 149 -49.28 6.27 56.68
CA THR J 149 -50.52 5.49 56.69
C THR J 149 -51.11 5.26 55.30
N ARG J 150 -50.32 5.33 54.23
CA ARG J 150 -50.86 5.14 52.88
C ARG J 150 -50.03 4.11 52.13
N LYS J 151 -50.49 3.73 50.94
CA LYS J 151 -49.76 2.76 50.13
C LYS J 151 -48.37 3.28 49.77
N GLY J 152 -48.22 4.59 49.63
CA GLY J 152 -46.91 5.16 49.36
C GLY J 152 -46.93 6.66 49.60
N PHE J 153 -45.85 7.31 49.16
CA PHE J 153 -45.66 8.72 49.41
C PHE J 153 -44.80 9.33 48.32
N TYR J 154 -44.78 10.66 48.29
CA TYR J 154 -43.85 11.45 47.47
C TYR J 154 -43.00 12.32 48.37
N LEU J 155 -41.78 12.60 47.92
CA LEU J 155 -40.96 13.66 48.51
C LEU J 155 -40.83 14.81 47.53
N ALA J 156 -40.70 16.02 48.07
CA ALA J 156 -40.56 17.20 47.24
C ALA J 156 -39.58 18.16 47.91
N PHE J 157 -38.86 18.91 47.07
CA PHE J 157 -37.82 19.83 47.51
C PHE J 157 -38.14 21.21 46.97
N GLN J 158 -38.34 22.16 47.86
CA GLN J 158 -38.68 23.52 47.46
C GLN J 158 -37.44 24.40 47.54
N ASP J 159 -37.22 25.19 46.48
CA ASP J 159 -36.18 26.21 46.47
C ASP J 159 -36.80 27.59 46.57
N ILE J 160 -36.26 28.41 47.45
CA ILE J 160 -36.71 29.78 47.67
C ILE J 160 -35.68 30.81 47.20
N GLY J 161 -34.65 30.37 46.48
CA GLY J 161 -33.66 31.29 45.96
C GLY J 161 -32.26 31.05 46.47
N ALA J 162 -31.97 29.82 46.87
CA ALA J 162 -30.64 29.47 47.35
C ALA J 162 -29.80 28.87 46.22
N CYS J 163 -28.52 28.65 46.51
CA CYS J 163 -27.58 28.12 45.54
C CYS J 163 -27.19 26.73 46.03
N VAL J 164 -27.96 25.73 45.61
CA VAL J 164 -27.99 24.41 46.23
C VAL J 164 -27.70 23.34 45.18
N ALA J 165 -26.97 22.31 45.57
CA ALA J 165 -26.86 21.08 44.79
C ALA J 165 -27.16 19.88 45.69
N LEU J 166 -28.24 19.15 45.39
CA LEU J 166 -28.55 17.88 46.02
C LEU J 166 -27.73 16.76 45.40
N LEU J 167 -26.97 16.04 46.22
CA LEU J 167 -26.11 14.97 45.71
C LEU J 167 -26.65 13.58 46.01
N SER J 168 -27.14 13.36 47.23
CA SER J 168 -27.69 12.07 47.62
C SER J 168 -28.97 12.28 48.40
N VAL J 169 -30.03 11.55 48.02
CA VAL J 169 -31.32 11.58 48.71
C VAL J 169 -31.68 10.12 48.98
N ARG J 170 -31.54 9.68 50.22
CA ARG J 170 -31.73 8.27 50.54
C ARG J 170 -32.78 8.14 51.64
N VAL J 171 -33.84 7.40 51.36
CA VAL J 171 -34.93 7.15 52.30
C VAL J 171 -34.87 5.68 52.70
N TYR J 172 -35.10 5.39 53.97
CA TYR J 172 -34.99 4.03 54.46
C TYR J 172 -35.82 3.91 55.73
N TYR J 173 -36.01 2.68 56.19
CA TYR J 173 -36.64 2.48 57.49
C TYR J 173 -35.92 1.36 58.24
N LYS J 174 -36.07 1.41 59.55
CA LYS J 174 -35.49 0.46 60.48
C LYS J 174 -36.50 -0.63 60.75
N LYS J 175 -36.05 -1.88 60.72
CA LYS J 175 -36.97 -2.99 60.92
C LYS J 175 -36.62 -3.83 62.15
N LYS K 2 10.41 56.98 -29.77
CA LYS K 2 9.64 56.15 -30.67
C LYS K 2 10.22 54.74 -30.75
N GLU K 3 9.34 53.75 -30.93
CA GLU K 3 9.72 52.35 -30.98
C GLU K 3 9.62 51.85 -32.41
N VAL K 4 10.72 51.30 -32.94
CA VAL K 4 10.77 50.74 -34.29
C VAL K 4 10.85 49.23 -34.16
N VAL K 5 9.87 48.53 -34.74
CA VAL K 5 9.70 47.10 -34.51
C VAL K 5 10.56 46.32 -35.50
N LEU K 6 11.51 45.54 -34.98
CA LEU K 6 12.37 44.72 -35.83
C LEU K 6 11.87 43.29 -36.00
N LEU K 7 11.03 42.82 -35.08
CA LEU K 7 10.45 41.48 -35.15
C LEU K 7 9.20 41.47 -34.30
N ASP K 8 8.13 40.85 -34.80
CA ASP K 8 6.90 40.74 -34.04
C ASP K 8 6.27 39.39 -34.39
N PHE K 9 6.44 38.40 -33.51
CA PHE K 9 5.94 37.07 -33.79
C PHE K 9 4.43 37.02 -33.89
N ALA K 10 3.74 37.58 -32.88
CA ALA K 10 2.29 37.45 -32.81
C ALA K 10 1.58 37.99 -34.04
N ALA K 11 1.93 39.20 -34.45
CA ALA K 11 1.08 39.97 -35.35
C ALA K 11 1.27 39.57 -36.82
N ALA K 12 0.66 40.39 -37.68
CA ALA K 12 1.19 40.82 -38.97
C ALA K 12 1.89 39.71 -39.76
N GLY K 13 1.15 38.63 -40.05
CA GLY K 13 1.74 37.64 -40.93
C GLY K 13 3.10 37.14 -40.49
N GLY K 14 3.12 36.45 -39.36
CA GLY K 14 4.17 36.35 -38.37
C GLY K 14 5.00 35.12 -38.64
N GLU K 15 4.91 34.10 -37.80
CA GLU K 15 6.00 33.19 -37.48
C GLU K 15 6.88 32.69 -38.64
N LEU K 16 6.29 32.07 -39.66
CA LEU K 16 6.81 31.92 -41.01
C LEU K 16 8.32 31.63 -41.05
N GLY K 17 8.72 30.54 -40.38
CA GLY K 17 10.08 30.08 -40.63
C GLY K 17 11.00 29.72 -39.48
N TRP K 18 10.58 29.86 -38.23
CA TRP K 18 11.51 29.63 -37.14
C TRP K 18 11.98 28.19 -37.13
N LEU K 19 13.24 27.99 -36.75
CA LEU K 19 13.88 26.68 -36.77
C LEU K 19 13.78 26.02 -35.40
N THR K 20 13.43 24.73 -35.40
CA THR K 20 13.39 23.93 -34.18
C THR K 20 14.50 22.89 -34.22
N HIS K 21 15.10 22.63 -33.05
CA HIS K 21 16.16 21.65 -32.87
C HIS K 21 16.15 21.12 -31.44
N PRO K 22 15.95 19.81 -31.25
CA PRO K 22 15.78 18.75 -32.26
C PRO K 22 14.46 18.80 -33.03
N TYR K 23 14.51 18.30 -34.27
CA TYR K 23 13.42 18.37 -35.24
CA TYR K 23 13.41 18.39 -35.23
C TYR K 23 12.32 17.39 -34.85
N GLY K 24 11.23 17.91 -34.29
CA GLY K 24 10.08 17.09 -33.97
C GLY K 24 9.87 16.82 -32.49
N LYS K 25 10.96 16.59 -31.75
CA LYS K 25 10.88 16.23 -30.34
C LYS K 25 11.12 17.42 -29.43
N GLY K 26 10.82 18.63 -29.90
CA GLY K 26 11.03 19.85 -29.13
C GLY K 26 9.82 20.75 -29.24
N TRP K 27 10.09 22.04 -29.43
CA TRP K 27 9.06 23.05 -29.57
C TRP K 27 8.11 22.68 -30.71
N ASP K 28 6.82 22.96 -30.50
CA ASP K 28 5.78 22.63 -31.48
C ASP K 28 5.05 23.90 -31.88
N LEU K 29 4.92 24.09 -33.19
CA LEU K 29 4.12 25.19 -33.70
C LEU K 29 2.65 24.80 -33.69
N MET K 30 1.80 25.71 -33.22
CA MET K 30 0.37 25.47 -33.08
C MET K 30 -0.38 26.70 -33.61
N GLN K 31 -1.70 26.56 -33.77
CA GLN K 31 -2.71 27.48 -34.24
C GLN K 31 -4.07 27.14 -33.59
N ASN K 32 -4.68 28.17 -33.02
CA ASN K 32 -5.95 28.06 -32.32
C ASN K 32 -6.53 29.46 -32.20
N ILE K 33 -7.77 29.58 -32.67
CA ILE K 33 -8.55 30.80 -32.60
C ILE K 33 -8.82 31.14 -31.15
N MET K 34 -8.50 32.38 -30.75
CA MET K 34 -8.76 32.75 -29.37
C MET K 34 -9.97 33.66 -29.22
N ASN K 35 -10.06 34.81 -29.93
CA ASN K 35 -11.35 35.47 -29.87
C ASN K 35 -12.29 35.09 -31.03
N ASP K 36 -11.86 35.31 -32.28
CA ASP K 36 -12.36 34.53 -33.40
C ASP K 36 -11.25 34.16 -34.37
N MET K 37 -9.99 34.45 -34.06
CA MET K 37 -8.96 34.49 -35.08
C MET K 37 -7.78 33.60 -34.70
N PRO K 38 -7.17 32.93 -35.68
CA PRO K 38 -5.94 32.16 -35.39
C PRO K 38 -4.89 33.00 -34.68
N ILE K 39 -4.54 32.64 -33.45
CA ILE K 39 -3.31 33.10 -32.82
C ILE K 39 -2.35 31.93 -32.79
N TYR K 40 -1.15 32.12 -33.35
CA TYR K 40 -0.19 31.02 -33.38
C TYR K 40 0.70 31.07 -32.15
N MET K 41 1.22 29.90 -31.77
CA MET K 41 2.13 29.83 -30.63
C MET K 41 3.10 28.67 -30.80
N TYR K 42 4.26 28.81 -30.19
CA TYR K 42 5.23 27.72 -30.04
C TYR K 42 5.19 27.28 -28.59
N SER K 43 4.87 26.01 -28.37
CA SER K 43 4.80 25.46 -27.04
C SER K 43 5.54 24.14 -26.99
N VAL K 44 6.00 23.78 -25.81
CA VAL K 44 6.58 22.47 -25.55
C VAL K 44 6.30 22.11 -24.11
N CYS K 45 5.72 20.94 -23.88
CA CYS K 45 5.68 20.41 -22.52
C CYS K 45 6.20 18.97 -22.60
N ASN K 46 7.52 18.81 -22.51
CA ASN K 46 8.15 17.54 -22.11
C ASN K 46 8.48 17.53 -20.62
N VAL K 47 7.46 17.58 -19.76
CA VAL K 47 7.79 17.72 -18.34
C VAL K 47 8.14 16.41 -17.65
N MET K 48 7.91 15.26 -18.29
CA MET K 48 8.17 13.97 -17.66
C MET K 48 9.20 13.14 -18.41
N SER K 49 9.90 13.72 -19.38
CA SER K 49 10.93 12.97 -20.09
C SER K 49 12.33 13.25 -19.58
N GLY K 50 12.56 14.41 -18.95
CA GLY K 50 13.85 14.72 -18.36
C GLY K 50 14.94 15.00 -19.37
N ASP K 51 15.98 15.69 -18.91
CA ASP K 51 17.17 16.00 -19.72
C ASP K 51 16.78 16.58 -21.09
N GLN K 52 15.96 17.61 -21.05
CA GLN K 52 15.42 18.26 -22.23
C GLN K 52 16.30 19.42 -22.66
N ASP K 53 16.74 19.41 -23.92
CA ASP K 53 17.43 20.56 -24.51
C ASP K 53 16.74 20.85 -25.84
N ASN K 54 15.70 21.69 -25.78
CA ASN K 54 14.85 21.97 -26.94
C ASN K 54 15.06 23.42 -27.36
N TRP K 55 15.44 23.62 -28.61
CA TRP K 55 15.79 24.94 -29.13
C TRP K 55 14.76 25.44 -30.14
N LEU K 56 14.59 26.75 -30.13
CA LEU K 56 13.77 27.47 -31.12
C LEU K 56 14.53 28.71 -31.53
N ARG K 57 14.90 28.80 -32.80
CA ARG K 57 15.74 29.88 -33.29
C ARG K 57 14.92 30.73 -34.25
N THR K 58 15.06 32.05 -34.14
CA THR K 58 14.33 32.99 -34.98
C THR K 58 14.90 33.02 -36.40
N ASN K 59 14.22 33.74 -37.28
CA ASN K 59 14.86 34.03 -38.56
C ASN K 59 15.95 35.09 -38.34
N TRP K 60 16.67 35.42 -39.41
CA TRP K 60 17.74 36.39 -39.32
C TRP K 60 17.12 37.78 -39.27
N VAL K 61 17.52 38.59 -38.30
CA VAL K 61 16.89 39.88 -38.06
C VAL K 61 17.92 40.96 -38.34
N TYR K 62 17.64 41.80 -39.34
CA TYR K 62 18.58 42.87 -39.70
C TYR K 62 18.63 43.94 -38.62
N ARG K 63 19.86 44.30 -38.21
CA ARG K 63 20.04 45.19 -37.07
C ARG K 63 19.61 46.62 -37.37
N GLY K 64 19.88 47.08 -38.59
CA GLY K 64 19.64 48.48 -38.88
C GLY K 64 20.57 49.38 -38.10
N GLU K 65 19.99 50.32 -37.36
CA GLU K 65 20.75 51.33 -36.62
C GLU K 65 20.96 50.96 -35.16
N ALA K 66 20.24 49.95 -34.67
CA ALA K 66 20.12 49.64 -33.25
C ALA K 66 21.48 49.44 -32.56
N GLU K 67 21.69 50.18 -31.47
CA GLU K 67 22.72 49.79 -30.51
C GLU K 67 22.19 48.77 -29.53
N ARG K 68 21.05 49.07 -28.92
CA ARG K 68 20.38 48.21 -27.96
C ARG K 68 18.96 47.93 -28.43
N ILE K 69 18.65 46.66 -28.61
CA ILE K 69 17.29 46.20 -28.83
C ILE K 69 16.62 45.85 -27.50
N PHE K 70 15.28 45.84 -27.50
CA PHE K 70 14.46 45.48 -26.35
C PHE K 70 13.55 44.31 -26.73
N ILE K 71 13.72 43.19 -26.02
CA ILE K 71 13.04 41.93 -26.33
C ILE K 71 11.86 41.75 -25.38
N GLU K 72 10.64 41.76 -25.93
CA GLU K 72 9.42 41.57 -25.16
C GLU K 72 8.89 40.16 -25.34
N LEU K 73 8.69 39.45 -24.23
CA LEU K 73 8.17 38.08 -24.26
C LEU K 73 6.84 38.00 -23.52
N LYS K 74 5.89 37.26 -24.11
CA LYS K 74 4.62 36.95 -23.48
C LYS K 74 4.41 35.45 -23.52
N PHE K 75 3.99 34.86 -22.41
CA PHE K 75 4.04 33.41 -22.29
C PHE K 75 3.23 32.94 -21.09
N THR K 76 2.74 31.72 -21.18
CA THR K 76 2.17 31.01 -20.04
C THR K 76 3.15 29.96 -19.56
N VAL K 77 3.11 29.65 -18.26
CA VAL K 77 3.96 28.60 -17.71
C VAL K 77 3.13 27.76 -16.75
N ARG K 78 2.72 26.58 -17.18
CA ARG K 78 1.93 25.69 -16.33
C ARG K 78 2.81 25.12 -15.22
N ASP K 79 2.37 25.26 -13.97
CA ASP K 79 3.23 24.94 -12.85
C ASP K 79 3.45 23.43 -12.74
N CYS K 80 4.53 23.07 -12.05
CA CYS K 80 4.94 21.67 -11.93
C CYS K 80 4.02 20.89 -11.01
N ASN K 81 3.39 21.56 -10.05
CA ASN K 81 2.52 20.87 -9.10
C ASN K 81 1.33 20.26 -9.79
N SER K 82 0.80 20.91 -10.83
CA SER K 82 -0.30 20.33 -11.59
C SER K 82 0.13 19.15 -12.46
N PHE K 83 1.39 18.74 -12.35
CA PHE K 83 1.87 17.46 -12.86
C PHE K 83 2.38 16.66 -11.67
N PRO K 84 1.68 15.59 -11.26
CA PRO K 84 1.95 14.95 -9.96
C PRO K 84 3.41 14.79 -9.58
N GLY K 85 4.22 14.26 -10.50
CA GLY K 85 5.64 14.10 -10.24
C GLY K 85 6.46 15.36 -10.41
N GLY K 86 6.20 16.39 -9.58
CA GLY K 86 6.91 17.63 -9.74
C GLY K 86 8.26 17.64 -9.04
N ALA K 87 9.03 18.69 -9.32
CA ALA K 87 10.33 18.98 -8.72
C ALA K 87 11.34 17.85 -8.96
N SER K 88 11.06 16.96 -9.92
CA SER K 88 11.98 15.90 -10.30
C SER K 88 12.51 16.07 -11.72
N SER K 89 11.61 16.24 -12.69
CA SER K 89 11.97 16.44 -14.09
C SER K 89 11.24 17.62 -14.70
N CYS K 90 10.39 18.30 -13.95
CA CYS K 90 9.65 19.47 -14.43
C CYS K 90 10.38 20.74 -14.02
N LYS K 91 10.46 21.67 -14.96
CA LYS K 91 11.05 22.98 -14.75
C LYS K 91 9.98 24.06 -14.90
N GLU K 92 10.27 25.26 -14.42
CA GLU K 92 9.35 26.38 -14.60
C GLU K 92 10.07 27.60 -15.16
N THR K 93 11.11 27.38 -15.96
CA THR K 93 11.86 28.45 -16.61
C THR K 93 12.19 28.06 -18.03
N PHE K 94 12.58 29.05 -18.82
CA PHE K 94 13.27 28.80 -20.08
C PHE K 94 14.31 29.91 -20.28
N ASN K 95 15.27 29.61 -21.15
CA ASN K 95 16.45 30.45 -21.34
C ASN K 95 16.34 31.22 -22.66
N LEU K 96 16.63 32.52 -22.62
CA LEU K 96 16.69 33.35 -23.80
C LEU K 96 18.15 33.58 -24.22
N TYR K 97 18.46 33.29 -25.48
CA TYR K 97 19.79 33.56 -26.01
C TYR K 97 19.72 34.46 -27.24
N TYR K 98 20.89 34.95 -27.67
CA TYR K 98 21.04 35.46 -29.02
C TYR K 98 22.42 35.08 -29.53
N ALA K 99 22.65 35.44 -30.80
CA ALA K 99 23.92 35.29 -31.49
C ALA K 99 23.97 36.33 -32.60
N GLU K 100 25.03 37.11 -32.63
CA GLU K 100 25.18 38.14 -33.66
C GLU K 100 25.91 37.56 -34.86
N SER K 101 25.50 37.99 -36.05
CA SER K 101 26.13 37.55 -37.28
C SER K 101 25.95 38.61 -38.35
N ASP K 102 27.00 38.80 -39.14
CA ASP K 102 26.94 39.62 -40.35
C ASP K 102 26.32 38.86 -41.51
N LEU K 103 26.34 37.54 -41.48
CA LEU K 103 25.87 36.72 -42.60
C LEU K 103 24.70 35.87 -42.15
N ASP K 104 23.85 35.49 -43.11
CA ASP K 104 22.78 34.55 -42.85
C ASP K 104 23.35 33.13 -43.00
N TYR K 105 23.42 32.40 -41.90
CA TYR K 105 23.82 30.99 -41.96
C TYR K 105 22.66 30.08 -42.34
N GLY K 106 21.50 30.64 -42.66
CA GLY K 106 20.36 29.84 -43.07
C GLY K 106 19.90 28.92 -41.97
N THR K 107 19.70 27.65 -42.33
CA THR K 107 19.24 26.60 -41.42
C THR K 107 20.36 25.97 -40.58
N ASN K 108 21.61 26.40 -40.76
CA ASN K 108 22.74 25.75 -40.10
C ASN K 108 22.82 26.27 -38.66
N PHE K 109 21.94 25.74 -37.81
CA PHE K 109 21.92 26.11 -36.41
C PHE K 109 22.98 25.34 -35.64
N GLN K 110 23.68 26.06 -34.77
CA GLN K 110 24.72 25.46 -33.93
C GLN K 110 24.67 26.14 -32.57
N LYS K 111 24.49 25.35 -31.51
CA LYS K 111 24.07 25.85 -30.21
C LYS K 111 25.24 26.32 -29.34
N ARG K 112 26.47 26.09 -29.77
CA ARG K 112 27.64 26.59 -29.06
C ARG K 112 28.10 27.95 -29.57
N LEU K 113 27.23 28.62 -30.34
CA LEU K 113 27.50 29.95 -30.88
C LEU K 113 26.46 30.97 -30.40
N PHE K 114 25.52 30.55 -29.55
CA PHE K 114 24.52 31.40 -28.94
C PHE K 114 24.91 31.70 -27.50
N THR K 115 24.87 32.98 -27.13
CA THR K 115 25.16 33.41 -25.77
C THR K 115 23.86 33.63 -25.00
N LYS K 116 23.83 33.18 -23.76
CA LYS K 116 22.66 33.35 -22.91
C LYS K 116 22.49 34.81 -22.50
N ILE K 117 21.24 35.26 -22.48
CA ILE K 117 20.91 36.61 -22.02
C ILE K 117 20.44 36.61 -20.57
N ASP K 118 19.44 35.79 -20.26
CA ASP K 118 18.99 35.62 -18.87
C ASP K 118 18.08 34.39 -18.82
N THR K 119 17.74 33.98 -17.61
CA THR K 119 16.70 33.00 -17.40
C THR K 119 15.37 33.73 -17.28
N ILE K 120 14.37 33.28 -18.03
CA ILE K 120 13.06 33.91 -18.03
C ILE K 120 12.15 33.13 -17.09
N ALA K 121 11.69 33.80 -16.03
CA ALA K 121 10.76 33.29 -15.04
C ALA K 121 9.52 34.17 -15.02
N PRO K 122 8.33 33.60 -14.75
CA PRO K 122 7.09 34.35 -14.97
C PRO K 122 6.62 35.27 -13.86
N ASP K 123 7.18 35.15 -12.65
CA ASP K 123 7.03 36.06 -11.51
C ASP K 123 5.67 35.94 -10.85
N GLU K 124 4.77 35.12 -11.40
CA GLU K 124 3.58 34.64 -10.73
C GLU K 124 3.24 33.31 -11.41
N ILE K 125 3.57 32.21 -10.74
CA ILE K 125 3.67 30.92 -11.45
C ILE K 125 2.29 30.49 -11.94
N THR K 126 1.25 30.74 -11.16
CA THR K 126 -0.12 30.41 -11.56
C THR K 126 -0.49 31.04 -12.90
N VAL K 136 -5.37 32.74 -17.39
CA VAL K 136 -5.50 34.18 -17.65
C VAL K 136 -4.19 34.90 -17.37
N LYS K 137 -3.28 34.22 -16.66
CA LYS K 137 -2.07 34.85 -16.14
C LYS K 137 -0.96 34.80 -17.20
N LEU K 138 -1.15 35.64 -18.22
CA LEU K 138 -0.19 35.76 -19.33
C LEU K 138 0.93 36.69 -18.92
N ASN K 139 2.09 36.10 -18.62
CA ASN K 139 3.26 36.80 -18.13
C ASN K 139 3.97 37.59 -19.22
N VAL K 140 4.57 38.72 -18.83
CA VAL K 140 5.20 39.65 -19.75
C VAL K 140 6.59 40.00 -19.21
N GLU K 141 7.64 39.50 -19.89
CA GLU K 141 9.02 39.75 -19.52
C GLU K 141 9.74 40.48 -20.65
N GLU K 142 10.57 41.46 -20.27
CA GLU K 142 11.31 42.28 -21.22
C GLU K 142 12.77 42.40 -20.81
N ARG K 143 13.66 42.20 -21.77
CA ARG K 143 15.09 42.34 -21.55
C ARG K 143 15.68 43.19 -22.67
N SER K 144 16.74 43.93 -22.37
CA SER K 144 17.45 44.64 -23.40
C SER K 144 18.86 44.08 -23.53
N VAL K 145 19.36 44.08 -24.76
CA VAL K 145 20.69 43.55 -25.08
C VAL K 145 21.45 44.57 -25.93
N GLY K 146 22.62 44.97 -25.46
CA GLY K 146 23.46 45.87 -26.20
C GLY K 146 24.86 45.95 -25.63
N PRO K 147 25.80 46.50 -26.40
CA PRO K 147 25.62 47.06 -27.74
C PRO K 147 25.72 46.05 -28.88
N LEU K 148 24.80 46.12 -29.83
CA LEU K 148 24.81 45.30 -31.03
C LEU K 148 25.76 45.88 -32.09
N THR K 149 26.66 45.04 -32.62
CA THR K 149 27.73 45.52 -33.50
C THR K 149 27.84 44.75 -34.82
N ARG K 150 26.78 44.10 -35.29
CA ARG K 150 26.85 43.32 -36.52
C ARG K 150 25.72 43.72 -37.47
N LYS K 151 25.76 43.18 -38.68
CA LYS K 151 24.70 43.45 -39.64
C LYS K 151 23.35 42.95 -39.15
N GLY K 152 23.35 41.88 -38.36
CA GLY K 152 22.11 41.39 -37.78
C GLY K 152 22.37 40.40 -36.66
N PHE K 153 21.32 39.74 -36.22
CA PHE K 153 21.41 38.85 -35.07
C PHE K 153 20.33 37.77 -35.17
N TYR K 154 20.47 36.73 -34.34
CA TYR K 154 19.45 35.71 -34.14
C TYR K 154 19.00 35.71 -32.69
N LEU K 155 17.74 35.32 -32.45
CA LEU K 155 17.26 35.00 -31.12
C LEU K 155 16.97 33.50 -31.00
N ALA K 156 17.13 32.97 -29.81
CA ALA K 156 16.94 31.54 -29.57
C ALA K 156 16.30 31.33 -28.22
N PHE K 157 15.51 30.27 -28.13
CA PHE K 157 14.77 29.95 -26.91
C PHE K 157 15.13 28.51 -26.52
N GLN K 158 15.70 28.34 -25.34
CA GLN K 158 16.07 27.01 -24.87
C GLN K 158 15.03 26.50 -23.88
N ASP K 159 14.59 25.26 -24.07
CA ASP K 159 13.74 24.59 -23.11
C ASP K 159 14.54 23.52 -22.37
N ILE K 160 14.42 23.50 -21.04
CA ILE K 160 15.09 22.53 -20.20
C ILE K 160 14.12 21.55 -19.56
N GLY K 161 12.86 21.53 -19.99
CA GLY K 161 11.89 20.61 -19.43
C GLY K 161 10.72 21.28 -18.75
N ALA K 162 10.42 22.51 -19.14
CA ALA K 162 9.26 23.22 -18.61
C ALA K 162 8.06 23.04 -19.52
N CYS K 163 6.91 23.52 -19.06
CA CYS K 163 5.66 23.41 -19.82
C CYS K 163 5.29 24.83 -20.21
N VAL K 164 5.79 25.28 -21.36
CA VAL K 164 5.80 26.69 -21.75
C VAL K 164 5.13 26.87 -23.09
N ALA K 165 4.39 27.97 -23.24
CA ALA K 165 3.84 28.38 -24.53
C ALA K 165 4.20 29.84 -24.78
N LEU K 166 4.99 30.08 -25.84
CA LEU K 166 5.30 31.43 -26.30
C LEU K 166 4.16 31.98 -27.14
N LEU K 167 3.62 33.11 -26.74
CA LEU K 167 2.53 33.76 -27.47
C LEU K 167 2.99 34.98 -28.26
N SER K 168 3.85 35.83 -27.69
CA SER K 168 4.33 37.01 -28.40
C SER K 168 5.82 37.17 -28.17
N VAL K 169 6.56 37.38 -29.26
CA VAL K 169 7.98 37.71 -29.22
C VAL K 169 8.18 38.95 -30.08
N ARG K 170 8.42 40.09 -29.45
CA ARG K 170 8.49 41.38 -30.11
C ARG K 170 9.83 42.04 -29.83
N VAL K 171 10.58 42.34 -30.89
CA VAL K 171 11.86 43.04 -30.76
C VAL K 171 11.71 44.44 -31.34
N TYR K 172 12.32 45.42 -30.69
CA TYR K 172 12.37 46.78 -31.19
C TYR K 172 13.60 47.49 -30.64
N TYR K 173 13.81 48.73 -31.11
CA TYR K 173 14.69 49.67 -30.46
C TYR K 173 14.01 51.02 -30.35
N LYS K 174 14.48 51.81 -29.39
CA LYS K 174 14.02 53.18 -29.18
C LYS K 174 14.93 54.11 -29.97
N LYS K 175 14.33 55.07 -30.68
CA LYS K 175 15.10 55.95 -31.54
C LYS K 175 15.12 57.39 -31.01
N LYS L 2 -88.17 -20.46 30.01
CA LYS L 2 -87.23 -20.00 31.01
C LYS L 2 -86.73 -21.15 31.87
N GLU L 3 -85.48 -21.06 32.33
CA GLU L 3 -84.83 -22.10 33.11
C GLU L 3 -84.73 -21.65 34.55
N VAL L 4 -85.25 -22.47 35.48
CA VAL L 4 -85.18 -22.19 36.91
C VAL L 4 -84.21 -23.19 37.51
N VAL L 5 -83.15 -22.68 38.15
CA VAL L 5 -82.02 -23.51 38.57
C VAL L 5 -82.30 -24.09 39.95
N LEU L 6 -82.35 -25.42 40.05
CA LEU L 6 -82.58 -26.07 41.32
C LEU L 6 -81.30 -26.48 42.03
N LEU L 7 -80.20 -26.63 41.30
CA LEU L 7 -78.90 -26.99 41.87
C LEU L 7 -77.83 -26.56 40.90
N ASP L 8 -76.75 -25.97 41.41
CA ASP L 8 -75.63 -25.56 40.56
C ASP L 8 -74.36 -25.76 41.36
N PHE L 9 -73.64 -26.85 41.09
CA PHE L 9 -72.43 -27.16 41.85
C PHE L 9 -71.34 -26.11 41.63
N ALA L 10 -71.04 -25.79 40.37
CA ALA L 10 -69.91 -24.93 40.08
C ALA L 10 -70.02 -23.57 40.76
N ALA L 11 -71.17 -22.92 40.63
CA ALA L 11 -71.27 -21.49 40.89
C ALA L 11 -71.43 -21.16 42.38
N ALA L 12 -71.70 -19.89 42.62
CA ALA L 12 -72.63 -19.39 43.64
C ALA L 12 -72.56 -20.13 44.97
N GLY L 13 -71.37 -20.14 45.59
CA GLY L 13 -71.34 -20.68 46.93
C GLY L 13 -71.85 -22.10 47.03
N GLY L 14 -71.11 -23.02 46.43
CA GLY L 14 -71.56 -24.24 45.78
C GLY L 14 -71.44 -25.39 46.74
N GLU L 15 -70.52 -26.30 46.52
CA GLU L 15 -70.64 -27.72 46.87
C GLU L 15 -71.21 -28.06 48.26
N LEU L 16 -70.57 -27.59 49.33
CA LEU L 16 -71.13 -27.40 50.66
C LEU L 16 -72.02 -28.57 51.11
N GLY L 17 -71.43 -29.76 51.17
CA GLY L 17 -72.14 -30.83 51.84
C GLY L 17 -72.30 -32.18 51.19
N TRP L 18 -71.84 -32.38 49.96
CA TRP L 18 -72.12 -33.64 49.28
C TRP L 18 -71.48 -34.81 50.03
N LEU L 19 -72.16 -35.94 50.01
CA LEU L 19 -71.77 -37.12 50.74
C LEU L 19 -70.96 -38.06 49.87
N THR L 20 -69.86 -38.57 50.40
CA THR L 20 -69.06 -39.58 49.73
C THR L 20 -69.17 -40.92 50.46
N HIS L 21 -69.19 -42.00 49.69
CA HIS L 21 -69.27 -43.36 50.19
C HIS L 21 -68.62 -44.30 49.19
N PRO L 22 -67.56 -45.02 49.60
CA PRO L 22 -66.95 -45.07 50.92
C PRO L 22 -66.19 -43.79 51.33
N TYR L 23 -66.14 -43.55 52.64
CA TYR L 23 -65.60 -42.33 53.23
CA TYR L 23 -65.60 -42.32 53.21
C TYR L 23 -64.07 -42.35 53.13
N GLY L 24 -63.52 -41.58 52.19
CA GLY L 24 -62.08 -41.46 52.08
C GLY L 24 -61.45 -42.17 50.91
N LYS L 25 -61.93 -43.36 50.58
CA LYS L 25 -61.36 -44.18 49.53
C LYS L 25 -62.13 -44.06 48.22
N GLY L 26 -62.80 -42.92 48.01
CA GLY L 26 -63.60 -42.70 46.83
C GLY L 26 -63.40 -41.32 46.25
N TRP L 27 -64.50 -40.68 45.86
CA TRP L 27 -64.45 -39.33 45.32
C TRP L 27 -63.75 -38.40 46.28
N ASP L 28 -62.98 -37.45 45.73
CA ASP L 28 -62.23 -36.49 46.53
C ASP L 28 -62.63 -35.09 46.14
N LEU L 29 -62.93 -34.27 47.14
CA LEU L 29 -63.22 -32.87 46.92
C LEU L 29 -61.92 -32.08 46.80
N MET L 30 -61.85 -31.20 45.80
CA MET L 30 -60.62 -30.50 45.46
C MET L 30 -60.88 -29.03 45.23
N GLN L 31 -59.79 -28.27 45.16
CA GLN L 31 -59.81 -26.83 45.02
C GLN L 31 -58.56 -26.40 44.27
N ASN L 32 -58.76 -25.60 43.22
CA ASN L 32 -57.65 -25.10 42.44
C ASN L 32 -58.11 -23.88 41.64
N ILE L 33 -57.35 -22.79 41.75
CA ILE L 33 -57.57 -21.60 40.94
C ILE L 33 -57.36 -21.93 39.47
N MET L 34 -58.35 -21.61 38.62
CA MET L 34 -58.15 -21.87 37.22
C MET L 34 -57.85 -20.61 36.41
N ASN L 35 -58.69 -19.56 36.47
CA ASN L 35 -58.19 -18.33 35.84
C ASN L 35 -57.49 -17.40 36.82
N ASP L 36 -58.19 -16.96 37.88
CA ASP L 36 -57.53 -16.56 39.12
C ASP L 36 -58.27 -17.06 40.35
N MET L 37 -59.31 -17.87 40.19
CA MET L 37 -60.29 -18.06 41.25
C MET L 37 -60.49 -19.54 41.57
N PRO L 38 -60.69 -19.89 42.85
CA PRO L 38 -61.00 -21.28 43.21
C PRO L 38 -62.16 -21.85 42.39
N ILE L 39 -61.91 -22.87 41.58
CA ILE L 39 -62.96 -23.72 41.05
C ILE L 39 -62.86 -25.06 41.77
N TYR L 40 -63.96 -25.48 42.38
CA TYR L 40 -63.94 -26.75 43.11
C TYR L 40 -64.37 -27.89 42.18
N MET L 41 -63.90 -29.10 42.49
CA MET L 41 -64.27 -30.27 41.73
C MET L 41 -64.23 -31.52 42.61
N TYR L 42 -65.04 -32.51 42.25
CA TYR L 42 -64.95 -33.85 42.81
C TYR L 42 -64.35 -34.76 41.76
N SER L 43 -63.22 -35.37 42.09
CA SER L 43 -62.55 -36.27 41.18
C SER L 43 -62.17 -37.54 41.91
N VAL L 44 -62.03 -38.61 41.15
CA VAL L 44 -61.53 -39.88 41.65
C VAL L 44 -60.81 -40.59 40.51
N CYS L 45 -59.56 -40.99 40.74
CA CYS L 45 -58.93 -41.89 39.79
C CYS L 45 -58.36 -43.05 40.62
N ASN L 46 -59.18 -44.07 40.86
CA ASN L 46 -58.71 -45.40 41.23
C ASN L 46 -58.64 -46.32 40.01
N VAL L 47 -57.76 -46.01 39.05
CA VAL L 47 -57.79 -46.80 37.81
C VAL L 47 -57.02 -48.10 37.90
N MET L 48 -56.22 -48.31 38.95
CA MET L 48 -55.42 -49.53 39.06
C MET L 48 -55.77 -50.36 40.29
N SER L 49 -56.86 -50.06 40.99
CA SER L 49 -57.24 -50.86 42.14
C SER L 49 -58.32 -51.88 41.85
N GLY L 50 -59.12 -51.66 40.80
CA GLY L 50 -60.14 -52.60 40.41
C GLY L 50 -61.31 -52.68 41.37
N ASP L 51 -62.45 -53.18 40.87
CA ASP L 51 -63.65 -53.41 41.66
C ASP L 51 -64.02 -52.17 42.50
N GLN L 52 -64.11 -51.04 41.82
CA GLN L 52 -64.39 -49.75 42.44
C GLN L 52 -65.88 -49.47 42.43
N ASP L 53 -66.44 -49.21 43.61
CA ASP L 53 -67.82 -48.72 43.73
C ASP L 53 -67.77 -47.49 44.60
N ASN L 54 -67.58 -46.33 43.98
CA ASN L 54 -67.38 -45.07 44.67
C ASN L 54 -68.58 -44.16 44.41
N TRP L 55 -69.23 -43.72 45.48
CA TRP L 55 -70.46 -42.94 45.39
C TRP L 55 -70.27 -41.50 45.83
N LEU L 56 -71.02 -40.62 45.18
CA LEU L 56 -71.11 -39.21 45.54
C LEU L 56 -72.56 -38.80 45.46
N ARG L 57 -73.14 -38.40 46.59
CA ARG L 57 -74.56 -38.11 46.66
C ARG L 57 -74.72 -36.62 46.91
N THR L 58 -75.71 -36.01 46.26
CA THR L 58 -75.97 -34.58 46.41
C THR L 58 -76.68 -34.29 47.75
N ASN L 59 -76.84 -33.01 48.05
CA ASN L 59 -77.76 -32.68 49.13
C ASN L 59 -79.19 -32.89 48.66
N TRP L 60 -80.14 -32.69 49.58
CA TRP L 60 -81.55 -32.87 49.25
C TRP L 60 -82.04 -31.67 48.44
N VAL L 61 -82.68 -31.93 47.31
CA VAL L 61 -83.06 -30.86 46.39
C VAL L 61 -84.58 -30.80 46.34
N TYR L 62 -85.14 -29.66 46.76
CA TYR L 62 -86.59 -29.49 46.76
C TYR L 62 -87.13 -29.41 45.34
N ARG L 63 -88.16 -30.21 45.05
CA ARG L 63 -88.67 -30.33 43.69
C ARG L 63 -89.38 -29.08 43.21
N GLY L 64 -90.11 -28.42 44.10
CA GLY L 64 -90.95 -27.32 43.65
C GLY L 64 -92.06 -27.78 42.73
N GLU L 65 -92.12 -27.19 41.55
CA GLU L 65 -93.18 -27.44 40.60
C GLU L 65 -92.80 -28.46 39.54
N ALA L 66 -91.52 -28.79 39.45
CA ALA L 66 -90.95 -29.57 38.35
C ALA L 66 -91.66 -30.90 38.13
N GLU L 67 -92.08 -31.13 36.89
CA GLU L 67 -92.36 -32.50 36.44
C GLU L 67 -91.09 -33.18 35.97
N ARG L 68 -90.37 -32.54 35.06
CA ARG L 68 -89.13 -33.04 34.48
C ARG L 68 -88.02 -32.04 34.71
N ILE L 69 -86.99 -32.47 35.40
CA ILE L 69 -85.75 -31.72 35.54
C ILE L 69 -84.77 -32.10 34.43
N PHE L 70 -83.80 -31.22 34.18
CA PHE L 70 -82.73 -31.43 33.19
C PHE L 70 -81.39 -31.32 33.89
N ILE L 71 -80.62 -32.41 33.85
CA ILE L 71 -79.36 -32.55 34.56
C ILE L 71 -78.20 -32.32 33.59
N GLU L 72 -77.44 -31.26 33.82
CA GLU L 72 -76.30 -30.90 32.99
C GLU L 72 -75.00 -31.28 33.70
N LEU L 73 -74.16 -32.07 33.02
CA LEU L 73 -72.89 -32.51 33.59
C LEU L 73 -71.73 -32.00 32.73
N LYS L 74 -70.68 -31.52 33.40
CA LYS L 74 -69.43 -31.15 32.75
C LYS L 74 -68.29 -31.86 33.46
N PHE L 75 -67.37 -32.43 32.70
CA PHE L 75 -66.40 -33.35 33.27
C PHE L 75 -65.28 -33.62 32.28
N THR L 76 -64.11 -33.94 32.82
CA THR L 76 -63.01 -34.49 32.05
C THR L 76 -62.89 -35.99 32.34
N VAL L 77 -62.40 -36.74 31.35
CA VAL L 77 -62.19 -38.17 31.52
C VAL L 77 -60.85 -38.56 30.91
N ARG L 78 -59.84 -38.76 31.75
CA ARG L 78 -58.52 -39.15 31.27
C ARG L 78 -58.56 -40.59 30.76
N ASP L 79 -58.10 -40.80 29.53
CA ASP L 79 -58.31 -42.10 28.89
C ASP L 79 -57.42 -43.17 29.53
N CYS L 80 -57.83 -44.43 29.33
CA CYS L 80 -57.16 -45.55 29.96
C CYS L 80 -55.81 -45.83 29.34
N ASN L 81 -55.62 -45.47 28.07
CA ASN L 81 -54.36 -45.74 27.39
C ASN L 81 -53.21 -44.97 28.03
N SER L 82 -53.47 -43.76 28.51
CA SER L 82 -52.44 -43.01 29.21
C SER L 82 -52.13 -43.57 30.61
N PHE L 83 -52.73 -44.70 30.94
CA PHE L 83 -52.32 -45.51 32.08
C PHE L 83 -51.91 -46.88 31.53
N PRO L 84 -50.62 -47.21 31.53
CA PRO L 84 -50.13 -48.37 30.76
C PRO L 84 -50.99 -49.62 30.78
N GLY L 85 -51.39 -50.06 31.97
CA GLY L 85 -52.23 -51.23 32.10
C GLY L 85 -53.70 -50.98 31.81
N GLY L 86 -54.04 -50.58 30.59
CA GLY L 86 -55.41 -50.27 30.28
C GLY L 86 -56.25 -51.49 29.94
N ALA L 87 -57.57 -51.25 29.85
CA ALA L 87 -58.57 -52.23 29.45
C ALA L 87 -58.59 -53.46 30.37
N SER L 88 -57.98 -53.34 31.56
CA SER L 88 -58.00 -54.40 32.56
C SER L 88 -58.78 -54.00 33.81
N SER L 89 -58.43 -52.86 34.40
CA SER L 89 -59.11 -52.34 35.59
C SER L 89 -59.50 -50.88 35.44
N CYS L 90 -59.19 -50.25 34.31
CA CYS L 90 -59.55 -48.87 34.06
C CYS L 90 -60.83 -48.79 33.24
N LYS L 91 -61.71 -47.88 33.64
CA LYS L 91 -62.98 -47.62 32.97
C LYS L 91 -62.96 -46.21 32.40
N GLU L 92 -63.87 -45.93 31.48
CA GLU L 92 -63.99 -44.57 30.94
C GLU L 92 -65.42 -44.07 31.00
N THR L 93 -66.18 -44.52 32.00
CA THR L 93 -67.57 -44.11 32.20
C THR L 93 -67.82 -43.88 33.68
N PHE L 94 -68.94 -43.21 33.98
CA PHE L 94 -69.52 -43.24 35.30
C PHE L 94 -71.03 -43.20 35.17
N ASN L 95 -71.70 -43.61 36.24
CA ASN L 95 -73.14 -43.83 36.26
C ASN L 95 -73.84 -42.70 37.01
N LEU L 96 -74.91 -42.17 36.43
CA LEU L 96 -75.75 -41.17 37.07
C LEU L 96 -77.02 -41.80 37.62
N TYR L 97 -77.30 -41.58 38.90
CA TYR L 97 -78.53 -42.08 39.51
C TYR L 97 -79.33 -40.94 40.12
N TYR L 98 -80.58 -41.24 40.49
CA TYR L 98 -81.28 -40.41 41.46
C TYR L 98 -82.11 -41.31 42.36
N ALA L 99 -82.76 -40.68 43.33
CA ALA L 99 -83.70 -41.29 44.25
C ALA L 99 -84.63 -40.20 44.73
N GLU L 100 -85.94 -40.41 44.60
CA GLU L 100 -86.91 -39.43 45.03
C GLU L 100 -87.29 -39.70 46.48
N SER L 101 -87.51 -38.63 47.22
CA SER L 101 -87.91 -38.74 48.61
C SER L 101 -88.69 -37.51 49.01
N ASP L 102 -89.74 -37.73 49.80
CA ASP L 102 -90.48 -36.65 50.45
C ASP L 102 -89.75 -36.13 51.68
N LEU L 103 -88.87 -36.94 52.27
CA LEU L 103 -88.24 -36.60 53.53
C LEU L 103 -86.73 -36.51 53.32
N ASP L 104 -86.07 -35.71 54.15
CA ASP L 104 -84.62 -35.64 54.14
C ASP L 104 -84.09 -36.75 55.04
N TYR L 105 -83.43 -37.74 54.44
CA TYR L 105 -82.81 -38.79 55.23
C TYR L 105 -81.46 -38.39 55.80
N GLY L 106 -81.05 -37.14 55.59
CA GLY L 106 -79.77 -36.68 56.09
C GLY L 106 -78.61 -37.43 55.46
N THR L 107 -77.70 -37.90 56.32
CA THR L 107 -76.51 -38.64 55.93
C THR L 107 -76.74 -40.13 55.69
N ASN L 108 -77.96 -40.62 55.87
CA ASN L 108 -78.23 -42.05 55.81
C ASN L 108 -78.33 -42.47 54.34
N PHE L 109 -77.15 -42.58 53.71
CA PHE L 109 -77.06 -43.00 52.33
C PHE L 109 -77.15 -44.51 52.22
N GLN L 110 -77.95 -44.95 51.28
CA GLN L 110 -78.12 -46.37 51.03
C GLN L 110 -78.32 -46.63 49.53
N LYS L 111 -77.45 -47.47 48.96
CA LYS L 111 -77.23 -47.49 47.51
C LYS L 111 -78.21 -48.39 46.77
N ARG L 112 -79.03 -49.16 47.47
CA ARG L 112 -80.05 -49.99 46.84
C ARG L 112 -81.38 -49.27 46.75
N LEU L 113 -81.37 -47.94 46.94
CA LEU L 113 -82.56 -47.11 46.86
C LEU L 113 -82.39 -46.03 45.78
N PHE L 114 -81.28 -46.04 45.05
CA PHE L 114 -81.03 -45.15 43.92
C PHE L 114 -81.23 -45.91 42.61
N THR L 115 -81.99 -45.31 41.69
CA THR L 115 -82.23 -45.89 40.38
C THR L 115 -81.31 -45.24 39.35
N LYS L 116 -80.74 -46.08 38.48
CA LYS L 116 -79.84 -45.58 37.45
C LYS L 116 -80.60 -44.80 36.38
N ILE L 117 -79.98 -43.72 35.92
CA ILE L 117 -80.54 -42.90 34.85
C ILE L 117 -79.92 -43.24 33.50
N ASP L 118 -78.59 -43.22 33.42
CA ASP L 118 -77.89 -43.67 32.22
C ASP L 118 -76.41 -43.82 32.58
N THR L 119 -75.67 -44.41 31.65
CA THR L 119 -74.21 -44.39 31.72
C THR L 119 -73.73 -43.13 30.99
N ILE L 120 -72.85 -42.38 31.65
CA ILE L 120 -72.33 -41.13 31.10
C ILE L 120 -70.99 -41.39 30.44
N ALA L 121 -70.91 -41.17 29.13
CA ALA L 121 -69.71 -41.31 28.33
C ALA L 121 -69.40 -39.97 27.66
N PRO L 122 -68.11 -39.65 27.47
CA PRO L 122 -67.75 -38.28 27.08
C PRO L 122 -67.80 -37.94 25.60
N ASP L 123 -67.89 -38.92 24.70
CA ASP L 123 -68.19 -38.81 23.28
C ASP L 123 -67.02 -38.26 22.49
N GLU L 124 -65.93 -37.88 23.15
CA GLU L 124 -64.61 -37.68 22.55
C GLU L 124 -63.61 -37.91 23.68
N ILE L 125 -62.98 -39.10 23.68
CA ILE L 125 -62.33 -39.57 24.90
C ILE L 125 -61.15 -38.69 25.27
N THR L 126 -60.41 -38.20 24.28
CA THR L 126 -59.28 -37.30 24.52
C THR L 126 -59.71 -36.07 25.31
N VAL L 136 -58.24 -29.72 27.48
CA VAL L 136 -59.15 -28.68 26.99
C VAL L 136 -60.51 -29.28 26.66
N LYS L 137 -60.57 -30.61 26.55
CA LYS L 137 -61.76 -31.30 26.05
C LYS L 137 -62.72 -31.58 27.21
N LEU L 138 -63.36 -30.50 27.66
CA LEU L 138 -64.34 -30.54 28.74
C LEU L 138 -65.69 -30.94 28.16
N ASN L 139 -66.08 -32.19 28.42
CA ASN L 139 -67.31 -32.80 27.91
C ASN L 139 -68.55 -32.28 28.63
N VAL L 140 -69.65 -32.20 27.89
CA VAL L 140 -70.92 -31.66 28.37
C VAL L 140 -72.03 -32.64 28.03
N GLU L 141 -72.58 -33.30 29.06
CA GLU L 141 -73.67 -34.25 28.89
C GLU L 141 -74.90 -33.79 29.66
N GLU L 142 -76.07 -33.94 29.04
CA GLU L 142 -77.33 -33.51 29.62
C GLU L 142 -78.38 -34.61 29.50
N ARG L 143 -79.08 -34.88 30.59
CA ARG L 143 -80.15 -35.87 30.62
C ARG L 143 -81.36 -35.25 31.31
N SER L 144 -82.54 -35.68 30.91
CA SER L 144 -83.75 -35.26 31.60
C SER L 144 -84.39 -36.47 32.26
N VAL L 145 -85.00 -36.23 33.42
CA VAL L 145 -85.64 -37.28 34.20
C VAL L 145 -87.03 -36.80 34.64
N GLY L 146 -88.05 -37.57 34.29
CA GLY L 146 -89.41 -37.27 34.68
C GLY L 146 -90.33 -38.44 34.42
N PRO L 147 -91.53 -38.41 35.02
CA PRO L 147 -92.05 -37.32 35.86
C PRO L 147 -91.67 -37.44 37.34
N LEU L 148 -91.24 -36.33 37.93
CA LEU L 148 -90.94 -36.27 39.36
C LEU L 148 -92.22 -36.08 40.18
N THR L 149 -92.40 -36.93 41.20
CA THR L 149 -93.66 -36.98 41.94
C THR L 149 -93.51 -36.89 43.45
N ARG L 150 -92.41 -36.34 43.96
CA ARG L 150 -92.18 -36.27 45.40
C ARG L 150 -91.83 -34.84 45.80
N LYS L 151 -91.74 -34.61 47.12
CA LYS L 151 -91.35 -33.30 47.62
C LYS L 151 -89.94 -32.93 47.15
N GLY L 152 -89.07 -33.92 46.97
CA GLY L 152 -87.73 -33.65 46.48
C GLY L 152 -87.05 -34.92 46.01
N PHE L 153 -85.75 -34.79 45.76
CA PHE L 153 -84.99 -35.90 45.20
C PHE L 153 -83.52 -35.75 45.58
N TYR L 154 -82.77 -36.84 45.36
CA TYR L 154 -81.32 -36.83 45.46
C TYR L 154 -80.71 -37.19 44.10
N LEU L 155 -79.51 -36.69 43.84
CA LEU L 155 -78.69 -37.18 42.73
C LEU L 155 -77.47 -37.91 43.28
N ALA L 156 -76.99 -38.90 42.54
CA ALA L 156 -75.84 -39.68 42.97
C ALA L 156 -74.98 -40.02 41.77
N PHE L 157 -73.67 -40.13 42.01
CA PHE L 157 -72.69 -40.38 40.97
C PHE L 157 -71.89 -41.61 41.36
N GLN L 158 -71.95 -42.64 40.54
CA GLN L 158 -71.23 -43.88 40.82
C GLN L 158 -69.95 -43.94 40.00
N ASP L 159 -68.84 -44.29 40.65
CA ASP L 159 -67.59 -44.56 39.97
C ASP L 159 -67.31 -46.06 39.98
N ILE L 160 -66.95 -46.60 38.81
CA ILE L 160 -66.63 -48.01 38.65
C ILE L 160 -65.14 -48.24 38.37
N GLY L 161 -64.32 -47.20 38.51
CA GLY L 161 -62.89 -47.35 38.29
C GLY L 161 -62.36 -46.49 37.17
N ALA L 162 -63.05 -45.39 36.88
CA ALA L 162 -62.61 -44.47 35.85
C ALA L 162 -61.81 -43.33 36.48
N CYS L 163 -61.23 -42.49 35.62
CA CYS L 163 -60.39 -41.38 36.07
C CYS L 163 -61.16 -40.11 35.68
N VAL L 164 -62.03 -39.66 36.58
CA VAL L 164 -63.06 -38.65 36.27
C VAL L 164 -62.93 -37.47 37.22
N ALA L 165 -63.17 -36.27 36.71
CA ALA L 165 -63.32 -35.07 37.52
C ALA L 165 -64.60 -34.35 37.12
N LEU L 166 -65.54 -34.25 38.06
CA LEU L 166 -66.77 -33.47 37.87
C LEU L 166 -66.50 -31.99 38.13
N LEU L 167 -66.78 -31.16 37.12
CA LEU L 167 -66.58 -29.72 37.22
C LEU L 167 -67.89 -28.95 37.40
N SER L 168 -68.95 -29.30 36.67
CA SER L 168 -70.22 -28.60 36.80
C SER L 168 -71.37 -29.60 36.82
N VAL L 169 -72.25 -29.45 37.82
CA VAL L 169 -73.49 -30.22 37.93
C VAL L 169 -74.62 -29.21 38.15
N ARG L 170 -75.43 -28.97 37.12
CA ARG L 170 -76.48 -27.96 37.21
C ARG L 170 -77.81 -28.59 36.85
N VAL L 171 -78.77 -28.49 37.78
CA VAL L 171 -80.12 -29.02 37.58
C VAL L 171 -81.08 -27.86 37.42
N TYR L 172 -82.05 -28.01 36.51
CA TYR L 172 -83.11 -27.03 36.35
C TYR L 172 -84.35 -27.70 35.79
N TYR L 173 -85.42 -26.92 35.67
CA TYR L 173 -86.57 -27.27 34.85
C TYR L 173 -86.96 -26.08 33.99
N LYS L 174 -87.61 -26.39 32.87
CA LYS L 174 -88.14 -25.38 31.96
C LYS L 174 -89.57 -25.07 32.38
N LYS L 175 -89.93 -23.79 32.43
CA LYS L 175 -91.24 -23.40 32.94
C LYS L 175 -92.14 -22.84 31.83
#